data_1UYP
#
_entry.id   1UYP
#
_cell.length_a   94.480
_cell.length_b   114.670
_cell.length_c   130.030
_cell.angle_alpha   90.00
_cell.angle_beta   98.96
_cell.angle_gamma   90.00
#
_symmetry.space_group_name_H-M   'P 1 21 1'
#
loop_
_entity.id
_entity.type
_entity.pdbx_description
1 polymer BETA-FRUCTOSIDASE
2 non-polymer 'SULFATE ION'
3 non-polymer 'CITRIC ACID'
4 non-polymer GLYCEROL
5 non-polymer 'SODIUM ION'
6 water water
#
_entity_poly.entity_id   1
_entity_poly.type   'polypeptide(L)'
_entity_poly.pdbx_seq_one_letter_code
;LFKPNYHFFPITGWMNDPNGLIFWKGKYHMFYQYNPRKPEWGNICWGHAVSDDLVHWRHLPVALYPDDETHGVFSGSAVE
KDGKMFLVYTYYRDPTHNKGEKETQCVVMSENGLDFVKYDGNPVISKPPEEGTHAFRDPKVNRSNGEWRMVLGSGKDEKI
GRVLLYTSDDLFHWKYEGAIFEDETTKEIECPDLVRIGEKDILIYSITSTNSVLFSMGELKEGKLNVEKRGLLDHGTDFY
AAQTFFGTDRVVVIGWLQSWLRTGLYPTKREGWNGVMSLPRELYVENNELKVKPVDELLALRKRKVFETAKSGTFLLDVK
ENSYEIVCEFSGEIELRMGNESEEVVITKSRDELIVDTTRSGVSGGEVRKSTVEDEATNRIRAFLDSCSVEFFFNDSIAF
SFRIHPENVYNILSVKSNQVKLEVFELENIWL
;
_entity_poly.pdbx_strand_id   A,B,C,D,E,F
#
# COMPACT_ATOMS: atom_id res chain seq x y z
N LEU A 1 -18.26 -23.13 -26.76
CA LEU A 1 -18.50 -22.12 -25.72
C LEU A 1 -17.88 -22.50 -24.40
N PHE A 2 -17.77 -23.79 -24.11
CA PHE A 2 -17.34 -24.15 -22.76
C PHE A 2 -15.85 -24.31 -22.60
N LYS A 3 -15.05 -24.20 -23.68
CA LYS A 3 -13.60 -24.34 -23.54
C LYS A 3 -13.04 -23.24 -22.65
N PRO A 4 -12.39 -23.61 -21.53
CA PRO A 4 -11.75 -22.61 -20.66
C PRO A 4 -10.82 -21.65 -21.42
N ASN A 5 -10.91 -20.37 -21.08
CA ASN A 5 -9.90 -19.38 -21.46
C ASN A 5 -8.54 -19.54 -20.75
N TYR A 6 -8.55 -19.78 -19.43
CA TYR A 6 -7.28 -19.77 -18.71
C TYR A 6 -7.11 -20.89 -17.72
N HIS A 7 -7.88 -21.97 -17.86
CA HIS A 7 -7.62 -23.18 -17.11
C HIS A 7 -7.16 -24.28 -18.06
N PHE A 8 -6.45 -25.24 -17.50
CA PHE A 8 -5.99 -26.34 -18.27
C PHE A 8 -7.11 -27.40 -18.51
N PHE A 9 -7.18 -27.87 -19.74
CA PHE A 9 -8.13 -28.90 -20.21
C PHE A 9 -7.50 -29.58 -21.43
N PRO A 10 -7.87 -30.84 -21.69
CA PRO A 10 -7.27 -31.62 -22.78
C PRO A 10 -7.71 -31.16 -24.17
N ILE A 11 -6.86 -31.37 -25.19
CA ILE A 11 -7.21 -30.97 -26.55
C ILE A 11 -8.36 -31.81 -27.09
N THR A 12 -8.54 -33.01 -26.56
CA THR A 12 -9.64 -33.90 -26.90
C THR A 12 -9.72 -35.03 -25.85
N GLY A 13 -10.88 -35.63 -25.73
CA GLY A 13 -11.03 -36.75 -24.82
C GLY A 13 -11.24 -36.33 -23.36
N TRP A 14 -10.93 -37.27 -22.46
CA TRP A 14 -11.28 -37.29 -21.05
C TRP A 14 -10.00 -37.05 -20.21
N MET A 15 -10.09 -36.14 -19.23
CA MET A 15 -9.03 -35.86 -18.25
C MET A 15 -9.60 -35.92 -16.82
N ASN A 16 -8.92 -36.62 -15.90
CA ASN A 16 -9.19 -36.46 -14.47
C ASN A 16 -7.91 -36.06 -13.71
N ASP A 17 -7.46 -36.82 -12.72
CA ASP A 17 -6.57 -36.29 -11.65
C ASP A 17 -5.27 -35.67 -12.12
N PRO A 18 -4.83 -34.55 -11.54
CA PRO A 18 -3.47 -34.08 -11.82
C PRO A 18 -2.44 -35.03 -11.21
N ASN A 19 -1.38 -35.27 -11.96
CA ASN A 19 -0.33 -36.20 -11.61
C ASN A 19 1.07 -35.56 -11.81
N GLY A 20 2.06 -36.11 -11.10
CA GLY A 20 3.45 -35.84 -11.34
C GLY A 20 3.80 -34.35 -11.22
N LEU A 21 3.14 -33.62 -10.32
CA LEU A 21 3.33 -32.19 -10.22
C LEU A 21 4.73 -31.87 -9.70
N ILE A 22 5.52 -31.20 -10.52
CA ILE A 22 6.93 -30.90 -10.11
C ILE A 22 7.49 -29.64 -10.74
N PHE A 23 8.29 -28.91 -9.98
CA PHE A 23 9.08 -27.82 -10.50
C PHE A 23 10.48 -28.38 -10.75
N TRP A 24 10.84 -28.47 -12.04
CA TRP A 24 12.03 -29.20 -12.48
C TRP A 24 12.71 -28.46 -13.63
N LYS A 25 14.00 -28.17 -13.43
CA LYS A 25 14.80 -27.38 -14.37
C LYS A 25 14.11 -26.12 -14.82
N GLY A 26 13.61 -25.37 -13.85
CA GLY A 26 13.04 -24.06 -14.11
C GLY A 26 11.62 -24.01 -14.65
N LYS A 27 10.93 -25.15 -14.77
CA LYS A 27 9.52 -25.16 -15.24
C LYS A 27 8.61 -26.04 -14.42
N TYR A 28 7.34 -25.65 -14.38
CA TYR A 28 6.29 -26.41 -13.73
C TYR A 28 5.75 -27.46 -14.68
N HIS A 29 5.93 -28.72 -14.34
CA HIS A 29 5.36 -29.83 -15.10
C HIS A 29 4.08 -30.30 -14.45
N MET A 30 3.05 -30.50 -15.26
CA MET A 30 1.79 -31.11 -14.82
C MET A 30 1.46 -32.29 -15.71
N PHE A 31 1.26 -33.45 -15.11
CA PHE A 31 0.72 -34.61 -15.85
C PHE A 31 -0.72 -34.82 -15.44
N TYR A 32 -1.42 -35.73 -16.12
CA TYR A 32 -2.81 -35.96 -15.79
C TYR A 32 -3.35 -37.26 -16.33
N GLN A 33 -4.29 -37.82 -15.57
CA GLN A 33 -5.02 -39.01 -16.02
C GLN A 33 -5.78 -38.67 -17.31
N TYR A 34 -5.49 -39.40 -18.38
CA TYR A 34 -5.94 -39.03 -19.71
C TYR A 34 -6.44 -40.22 -20.53
N ASN A 35 -7.61 -40.03 -21.16
CA ASN A 35 -8.08 -40.88 -22.26
C ASN A 35 -8.32 -40.06 -23.53
N PRO A 36 -7.39 -40.05 -24.49
CA PRO A 36 -7.60 -39.30 -25.74
C PRO A 36 -8.71 -39.87 -26.65
N ARG A 37 -9.17 -41.09 -26.38
CA ARG A 37 -10.05 -41.76 -27.32
C ARG A 37 -11.46 -41.22 -27.41
N LYS A 38 -11.95 -40.70 -26.29
CA LYS A 38 -13.31 -40.24 -26.18
C LYS A 38 -13.45 -39.46 -24.87
N PRO A 39 -14.46 -38.62 -24.74
CA PRO A 39 -14.65 -37.85 -23.48
C PRO A 39 -15.29 -38.65 -22.34
N GLU A 40 -14.80 -39.86 -22.09
CA GLU A 40 -15.26 -40.71 -20.98
C GLU A 40 -14.03 -41.42 -20.48
N TRP A 41 -14.05 -41.83 -19.22
CA TRP A 41 -12.91 -42.46 -18.60
C TRP A 41 -12.64 -43.84 -19.22
N GLY A 42 -11.36 -44.14 -19.40
CA GLY A 42 -10.90 -45.52 -19.68
C GLY A 42 -9.56 -45.45 -20.42
N ASN A 43 -8.87 -46.59 -20.54
CA ASN A 43 -7.61 -46.78 -21.30
C ASN A 43 -6.61 -45.69 -20.94
N ILE A 44 -6.37 -45.55 -19.63
CA ILE A 44 -5.74 -44.37 -19.05
C ILE A 44 -4.23 -44.27 -19.31
N CYS A 45 -3.86 -43.11 -19.82
CA CYS A 45 -2.51 -42.60 -20.06
C CYS A 45 -2.20 -41.43 -19.13
N TRP A 46 -0.94 -41.00 -19.11
CA TRP A 46 -0.58 -39.75 -18.49
C TRP A 46 -0.32 -38.73 -19.62
N GLY A 47 -1.22 -37.76 -19.73
CA GLY A 47 -0.98 -36.58 -20.53
C GLY A 47 0.06 -35.69 -19.82
N HIS A 48 0.59 -34.71 -20.54
CA HIS A 48 1.71 -33.92 -20.07
C HIS A 48 1.57 -32.43 -20.56
N ALA A 49 1.69 -31.48 -19.64
CA ALA A 49 1.79 -30.05 -19.97
C ALA A 49 2.89 -29.38 -19.12
N VAL A 50 3.32 -28.21 -19.55
CA VAL A 50 4.39 -27.48 -18.88
C VAL A 50 4.07 -26.01 -18.91
N SER A 51 4.52 -25.27 -17.89
CA SER A 51 4.48 -23.79 -17.92
C SER A 51 5.71 -23.25 -17.20
N ASP A 52 6.07 -22.01 -17.49
CA ASP A 52 7.14 -21.27 -16.79
C ASP A 52 6.66 -20.68 -15.45
N ASP A 53 5.35 -20.57 -15.27
CA ASP A 53 4.76 -19.65 -14.31
C ASP A 53 3.43 -20.10 -13.68
N LEU A 54 3.16 -21.40 -13.74
CA LEU A 54 1.94 -22.00 -13.19
C LEU A 54 0.64 -21.55 -13.87
N VAL A 55 0.74 -20.80 -14.98
CA VAL A 55 -0.40 -20.17 -15.63
C VAL A 55 -0.50 -20.41 -17.15
N HIS A 56 0.58 -20.18 -17.89
CA HIS A 56 0.65 -20.33 -19.33
C HIS A 56 1.06 -21.74 -19.81
N TRP A 57 0.11 -22.65 -19.76
CA TRP A 57 0.38 -24.06 -20.04
C TRP A 57 0.52 -24.29 -21.54
N ARG A 58 1.37 -25.26 -21.88
CA ARG A 58 1.58 -25.72 -23.24
C ARG A 58 1.47 -27.24 -23.20
N HIS A 59 0.65 -27.79 -24.08
CA HIS A 59 0.56 -29.21 -24.24
C HIS A 59 1.84 -29.83 -24.77
N LEU A 60 2.18 -30.99 -24.23
CA LEU A 60 3.33 -31.75 -24.70
C LEU A 60 2.81 -33.12 -25.13
N PRO A 61 3.63 -33.93 -25.77
CA PRO A 61 3.20 -35.31 -26.05
C PRO A 61 2.76 -36.07 -24.78
N VAL A 62 1.87 -37.01 -25.01
CA VAL A 62 1.48 -37.95 -23.97
C VAL A 62 2.74 -38.66 -23.49
N ALA A 63 2.90 -38.73 -22.15
CA ALA A 63 4.14 -39.21 -21.53
C ALA A 63 4.16 -40.69 -21.29
N LEU A 64 3.11 -41.24 -20.67
CA LEU A 64 3.08 -42.63 -20.22
C LEU A 64 1.85 -43.32 -20.75
N TYR A 65 2.03 -44.51 -21.34
CA TYR A 65 0.94 -45.29 -21.91
C TYR A 65 0.91 -46.62 -21.20
N PRO A 66 -0.28 -47.21 -21.11
CA PRO A 66 -0.38 -48.59 -20.66
C PRO A 66 0.14 -49.54 -21.76
N ASP A 67 0.61 -50.73 -21.37
CA ASP A 67 1.21 -51.64 -22.34
C ASP A 67 0.19 -52.29 -23.23
N ASP A 68 -1.07 -52.33 -22.79
CA ASP A 68 -2.13 -52.93 -23.58
C ASP A 68 -3.49 -52.37 -23.19
N GLU A 69 -4.51 -52.94 -23.82
CA GLU A 69 -5.90 -52.50 -23.74
C GLU A 69 -6.63 -52.81 -22.41
N THR A 70 -6.04 -53.64 -21.55
CA THR A 70 -6.65 -54.01 -20.27
C THR A 70 -5.89 -53.47 -19.05
N HIS A 71 -4.98 -52.51 -19.28
CA HIS A 71 -4.26 -51.81 -18.19
C HIS A 71 -4.57 -50.31 -18.23
N GLY A 72 -4.19 -49.61 -17.18
CA GLY A 72 -4.12 -48.14 -17.14
C GLY A 72 -2.96 -47.65 -16.29
N VAL A 73 -2.48 -46.46 -16.63
CA VAL A 73 -1.46 -45.81 -15.86
C VAL A 73 -2.20 -44.86 -14.93
N PHE A 74 -2.42 -45.31 -13.70
CA PHE A 74 -3.19 -44.58 -12.73
C PHE A 74 -2.36 -43.46 -12.05
N SER A 75 -2.94 -42.84 -11.03
CA SER A 75 -2.34 -41.62 -10.49
C SER A 75 -1.01 -41.83 -9.72
N GLY A 76 -0.26 -40.76 -9.61
CA GLY A 76 1.02 -40.77 -8.92
C GLY A 76 1.70 -39.42 -8.92
N SER A 77 2.96 -39.41 -8.51
CA SER A 77 3.67 -38.18 -8.23
C SER A 77 5.04 -38.14 -8.94
N ALA A 78 5.73 -37.02 -8.78
CA ALA A 78 7.03 -36.82 -9.37
C ALA A 78 8.03 -36.28 -8.35
N VAL A 79 9.27 -36.67 -8.55
CA VAL A 79 10.36 -36.33 -7.65
C VAL A 79 11.60 -36.06 -8.52
N GLU A 80 12.58 -35.39 -7.96
CA GLU A 80 13.86 -35.16 -8.62
C GLU A 80 14.96 -35.88 -7.81
N LYS A 81 15.75 -36.70 -8.48
CA LYS A 81 16.86 -37.46 -7.87
C LYS A 81 18.03 -37.47 -8.85
N ASP A 82 19.20 -37.06 -8.37
CA ASP A 82 20.40 -36.95 -9.19
C ASP A 82 20.19 -36.11 -10.46
N GLY A 83 19.42 -35.05 -10.31
CA GLY A 83 19.11 -34.17 -11.42
C GLY A 83 18.05 -34.67 -12.40
N LYS A 84 17.61 -35.92 -12.25
CA LYS A 84 16.64 -36.53 -13.15
C LYS A 84 15.21 -36.41 -12.58
N MET A 85 14.22 -36.50 -13.46
CA MET A 85 12.81 -36.55 -13.05
C MET A 85 12.39 -38.02 -12.94
N PHE A 86 11.77 -38.35 -11.85
CA PHE A 86 11.21 -39.68 -11.63
C PHE A 86 9.71 -39.55 -11.43
N LEU A 87 8.93 -40.37 -12.12
CA LEU A 87 7.51 -40.49 -11.89
C LEU A 87 7.27 -41.81 -11.16
N VAL A 88 6.45 -41.79 -10.10
CA VAL A 88 6.09 -42.96 -9.32
C VAL A 88 4.57 -43.06 -9.42
N TYR A 89 4.05 -44.21 -9.86
CA TYR A 89 2.65 -44.31 -10.20
C TYR A 89 2.11 -45.73 -10.04
N THR A 90 0.79 -45.79 -9.91
CA THR A 90 0.09 -47.04 -9.79
C THR A 90 -0.18 -47.59 -11.19
N TYR A 91 0.22 -48.84 -11.44
CA TYR A 91 -0.13 -49.51 -12.67
C TYR A 91 -1.27 -50.48 -12.35
N TYR A 92 -2.32 -50.39 -13.14
CA TYR A 92 -3.59 -51.09 -12.91
C TYR A 92 -3.87 -52.10 -13.99
N ARG A 93 -4.29 -53.29 -13.59
CA ARG A 93 -4.76 -54.34 -14.48
C ARG A 93 -6.25 -54.56 -14.24
N ASP A 94 -7.01 -54.63 -15.33
CA ASP A 94 -8.44 -54.92 -15.28
C ASP A 94 -8.72 -56.26 -14.66
N PRO A 95 -9.86 -56.29 -13.97
CA PRO A 95 -10.46 -57.53 -13.51
C PRO A 95 -10.98 -58.33 -14.69
N THR A 96 -11.07 -59.64 -14.53
CA THR A 96 -11.76 -60.53 -15.46
C THR A 96 -12.95 -61.11 -14.74
N HIS A 97 -13.62 -62.10 -15.34
CA HIS A 97 -14.67 -62.82 -14.61
C HIS A 97 -14.13 -63.46 -13.32
N ASN A 98 -12.92 -64.01 -13.35
CA ASN A 98 -12.33 -64.73 -12.20
C ASN A 98 -11.49 -63.94 -11.19
N LYS A 99 -10.93 -62.79 -11.61
CA LYS A 99 -10.01 -62.02 -10.77
C LYS A 99 -10.45 -60.57 -10.58
N GLY A 100 -10.15 -60.02 -9.40
CA GLY A 100 -10.34 -58.63 -9.12
C GLY A 100 -9.20 -57.87 -9.78
N GLU A 101 -9.31 -56.56 -9.77
CA GLU A 101 -8.26 -55.66 -10.24
C GLU A 101 -6.91 -55.95 -9.54
N LYS A 102 -5.81 -55.58 -10.19
CA LYS A 102 -4.50 -55.67 -9.55
C LYS A 102 -3.84 -54.30 -9.67
N GLU A 103 -3.20 -53.87 -8.59
CA GLU A 103 -2.56 -52.54 -8.57
C GLU A 103 -1.14 -52.70 -8.04
N THR A 104 -0.16 -52.11 -8.73
CA THR A 104 1.23 -52.10 -8.27
C THR A 104 1.79 -50.72 -8.43
N GLN A 105 2.89 -50.46 -7.74
CA GLN A 105 3.51 -49.15 -7.77
C GLN A 105 4.80 -49.27 -8.56
N CYS A 106 4.97 -48.36 -9.50
CA CYS A 106 6.02 -48.43 -10.48
C CYS A 106 6.75 -47.10 -10.59
N VAL A 107 7.92 -47.18 -11.22
CA VAL A 107 8.80 -46.05 -11.44
C VAL A 107 9.21 -45.93 -12.90
N VAL A 108 9.24 -44.67 -13.35
CA VAL A 108 9.72 -44.26 -14.65
C VAL A 108 10.70 -43.10 -14.39
N MET A 109 11.70 -42.94 -15.28
CA MET A 109 12.70 -41.87 -15.19
C MET A 109 12.80 -41.06 -16.48
N SER A 110 13.22 -39.80 -16.36
CA SER A 110 13.51 -38.97 -17.53
C SER A 110 14.66 -38.02 -17.28
N GLU A 111 15.59 -37.95 -18.21
CA GLU A 111 16.70 -36.99 -18.12
C GLU A 111 16.37 -35.67 -18.74
N ASN A 112 15.39 -35.65 -19.64
CA ASN A 112 15.06 -34.43 -20.35
C ASN A 112 13.62 -33.89 -20.17
N GLY A 113 12.76 -34.62 -19.45
CA GLY A 113 11.37 -34.22 -19.24
C GLY A 113 10.48 -34.40 -20.47
N LEU A 114 10.98 -35.14 -21.46
CA LEU A 114 10.22 -35.45 -22.66
C LEU A 114 10.22 -36.93 -22.97
N ASP A 115 11.36 -37.56 -22.75
CA ASP A 115 11.48 -39.01 -22.96
C ASP A 115 11.46 -39.70 -21.61
N PHE A 116 10.49 -40.60 -21.46
CA PHE A 116 10.22 -41.30 -20.20
C PHE A 116 10.47 -42.79 -20.34
N VAL A 117 11.32 -43.30 -19.46
CA VAL A 117 11.82 -44.65 -19.55
C VAL A 117 11.41 -45.41 -18.29
N LYS A 118 11.03 -46.65 -18.50
CA LYS A 118 10.61 -47.54 -17.45
C LYS A 118 11.79 -48.13 -16.71
N TYR A 119 11.68 -48.16 -15.38
CA TYR A 119 12.67 -48.82 -14.54
C TYR A 119 12.56 -50.35 -14.66
N ASP A 120 13.70 -51.04 -14.82
CA ASP A 120 13.74 -52.49 -15.12
C ASP A 120 13.24 -53.37 -13.96
N GLY A 121 13.36 -52.92 -12.72
CA GLY A 121 12.90 -53.69 -11.57
C GLY A 121 11.45 -53.50 -11.19
N ASN A 122 10.64 -52.84 -12.04
CA ASN A 122 9.23 -52.63 -11.75
C ASN A 122 8.48 -54.00 -11.64
N PRO A 123 7.45 -54.11 -10.80
CA PRO A 123 7.06 -53.05 -9.86
C PRO A 123 7.96 -52.91 -8.62
N VAL A 124 7.97 -51.70 -8.12
CA VAL A 124 8.75 -51.26 -6.98
C VAL A 124 8.06 -51.67 -5.64
N ILE A 125 6.72 -51.75 -5.66
CA ILE A 125 5.90 -52.35 -4.62
C ILE A 125 4.90 -53.27 -5.35
N SER A 126 5.02 -54.58 -5.14
CA SER A 126 4.28 -55.58 -5.93
C SER A 126 2.94 -55.93 -5.32
N LYS A 127 2.80 -55.78 -4.01
CA LYS A 127 1.56 -56.19 -3.36
C LYS A 127 1.27 -55.35 -2.12
N PRO A 128 0.01 -55.34 -1.69
CA PRO A 128 -0.34 -54.64 -0.45
C PRO A 128 0.25 -55.31 0.79
N PRO A 129 0.28 -54.58 1.90
CA PRO A 129 0.96 -55.06 3.10
C PRO A 129 0.16 -56.08 3.91
N GLU A 130 -1.17 -56.04 3.80
CA GLU A 130 -2.06 -56.86 4.61
C GLU A 130 -3.18 -57.37 3.73
N GLU A 131 -3.79 -58.48 4.15
CA GLU A 131 -4.91 -59.07 3.45
C GLU A 131 -6.12 -58.14 3.52
N GLY A 132 -7.00 -58.18 2.51
CA GLY A 132 -8.18 -57.36 2.53
C GLY A 132 -7.94 -55.88 2.26
N THR A 133 -6.79 -55.54 1.69
CA THR A 133 -6.56 -54.15 1.28
C THR A 133 -6.92 -53.97 -0.16
N HIS A 134 -7.68 -52.91 -0.45
CA HIS A 134 -7.98 -52.56 -1.83
C HIS A 134 -7.77 -51.06 -2.07
N ALA A 135 -8.16 -50.58 -3.25
CA ALA A 135 -7.91 -49.20 -3.63
C ALA A 135 -6.45 -48.83 -3.30
N PHE A 136 -5.53 -49.72 -3.63
CA PHE A 136 -4.11 -49.60 -3.28
C PHE A 136 -3.39 -48.75 -4.32
N ARG A 137 -3.50 -47.45 -4.18
CA ARG A 137 -3.08 -46.60 -5.26
C ARG A 137 -2.76 -45.14 -4.95
N ASP A 138 -2.06 -44.54 -5.90
CA ASP A 138 -1.72 -43.11 -5.92
C ASP A 138 -0.51 -42.76 -5.00
N PRO A 139 0.71 -43.23 -5.32
CA PRO A 139 1.87 -42.95 -4.48
C PRO A 139 2.32 -41.50 -4.58
N LYS A 140 2.29 -40.80 -3.47
CA LYS A 140 2.80 -39.44 -3.38
C LYS A 140 4.12 -39.45 -2.59
N VAL A 141 5.20 -39.21 -3.29
CA VAL A 141 6.55 -39.36 -2.74
C VAL A 141 7.19 -37.99 -2.44
N ASN A 142 7.71 -37.85 -1.22
CA ASN A 142 8.42 -36.65 -0.84
C ASN A 142 9.71 -37.00 -0.08
N ARG A 143 10.50 -35.97 0.19
CA ARG A 143 11.77 -36.12 0.88
C ARG A 143 11.56 -35.71 2.33
N SER A 144 12.00 -36.55 3.27
CA SER A 144 11.96 -36.21 4.69
C SER A 144 13.03 -36.91 5.52
N ASN A 145 13.71 -36.13 6.35
CA ASN A 145 14.75 -36.64 7.27
C ASN A 145 15.79 -37.56 6.60
N GLY A 146 16.28 -37.12 5.44
CA GLY A 146 17.31 -37.84 4.70
C GLY A 146 16.89 -39.10 3.95
N GLU A 147 15.57 -39.27 3.74
CA GLU A 147 14.94 -40.48 3.22
C GLU A 147 13.83 -40.08 2.25
N TRP A 148 13.39 -41.00 1.41
CA TRP A 148 12.14 -40.84 0.67
C TRP A 148 10.99 -41.43 1.47
N ARG A 149 9.88 -40.68 1.48
CA ARG A 149 8.61 -41.06 2.06
C ARG A 149 7.53 -41.13 0.98
N MET A 150 6.75 -42.19 0.99
CA MET A 150 5.60 -42.35 0.08
C MET A 150 4.35 -42.55 0.91
N VAL A 151 3.30 -41.80 0.61
CA VAL A 151 1.97 -42.10 1.15
C VAL A 151 1.11 -42.65 0.00
N LEU A 152 0.27 -43.61 0.34
CA LEU A 152 -0.55 -44.35 -0.62
C LEU A 152 -1.96 -44.37 -0.09
N GLY A 153 -2.90 -44.29 -1.01
CA GLY A 153 -4.29 -44.47 -0.70
C GLY A 153 -4.63 -45.95 -0.56
N SER A 154 -5.65 -46.23 0.22
CA SER A 154 -6.14 -47.62 0.38
C SER A 154 -7.48 -47.64 1.08
N GLY A 155 -8.06 -48.83 1.08
CA GLY A 155 -9.14 -49.19 1.97
C GLY A 155 -8.90 -50.59 2.52
N LYS A 156 -9.41 -50.82 3.73
CA LYS A 156 -9.26 -52.10 4.43
C LYS A 156 -10.64 -52.72 4.63
N ASP A 157 -10.80 -53.97 4.20
CA ASP A 157 -12.00 -54.82 4.44
C ASP A 157 -13.29 -54.23 3.94
N GLU A 158 -13.24 -53.46 2.87
CA GLU A 158 -14.40 -52.72 2.39
C GLU A 158 -15.10 -51.95 3.52
N LYS A 159 -14.33 -51.56 4.55
CA LYS A 159 -14.87 -50.96 5.77
C LYS A 159 -14.31 -49.57 6.05
N ILE A 160 -12.99 -49.42 5.96
CA ILE A 160 -12.34 -48.18 6.38
C ILE A 160 -11.18 -47.71 5.47
N GLY A 161 -11.18 -46.43 5.15
CA GLY A 161 -10.14 -45.83 4.32
C GLY A 161 -8.91 -45.44 5.13
N ARG A 162 -7.73 -45.78 4.64
CA ARG A 162 -6.49 -45.52 5.36
C ARG A 162 -5.36 -45.05 4.44
N VAL A 163 -4.45 -44.28 5.01
CA VAL A 163 -3.26 -43.85 4.30
C VAL A 163 -2.09 -44.66 4.78
N LEU A 164 -1.40 -45.35 3.85
CA LEU A 164 -0.26 -46.20 4.09
C LEU A 164 1.02 -45.44 3.88
N LEU A 165 2.04 -45.73 4.70
CA LEU A 165 3.35 -45.10 4.63
C LEU A 165 4.44 -46.14 4.34
N TYR A 166 5.29 -45.83 3.36
CA TYR A 166 6.50 -46.57 3.02
C TYR A 166 7.69 -45.61 3.03
N THR A 167 8.89 -46.11 3.32
CA THR A 167 10.11 -45.31 3.19
C THR A 167 11.13 -46.02 2.31
N SER A 168 12.06 -45.25 1.79
CA SER A 168 13.09 -45.75 0.88
C SER A 168 14.32 -44.89 0.89
N ASP A 169 15.48 -45.53 0.75
CA ASP A 169 16.73 -44.77 0.61
C ASP A 169 17.06 -44.52 -0.86
N ASP A 170 16.40 -45.21 -1.79
CA ASP A 170 16.81 -45.11 -3.19
C ASP A 170 15.68 -44.97 -4.24
N LEU A 171 14.42 -45.00 -3.82
CA LEU A 171 13.23 -44.93 -4.68
C LEU A 171 12.79 -46.28 -5.26
N PHE A 172 13.59 -47.34 -5.10
CA PHE A 172 13.31 -48.64 -5.74
C PHE A 172 12.92 -49.71 -4.74
N HIS A 173 13.51 -49.64 -3.55
CA HIS A 173 13.21 -50.55 -2.45
C HIS A 173 12.56 -49.77 -1.30
N TRP A 174 11.37 -50.22 -0.94
CA TRP A 174 10.48 -49.53 -0.04
C TRP A 174 10.20 -50.41 1.18
N LYS A 175 10.19 -49.78 2.35
CA LYS A 175 9.82 -50.42 3.58
C LYS A 175 8.47 -49.91 4.04
N TYR A 176 7.56 -50.82 4.39
CA TYR A 176 6.26 -50.48 4.97
C TYR A 176 6.38 -50.04 6.44
N GLU A 177 5.86 -48.85 6.74
CA GLU A 177 5.88 -48.26 8.06
C GLU A 177 4.49 -48.23 8.67
N GLY A 178 3.52 -48.90 8.08
CA GLY A 178 2.20 -48.94 8.66
C GLY A 178 1.22 -47.90 8.13
N ALA A 179 0.00 -48.00 8.64
CA ALA A 179 -1.03 -47.04 8.33
C ALA A 179 -0.90 -45.85 9.28
N ILE A 180 -0.71 -44.66 8.74
CA ILE A 180 -0.56 -43.47 9.58
C ILE A 180 -1.86 -42.77 9.93
N PHE A 181 -2.95 -43.13 9.25
CA PHE A 181 -4.18 -42.35 9.37
C PHE A 181 -5.32 -43.13 8.76
N GLU A 182 -6.49 -42.99 9.35
CA GLU A 182 -7.71 -43.59 8.82
C GLU A 182 -8.89 -42.65 8.97
N ASP A 183 -9.90 -42.87 8.15
CA ASP A 183 -11.10 -42.03 8.14
C ASP A 183 -12.34 -42.95 8.03
N GLU A 184 -13.07 -43.11 9.14
CA GLU A 184 -14.23 -44.03 9.29
C GLU A 184 -15.39 -43.68 8.39
N THR A 185 -15.36 -42.46 7.88
CA THR A 185 -16.36 -41.87 7.02
C THR A 185 -16.39 -42.46 5.61
N THR A 186 -15.35 -43.22 5.24
CA THR A 186 -15.24 -43.74 3.87
C THR A 186 -14.67 -45.17 3.87
N LYS A 187 -14.90 -45.89 2.78
CA LYS A 187 -14.34 -47.22 2.56
C LYS A 187 -12.90 -47.07 2.04
N GLU A 188 -12.59 -45.91 1.44
CA GLU A 188 -11.28 -45.66 0.82
C GLU A 188 -10.88 -44.19 0.81
N ILE A 189 -9.59 -43.97 1.05
CA ILE A 189 -8.96 -42.67 0.91
C ILE A 189 -8.17 -42.71 -0.39
N GLU A 190 -8.35 -41.69 -1.22
CA GLU A 190 -7.66 -41.53 -2.49
C GLU A 190 -6.72 -40.36 -2.38
N CYS A 191 -5.69 -40.38 -3.22
CA CYS A 191 -4.83 -39.24 -3.46
C CYS A 191 -4.26 -38.54 -2.20
N PRO A 192 -3.67 -39.28 -1.27
CA PRO A 192 -3.06 -38.62 -0.12
C PRO A 192 -1.82 -37.84 -0.46
N ASP A 193 -1.50 -36.86 0.36
CA ASP A 193 -0.30 -36.06 0.14
C ASP A 193 0.10 -35.51 1.50
N LEU A 194 1.32 -35.83 1.89
CA LEU A 194 1.81 -35.49 3.21
C LEU A 194 2.87 -34.42 3.10
N VAL A 195 2.57 -33.28 3.67
CA VAL A 195 3.36 -32.08 3.49
C VAL A 195 3.69 -31.51 4.88
N ARG A 196 4.72 -30.67 4.92
CA ARG A 196 5.17 -30.00 6.15
C ARG A 196 5.15 -28.51 5.93
N ILE A 197 4.45 -27.79 6.79
CA ILE A 197 4.42 -26.34 6.72
C ILE A 197 4.70 -25.83 8.10
N GLY A 198 5.84 -25.19 8.28
CA GLY A 198 6.14 -24.47 9.52
C GLY A 198 5.84 -25.29 10.75
N GLU A 199 6.57 -26.40 10.87
CA GLU A 199 6.52 -27.28 12.03
C GLU A 199 5.25 -28.14 12.17
N LYS A 200 4.30 -28.05 11.22
CA LYS A 200 3.13 -28.92 11.23
C LYS A 200 3.16 -29.93 10.08
N ASP A 201 2.77 -31.18 10.37
CA ASP A 201 2.53 -32.18 9.36
C ASP A 201 1.06 -32.08 8.95
N ILE A 202 0.84 -31.93 7.64
CA ILE A 202 -0.48 -31.79 7.04
C ILE A 202 -0.69 -32.93 6.03
N LEU A 203 -1.74 -33.72 6.24
CA LEU A 203 -2.13 -34.78 5.31
C LEU A 203 -3.34 -34.25 4.54
N ILE A 204 -3.21 -34.12 3.22
CA ILE A 204 -4.31 -33.80 2.33
C ILE A 204 -4.72 -35.11 1.69
N TYR A 205 -6.02 -35.31 1.48
CA TYR A 205 -6.52 -36.54 0.84
C TYR A 205 -7.95 -36.33 0.34
N SER A 206 -8.39 -37.24 -0.52
CA SER A 206 -9.69 -37.14 -1.16
C SER A 206 -10.58 -38.32 -0.72
N ILE A 207 -11.88 -38.06 -0.61
CA ILE A 207 -12.89 -39.10 -0.38
C ILE A 207 -13.97 -39.07 -1.49
N THR A 208 -14.19 -40.25 -2.06
CA THR A 208 -14.96 -40.43 -3.29
C THR A 208 -16.47 -40.17 -3.14
N SER A 209 -17.05 -40.74 -2.09
CA SER A 209 -18.51 -40.70 -1.84
C SER A 209 -19.11 -39.33 -1.71
N THR A 210 -18.27 -38.39 -1.30
CA THR A 210 -18.65 -37.02 -1.06
C THR A 210 -17.94 -36.06 -2.05
N ASN A 211 -17.03 -36.63 -2.84
CA ASN A 211 -16.17 -35.89 -3.77
C ASN A 211 -15.50 -34.67 -3.13
N SER A 212 -14.79 -34.92 -2.04
CA SER A 212 -14.23 -33.84 -1.22
C SER A 212 -12.74 -34.03 -1.06
N VAL A 213 -12.02 -32.93 -0.90
CA VAL A 213 -10.63 -32.93 -0.51
C VAL A 213 -10.58 -32.40 0.93
N LEU A 214 -10.05 -33.22 1.82
CA LEU A 214 -9.98 -32.94 3.24
C LEU A 214 -8.50 -32.72 3.64
N PHE A 215 -8.30 -32.13 4.82
CA PHE A 215 -6.97 -32.12 5.44
C PHE A 215 -7.08 -32.54 6.91
N SER A 216 -5.98 -33.08 7.39
CA SER A 216 -5.75 -33.30 8.81
C SER A 216 -4.37 -32.77 9.14
N MET A 217 -4.35 -31.82 10.08
CA MET A 217 -3.12 -31.15 10.46
C MET A 217 -2.75 -31.50 11.89
N GLY A 218 -1.47 -31.77 12.10
CA GLY A 218 -0.95 -32.02 13.43
C GLY A 218 0.53 -32.37 13.48
N GLU A 219 0.84 -33.51 14.08
CA GLU A 219 2.22 -33.98 14.14
C GLU A 219 2.30 -35.51 13.98
N LEU A 220 3.20 -35.94 13.10
CA LEU A 220 3.46 -37.35 12.84
C LEU A 220 4.40 -37.84 13.95
N LYS A 221 3.90 -38.69 14.82
CA LYS A 221 4.69 -39.23 15.92
C LYS A 221 4.49 -40.71 16.03
N GLU A 222 5.58 -41.46 16.04
CA GLU A 222 5.53 -42.91 16.30
C GLU A 222 4.62 -43.63 15.30
N GLY A 223 4.78 -43.28 14.03
CA GLY A 223 4.06 -43.91 12.93
C GLY A 223 2.59 -43.56 12.80
N LYS A 224 2.15 -42.52 13.52
CA LYS A 224 0.76 -42.14 13.50
C LYS A 224 0.61 -40.61 13.47
N LEU A 225 -0.33 -40.12 12.68
CA LEU A 225 -0.64 -38.70 12.68
C LEU A 225 -1.51 -38.34 13.86
N ASN A 226 -1.00 -37.44 14.68
CA ASN A 226 -1.79 -36.89 15.78
C ASN A 226 -2.48 -35.62 15.33
N VAL A 227 -3.80 -35.74 15.16
CA VAL A 227 -4.59 -34.70 14.52
C VAL A 227 -4.94 -33.65 15.56
N GLU A 228 -4.59 -32.40 15.26
CA GLU A 228 -5.02 -31.22 16.01
C GLU A 228 -6.20 -30.53 15.35
N LYS A 229 -6.22 -30.48 14.00
CA LYS A 229 -7.24 -29.78 13.20
C LYS A 229 -7.56 -30.56 11.91
N ARG A 230 -8.83 -30.60 11.54
CA ARG A 230 -9.32 -31.26 10.32
C ARG A 230 -10.20 -30.26 9.59
N GLY A 231 -10.28 -30.36 8.28
CA GLY A 231 -11.19 -29.49 7.55
C GLY A 231 -11.23 -29.88 6.09
N LEU A 232 -11.85 -29.01 5.29
CA LEU A 232 -11.98 -29.19 3.85
C LEU A 232 -10.97 -28.25 3.20
N LEU A 233 -10.30 -28.67 2.12
CA LEU A 233 -9.40 -27.79 1.38
C LEU A 233 -10.17 -26.87 0.45
N ASP A 234 -11.39 -27.30 0.12
CA ASP A 234 -12.28 -26.56 -0.72
C ASP A 234 -13.71 -26.87 -0.34
N HIS A 235 -14.54 -25.86 -0.35
CA HIS A 235 -15.90 -25.99 0.11
C HIS A 235 -16.94 -26.01 -1.01
N GLY A 236 -16.52 -26.00 -2.27
CA GLY A 236 -17.47 -26.07 -3.37
C GLY A 236 -17.81 -27.47 -3.86
N THR A 237 -18.43 -27.55 -5.04
CA THR A 237 -18.95 -28.85 -5.54
C THR A 237 -17.97 -29.65 -6.44
N ASP A 238 -16.96 -28.99 -6.99
CA ASP A 238 -16.06 -29.54 -7.99
C ASP A 238 -14.55 -29.27 -7.66
N PHE A 239 -14.03 -29.96 -6.67
CA PHE A 239 -12.60 -29.91 -6.36
C PHE A 239 -12.26 -31.29 -5.80
N TYR A 240 -11.34 -31.97 -6.45
CA TYR A 240 -11.11 -33.37 -6.12
C TYR A 240 -9.74 -33.80 -6.54
N ALA A 241 -9.20 -34.80 -5.85
CA ALA A 241 -7.89 -35.36 -6.19
C ALA A 241 -6.78 -34.31 -6.20
N ALA A 242 -6.75 -33.41 -5.23
CA ALA A 242 -5.71 -32.38 -5.12
C ALA A 242 -4.32 -33.01 -4.99
N GLN A 243 -3.34 -32.38 -5.62
CA GLN A 243 -1.93 -32.77 -5.43
C GLN A 243 -1.08 -31.52 -5.28
N THR A 244 0.02 -31.71 -4.58
CA THR A 244 0.97 -30.65 -4.29
C THR A 244 2.27 -30.82 -5.15
N PHE A 245 2.88 -29.72 -5.58
CA PHE A 245 4.11 -29.78 -6.38
C PHE A 245 5.30 -30.23 -5.53
N PHE A 246 6.08 -31.12 -6.10
CA PHE A 246 7.44 -31.37 -5.58
C PHE A 246 8.38 -30.25 -6.03
N GLY A 247 9.26 -29.85 -5.14
CA GLY A 247 10.41 -29.03 -5.51
C GLY A 247 10.25 -27.53 -5.45
N THR A 248 9.16 -27.03 -4.87
CA THR A 248 8.90 -25.59 -4.76
C THR A 248 9.12 -25.12 -3.35
N ASP A 249 9.35 -23.82 -3.20
CA ASP A 249 9.33 -23.15 -1.89
C ASP A 249 7.96 -23.22 -1.23
N ARG A 250 6.94 -22.69 -1.91
CA ARG A 250 5.59 -22.74 -1.39
C ARG A 250 5.05 -24.15 -1.51
N VAL A 251 4.04 -24.45 -0.72
CA VAL A 251 3.18 -25.59 -0.94
C VAL A 251 2.08 -25.11 -1.93
N VAL A 252 2.13 -25.60 -3.15
CA VAL A 252 1.21 -25.21 -4.22
C VAL A 252 0.39 -26.44 -4.60
N VAL A 253 -0.94 -26.33 -4.50
CA VAL A 253 -1.89 -27.43 -4.86
C VAL A 253 -2.65 -27.09 -6.13
N ILE A 254 -2.81 -28.11 -6.97
CA ILE A 254 -3.85 -28.15 -8.02
C ILE A 254 -4.77 -29.40 -7.84
N GLY A 255 -6.07 -29.19 -8.06
CA GLY A 255 -7.07 -30.24 -8.04
C GLY A 255 -7.78 -30.38 -9.38
N TRP A 256 -8.48 -31.49 -9.54
CA TRP A 256 -9.38 -31.71 -10.67
C TRP A 256 -10.62 -30.91 -10.37
N LEU A 257 -10.98 -30.00 -11.30
CA LEU A 257 -12.09 -29.10 -11.18
C LEU A 257 -13.35 -29.75 -11.78
N GLN A 258 -13.79 -30.82 -11.12
CA GLN A 258 -14.88 -31.63 -11.57
C GLN A 258 -15.24 -32.59 -10.41
N SER A 259 -16.40 -33.18 -10.49
CA SER A 259 -16.85 -34.14 -9.52
C SER A 259 -17.28 -35.40 -10.23
N TRP A 260 -16.91 -36.57 -9.72
CA TRP A 260 -17.45 -37.83 -10.25
C TRP A 260 -18.96 -37.93 -10.10
N LEU A 261 -19.45 -37.38 -9.02
CA LEU A 261 -20.87 -37.41 -8.72
C LEU A 261 -21.69 -36.61 -9.75
N ARG A 262 -21.10 -35.57 -10.31
CA ARG A 262 -21.81 -34.61 -11.17
C ARG A 262 -21.40 -34.73 -12.64
N THR A 263 -20.44 -35.63 -12.95
CA THR A 263 -19.90 -35.77 -14.28
C THR A 263 -20.96 -36.00 -15.39
N GLY A 264 -21.88 -36.96 -15.21
CA GLY A 264 -22.99 -37.19 -16.16
C GLY A 264 -23.96 -36.02 -16.35
N LEU A 265 -23.86 -35.01 -15.48
CA LEU A 265 -24.69 -33.79 -15.62
C LEU A 265 -24.09 -32.77 -16.56
N TYR A 266 -22.83 -32.95 -16.93
CA TYR A 266 -22.13 -31.91 -17.68
C TYR A 266 -22.15 -32.08 -19.24
N PRO A 267 -22.09 -30.96 -19.94
CA PRO A 267 -22.29 -30.96 -21.40
C PRO A 267 -21.05 -30.82 -22.29
N THR A 268 -19.84 -30.76 -21.72
CA THR A 268 -18.64 -30.50 -22.53
C THR A 268 -18.35 -31.67 -23.47
N LYS A 269 -18.79 -32.86 -23.05
CA LYS A 269 -18.79 -34.09 -23.84
C LYS A 269 -19.22 -33.96 -25.31
N ARG A 270 -20.24 -33.13 -25.52
CA ARG A 270 -20.79 -32.83 -26.85
C ARG A 270 -19.77 -32.08 -27.73
N GLU A 271 -18.78 -31.41 -27.11
CA GLU A 271 -17.65 -30.79 -27.82
C GLU A 271 -16.44 -31.74 -27.97
N GLY A 272 -16.58 -32.96 -27.49
CA GLY A 272 -15.56 -33.96 -27.65
C GLY A 272 -14.52 -34.00 -26.51
N TRP A 273 -14.75 -33.29 -25.41
CA TRP A 273 -13.78 -33.30 -24.31
C TRP A 273 -14.48 -33.26 -22.95
N ASN A 274 -13.75 -33.71 -21.93
CA ASN A 274 -14.22 -33.70 -20.51
C ASN A 274 -13.07 -33.45 -19.58
N GLY A 275 -13.27 -32.68 -18.51
CA GLY A 275 -12.25 -32.42 -17.49
C GLY A 275 -11.52 -31.08 -17.53
N VAL A 276 -11.36 -30.46 -16.36
CA VAL A 276 -10.69 -29.18 -16.22
C VAL A 276 -9.83 -29.25 -14.96
N MET A 277 -8.68 -28.57 -14.94
CA MET A 277 -7.91 -28.43 -13.70
C MET A 277 -8.23 -27.13 -12.99
N SER A 278 -8.16 -27.14 -11.68
CA SER A 278 -8.33 -25.96 -10.85
C SER A 278 -7.18 -24.98 -11.06
N LEU A 279 -7.43 -23.71 -10.77
CA LEU A 279 -6.31 -22.76 -10.58
C LEU A 279 -5.41 -23.25 -9.43
N PRO A 280 -4.12 -22.97 -9.48
CA PRO A 280 -3.21 -23.32 -8.37
C PRO A 280 -3.40 -22.46 -7.15
N ARG A 281 -3.33 -23.06 -5.96
CA ARG A 281 -3.48 -22.36 -4.73
C ARG A 281 -2.23 -22.61 -3.88
N GLU A 282 -1.89 -21.60 -3.11
CA GLU A 282 -0.85 -21.73 -2.10
C GLU A 282 -1.48 -22.10 -0.78
N LEU A 283 -0.90 -23.09 -0.14
CA LEU A 283 -1.24 -23.50 1.22
C LEU A 283 -0.23 -22.89 2.20
N TYR A 284 -0.73 -22.32 3.28
CA TYR A 284 0.16 -21.78 4.32
C TYR A 284 -0.55 -21.85 5.67
N VAL A 285 0.25 -21.62 6.70
CA VAL A 285 -0.22 -21.70 8.07
C VAL A 285 -0.02 -20.36 8.76
N GLU A 286 -1.11 -19.85 9.34
CA GLU A 286 -1.13 -18.60 10.06
C GLU A 286 -2.05 -18.77 11.25
N ASN A 287 -1.58 -18.32 12.42
CA ASN A 287 -2.33 -18.44 13.67
C ASN A 287 -2.84 -19.85 13.92
N ASN A 288 -1.97 -20.80 13.65
CA ASN A 288 -2.28 -22.23 13.84
C ASN A 288 -3.39 -22.78 12.93
N GLU A 289 -3.66 -22.08 11.83
CA GLU A 289 -4.74 -22.46 10.91
C GLU A 289 -4.17 -22.62 9.48
N LEU A 290 -4.58 -23.68 8.82
CA LEU A 290 -4.26 -23.94 7.43
C LEU A 290 -5.12 -23.02 6.59
N LYS A 291 -4.48 -22.23 5.76
CA LYS A 291 -5.18 -21.33 4.86
C LYS A 291 -4.79 -21.63 3.43
N VAL A 292 -5.66 -21.18 2.53
CA VAL A 292 -5.61 -21.45 1.08
C VAL A 292 -5.81 -20.09 0.39
N LYS A 293 -4.92 -19.70 -0.52
CA LYS A 293 -5.09 -18.51 -1.37
C LYS A 293 -4.65 -18.77 -2.82
N PRO A 294 -5.08 -17.95 -3.77
CA PRO A 294 -4.60 -18.11 -5.14
C PRO A 294 -3.11 -17.78 -5.16
N VAL A 295 -2.42 -18.47 -6.02
CA VAL A 295 -1.02 -18.30 -6.26
C VAL A 295 -0.83 -16.89 -6.88
N ASP A 296 0.24 -16.18 -6.47
CA ASP A 296 0.55 -14.81 -6.97
C ASP A 296 0.70 -14.72 -8.46
N GLU A 297 1.17 -15.77 -9.10
CA GLU A 297 1.38 -15.75 -10.55
C GLU A 297 0.09 -15.48 -11.36
N LEU A 298 -1.07 -15.72 -10.77
CA LEU A 298 -2.35 -15.53 -11.47
C LEU A 298 -2.61 -14.07 -11.81
N LEU A 299 -1.85 -13.19 -11.16
CA LEU A 299 -1.92 -11.77 -11.46
C LEU A 299 -1.52 -11.44 -12.90
N ALA A 300 -0.65 -12.26 -13.46
CA ALA A 300 -0.23 -12.09 -14.85
C ALA A 300 -1.36 -12.26 -15.86
N LEU A 301 -2.45 -12.95 -15.51
CA LEU A 301 -3.63 -13.07 -16.38
C LEU A 301 -4.40 -11.76 -16.56
N ARG A 302 -4.22 -10.82 -15.62
CA ARG A 302 -5.05 -9.61 -15.69
C ARG A 302 -4.60 -8.79 -16.89
N LYS A 303 -5.53 -8.50 -17.78
CA LYS A 303 -5.15 -7.84 -19.00
C LYS A 303 -5.70 -6.43 -19.09
N ARG A 304 -6.80 -6.19 -18.40
CA ARG A 304 -7.38 -4.86 -18.32
C ARG A 304 -8.47 -4.80 -17.23
N LYS A 305 -8.62 -3.62 -16.63
CA LYS A 305 -9.67 -3.38 -15.65
C LYS A 305 -10.86 -2.84 -16.40
N VAL A 306 -11.98 -3.52 -16.35
CA VAL A 306 -13.15 -3.14 -17.16
C VAL A 306 -14.24 -2.43 -16.35
N PHE A 307 -14.16 -2.53 -15.02
CA PHE A 307 -15.19 -1.96 -14.17
C PHE A 307 -14.62 -1.73 -12.75
N GLU A 308 -15.09 -0.66 -12.12
CA GLU A 308 -14.88 -0.51 -10.68
C GLU A 308 -15.96 0.36 -10.06
N THR A 309 -16.23 0.13 -8.79
CA THR A 309 -17.21 0.88 -8.04
C THR A 309 -16.78 0.94 -6.57
N ALA A 310 -17.23 1.98 -5.89
CA ALA A 310 -17.14 2.02 -4.44
C ALA A 310 -18.53 2.19 -3.79
N LYS A 311 -19.57 1.72 -4.49
CA LYS A 311 -20.96 1.83 -4.09
C LYS A 311 -21.70 0.53 -4.47
N SER A 312 -22.75 0.23 -3.72
CA SER A 312 -23.72 -0.81 -4.06
C SER A 312 -24.48 -0.44 -5.31
N GLY A 313 -24.97 -1.44 -6.03
CA GLY A 313 -25.76 -1.25 -7.24
C GLY A 313 -25.74 -2.44 -8.18
N THR A 314 -26.32 -2.22 -9.34
CA THR A 314 -26.38 -3.25 -10.39
C THR A 314 -25.77 -2.57 -11.60
N PHE A 315 -24.89 -3.31 -12.28
CA PHE A 315 -23.98 -2.76 -13.24
C PHE A 315 -23.88 -3.65 -14.48
N LEU A 316 -23.88 -3.02 -15.64
CA LEU A 316 -23.62 -3.69 -16.91
C LEU A 316 -22.15 -3.74 -17.16
N LEU A 317 -21.62 -4.93 -17.28
CA LEU A 317 -20.20 -5.07 -17.51
C LEU A 317 -19.87 -5.12 -19.00
N ASP A 318 -18.85 -4.36 -19.38
CA ASP A 318 -18.39 -4.32 -20.77
C ASP A 318 -17.43 -5.52 -20.94
N VAL A 319 -17.99 -6.71 -20.99
CA VAL A 319 -17.24 -7.94 -21.22
C VAL A 319 -17.95 -8.73 -22.30
N LYS A 320 -17.18 -9.41 -23.12
CA LYS A 320 -17.68 -10.20 -24.25
C LYS A 320 -17.59 -11.71 -24.01
N GLU A 321 -16.90 -12.13 -22.94
CA GLU A 321 -16.79 -13.56 -22.61
C GLU A 321 -16.73 -13.76 -21.10
N ASN A 322 -16.98 -15.00 -20.70
CA ASN A 322 -16.89 -15.40 -19.32
C ASN A 322 -15.41 -15.71 -19.02
N SER A 323 -14.62 -14.65 -18.88
CA SER A 323 -13.20 -14.78 -18.60
C SER A 323 -12.76 -13.56 -17.80
N TYR A 324 -13.07 -13.59 -16.50
CA TYR A 324 -12.83 -12.40 -15.67
C TYR A 324 -12.65 -12.68 -14.18
N GLU A 325 -12.06 -11.73 -13.46
CA GLU A 325 -11.77 -11.82 -12.01
C GLU A 325 -12.45 -10.67 -11.26
N ILE A 326 -13.24 -11.00 -10.24
CA ILE A 326 -13.82 -10.02 -9.34
C ILE A 326 -12.96 -9.95 -8.07
N VAL A 327 -12.57 -8.75 -7.71
CA VAL A 327 -11.90 -8.47 -6.47
C VAL A 327 -12.76 -7.47 -5.68
N CYS A 328 -13.23 -7.88 -4.54
CA CYS A 328 -14.23 -7.10 -3.79
C CYS A 328 -13.83 -7.03 -2.34
N GLU A 329 -13.59 -5.83 -1.83
CA GLU A 329 -13.41 -5.61 -0.38
C GLU A 329 -14.65 -4.97 0.23
N PHE A 330 -14.98 -5.39 1.43
CA PHE A 330 -16.23 -4.99 2.07
C PHE A 330 -16.21 -5.15 3.58
N SER A 331 -17.07 -4.42 4.26
CA SER A 331 -17.25 -4.70 5.68
C SER A 331 -18.59 -5.36 5.91
N GLY A 332 -18.63 -6.19 6.94
CA GLY A 332 -19.86 -6.77 7.41
C GLY A 332 -20.47 -7.79 6.46
N GLU A 333 -21.72 -7.59 6.08
CA GLU A 333 -22.42 -8.55 5.23
C GLU A 333 -22.32 -8.13 3.76
N ILE A 334 -22.58 -9.08 2.86
CA ILE A 334 -22.63 -8.79 1.42
C ILE A 334 -23.58 -9.73 0.70
N GLU A 335 -24.16 -9.25 -0.39
CA GLU A 335 -24.69 -10.10 -1.44
C GLU A 335 -24.07 -9.65 -2.77
N LEU A 336 -23.42 -10.58 -3.46
CA LEU A 336 -22.81 -10.36 -4.75
C LEU A 336 -23.45 -11.32 -5.76
N ARG A 337 -24.03 -10.78 -6.83
CA ARG A 337 -24.62 -11.58 -7.91
C ARG A 337 -23.86 -11.32 -9.21
N MET A 338 -23.58 -12.38 -9.93
CA MET A 338 -23.03 -12.28 -11.27
C MET A 338 -23.91 -13.14 -12.21
N GLY A 339 -24.23 -12.62 -13.37
CA GLY A 339 -25.10 -13.34 -14.28
C GLY A 339 -25.58 -12.53 -15.48
N ASN A 340 -26.73 -12.92 -16.01
CA ASN A 340 -27.36 -12.25 -17.13
C ASN A 340 -28.87 -12.33 -16.89
N GLU A 341 -29.69 -12.15 -17.92
CA GLU A 341 -31.15 -12.10 -17.74
C GLU A 341 -31.77 -13.45 -17.36
N SER A 342 -31.09 -14.55 -17.67
CA SER A 342 -31.62 -15.89 -17.37
C SER A 342 -30.84 -16.73 -16.35
N GLU A 343 -29.60 -16.37 -16.07
CA GLU A 343 -28.67 -17.17 -15.29
C GLU A 343 -28.00 -16.28 -14.24
N GLU A 344 -27.59 -16.89 -13.15
CA GLU A 344 -26.76 -16.18 -12.17
C GLU A 344 -26.11 -17.18 -11.23
N VAL A 345 -25.04 -16.71 -10.59
CA VAL A 345 -24.43 -17.29 -9.41
C VAL A 345 -24.50 -16.21 -8.35
N VAL A 346 -24.80 -16.59 -7.11
CA VAL A 346 -24.90 -15.65 -6.00
C VAL A 346 -23.96 -16.07 -4.87
N ILE A 347 -23.20 -15.11 -4.32
CA ILE A 347 -22.46 -15.36 -3.07
C ILE A 347 -22.91 -14.37 -2.01
N THR A 348 -23.20 -14.86 -0.81
CA THR A 348 -23.73 -14.05 0.28
C THR A 348 -22.97 -14.28 1.58
N LYS A 349 -22.52 -13.21 2.23
CA LYS A 349 -22.02 -13.33 3.60
C LYS A 349 -23.14 -12.83 4.52
N SER A 350 -23.71 -13.74 5.27
CA SER A 350 -24.80 -13.40 6.16
C SER A 350 -24.47 -13.86 7.60
N ARG A 351 -24.33 -12.87 8.48
CA ARG A 351 -23.77 -13.02 9.81
C ARG A 351 -22.47 -13.75 9.78
N ASP A 352 -22.53 -15.03 10.08
CA ASP A 352 -21.42 -15.85 10.41
C ASP A 352 -21.05 -16.78 9.24
N GLU A 353 -21.81 -16.69 8.16
CA GLU A 353 -21.88 -17.72 7.12
C GLU A 353 -21.61 -17.16 5.72
N LEU A 354 -20.74 -17.84 4.97
CA LEU A 354 -20.52 -17.60 3.56
C LEU A 354 -21.31 -18.64 2.76
N ILE A 355 -22.26 -18.22 1.92
CA ILE A 355 -23.03 -19.17 1.13
C ILE A 355 -23.03 -18.90 -0.40
N VAL A 356 -22.82 -19.98 -1.18
CA VAL A 356 -22.73 -19.87 -2.62
C VAL A 356 -23.80 -20.75 -3.27
N ASP A 357 -24.52 -20.11 -4.18
CA ASP A 357 -25.65 -20.73 -4.88
C ASP A 357 -25.40 -20.69 -6.41
N THR A 358 -25.12 -21.85 -7.00
CA THR A 358 -24.98 -22.00 -8.44
C THR A 358 -26.18 -22.70 -9.09
N THR A 359 -27.29 -22.90 -8.37
CA THR A 359 -28.43 -23.66 -8.94
C THR A 359 -29.03 -23.09 -10.22
N ARG A 360 -28.92 -21.78 -10.42
CA ARG A 360 -29.45 -21.14 -11.63
C ARG A 360 -28.34 -20.66 -12.58
N SER A 361 -27.18 -21.33 -12.54
CA SER A 361 -25.96 -20.83 -13.20
C SER A 361 -25.93 -21.06 -14.73
N GLY A 362 -26.62 -22.09 -15.16
CA GLY A 362 -26.53 -22.49 -16.55
C GLY A 362 -27.11 -23.87 -16.80
N VAL A 363 -26.67 -24.51 -17.87
CA VAL A 363 -27.32 -25.72 -18.41
C VAL A 363 -27.10 -27.00 -17.61
N SER A 364 -26.18 -26.96 -16.63
CA SER A 364 -26.00 -28.07 -15.69
C SER A 364 -26.58 -27.79 -14.31
N GLY A 365 -27.31 -26.67 -14.16
CA GLY A 365 -27.80 -26.28 -12.84
C GLY A 365 -26.63 -26.13 -11.90
N GLY A 366 -26.85 -26.43 -10.62
CA GLY A 366 -25.80 -26.33 -9.62
C GLY A 366 -26.35 -26.68 -8.24
N GLU A 367 -25.73 -26.11 -7.21
CA GLU A 367 -26.02 -26.45 -5.82
C GLU A 367 -25.78 -25.22 -4.91
N VAL A 368 -26.15 -25.36 -3.64
CA VAL A 368 -25.85 -24.37 -2.61
C VAL A 368 -24.85 -25.02 -1.65
N ARG A 369 -23.76 -24.32 -1.37
CA ARG A 369 -22.78 -24.72 -0.37
C ARG A 369 -22.49 -23.54 0.58
N LYS A 370 -22.12 -23.89 1.83
CA LYS A 370 -22.06 -22.94 2.93
C LYS A 370 -20.87 -23.28 3.83
N SER A 371 -20.30 -22.25 4.45
CA SER A 371 -19.28 -22.43 5.46
C SER A 371 -19.39 -21.32 6.49
N THR A 372 -19.14 -21.67 7.75
CA THR A 372 -19.00 -20.68 8.79
C THR A 372 -17.62 -20.03 8.59
N VAL A 373 -17.53 -18.72 8.76
CA VAL A 373 -16.29 -17.97 8.51
C VAL A 373 -16.07 -16.97 9.64
N GLU A 374 -14.83 -16.54 9.83
CA GLU A 374 -14.51 -15.49 10.82
C GLU A 374 -14.50 -14.14 10.12
N ASP A 375 -15.18 -13.19 10.74
CA ASP A 375 -15.19 -11.81 10.25
C ASP A 375 -13.85 -11.13 10.45
N GLU A 376 -13.50 -10.31 9.46
CA GLU A 376 -12.38 -9.42 9.55
C GLU A 376 -12.89 -7.99 9.38
N ALA A 377 -12.10 -7.03 9.85
CA ALA A 377 -12.46 -5.62 9.84
C ALA A 377 -12.77 -5.22 8.40
N THR A 378 -11.93 -5.68 7.48
CA THR A 378 -12.26 -5.68 6.07
C THR A 378 -12.21 -7.14 5.53
N ASN A 379 -13.32 -7.56 4.94
CA ASN A 379 -13.42 -8.88 4.31
C ASN A 379 -13.08 -8.76 2.81
N ARG A 380 -12.56 -9.82 2.20
CA ARG A 380 -12.16 -9.82 0.79
C ARG A 380 -12.68 -11.08 0.05
N ILE A 381 -13.40 -10.89 -1.05
CA ILE A 381 -13.81 -12.01 -1.92
C ILE A 381 -13.07 -11.80 -3.23
N ARG A 382 -12.41 -12.84 -3.70
CA ARG A 382 -11.80 -12.85 -5.01
C ARG A 382 -12.44 -14.01 -5.81
N ALA A 383 -13.04 -13.72 -6.97
CA ALA A 383 -13.77 -14.69 -7.82
C ALA A 383 -13.18 -14.80 -9.20
N PHE A 384 -12.88 -16.01 -9.66
CA PHE A 384 -12.43 -16.22 -11.01
C PHE A 384 -13.51 -16.92 -11.80
N LEU A 385 -13.99 -16.27 -12.85
CA LEU A 385 -15.04 -16.79 -13.74
C LEU A 385 -14.36 -17.16 -15.05
N ASP A 386 -14.58 -18.37 -15.49
CA ASP A 386 -14.12 -18.84 -16.80
C ASP A 386 -15.29 -19.55 -17.48
N SER A 387 -15.07 -20.10 -18.67
CA SER A 387 -16.15 -20.57 -19.55
C SER A 387 -17.08 -21.60 -18.94
N CYS A 388 -16.53 -22.43 -18.07
CA CYS A 388 -17.30 -23.45 -17.38
C CYS A 388 -16.96 -23.62 -15.90
N SER A 389 -16.64 -22.52 -15.23
CA SER A 389 -16.29 -22.60 -13.80
C SER A 389 -16.30 -21.25 -13.10
N VAL A 390 -16.50 -21.31 -11.79
CA VAL A 390 -16.29 -20.17 -10.94
C VAL A 390 -15.59 -20.67 -9.65
N GLU A 391 -14.51 -20.00 -9.26
CA GLU A 391 -13.75 -20.27 -8.04
C GLU A 391 -13.72 -19.00 -7.17
N PHE A 392 -14.16 -19.14 -5.92
CA PHE A 392 -14.28 -18.04 -4.97
C PHE A 392 -13.24 -18.19 -3.85
N PHE A 393 -12.55 -17.11 -3.52
CA PHE A 393 -11.54 -17.09 -2.44
C PHE A 393 -11.90 -16.00 -1.42
N PHE A 394 -12.01 -16.37 -0.15
CA PHE A 394 -12.50 -15.47 0.89
C PHE A 394 -11.42 -15.27 1.93
N ASN A 395 -11.02 -14.01 2.13
CA ASN A 395 -10.01 -13.58 3.13
C ASN A 395 -8.68 -14.32 3.04
N ASP A 396 -8.25 -14.63 1.81
CA ASP A 396 -7.04 -15.42 1.53
C ASP A 396 -6.93 -16.61 2.43
N SER A 397 -8.06 -17.21 2.73
CA SER A 397 -8.08 -18.28 3.71
C SER A 397 -8.90 -19.49 3.29
N ILE A 398 -10.05 -19.28 2.62
CA ILE A 398 -10.98 -20.36 2.25
C ILE A 398 -11.39 -20.25 0.77
N ALA A 399 -11.65 -21.42 0.16
CA ALA A 399 -11.92 -21.54 -1.27
C ALA A 399 -13.19 -22.34 -1.51
N PHE A 400 -14.02 -21.89 -2.44
CA PHE A 400 -15.16 -22.67 -2.95
C PHE A 400 -15.06 -22.77 -4.48
N SER A 401 -15.02 -23.99 -5.01
CA SER A 401 -14.90 -24.17 -6.45
C SER A 401 -16.12 -24.91 -7.04
N PHE A 402 -16.62 -24.39 -8.18
CA PHE A 402 -17.83 -24.92 -8.81
C PHE A 402 -17.68 -24.97 -10.34
N ARG A 403 -18.19 -26.03 -10.93
CA ARG A 403 -18.40 -26.08 -12.35
C ARG A 403 -19.79 -25.57 -12.66
N ILE A 404 -19.87 -24.69 -13.64
CA ILE A 404 -21.12 -24.13 -14.12
C ILE A 404 -21.02 -24.12 -15.65
N HIS A 405 -22.17 -24.07 -16.32
CA HIS A 405 -22.18 -24.11 -17.79
C HIS A 405 -23.19 -23.10 -18.36
N PRO A 406 -22.83 -21.83 -18.25
CA PRO A 406 -23.70 -20.74 -18.68
C PRO A 406 -23.85 -20.75 -20.20
N GLU A 407 -25.05 -20.49 -20.68
CA GLU A 407 -25.30 -20.45 -22.08
C GLU A 407 -24.93 -19.09 -22.63
N ASN A 408 -24.81 -18.09 -21.76
CA ASN A 408 -24.44 -16.74 -22.16
C ASN A 408 -23.46 -16.04 -21.22
N VAL A 409 -22.95 -14.89 -21.67
CA VAL A 409 -21.93 -14.15 -20.91
C VAL A 409 -22.60 -13.59 -19.67
N TYR A 410 -21.89 -13.66 -18.56
CA TYR A 410 -22.34 -13.11 -17.28
C TYR A 410 -21.92 -11.64 -17.27
N ASN A 411 -22.73 -10.82 -17.91
CA ASN A 411 -22.42 -9.41 -18.06
C ASN A 411 -23.16 -8.46 -17.12
N ILE A 412 -23.86 -9.01 -16.15
CA ILE A 412 -24.57 -8.21 -15.17
C ILE A 412 -23.96 -8.52 -13.78
N LEU A 413 -23.57 -7.48 -13.05
CA LEU A 413 -23.00 -7.67 -11.72
C LEU A 413 -23.79 -6.81 -10.74
N SER A 414 -24.15 -7.40 -9.62
CA SER A 414 -24.83 -6.64 -8.58
C SER A 414 -24.21 -6.92 -7.19
N VAL A 415 -23.89 -5.83 -6.47
CA VAL A 415 -23.34 -5.90 -5.14
C VAL A 415 -24.13 -5.02 -4.15
N LYS A 416 -24.29 -5.56 -2.95
CA LYS A 416 -24.95 -4.86 -1.87
C LYS A 416 -24.14 -5.09 -0.59
N SER A 417 -23.60 -3.99 -0.09
CA SER A 417 -22.92 -3.95 1.18
C SER A 417 -22.59 -2.47 1.51
N ASN A 418 -22.24 -2.22 2.77
CA ASN A 418 -21.51 -1.00 3.12
C ASN A 418 -20.01 -1.11 2.82
N GLN A 419 -19.36 0.03 2.76
CA GLN A 419 -17.92 0.13 2.53
C GLN A 419 -17.42 -0.79 1.38
N VAL A 420 -18.22 -0.94 0.32
CA VAL A 420 -17.79 -1.72 -0.83
C VAL A 420 -16.70 -1.05 -1.65
N LYS A 421 -15.69 -1.82 -2.01
CA LYS A 421 -14.77 -1.49 -3.10
C LYS A 421 -14.71 -2.69 -4.03
N LEU A 422 -15.15 -2.56 -5.27
CA LEU A 422 -15.15 -3.72 -6.18
C LEU A 422 -14.54 -3.35 -7.53
N GLU A 423 -13.72 -4.23 -8.06
CA GLU A 423 -13.17 -4.08 -9.39
C GLU A 423 -13.27 -5.39 -10.18
N VAL A 424 -13.33 -5.29 -11.51
CA VAL A 424 -13.35 -6.41 -12.39
C VAL A 424 -12.22 -6.31 -13.40
N PHE A 425 -11.45 -7.39 -13.50
CA PHE A 425 -10.35 -7.49 -14.46
C PHE A 425 -10.72 -8.51 -15.55
N GLU A 426 -10.66 -8.12 -16.80
CA GLU A 426 -10.65 -9.07 -17.88
C GLU A 426 -9.41 -9.96 -17.79
N LEU A 427 -9.63 -11.26 -17.98
CA LEU A 427 -8.54 -12.21 -17.92
C LEU A 427 -8.22 -12.81 -19.30
N GLU A 428 -6.93 -12.87 -19.56
CA GLU A 428 -6.32 -13.37 -20.79
C GLU A 428 -6.77 -14.81 -21.14
N ASN A 429 -6.93 -15.07 -22.43
CA ASN A 429 -7.00 -16.43 -22.98
C ASN A 429 -5.55 -16.93 -23.14
N ILE A 430 -5.19 -18.02 -22.49
CA ILE A 430 -3.80 -18.48 -22.51
C ILE A 430 -3.42 -19.25 -23.77
N TRP A 431 -4.45 -19.61 -24.57
CA TRP A 431 -4.28 -20.49 -25.72
C TRP A 431 -3.93 -19.74 -26.99
N LEU A 432 -4.58 -18.61 -27.20
CA LEU A 432 -4.41 -17.84 -28.44
C LEU A 432 -4.58 -16.36 -28.17
N LEU B 1 -26.57 43.37 39.73
CA LEU B 1 -27.48 43.34 40.92
C LEU B 1 -28.52 42.19 40.94
N PHE B 2 -28.94 41.76 39.76
CA PHE B 2 -29.78 40.55 39.70
C PHE B 2 -29.01 39.23 39.70
N LYS B 3 -27.67 39.31 39.70
CA LYS B 3 -26.88 38.10 39.72
C LYS B 3 -27.17 37.32 41.02
N PRO B 4 -27.61 36.09 40.89
CA PRO B 4 -27.88 35.28 42.08
C PRO B 4 -26.68 35.14 43.01
N ASN B 5 -26.94 35.06 44.31
CA ASN B 5 -25.89 34.80 45.29
C ASN B 5 -25.59 33.34 45.42
N TYR B 6 -26.62 32.51 45.28
CA TYR B 6 -26.49 31.07 45.52
C TYR B 6 -27.22 30.16 44.57
N HIS B 7 -27.73 30.69 43.45
CA HIS B 7 -28.24 29.87 42.36
C HIS B 7 -27.21 29.82 41.26
N PHE B 8 -27.21 28.74 40.50
CA PHE B 8 -26.35 28.62 39.35
C PHE B 8 -26.89 29.43 38.18
N PHE B 9 -26.02 30.18 37.51
CA PHE B 9 -26.39 30.94 36.29
C PHE B 9 -25.11 31.13 35.48
N PRO B 10 -25.21 31.38 34.18
CA PRO B 10 -24.02 31.36 33.33
C PRO B 10 -23.15 32.62 33.57
N ILE B 11 -21.87 32.54 33.25
CA ILE B 11 -20.93 33.68 33.38
C ILE B 11 -21.26 34.75 32.40
N THR B 12 -21.90 34.37 31.31
CA THR B 12 -22.37 35.31 30.27
C THR B 12 -23.28 34.53 29.31
N GLY B 13 -24.19 35.23 28.64
CA GLY B 13 -25.08 34.63 27.66
C GLY B 13 -26.31 33.99 28.24
N TRP B 14 -26.92 33.09 27.46
CA TRP B 14 -28.23 32.54 27.66
C TRP B 14 -28.13 31.08 28.12
N MET B 15 -28.88 30.71 29.15
CA MET B 15 -29.00 29.33 29.63
C MET B 15 -30.45 28.94 29.74
N ASN B 16 -30.83 27.80 29.14
CA ASN B 16 -32.07 27.14 29.46
C ASN B 16 -31.85 25.74 30.09
N ASP B 17 -32.47 24.73 29.55
CA ASP B 17 -32.70 23.46 30.25
C ASP B 17 -31.46 22.86 30.94
N PRO B 18 -31.59 22.39 32.16
CA PRO B 18 -30.53 21.55 32.71
C PRO B 18 -30.41 20.22 31.93
N ASN B 19 -29.17 19.83 31.62
CA ASN B 19 -28.86 18.63 30.85
C ASN B 19 -27.82 17.75 31.55
N GLY B 20 -27.84 16.46 31.20
CA GLY B 20 -26.78 15.54 31.60
C GLY B 20 -26.51 15.50 33.11
N LEU B 21 -27.55 15.61 33.91
CA LEU B 21 -27.38 15.57 35.36
C LEU B 21 -26.87 14.20 35.79
N ILE B 22 -25.71 14.18 36.43
CA ILE B 22 -25.13 12.92 36.88
C ILE B 22 -24.20 13.09 38.08
N PHE B 23 -24.25 12.11 38.97
CA PHE B 23 -23.25 12.00 40.02
C PHE B 23 -22.21 10.99 39.52
N TRP B 24 -21.00 11.47 39.30
CA TRP B 24 -19.98 10.69 38.63
C TRP B 24 -18.64 10.97 39.27
N LYS B 25 -17.97 9.88 39.62
CA LYS B 25 -16.69 9.93 40.32
C LYS B 25 -16.66 10.98 41.45
N GLY B 26 -17.67 10.90 42.29
CA GLY B 26 -17.71 11.65 43.52
C GLY B 26 -18.18 13.09 43.37
N LYS B 27 -18.60 13.52 42.18
CA LYS B 27 -19.10 14.89 41.99
C LYS B 27 -20.40 14.95 41.21
N TYR B 28 -21.20 15.97 41.49
CA TYR B 28 -22.41 16.27 40.77
C TYR B 28 -22.08 17.15 39.58
N HIS B 29 -22.33 16.60 38.40
CA HIS B 29 -22.20 17.33 37.15
C HIS B 29 -23.58 17.80 36.66
N MET B 30 -23.59 19.04 36.20
CA MET B 30 -24.72 19.69 35.55
C MET B 30 -24.27 20.35 34.24
N PHE B 31 -24.92 19.96 33.16
CA PHE B 31 -24.75 20.59 31.89
C PHE B 31 -25.99 21.44 31.65
N TYR B 32 -25.97 22.23 30.58
CA TYR B 32 -27.09 23.10 30.30
C TYR B 32 -27.09 23.65 28.87
N GLN B 33 -28.30 23.85 28.34
CA GLN B 33 -28.50 24.48 27.05
C GLN B 33 -27.92 25.91 27.17
N TYR B 34 -26.99 26.23 26.29
CA TYR B 34 -26.18 27.39 26.43
C TYR B 34 -25.88 28.08 25.12
N ASN B 35 -26.09 29.40 25.10
CA ASN B 35 -25.58 30.28 24.04
C ASN B 35 -24.66 31.35 24.68
N PRO B 36 -23.34 31.18 24.59
CA PRO B 36 -22.42 32.19 25.11
C PRO B 36 -22.38 33.54 24.34
N ARG B 37 -22.99 33.61 23.16
CA ARG B 37 -22.82 34.73 22.25
C ARG B 37 -23.56 35.96 22.71
N LYS B 38 -24.70 35.77 23.39
CA LYS B 38 -25.64 36.83 23.73
C LYS B 38 -26.67 36.25 24.67
N PRO B 39 -27.35 37.09 25.44
CA PRO B 39 -28.40 36.61 26.33
C PRO B 39 -29.76 36.28 25.66
N GLU B 40 -29.72 35.51 24.57
CA GLU B 40 -30.91 35.03 23.86
C GLU B 40 -30.61 33.66 23.31
N TRP B 41 -31.66 32.88 23.11
CA TRP B 41 -31.53 31.52 22.62
C TRP B 41 -31.00 31.48 21.17
N GLY B 42 -30.11 30.51 20.89
CA GLY B 42 -29.57 30.30 19.57
C GLY B 42 -28.22 29.59 19.64
N ASN B 43 -27.88 28.93 18.55
CA ASN B 43 -26.57 28.31 18.38
C ASN B 43 -26.16 27.46 19.59
N ILE B 44 -27.04 26.51 19.93
CA ILE B 44 -27.00 25.91 21.27
C ILE B 44 -25.85 24.90 21.44
N CYS B 45 -25.14 25.11 22.56
CA CYS B 45 -24.07 24.32 23.13
C CYS B 45 -24.51 23.69 24.47
N TRP B 46 -23.73 22.75 24.97
CA TRP B 46 -23.85 22.32 26.36
C TRP B 46 -22.74 22.98 27.20
N GLY B 47 -23.16 23.84 28.11
CA GLY B 47 -22.33 24.35 29.17
C GLY B 47 -22.21 23.27 30.24
N HIS B 48 -21.29 23.49 31.18
CA HIS B 48 -20.85 22.45 32.11
C HIS B 48 -20.45 23.09 33.43
N ALA B 49 -21.01 22.57 34.51
CA ALA B 49 -20.65 23.00 35.85
C ALA B 49 -20.51 21.77 36.73
N VAL B 50 -19.82 21.92 37.86
CA VAL B 50 -19.61 20.80 38.79
C VAL B 50 -19.67 21.27 40.25
N SER B 51 -20.16 20.40 41.13
CA SER B 51 -20.11 20.67 42.57
C SER B 51 -19.88 19.39 43.34
N ASP B 52 -19.32 19.52 44.54
CA ASP B 52 -19.14 18.38 45.43
C ASP B 52 -20.41 18.08 46.22
N ASP B 53 -21.36 19.03 46.26
CA ASP B 53 -22.44 18.98 47.25
C ASP B 53 -23.78 19.53 46.77
N LEU B 54 -23.98 19.59 45.46
CA LEU B 54 -25.22 20.12 44.87
C LEU B 54 -25.46 21.60 45.16
N VAL B 55 -24.47 22.28 45.73
CA VAL B 55 -24.61 23.67 46.17
C VAL B 55 -23.50 24.59 45.67
N HIS B 56 -22.24 24.24 45.92
CA HIS B 56 -21.12 25.13 45.58
C HIS B 56 -20.59 24.88 44.17
N TRP B 57 -21.26 25.45 43.17
CA TRP B 57 -20.97 25.12 41.77
C TRP B 57 -19.69 25.80 41.29
N ARG B 58 -18.99 25.11 40.37
CA ARG B 58 -17.81 25.66 39.72
C ARG B 58 -18.03 25.52 38.24
N HIS B 59 -17.79 26.58 37.50
CA HIS B 59 -17.87 26.52 36.04
C HIS B 59 -16.69 25.76 35.48
N LEU B 60 -16.96 24.96 34.46
CA LEU B 60 -15.99 24.22 33.69
C LEU B 60 -16.10 24.62 32.23
N PRO B 61 -15.16 24.19 31.39
CA PRO B 61 -15.26 24.47 29.95
C PRO B 61 -16.56 23.97 29.30
N VAL B 62 -17.03 24.72 28.31
CA VAL B 62 -18.16 24.30 27.50
C VAL B 62 -17.83 22.89 26.94
N ALA B 63 -18.82 22.01 27.01
CA ALA B 63 -18.60 20.62 26.74
C ALA B 63 -18.92 20.20 25.31
N LEU B 64 -20.06 20.62 24.77
CA LEU B 64 -20.51 20.20 23.43
C LEU B 64 -20.88 21.40 22.59
N TYR B 65 -20.41 21.40 21.36
CA TYR B 65 -20.66 22.46 20.41
C TYR B 65 -21.36 21.87 19.17
N PRO B 66 -22.25 22.62 18.52
CA PRO B 66 -22.74 22.19 17.20
C PRO B 66 -21.61 22.33 16.14
N ASP B 67 -21.68 21.52 15.09
CA ASP B 67 -20.62 21.49 14.08
C ASP B 67 -20.64 22.74 13.21
N ASP B 68 -21.78 23.42 13.15
CA ASP B 68 -21.90 24.63 12.34
C ASP B 68 -23.03 25.54 12.83
N GLU B 69 -23.29 26.60 12.08
CA GLU B 69 -24.19 27.69 12.42
C GLU B 69 -25.68 27.31 12.30
N THR B 70 -25.98 26.26 11.55
CA THR B 70 -27.37 25.85 11.34
C THR B 70 -27.78 24.71 12.26
N HIS B 71 -26.93 24.26 13.16
CA HIS B 71 -27.32 23.17 14.07
C HIS B 71 -27.34 23.64 15.55
N GLY B 72 -27.80 22.73 16.38
CA GLY B 72 -27.93 22.98 17.81
C GLY B 72 -27.79 21.65 18.51
N VAL B 73 -27.09 21.65 19.65
CA VAL B 73 -26.97 20.46 20.49
C VAL B 73 -28.07 20.56 21.56
N PHE B 74 -29.21 19.94 21.29
CA PHE B 74 -30.39 20.10 22.10
C PHE B 74 -30.32 19.21 23.35
N SER B 75 -31.38 19.18 24.12
CA SER B 75 -31.36 18.59 25.47
C SER B 75 -31.15 17.09 25.47
N GLY B 76 -30.71 16.63 26.62
CA GLY B 76 -30.40 15.22 26.84
C GLY B 76 -29.93 14.92 28.24
N SER B 77 -29.42 13.71 28.42
CA SER B 77 -29.14 13.16 29.71
C SER B 77 -27.75 12.54 29.73
N ALA B 78 -27.36 12.06 30.90
CA ALA B 78 -26.08 11.47 31.13
C ALA B 78 -26.21 10.18 31.90
N VAL B 79 -25.28 9.29 31.60
CA VAL B 79 -25.31 7.95 32.11
C VAL B 79 -23.84 7.52 32.34
N GLU B 80 -23.62 6.53 33.19
CA GLU B 80 -22.29 5.95 33.41
C GLU B 80 -22.31 4.49 32.89
N LYS B 81 -21.31 4.16 32.07
CA LYS B 81 -21.16 2.83 31.49
C LYS B 81 -19.66 2.55 31.43
N ASP B 82 -19.26 1.41 31.98
CA ASP B 82 -17.88 1.02 32.02
C ASP B 82 -17.02 2.09 32.66
N GLY B 83 -17.53 2.72 33.72
CA GLY B 83 -16.79 3.76 34.41
C GLY B 83 -16.75 5.10 33.66
N LYS B 84 -17.17 5.14 32.40
CA LYS B 84 -17.10 6.38 31.60
C LYS B 84 -18.43 7.15 31.67
N MET B 85 -18.39 8.44 31.35
CA MET B 85 -19.60 9.26 31.27
C MET B 85 -20.05 9.32 29.78
N PHE B 86 -21.30 8.97 29.51
CA PHE B 86 -21.91 9.14 28.18
C PHE B 86 -22.99 10.19 28.24
N LEU B 87 -23.01 11.08 27.26
CA LEU B 87 -24.08 12.05 27.12
C LEU B 87 -24.92 11.62 25.90
N VAL B 88 -26.23 11.61 26.07
CA VAL B 88 -27.17 11.22 24.99
C VAL B 88 -28.03 12.45 24.78
N TYR B 89 -28.07 12.93 23.55
CA TYR B 89 -28.65 14.23 23.26
C TYR B 89 -29.31 14.27 21.89
N THR B 90 -30.21 15.20 21.73
CA THR B 90 -30.79 15.49 20.43
C THR B 90 -29.87 16.46 19.64
N TYR B 91 -29.53 16.08 18.42
CA TYR B 91 -28.83 16.98 17.51
C TYR B 91 -29.85 17.53 16.54
N TYR B 92 -29.88 18.86 16.41
CA TYR B 92 -30.89 19.55 15.65
C TYR B 92 -30.30 20.30 14.45
N ARG B 93 -30.99 20.18 13.31
CA ARG B 93 -30.68 20.92 12.10
C ARG B 93 -31.81 21.88 11.78
N ASP B 94 -31.45 23.13 11.51
CA ASP B 94 -32.39 24.15 11.08
C ASP B 94 -33.14 23.76 9.80
N PRO B 95 -34.39 24.20 9.69
CA PRO B 95 -35.15 24.06 8.45
C PRO B 95 -34.65 25.05 7.42
N THR B 96 -35.03 24.81 6.17
CA THR B 96 -34.94 25.82 5.14
C THR B 96 -36.34 25.89 4.53
N HIS B 97 -36.43 26.17 3.24
CA HIS B 97 -37.72 26.38 2.60
C HIS B 97 -38.36 25.08 2.12
N ASN B 98 -37.54 24.20 1.53
CA ASN B 98 -38.07 22.97 0.96
C ASN B 98 -37.92 21.80 1.91
N LYS B 99 -36.91 21.88 2.77
CA LYS B 99 -36.65 20.82 3.75
C LYS B 99 -36.86 21.36 5.17
N GLY B 100 -37.56 20.58 5.96
CA GLY B 100 -37.88 20.96 7.32
C GLY B 100 -36.74 20.65 8.26
N GLU B 101 -36.93 21.02 9.53
CA GLU B 101 -35.99 20.63 10.57
C GLU B 101 -35.85 19.10 10.67
N LYS B 102 -34.66 18.69 11.08
CA LYS B 102 -34.34 17.30 11.37
C LYS B 102 -33.82 17.23 12.81
N GLU B 103 -34.28 16.21 13.52
CA GLU B 103 -33.80 15.93 14.86
C GLU B 103 -33.39 14.47 14.93
N THR B 104 -32.16 14.21 15.38
CA THR B 104 -31.71 12.86 15.63
C THR B 104 -31.15 12.70 17.05
N GLN B 105 -31.05 11.45 17.52
CA GLN B 105 -30.48 11.17 18.85
C GLN B 105 -29.05 10.65 18.71
N CYS B 106 -28.13 11.26 19.45
CA CYS B 106 -26.69 11.02 19.34
C CYS B 106 -26.05 10.79 20.71
N VAL B 107 -24.85 10.24 20.67
CA VAL B 107 -24.09 9.88 21.85
C VAL B 107 -22.66 10.44 21.77
N VAL B 108 -22.18 10.86 22.92
CA VAL B 108 -20.81 11.30 23.11
C VAL B 108 -20.31 10.62 24.43
N MET B 109 -19.00 10.37 24.52
CA MET B 109 -18.38 9.72 25.67
C MET B 109 -17.19 10.53 26.25
N SER B 110 -16.93 10.37 27.55
CA SER B 110 -15.78 10.95 28.20
C SER B 110 -15.19 10.04 29.33
N GLU B 111 -13.88 9.94 29.37
CA GLU B 111 -13.18 9.20 30.42
C GLU B 111 -12.82 10.09 31.59
N ASN B 112 -12.75 11.40 31.33
CA ASN B 112 -12.30 12.34 32.33
C ASN B 112 -13.28 13.40 32.83
N GLY B 113 -14.45 13.49 32.18
CA GLY B 113 -15.49 14.45 32.56
C GLY B 113 -15.21 15.84 32.08
N LEU B 114 -14.19 15.98 31.23
CA LEU B 114 -13.77 17.27 30.71
C LEU B 114 -13.75 17.30 29.20
N ASP B 115 -13.24 16.29 28.53
CA ASP B 115 -13.35 16.28 27.06
C ASP B 115 -14.25 15.16 26.61
N PHE B 116 -15.01 15.44 25.56
CA PHE B 116 -16.04 14.55 25.04
C PHE B 116 -15.81 14.24 23.57
N VAL B 117 -15.95 12.98 23.22
CA VAL B 117 -15.77 12.51 21.86
C VAL B 117 -17.02 11.85 21.31
N LYS B 118 -17.26 12.04 20.01
CA LYS B 118 -18.46 11.53 19.34
C LYS B 118 -18.39 10.02 19.21
N TYR B 119 -19.55 9.40 19.26
CA TYR B 119 -19.69 8.01 18.87
C TYR B 119 -19.66 7.98 17.35
N ASP B 120 -18.79 7.16 16.78
CA ASP B 120 -18.58 7.10 15.34
C ASP B 120 -19.80 6.68 14.58
N GLY B 121 -20.70 5.95 15.24
CA GLY B 121 -21.93 5.52 14.62
C GLY B 121 -23.11 6.46 14.74
N ASN B 122 -22.89 7.68 15.20
CA ASN B 122 -23.98 8.68 15.29
C ASN B 122 -24.66 8.88 13.93
N PRO B 123 -25.96 9.15 13.88
CA PRO B 123 -26.85 9.14 15.04
C PRO B 123 -27.26 7.73 15.45
N VAL B 124 -27.51 7.57 16.73
CA VAL B 124 -27.91 6.35 17.38
C VAL B 124 -29.42 6.03 17.09
N ILE B 125 -30.24 7.07 16.92
CA ILE B 125 -31.60 6.98 16.40
C ILE B 125 -31.75 8.10 15.33
N SER B 126 -31.94 7.69 14.09
CA SER B 126 -31.85 8.59 12.95
C SER B 126 -33.18 9.17 12.56
N LYS B 127 -34.27 8.52 12.95
CA LYS B 127 -35.57 8.94 12.50
C LYS B 127 -36.68 8.57 13.48
N PRO B 128 -37.79 9.32 13.48
CA PRO B 128 -38.94 8.95 14.31
C PRO B 128 -39.59 7.62 13.91
N PRO B 129 -40.35 7.04 14.81
CA PRO B 129 -40.91 5.70 14.56
C PRO B 129 -42.10 5.71 13.60
N GLU B 130 -42.84 6.81 13.55
CA GLU B 130 -44.06 6.92 12.76
C GLU B 130 -44.08 8.26 12.03
N GLU B 131 -44.86 8.32 10.96
CA GLU B 131 -45.03 9.54 10.19
C GLU B 131 -45.83 10.56 11.00
N GLY B 132 -45.61 11.85 10.74
CA GLY B 132 -46.31 12.89 11.47
C GLY B 132 -45.83 13.11 12.90
N THR B 133 -44.63 12.62 13.23
CA THR B 133 -44.06 12.82 14.56
C THR B 133 -43.14 14.02 14.48
N HIS B 134 -43.38 15.01 15.30
CA HIS B 134 -42.39 16.05 15.51
C HIS B 134 -41.93 16.19 16.95
N ALA B 135 -41.20 17.27 17.24
CA ALA B 135 -40.69 17.52 18.57
C ALA B 135 -40.00 16.27 19.09
N PHE B 136 -39.27 15.60 18.23
CA PHE B 136 -38.65 14.30 18.52
C PHE B 136 -37.34 14.55 19.28
N ARG B 137 -37.43 14.75 20.60
CA ARG B 137 -36.25 15.24 21.32
C ARG B 137 -36.19 15.00 22.83
N ASP B 138 -34.97 15.19 23.34
CA ASP B 138 -34.67 15.17 24.77
C ASP B 138 -34.63 13.72 25.31
N PRO B 139 -33.67 12.91 24.89
CA PRO B 139 -33.57 11.52 25.39
C PRO B 139 -33.07 11.47 26.83
N LYS B 140 -33.91 10.94 27.70
CA LYS B 140 -33.55 10.70 29.08
C LYS B 140 -33.35 9.21 29.28
N VAL B 141 -32.11 8.84 29.59
CA VAL B 141 -31.72 7.44 29.63
C VAL B 141 -31.42 6.96 31.04
N ASN B 142 -32.02 5.85 31.42
CA ASN B 142 -31.64 5.24 32.69
C ASN B 142 -31.59 3.74 32.55
N ARG B 143 -31.33 3.08 33.67
CA ARG B 143 -31.15 1.64 33.73
C ARG B 143 -32.38 1.01 34.36
N SER B 144 -32.90 0.00 33.71
CA SER B 144 -33.98 -0.78 34.29
C SER B 144 -34.02 -2.19 33.72
N ASN B 145 -34.28 -3.14 34.58
CA ASN B 145 -34.36 -4.55 34.21
C ASN B 145 -33.15 -5.07 33.41
N GLY B 146 -31.94 -4.73 33.79
CA GLY B 146 -30.79 -5.18 33.04
C GLY B 146 -30.65 -4.64 31.61
N GLU B 147 -31.31 -3.52 31.33
CA GLU B 147 -31.20 -2.85 30.02
C GLU B 147 -31.18 -1.32 30.20
N TRP B 148 -30.80 -0.64 29.15
CA TRP B 148 -30.95 0.81 29.06
C TRP B 148 -32.30 1.11 28.46
N ARG B 149 -32.91 2.16 28.98
CA ARG B 149 -34.23 2.56 28.60
C ARG B 149 -34.20 4.08 28.41
N MET B 150 -34.72 4.53 27.26
CA MET B 150 -34.81 5.94 26.93
C MET B 150 -36.26 6.36 26.78
N VAL B 151 -36.61 7.48 27.44
CA VAL B 151 -37.84 8.20 27.09
C VAL B 151 -37.48 9.45 26.33
N LEU B 152 -38.32 9.76 25.33
CA LEU B 152 -38.13 10.87 24.43
C LEU B 152 -39.42 11.62 24.32
N GLY B 153 -39.31 12.93 24.23
CA GLY B 153 -40.43 13.79 23.97
C GLY B 153 -40.82 13.77 22.51
N SER B 154 -42.10 13.98 22.26
CA SER B 154 -42.63 13.99 20.91
C SER B 154 -44.05 14.58 20.86
N GLY B 155 -44.46 14.93 19.66
CA GLY B 155 -45.84 15.23 19.38
C GLY B 155 -46.23 14.49 18.12
N LYS B 156 -47.49 14.09 18.04
CA LYS B 156 -48.01 13.40 16.85
C LYS B 156 -49.12 14.23 16.17
N ASP B 157 -48.95 14.42 14.86
CA ASP B 157 -49.93 15.05 13.97
C ASP B 157 -50.31 16.48 14.37
N GLU B 158 -49.38 17.20 14.99
CA GLU B 158 -49.64 18.53 15.56
C GLU B 158 -50.95 18.53 16.39
N LYS B 159 -51.24 17.38 16.99
CA LYS B 159 -52.50 17.15 17.72
C LYS B 159 -52.27 16.73 19.19
N ILE B 160 -51.34 15.81 19.44
CA ILE B 160 -51.18 15.25 20.78
C ILE B 160 -49.72 14.96 21.16
N GLY B 161 -49.36 15.26 22.40
CA GLY B 161 -48.01 14.96 22.90
C GLY B 161 -47.92 13.52 23.34
N ARG B 162 -46.80 12.88 23.04
CA ARG B 162 -46.56 11.53 23.51
C ARG B 162 -45.12 11.38 24.00
N VAL B 163 -44.92 10.44 24.90
CA VAL B 163 -43.61 10.01 25.35
C VAL B 163 -43.30 8.66 24.75
N LEU B 164 -42.19 8.62 24.04
CA LEU B 164 -41.76 7.44 23.34
C LEU B 164 -40.71 6.69 24.18
N LEU B 165 -40.79 5.37 24.13
CA LEU B 165 -39.85 4.50 24.86
C LEU B 165 -39.01 3.70 23.86
N TYR B 166 -37.71 3.71 24.05
CA TYR B 166 -36.77 2.83 23.38
C TYR B 166 -35.94 2.07 24.42
N THR B 167 -35.45 0.88 24.03
CA THR B 167 -34.54 0.10 24.88
C THR B 167 -33.30 -0.26 24.12
N SER B 168 -32.24 -0.53 24.86
CA SER B 168 -30.97 -0.89 24.26
C SER B 168 -30.15 -1.70 25.24
N ASP B 169 -29.38 -2.64 24.68
CA ASP B 169 -28.43 -3.44 25.45
C ASP B 169 -27.04 -2.79 25.54
N ASP B 170 -26.77 -1.80 24.70
CA ASP B 170 -25.41 -1.25 24.60
C ASP B 170 -25.29 0.28 24.54
N LEU B 171 -26.43 0.99 24.48
CA LEU B 171 -26.50 2.46 24.34
C LEU B 171 -26.40 2.97 22.90
N PHE B 172 -26.10 2.08 21.94
CA PHE B 172 -25.86 2.47 20.56
C PHE B 172 -26.94 2.01 19.61
N HIS B 173 -27.46 0.79 19.82
CA HIS B 173 -28.55 0.25 19.00
C HIS B 173 -29.81 0.21 19.84
N TRP B 174 -30.84 0.87 19.33
CA TRP B 174 -32.10 1.06 20.02
C TRP B 174 -33.27 0.35 19.30
N LYS B 175 -34.20 -0.16 20.11
CA LYS B 175 -35.42 -0.82 19.70
C LYS B 175 -36.58 0.04 20.19
N TYR B 176 -37.46 0.39 19.25
CA TYR B 176 -38.65 1.10 19.57
C TYR B 176 -39.67 0.23 20.29
N GLU B 177 -40.16 0.70 21.44
CA GLU B 177 -41.11 -0.03 22.28
C GLU B 177 -42.47 0.62 22.37
N GLY B 178 -42.71 1.70 21.64
CA GLY B 178 -44.03 2.31 21.63
C GLY B 178 -44.14 3.59 22.45
N ALA B 179 -45.30 4.21 22.37
CA ALA B 179 -45.62 5.38 23.16
C ALA B 179 -46.18 4.91 24.50
N ILE B 180 -45.55 5.31 25.61
CA ILE B 180 -46.00 4.85 26.93
C ILE B 180 -47.04 5.76 27.53
N PHE B 181 -47.24 6.94 26.96
CA PHE B 181 -48.05 7.94 27.60
C PHE B 181 -48.37 9.03 26.59
N GLU B 182 -49.53 9.64 26.77
CA GLU B 182 -49.91 10.81 26.00
C GLU B 182 -50.71 11.78 26.85
N ASP B 183 -50.69 13.05 26.44
CA ASP B 183 -51.38 14.11 27.14
C ASP B 183 -52.13 14.94 26.10
N GLU B 184 -53.46 14.88 26.11
CA GLU B 184 -54.27 15.57 25.07
C GLU B 184 -54.35 17.09 25.26
N THR B 185 -53.88 17.58 26.39
CA THR B 185 -53.79 19.03 26.70
C THR B 185 -52.68 19.77 25.92
N THR B 186 -51.79 19.01 25.27
CA THR B 186 -50.69 19.60 24.47
C THR B 186 -50.54 19.00 23.10
N LYS B 187 -49.80 19.73 22.28
CA LYS B 187 -49.33 19.25 20.97
C LYS B 187 -48.04 18.42 21.08
N GLU B 188 -47.30 18.58 22.17
CA GLU B 188 -46.05 17.86 22.37
C GLU B 188 -45.60 17.86 23.84
N ILE B 189 -45.10 16.70 24.28
CA ILE B 189 -44.46 16.57 25.59
C ILE B 189 -42.95 16.79 25.41
N GLU B 190 -42.38 17.57 26.34
CA GLU B 190 -40.96 17.90 26.35
C GLU B 190 -40.34 17.31 27.60
N CYS B 191 -39.04 17.00 27.51
CA CYS B 191 -38.19 16.69 28.67
C CYS B 191 -38.75 15.61 29.61
N PRO B 192 -39.14 14.47 29.06
CA PRO B 192 -39.60 13.39 29.93
C PRO B 192 -38.44 12.79 30.76
N ASP B 193 -38.78 12.32 31.94
CA ASP B 193 -37.88 11.59 32.81
C ASP B 193 -38.69 10.52 33.53
N LEU B 194 -38.28 9.29 33.36
CA LEU B 194 -39.01 8.16 33.95
C LEU B 194 -38.18 7.58 35.08
N VAL B 195 -38.74 7.60 36.27
CA VAL B 195 -38.05 7.28 37.49
C VAL B 195 -38.92 6.28 38.29
N ARG B 196 -38.27 5.58 39.22
CA ARG B 196 -38.95 4.63 40.10
C ARG B 196 -38.66 5.01 41.55
N ILE B 197 -39.71 5.18 42.34
CA ILE B 197 -39.57 5.44 43.77
C ILE B 197 -40.44 4.45 44.52
N GLY B 198 -39.80 3.55 45.26
CA GLY B 198 -40.52 2.67 46.17
C GLY B 198 -41.72 2.01 45.52
N GLU B 199 -41.46 1.23 44.50
CA GLU B 199 -42.50 0.47 43.79
C GLU B 199 -43.43 1.26 42.84
N LYS B 200 -43.26 2.57 42.75
CA LYS B 200 -44.05 3.40 41.85
C LYS B 200 -43.22 3.90 40.66
N ASP B 201 -43.80 3.83 39.48
CA ASP B 201 -43.23 4.47 38.31
C ASP B 201 -43.77 5.87 38.20
N ILE B 202 -42.85 6.82 38.00
CA ILE B 202 -43.18 8.24 37.95
C ILE B 202 -42.55 8.86 36.71
N LEU B 203 -43.43 9.35 35.85
CA LEU B 203 -43.05 10.11 34.68
C LEU B 203 -43.15 11.59 34.98
N ILE B 204 -42.02 12.29 34.90
CA ILE B 204 -42.00 13.75 34.96
C ILE B 204 -41.87 14.27 33.54
N TYR B 205 -42.53 15.37 33.24
CA TYR B 205 -42.46 15.91 31.90
C TYR B 205 -42.90 17.35 31.87
N SER B 206 -42.55 18.02 30.81
CA SER B 206 -42.84 19.46 30.69
C SER B 206 -43.83 19.71 29.56
N ILE B 207 -44.65 20.72 29.77
CA ILE B 207 -45.58 21.23 28.76
C ILE B 207 -45.35 22.70 28.50
N THR B 208 -45.15 23.03 27.23
CA THR B 208 -44.73 24.36 26.78
C THR B 208 -45.75 25.52 26.99
N SER B 209 -46.96 25.25 26.54
CA SER B 209 -48.06 26.25 26.48
C SER B 209 -48.42 26.84 27.82
N THR B 210 -48.22 26.05 28.87
CA THR B 210 -48.48 26.51 30.23
C THR B 210 -47.20 26.64 31.04
N ASN B 211 -46.08 26.30 30.41
CA ASN B 211 -44.77 26.29 31.08
C ASN B 211 -44.78 25.59 32.44
N SER B 212 -45.28 24.37 32.43
CA SER B 212 -45.42 23.59 33.63
C SER B 212 -44.61 22.29 33.55
N VAL B 213 -44.18 21.84 34.72
CA VAL B 213 -43.61 20.50 34.88
C VAL B 213 -44.64 19.64 35.61
N LEU B 214 -45.04 18.57 34.93
CA LEU B 214 -46.06 17.67 35.42
C LEU B 214 -45.44 16.38 35.88
N PHE B 215 -46.15 15.66 36.72
CA PHE B 215 -45.83 14.24 36.93
C PHE B 215 -47.10 13.36 36.74
N SER B 216 -46.87 12.10 36.35
CA SER B 216 -47.89 11.05 36.36
C SER B 216 -47.28 9.84 37.05
N MET B 217 -47.89 9.42 38.14
CA MET B 217 -47.38 8.34 38.94
C MET B 217 -48.35 7.17 38.80
N GLY B 218 -47.78 5.97 38.73
CA GLY B 218 -48.52 4.71 38.69
C GLY B 218 -47.61 3.52 38.43
N GLU B 219 -48.00 2.71 37.44
CA GLU B 219 -47.28 1.50 37.10
C GLU B 219 -47.17 1.34 35.61
N LEU B 220 -45.94 1.08 35.16
CA LEU B 220 -45.65 0.81 33.77
C LEU B 220 -45.92 -0.68 33.53
N LYS B 221 -46.97 -1.01 32.77
CA LYS B 221 -47.33 -2.39 32.46
C LYS B 221 -47.71 -2.53 30.99
N GLU B 222 -47.12 -3.53 30.34
CA GLU B 222 -47.44 -3.87 28.96
C GLU B 222 -47.24 -2.69 28.03
N GLY B 223 -46.12 -1.99 28.22
CA GLY B 223 -45.76 -0.84 27.42
C GLY B 223 -46.61 0.42 27.57
N LYS B 224 -47.40 0.51 28.64
CA LYS B 224 -48.24 1.69 28.91
C LYS B 224 -48.16 2.09 30.37
N LEU B 225 -48.11 3.39 30.61
CA LEU B 225 -48.10 3.89 31.98
C LEU B 225 -49.55 4.04 32.41
N ASN B 226 -49.97 3.21 33.36
CA ASN B 226 -51.29 3.33 33.96
C ASN B 226 -51.20 4.35 35.10
N VAL B 227 -51.87 5.49 34.89
CA VAL B 227 -51.71 6.65 35.77
C VAL B 227 -52.73 6.68 36.85
N GLU B 228 -52.24 6.58 38.09
CA GLU B 228 -53.05 6.77 39.28
C GLU B 228 -53.17 8.23 39.64
N LYS B 229 -52.02 8.86 39.83
CA LYS B 229 -52.00 10.23 40.31
C LYS B 229 -51.26 11.09 39.30
N ARG B 230 -51.83 12.26 39.05
CA ARG B 230 -51.24 13.23 38.12
C ARG B 230 -51.24 14.60 38.81
N GLY B 231 -50.17 15.37 38.68
CA GLY B 231 -50.09 16.64 39.36
C GLY B 231 -48.95 17.49 38.84
N LEU B 232 -48.73 18.60 39.50
CA LEU B 232 -47.65 19.52 39.15
C LEU B 232 -46.46 19.25 40.09
N LEU B 233 -45.23 19.31 39.57
CA LEU B 233 -44.04 19.20 40.40
C LEU B 233 -43.71 20.52 41.10
N ASP B 234 -44.19 21.61 40.54
CA ASP B 234 -44.02 22.95 41.09
C ASP B 234 -45.24 23.77 40.69
N HIS B 235 -45.69 24.61 41.61
CA HIS B 235 -46.90 25.34 41.48
C HIS B 235 -46.70 26.84 41.22
N GLY B 236 -45.46 27.27 41.06
CA GLY B 236 -45.15 28.65 40.77
C GLY B 236 -45.09 28.94 39.30
N THR B 237 -44.64 30.14 38.98
CA THR B 237 -44.58 30.61 37.62
C THR B 237 -43.35 30.21 36.82
N ASP B 238 -42.26 29.80 37.48
CA ASP B 238 -40.98 29.68 36.81
C ASP B 238 -40.24 28.41 37.20
N PHE B 239 -40.69 27.29 36.67
CA PHE B 239 -40.07 26.01 36.91
C PHE B 239 -40.38 25.14 35.70
N TYR B 240 -39.35 24.79 34.93
CA TYR B 240 -39.61 24.18 33.62
C TYR B 240 -38.45 23.27 33.25
N ALA B 241 -38.73 22.23 32.46
CA ALA B 241 -37.66 21.38 31.91
C ALA B 241 -36.87 20.69 33.02
N ALA B 242 -37.57 20.27 34.05
CA ALA B 242 -36.96 19.53 35.13
C ALA B 242 -36.27 18.25 34.61
N GLN B 243 -35.10 17.97 35.15
CA GLN B 243 -34.42 16.71 34.93
C GLN B 243 -33.96 16.19 36.28
N THR B 244 -33.81 14.89 36.34
CA THR B 244 -33.36 14.16 37.51
C THR B 244 -31.89 13.61 37.32
N PHE B 245 -31.11 13.52 38.40
CA PHE B 245 -29.72 13.04 38.37
C PHE B 245 -29.67 11.54 38.14
N PHE B 246 -28.83 11.12 37.21
CA PHE B 246 -28.43 9.71 37.10
C PHE B 246 -27.41 9.40 38.22
N GLY B 247 -27.55 8.24 38.87
CA GLY B 247 -26.51 7.71 39.74
C GLY B 247 -26.53 8.13 41.20
N THR B 248 -27.61 8.74 41.66
CA THR B 248 -27.74 9.05 43.08
C THR B 248 -28.71 8.05 43.72
N ASP B 249 -28.66 7.94 45.03
CA ASP B 249 -29.61 7.12 45.76
C ASP B 249 -30.93 7.81 45.86
N ARG B 250 -30.93 9.11 46.15
CA ARG B 250 -32.16 9.90 46.18
C ARG B 250 -32.56 10.23 44.76
N VAL B 251 -33.83 10.59 44.55
CA VAL B 251 -34.25 11.25 43.32
C VAL B 251 -34.12 12.74 43.54
N VAL B 252 -33.20 13.35 42.78
CA VAL B 252 -32.83 14.75 42.91
C VAL B 252 -33.18 15.42 41.56
N VAL B 253 -34.02 16.45 41.63
CA VAL B 253 -34.45 17.21 40.46
C VAL B 253 -33.95 18.63 40.49
N ILE B 254 -33.56 19.10 39.32
CA ILE B 254 -33.29 20.51 39.08
C ILE B 254 -34.09 20.94 37.87
N GLY B 255 -34.66 22.14 37.92
CA GLY B 255 -35.38 22.71 36.81
C GLY B 255 -34.80 24.04 36.42
N TRP B 256 -35.18 24.50 35.24
CA TRP B 256 -34.89 25.84 34.82
C TRP B 256 -35.84 26.75 35.55
N LEU B 257 -35.29 27.75 36.22
CA LEU B 257 -36.04 28.66 37.03
C LEU B 257 -36.35 29.92 36.17
N GLN B 258 -37.21 29.70 35.18
CA GLN B 258 -37.62 30.71 34.23
C GLN B 258 -38.81 30.18 33.45
N SER B 259 -39.50 31.06 32.73
CA SER B 259 -40.62 30.66 31.89
C SER B 259 -40.41 31.22 30.52
N TRP B 260 -40.61 30.40 29.48
CA TRP B 260 -40.61 30.92 28.11
C TRP B 260 -41.67 31.99 27.92
N LEU B 261 -42.84 31.76 28.52
CA LEU B 261 -43.95 32.70 28.48
C LEU B 261 -43.59 34.09 29.01
N ARG B 262 -42.77 34.14 30.05
CA ARG B 262 -42.46 35.39 30.76
C ARG B 262 -41.09 35.93 30.47
N THR B 263 -40.32 35.27 29.59
CA THR B 263 -38.90 35.61 29.45
C THR B 263 -38.72 37.04 29.01
N GLY B 264 -39.53 37.49 28.05
CA GLY B 264 -39.51 38.88 27.59
C GLY B 264 -39.65 39.93 28.68
N LEU B 265 -40.25 39.56 29.81
CA LEU B 265 -40.44 40.46 30.95
C LEU B 265 -39.20 40.64 31.82
N TYR B 266 -38.21 39.74 31.71
CA TYR B 266 -37.10 39.74 32.67
C TYR B 266 -35.91 40.64 32.26
N PRO B 267 -35.42 41.44 33.20
CA PRO B 267 -34.39 42.44 32.90
C PRO B 267 -32.92 41.99 32.99
N THR B 268 -32.60 40.69 33.08
CA THR B 268 -31.18 40.32 33.25
C THR B 268 -30.36 40.48 31.98
N LYS B 269 -31.02 40.47 30.81
CA LYS B 269 -30.35 40.62 29.49
C LYS B 269 -29.36 41.77 29.47
N ARG B 270 -29.77 42.88 30.07
CA ARG B 270 -28.94 44.09 30.16
C ARG B 270 -27.66 43.89 30.94
N GLU B 271 -27.63 42.92 31.84
CA GLU B 271 -26.40 42.56 32.57
C GLU B 271 -25.55 41.57 31.77
N GLY B 272 -26.07 41.08 30.65
CA GLY B 272 -25.33 40.25 29.73
C GLY B 272 -25.56 38.74 29.82
N TRP B 273 -26.53 38.33 30.64
CA TRP B 273 -26.83 36.93 30.86
C TRP B 273 -28.35 36.69 31.01
N ASN B 274 -28.77 35.43 30.88
CA ASN B 274 -30.19 35.08 31.00
C ASN B 274 -30.24 33.63 31.44
N GLY B 275 -31.10 33.31 32.40
CA GLY B 275 -31.39 31.96 32.86
C GLY B 275 -30.78 31.66 34.22
N VAL B 276 -31.53 30.94 35.03
CA VAL B 276 -31.12 30.55 36.38
C VAL B 276 -31.62 29.14 36.57
N MET B 277 -30.86 28.32 37.30
CA MET B 277 -31.35 27.00 37.73
C MET B 277 -31.98 27.04 39.11
N SER B 278 -32.98 26.19 39.31
CA SER B 278 -33.64 26.08 40.58
C SER B 278 -32.69 25.48 41.58
N LEU B 279 -32.99 25.70 42.83
CA LEU B 279 -32.37 24.92 43.88
C LEU B 279 -32.72 23.43 43.64
N PRO B 280 -31.87 22.49 44.05
CA PRO B 280 -32.24 21.07 43.93
C PRO B 280 -33.28 20.62 44.97
N ARG B 281 -34.20 19.76 44.52
CA ARG B 281 -35.22 19.27 45.36
C ARG B 281 -35.08 17.76 45.39
N GLU B 282 -35.44 17.16 46.51
CA GLU B 282 -35.57 15.71 46.58
C GLU B 282 -37.02 15.33 46.36
N LEU B 283 -37.25 14.27 45.56
CA LEU B 283 -38.56 13.70 45.31
C LEU B 283 -38.72 12.42 46.07
N TYR B 284 -39.84 12.26 46.78
CA TYR B 284 -40.03 11.08 47.56
C TYR B 284 -41.51 10.78 47.67
N VAL B 285 -41.80 9.54 48.08
CA VAL B 285 -43.17 9.07 48.18
C VAL B 285 -43.46 8.73 49.63
N GLU B 286 -44.54 9.30 50.15
CA GLU B 286 -45.00 9.04 51.51
C GLU B 286 -46.54 9.04 51.45
N ASN B 287 -47.14 8.01 52.05
CA ASN B 287 -48.60 7.85 52.06
C ASN B 287 -49.19 7.89 50.67
N ASN B 288 -48.53 7.17 49.76
CA ASN B 288 -48.94 7.07 48.38
C ASN B 288 -49.04 8.42 47.63
N GLU B 289 -48.23 9.37 48.09
CA GLU B 289 -48.17 10.70 47.49
C GLU B 289 -46.75 11.08 47.13
N LEU B 290 -46.59 11.62 45.92
CA LEU B 290 -45.31 12.19 45.48
C LEU B 290 -45.10 13.55 46.18
N LYS B 291 -43.98 13.67 46.87
CA LYS B 291 -43.66 14.88 47.61
C LYS B 291 -42.32 15.46 47.15
N VAL B 292 -42.20 16.77 47.34
CA VAL B 292 -41.07 17.59 46.93
C VAL B 292 -40.55 18.38 48.16
N LYS B 293 -39.26 18.23 48.46
CA LYS B 293 -38.58 19.03 49.50
C LYS B 293 -37.20 19.52 49.05
N PRO B 294 -36.67 20.58 49.69
CA PRO B 294 -35.30 21.00 49.33
C PRO B 294 -34.33 19.94 49.78
N VAL B 295 -33.29 19.77 48.98
CA VAL B 295 -32.18 18.87 49.27
C VAL B 295 -31.52 19.32 50.62
N ASP B 296 -31.05 18.35 51.43
CA ASP B 296 -30.46 18.62 52.73
C ASP B 296 -29.19 19.44 52.64
N GLU B 297 -28.46 19.31 51.55
CA GLU B 297 -27.19 20.03 51.43
C GLU B 297 -27.36 21.54 51.51
N LEU B 298 -28.56 22.03 51.18
CA LEU B 298 -28.82 23.45 51.18
C LEU B 298 -28.61 24.11 52.57
N LEU B 299 -28.63 23.33 53.65
CA LEU B 299 -28.38 23.87 54.98
C LEU B 299 -26.98 24.49 55.15
N ALA B 300 -26.01 24.03 54.34
CA ALA B 300 -24.68 24.59 54.35
C ALA B 300 -24.64 26.07 53.91
N LEU B 301 -25.67 26.54 53.20
CA LEU B 301 -25.72 27.98 52.83
C LEU B 301 -25.98 28.91 54.02
N ARG B 302 -26.50 28.39 55.14
CA ARG B 302 -26.83 29.26 56.28
C ARG B 302 -25.55 29.82 56.94
N LYS B 303 -25.49 31.13 57.03
CA LYS B 303 -24.29 31.83 57.42
C LYS B 303 -24.47 32.30 58.85
N ARG B 304 -25.63 32.89 59.11
CA ARG B 304 -25.90 33.49 60.40
C ARG B 304 -27.42 33.60 60.59
N LYS B 305 -27.89 33.37 61.82
CA LYS B 305 -29.27 33.67 62.17
C LYS B 305 -29.35 35.17 62.45
N VAL B 306 -30.12 35.89 61.63
CA VAL B 306 -30.21 37.35 61.75
C VAL B 306 -31.52 37.84 62.41
N PHE B 307 -32.50 36.98 62.47
CA PHE B 307 -33.79 37.33 63.08
C PHE B 307 -34.51 36.12 63.59
N GLU B 308 -35.27 36.31 64.67
CA GLU B 308 -36.23 35.32 65.13
C GLU B 308 -37.38 35.98 65.89
N THR B 309 -38.55 35.33 65.82
CA THR B 309 -39.72 35.79 66.56
C THR B 309 -40.64 34.62 66.87
N ALA B 310 -41.27 34.69 68.05
CA ALA B 310 -42.34 33.75 68.43
C ALA B 310 -43.69 34.47 68.44
N LYS B 311 -43.73 35.64 67.82
CA LYS B 311 -44.91 36.50 67.83
C LYS B 311 -45.20 37.09 66.47
N SER B 312 -46.48 37.36 66.21
CA SER B 312 -46.87 38.15 65.06
C SER B 312 -46.38 39.59 65.13
N GLY B 313 -46.18 40.20 63.96
CA GLY B 313 -45.74 41.58 63.89
C GLY B 313 -45.11 41.99 62.56
N THR B 314 -44.65 43.25 62.52
CA THR B 314 -43.92 43.81 61.40
C THR B 314 -42.52 44.22 61.87
N PHE B 315 -41.50 43.76 61.16
CA PHE B 315 -40.14 43.83 61.66
C PHE B 315 -39.16 44.28 60.60
N LEU B 316 -38.20 45.10 61.00
CA LEU B 316 -37.03 45.40 60.18
C LEU B 316 -36.00 44.26 60.29
N LEU B 317 -35.54 43.77 59.15
CA LEU B 317 -34.49 42.75 59.08
C LEU B 317 -33.15 43.42 58.83
N ASP B 318 -32.14 42.97 59.56
CA ASP B 318 -30.77 43.43 59.41
C ASP B 318 -30.07 42.66 58.30
N VAL B 319 -30.48 42.89 57.07
CA VAL B 319 -29.90 42.24 55.90
C VAL B 319 -29.57 43.30 54.85
N LYS B 320 -28.45 43.11 54.16
CA LYS B 320 -27.96 44.07 53.18
C LYS B 320 -28.20 43.54 51.76
N GLU B 321 -28.63 42.28 51.62
CA GLU B 321 -29.03 41.75 50.30
C GLU B 321 -30.17 40.74 50.30
N ASN B 322 -30.73 40.54 49.12
CA ASN B 322 -31.77 39.54 48.98
C ASN B 322 -31.08 38.20 48.82
N SER B 323 -30.77 37.62 49.98
CA SER B 323 -30.02 36.39 50.07
C SER B 323 -30.22 35.86 51.46
N TYR B 324 -31.41 35.31 51.67
CA TYR B 324 -31.77 34.78 52.99
C TYR B 324 -32.88 33.72 52.93
N GLU B 325 -32.98 32.94 54.02
CA GLU B 325 -33.96 31.89 54.18
C GLU B 325 -34.85 32.17 55.40
N ILE B 326 -36.15 32.24 55.17
CA ILE B 326 -37.13 32.30 56.23
C ILE B 326 -37.56 30.87 56.50
N VAL B 327 -37.53 30.50 57.77
CA VAL B 327 -38.02 29.23 58.25
C VAL B 327 -39.12 29.55 59.27
N CYS B 328 -40.34 29.10 58.97
CA CYS B 328 -41.52 29.49 59.71
C CYS B 328 -42.40 28.27 60.00
N GLU B 329 -42.62 28.01 61.29
CA GLU B 329 -43.55 27.00 61.76
C GLU B 329 -44.79 27.68 62.33
N PHE B 330 -45.98 27.14 62.05
CA PHE B 330 -47.20 27.77 62.51
C PHE B 330 -48.35 26.80 62.55
N SER B 331 -49.38 27.17 63.31
CA SER B 331 -50.63 26.39 63.28
C SER B 331 -51.72 27.19 62.59
N GLY B 332 -52.61 26.50 61.89
CA GLY B 332 -53.76 27.13 61.29
C GLY B 332 -53.39 27.96 60.07
N GLU B 333 -53.90 29.19 60.07
CA GLU B 333 -53.73 30.11 58.96
C GLU B 333 -52.51 30.99 59.14
N ILE B 334 -52.02 31.56 58.04
CA ILE B 334 -50.95 32.54 58.13
C ILE B 334 -50.98 33.49 56.95
N GLU B 335 -50.46 34.69 57.22
CA GLU B 335 -50.06 35.60 56.19
C GLU B 335 -48.62 36.06 56.50
N LEU B 336 -47.74 35.83 55.53
CA LEU B 336 -46.35 36.26 55.58
C LEU B 336 -46.11 37.19 54.41
N ARG B 337 -45.56 38.38 54.71
CA ARG B 337 -45.15 39.32 53.69
C ARG B 337 -43.66 39.61 53.86
N MET B 338 -42.95 39.63 52.73
CA MET B 338 -41.56 40.01 52.69
C MET B 338 -41.42 41.12 51.63
N GLY B 339 -40.68 42.17 51.98
CA GLY B 339 -40.62 43.28 51.05
C GLY B 339 -39.89 44.48 51.57
N ASN B 340 -40.22 45.62 50.98
CA ASN B 340 -39.68 46.90 51.39
C ASN B 340 -40.80 47.93 51.26
N GLU B 341 -40.48 49.22 51.19
CA GLU B 341 -41.52 50.24 51.13
C GLU B 341 -42.31 50.23 49.82
N SER B 342 -41.73 49.70 48.75
CA SER B 342 -42.36 49.70 47.41
C SER B 342 -42.76 48.33 46.84
N GLU B 343 -42.16 47.25 47.34
CA GLU B 343 -42.22 45.95 46.69
C GLU B 343 -42.51 44.91 47.75
N GLU B 344 -43.15 43.85 47.31
CA GLU B 344 -43.42 42.73 48.19
C GLU B 344 -43.83 41.48 47.47
N VAL B 345 -43.66 40.37 48.20
CA VAL B 345 -44.23 39.08 47.86
C VAL B 345 -45.00 38.62 49.09
N VAL B 346 -46.16 37.99 48.87
CA VAL B 346 -47.05 37.61 49.96
C VAL B 346 -47.39 36.14 49.84
N ILE B 347 -47.30 35.41 50.95
CA ILE B 347 -47.78 34.03 51.01
C ILE B 347 -48.81 33.89 52.12
N THR B 348 -49.95 33.30 51.76
CA THR B 348 -51.08 33.13 52.66
C THR B 348 -51.54 31.68 52.68
N LYS B 349 -51.74 31.13 53.87
CA LYS B 349 -52.48 29.88 54.01
C LYS B 349 -53.84 30.25 54.57
N SER B 350 -54.87 30.10 53.74
CA SER B 350 -56.25 30.47 54.09
C SER B 350 -57.15 29.27 53.87
N ARG B 351 -57.72 28.81 54.98
CA ARG B 351 -58.46 27.56 55.13
C ARG B 351 -57.75 26.39 54.46
N ASP B 352 -58.11 26.15 53.21
CA ASP B 352 -57.74 24.95 52.50
C ASP B 352 -56.62 25.21 51.51
N GLU B 353 -56.19 26.47 51.39
CA GLU B 353 -55.40 26.91 50.25
C GLU B 353 -54.11 27.62 50.64
N LEU B 354 -53.05 27.34 49.90
CA LEU B 354 -51.81 28.10 49.97
C LEU B 354 -51.78 28.99 48.75
N ILE B 355 -51.64 30.28 48.99
CA ILE B 355 -51.56 31.20 47.92
C ILE B 355 -50.31 32.12 47.94
N VAL B 356 -49.64 32.23 46.80
CA VAL B 356 -48.51 33.13 46.64
C VAL B 356 -48.82 34.19 45.62
N ASP B 357 -48.51 35.43 45.98
CA ASP B 357 -48.73 36.60 45.15
C ASP B 357 -47.41 37.37 44.96
N THR B 358 -46.88 37.35 43.73
CA THR B 358 -45.69 38.12 43.36
C THR B 358 -45.97 39.31 42.45
N THR B 359 -47.23 39.69 42.33
CA THR B 359 -47.62 40.78 41.43
C THR B 359 -46.97 42.10 41.73
N ARG B 360 -46.62 42.35 43.00
CA ARG B 360 -45.97 43.60 43.45
C ARG B 360 -44.47 43.40 43.80
N SER B 361 -43.84 42.38 43.24
CA SER B 361 -42.49 41.97 43.65
C SER B 361 -41.34 42.84 43.19
N GLY B 362 -41.53 43.48 42.05
CA GLY B 362 -40.48 44.26 41.45
C GLY B 362 -40.83 44.56 40.01
N VAL B 363 -39.78 44.84 39.27
CA VAL B 363 -39.86 45.48 37.97
C VAL B 363 -40.50 44.59 36.88
N SER B 364 -40.46 43.27 37.07
CA SER B 364 -41.13 42.36 36.15
C SER B 364 -42.49 41.94 36.63
N GLY B 365 -43.00 42.56 37.69
CA GLY B 365 -44.31 42.17 38.19
C GLY B 365 -44.34 40.73 38.64
N GLY B 366 -45.49 40.11 38.47
CA GLY B 366 -45.65 38.70 38.80
C GLY B 366 -47.08 38.21 38.63
N GLU B 367 -47.44 37.21 39.43
CA GLU B 367 -48.70 36.52 39.31
C GLU B 367 -49.19 36.02 40.68
N VAL B 368 -50.45 35.56 40.69
CA VAL B 368 -51.01 34.86 41.84
C VAL B 368 -51.15 33.40 41.47
N ARG B 369 -50.59 32.54 42.32
CA ARG B 369 -50.78 31.11 42.18
C ARG B 369 -51.28 30.49 43.46
N LYS B 370 -52.05 29.42 43.30
CA LYS B 370 -52.71 28.78 44.42
C LYS B 370 -52.74 27.26 44.29
N SER B 371 -52.72 26.60 45.44
CA SER B 371 -52.97 25.17 45.49
C SER B 371 -53.71 24.80 46.75
N THR B 372 -54.58 23.82 46.62
CA THR B 372 -55.21 23.24 47.78
C THR B 372 -54.16 22.42 48.50
N VAL B 373 -54.23 22.42 49.81
CA VAL B 373 -53.20 21.80 50.60
C VAL B 373 -53.86 21.08 51.78
N GLU B 374 -53.16 20.08 52.30
CA GLU B 374 -53.55 19.35 53.50
C GLU B 374 -53.00 20.03 54.76
N ASP B 375 -53.89 20.30 55.72
CA ASP B 375 -53.51 20.85 57.01
C ASP B 375 -52.74 19.84 57.85
N GLU B 376 -51.67 20.29 58.48
CA GLU B 376 -50.94 19.53 59.47
C GLU B 376 -51.08 20.24 60.83
N ALA B 377 -50.82 19.51 61.91
CA ALA B 377 -50.89 20.07 63.27
C ALA B 377 -49.99 21.31 63.37
N THR B 378 -48.71 21.14 63.03
CA THR B 378 -47.80 22.25 62.79
C THR B 378 -47.43 22.30 61.31
N ASN B 379 -47.76 23.41 60.66
CA ASN B 379 -47.36 23.68 59.29
C ASN B 379 -46.00 24.35 59.25
N ARG B 380 -45.30 24.19 58.13
CA ARG B 380 -43.95 24.75 57.96
C ARG B 380 -43.78 25.34 56.57
N ILE B 381 -43.27 26.57 56.52
CA ILE B 381 -42.84 27.20 55.30
C ILE B 381 -41.33 27.49 55.40
N ARG B 382 -40.60 27.14 54.33
CA ARG B 382 -39.23 27.62 54.09
C ARG B 382 -39.24 28.39 52.78
N ALA B 383 -38.75 29.60 52.82
CA ALA B 383 -38.66 30.49 51.66
C ALA B 383 -37.20 30.83 51.43
N PHE B 384 -36.74 30.59 50.21
CA PHE B 384 -35.37 30.97 49.82
C PHE B 384 -35.50 32.19 48.91
N LEU B 385 -35.02 33.32 49.37
CA LEU B 385 -34.93 34.53 48.55
C LEU B 385 -33.51 34.77 48.09
N ASP B 386 -33.35 34.98 46.80
CA ASP B 386 -32.09 35.31 46.18
C ASP B 386 -32.38 36.54 45.28
N SER B 387 -31.37 36.99 44.56
CA SER B 387 -31.40 38.28 43.86
C SER B 387 -32.55 38.47 42.85
N CYS B 388 -32.97 37.39 42.21
CA CYS B 388 -34.05 37.45 41.24
C CYS B 388 -35.00 36.27 41.28
N SER B 389 -35.24 35.76 42.49
CA SER B 389 -36.06 34.59 42.67
C SER B 389 -36.53 34.40 44.10
N VAL B 390 -37.67 33.73 44.24
CA VAL B 390 -38.11 33.24 45.52
C VAL B 390 -38.73 31.87 45.27
N GLU B 391 -38.34 30.92 46.13
CA GLU B 391 -38.79 29.52 46.11
C GLU B 391 -39.40 29.21 47.45
N PHE B 392 -40.68 28.84 47.47
CA PHE B 392 -41.38 28.45 48.68
C PHE B 392 -41.62 26.94 48.74
N PHE B 393 -41.38 26.37 49.92
CA PHE B 393 -41.56 24.95 50.22
C PHE B 393 -42.50 24.82 51.42
N PHE B 394 -43.57 24.03 51.27
CA PHE B 394 -44.59 23.86 52.28
C PHE B 394 -44.69 22.41 52.73
N ASN B 395 -44.55 22.21 54.04
CA ASN B 395 -44.69 20.92 54.71
C ASN B 395 -43.85 19.80 54.07
N ASP B 396 -42.66 20.15 53.57
CA ASP B 396 -41.77 19.25 52.83
C ASP B 396 -42.54 18.45 51.81
N SER B 397 -43.50 19.09 51.16
CA SER B 397 -44.40 18.35 50.29
C SER B 397 -44.62 19.04 48.94
N ILE B 398 -44.74 20.37 48.93
CA ILE B 398 -45.08 21.14 47.73
C ILE B 398 -44.14 22.36 47.60
N ALA B 399 -43.95 22.79 46.36
CA ALA B 399 -43.00 23.84 46.05
C ALA B 399 -43.66 24.84 45.11
N PHE B 400 -43.37 26.12 45.30
CA PHE B 400 -43.76 27.20 44.37
C PHE B 400 -42.55 28.00 44.08
N SER B 401 -42.17 28.09 42.81
CA SER B 401 -40.99 28.84 42.38
C SER B 401 -41.35 30.00 41.48
N PHE B 402 -40.77 31.16 41.76
CA PHE B 402 -41.04 32.37 41.00
C PHE B 402 -39.77 33.20 40.70
N ARG B 403 -39.73 33.81 39.55
CA ARG B 403 -38.76 34.83 39.26
C ARG B 403 -39.33 36.19 39.61
N ILE B 404 -38.55 36.98 40.32
CA ILE B 404 -38.89 38.30 40.77
C ILE B 404 -37.69 39.21 40.53
N HIS B 405 -37.95 40.50 40.28
CA HIS B 405 -36.84 41.40 39.97
C HIS B 405 -36.99 42.70 40.77
N PRO B 406 -36.82 42.57 42.08
CA PRO B 406 -36.89 43.73 42.97
C PRO B 406 -35.77 44.74 42.73
N GLU B 407 -36.13 46.02 42.85
CA GLU B 407 -35.10 47.04 42.78
C GLU B 407 -34.32 47.17 44.06
N ASN B 408 -34.90 46.77 45.17
CA ASN B 408 -34.29 47.00 46.49
C ASN B 408 -34.38 45.77 47.37
N VAL B 409 -33.60 45.79 48.44
CA VAL B 409 -33.56 44.68 49.40
C VAL B 409 -34.88 44.56 50.14
N TYR B 410 -35.35 43.31 50.35
CA TYR B 410 -36.54 43.05 51.11
C TYR B 410 -36.15 42.98 52.58
N ASN B 411 -36.08 44.14 53.23
CA ASN B 411 -35.68 44.21 54.65
C ASN B 411 -36.83 44.41 55.66
N ILE B 412 -38.06 44.19 55.20
CA ILE B 412 -39.22 44.22 56.06
C ILE B 412 -39.98 42.90 55.96
N LEU B 413 -40.31 42.36 57.12
CA LEU B 413 -41.06 41.13 57.20
C LEU B 413 -42.26 41.32 58.15
N SER B 414 -43.46 40.94 57.70
CA SER B 414 -44.61 40.87 58.59
C SER B 414 -45.18 39.46 58.60
N VAL B 415 -45.53 39.01 59.81
CA VAL B 415 -46.14 37.71 60.04
C VAL B 415 -47.43 37.89 60.81
N LYS B 416 -48.41 37.07 60.45
CA LYS B 416 -49.67 37.09 61.16
C LYS B 416 -50.17 35.65 61.26
N SER B 417 -50.10 35.09 62.48
CA SER B 417 -50.64 33.78 62.80
C SER B 417 -50.61 33.56 64.31
N ASN B 418 -51.32 32.52 64.76
CA ASN B 418 -51.07 31.94 66.07
C ASN B 418 -49.91 30.93 66.06
N GLN B 419 -49.41 30.60 67.24
CA GLN B 419 -48.33 29.65 67.42
C GLN B 419 -47.23 29.76 66.33
N VAL B 420 -46.86 31.00 65.97
CA VAL B 420 -45.76 31.21 65.03
C VAL B 420 -44.43 31.08 65.74
N LYS B 421 -43.50 30.42 65.07
CA LYS B 421 -42.07 30.51 65.36
C LYS B 421 -41.44 30.74 63.98
N LEU B 422 -40.69 31.83 63.84
CA LEU B 422 -40.09 32.18 62.56
C LEU B 422 -38.64 32.60 62.81
N GLU B 423 -37.74 32.16 61.93
CA GLU B 423 -36.36 32.62 61.94
C GLU B 423 -35.89 32.93 60.51
N VAL B 424 -34.88 33.79 60.40
CA VAL B 424 -34.28 34.17 59.11
C VAL B 424 -32.78 33.92 59.20
N PHE B 425 -32.26 33.20 58.20
CA PHE B 425 -30.81 32.94 58.07
C PHE B 425 -30.32 33.68 56.86
N GLU B 426 -29.25 34.46 57.01
CA GLU B 426 -28.47 34.92 55.87
C GLU B 426 -27.91 33.74 55.13
N LEU B 427 -27.95 33.79 53.81
CA LEU B 427 -27.39 32.74 52.98
C LEU B 427 -26.13 33.26 52.28
N GLU B 428 -25.13 32.38 52.26
CA GLU B 428 -23.85 32.58 51.61
C GLU B 428 -23.96 32.87 50.10
N ASN B 429 -23.05 33.73 49.61
CA ASN B 429 -22.77 33.86 48.21
C ASN B 429 -21.80 32.76 47.85
N ILE B 430 -22.14 31.89 46.88
CA ILE B 430 -21.28 30.75 46.52
C ILE B 430 -20.11 31.12 45.62
N TRP B 431 -20.11 32.34 45.07
CA TRP B 431 -19.13 32.72 44.06
C TRP B 431 -17.89 33.32 44.67
N LEU B 432 -18.07 34.18 45.65
CA LEU B 432 -16.92 34.83 46.30
C LEU B 432 -17.19 35.03 47.78
N LEU C 1 -6.88 -26.74 58.54
CA LEU C 1 -5.73 -26.29 57.71
C LEU C 1 -6.12 -26.09 56.25
N PHE C 2 -7.19 -26.72 55.78
CA PHE C 2 -7.59 -26.61 54.37
C PHE C 2 -8.56 -25.48 54.04
N LYS C 3 -8.99 -24.78 55.08
CA LYS C 3 -9.88 -23.64 54.90
C LYS C 3 -9.19 -22.58 54.08
N PRO C 4 -9.79 -22.25 52.95
CA PRO C 4 -9.28 -21.15 52.12
C PRO C 4 -9.12 -19.82 52.89
N ASN C 5 -7.99 -19.14 52.63
CA ASN C 5 -7.77 -17.78 53.08
C ASN C 5 -8.58 -16.74 52.33
N TYR C 6 -8.75 -16.96 51.03
CA TYR C 6 -9.33 -15.89 50.17
C TYR C 6 -10.27 -16.42 49.08
N HIS C 7 -10.68 -17.69 49.17
CA HIS C 7 -11.81 -18.19 48.38
C HIS C 7 -13.05 -18.31 49.24
N PHE C 8 -14.20 -18.25 48.56
CA PHE C 8 -15.50 -18.50 49.17
C PHE C 8 -15.69 -20.00 49.45
N PHE C 9 -16.12 -20.31 50.67
CA PHE C 9 -16.53 -21.67 51.04
C PHE C 9 -17.59 -21.53 52.15
N PRO C 10 -18.43 -22.54 52.40
CA PRO C 10 -19.48 -22.43 53.41
C PRO C 10 -18.91 -22.48 54.86
N ILE C 11 -19.66 -21.92 55.81
CA ILE C 11 -19.26 -21.94 57.22
C ILE C 11 -19.36 -23.36 57.78
N THR C 12 -20.15 -24.18 57.10
CA THR C 12 -20.34 -25.58 57.51
C THR C 12 -21.15 -26.26 56.42
N GLY C 13 -20.94 -27.55 56.25
CA GLY C 13 -21.64 -28.31 55.26
C GLY C 13 -21.14 -28.28 53.82
N TRP C 14 -22.04 -28.68 52.93
CA TRP C 14 -21.74 -29.00 51.52
C TRP C 14 -22.16 -27.87 50.57
N MET C 15 -21.31 -27.56 49.62
CA MET C 15 -21.57 -26.50 48.65
C MET C 15 -21.17 -26.95 47.24
N ASN C 16 -22.09 -26.88 46.29
CA ASN C 16 -21.72 -26.97 44.85
C ASN C 16 -21.99 -25.69 44.03
N ASP C 17 -22.74 -25.78 42.96
CA ASP C 17 -22.80 -24.79 41.88
C ASP C 17 -23.03 -23.37 42.39
N PRO C 18 -22.32 -22.40 41.84
CA PRO C 18 -22.71 -21.00 42.05
C PRO C 18 -24.04 -20.73 41.34
N ASN C 19 -24.93 -19.99 42.02
CA ASN C 19 -26.27 -19.70 41.54
C ASN C 19 -26.58 -18.21 41.75
N GLY C 20 -27.49 -17.69 40.92
CA GLY C 20 -28.07 -16.37 41.11
C GLY C 20 -27.05 -15.27 41.17
N LEU C 21 -25.98 -15.38 40.39
CA LEU C 21 -24.95 -14.38 40.33
C LEU C 21 -25.50 -13.08 39.75
N ILE C 22 -25.44 -12.01 40.52
CA ILE C 22 -25.97 -10.71 40.11
C ILE C 22 -25.30 -9.55 40.84
N PHE C 23 -25.10 -8.46 40.12
CA PHE C 23 -24.71 -7.20 40.69
C PHE C 23 -25.99 -6.40 40.80
N TRP C 24 -26.38 -6.11 42.03
CA TRP C 24 -27.69 -5.57 42.36
C TRP C 24 -27.54 -4.59 43.50
N LYS C 25 -28.07 -3.38 43.31
CA LYS C 25 -27.93 -2.25 44.27
C LYS C 25 -26.51 -2.07 44.80
N GLY C 26 -25.56 -2.10 43.89
CA GLY C 26 -24.19 -1.78 44.21
C GLY C 26 -23.37 -2.89 44.85
N LYS C 27 -23.92 -4.10 44.94
CA LYS C 27 -23.17 -5.24 45.47
C LYS C 27 -23.29 -6.49 44.61
N TYR C 28 -22.26 -7.32 44.69
CA TYR C 28 -22.22 -8.61 44.01
C TYR C 28 -22.77 -9.71 44.92
N HIS C 29 -23.86 -10.35 44.48
CA HIS C 29 -24.56 -11.38 45.24
C HIS C 29 -24.14 -12.72 44.63
N MET C 30 -23.78 -13.67 45.47
CA MET C 30 -23.57 -15.01 45.01
C MET C 30 -24.40 -15.97 45.88
N PHE C 31 -25.24 -16.75 45.21
CA PHE C 31 -25.96 -17.84 45.85
C PHE C 31 -25.24 -19.14 45.49
N TYR C 32 -25.64 -20.24 46.15
CA TYR C 32 -24.98 -21.50 45.90
C TYR C 32 -25.82 -22.70 46.35
N GLN C 33 -25.67 -23.81 45.63
CA GLN C 33 -26.26 -25.09 46.01
C GLN C 33 -25.64 -25.49 47.37
N TYR C 34 -26.48 -25.68 48.36
CA TYR C 34 -26.06 -25.78 49.76
C TYR C 34 -26.81 -26.85 50.58
N ASN C 35 -26.07 -27.70 51.26
CA ASN C 35 -26.58 -28.53 52.31
C ASN C 35 -25.87 -28.20 53.61
N PRO C 36 -26.51 -27.44 54.50
CA PRO C 36 -25.88 -27.16 55.81
C PRO C 36 -25.83 -28.34 56.78
N ARG C 37 -26.48 -29.46 56.45
CA ARG C 37 -26.58 -30.54 57.41
C ARG C 37 -25.31 -31.35 57.62
N LYS C 38 -24.50 -31.46 56.58
CA LYS C 38 -23.46 -32.47 56.47
C LYS C 38 -22.59 -32.03 55.31
N PRO C 39 -21.30 -32.37 55.29
CA PRO C 39 -20.42 -32.11 54.13
C PRO C 39 -20.58 -33.10 52.99
N GLU C 40 -21.83 -33.41 52.67
CA GLU C 40 -22.25 -34.18 51.51
C GLU C 40 -23.54 -33.56 50.87
N TRP C 41 -23.72 -33.81 49.58
CA TRP C 41 -24.89 -33.34 48.82
C TRP C 41 -26.19 -33.91 49.35
N GLY C 42 -27.21 -33.07 49.39
CA GLY C 42 -28.52 -33.50 49.86
C GLY C 42 -29.37 -32.32 50.34
N ASN C 43 -30.69 -32.50 50.29
CA ASN C 43 -31.65 -31.56 50.86
C ASN C 43 -31.30 -30.11 50.54
N ILE C 44 -31.28 -29.80 49.24
CA ILE C 44 -30.49 -28.70 48.75
C ILE C 44 -31.32 -27.41 48.87
N CYS C 45 -30.67 -26.44 49.51
CA CYS C 45 -31.05 -25.07 49.69
C CYS C 45 -30.20 -24.15 48.80
N TRP C 46 -30.57 -22.87 48.76
CA TRP C 46 -29.65 -21.84 48.25
C TRP C 46 -29.03 -21.06 49.42
N GLY C 47 -27.74 -21.17 49.58
CA GLY C 47 -26.97 -20.31 50.47
C GLY C 47 -26.76 -18.97 49.78
N HIS C 48 -26.25 -18.00 50.51
CA HIS C 48 -26.19 -16.62 49.99
C HIS C 48 -24.98 -15.92 50.60
N ALA C 49 -24.24 -15.23 49.74
CA ALA C 49 -23.14 -14.38 50.18
C ALA C 49 -23.14 -13.09 49.37
N VAL C 50 -22.43 -12.12 49.87
CA VAL C 50 -22.38 -10.81 49.24
C VAL C 50 -21.01 -10.21 49.37
N SER C 51 -20.61 -9.43 48.35
CA SER C 51 -19.37 -8.67 48.44
C SER C 51 -19.52 -7.33 47.74
N ASP C 52 -18.69 -6.35 48.14
CA ASP C 52 -18.68 -5.01 47.46
C ASP C 52 -17.81 -5.05 46.20
N ASP C 53 -16.95 -6.07 46.08
CA ASP C 53 -15.80 -6.02 45.17
C ASP C 53 -15.39 -7.34 44.57
N LEU C 54 -16.31 -8.30 44.56
CA LEU C 54 -16.09 -9.67 44.08
C LEU C 54 -15.00 -10.45 44.83
N VAL C 55 -14.54 -9.92 45.96
CA VAL C 55 -13.43 -10.51 46.68
C VAL C 55 -13.71 -10.72 48.17
N HIS C 56 -14.14 -9.67 48.84
CA HIS C 56 -14.33 -9.75 50.29
C HIS C 56 -15.76 -10.18 50.60
N TRP C 57 -15.99 -11.50 50.47
CA TRP C 57 -17.32 -12.09 50.69
C TRP C 57 -17.77 -12.06 52.17
N ARG C 58 -19.07 -11.85 52.36
CA ARG C 58 -19.73 -11.90 53.67
C ARG C 58 -20.90 -12.85 53.56
N HIS C 59 -21.01 -13.81 54.50
CA HIS C 59 -22.14 -14.70 54.53
C HIS C 59 -23.43 -14.03 54.97
N LEU C 60 -24.52 -14.45 54.33
CA LEU C 60 -25.86 -13.96 54.60
C LEU C 60 -26.74 -15.16 54.95
N PRO C 61 -27.94 -14.91 55.48
CA PRO C 61 -28.90 -16.00 55.73
C PRO C 61 -29.13 -16.89 54.51
N VAL C 62 -29.33 -18.18 54.73
CA VAL C 62 -29.77 -19.07 53.68
C VAL C 62 -31.04 -18.48 53.05
N ALA C 63 -31.09 -18.47 51.73
CA ALA C 63 -32.12 -17.74 51.02
C ALA C 63 -33.32 -18.58 50.63
N LEU C 64 -33.10 -19.77 50.09
CA LEU C 64 -34.18 -20.63 49.58
C LEU C 64 -34.07 -22.01 50.16
N TYR C 65 -35.19 -22.54 50.62
CA TYR C 65 -35.32 -23.87 51.22
C TYR C 65 -36.31 -24.75 50.42
N PRO C 66 -36.05 -26.03 50.29
CA PRO C 66 -37.08 -26.93 49.72
C PRO C 66 -38.24 -27.05 50.74
N ASP C 67 -39.45 -27.30 50.25
CA ASP C 67 -40.64 -27.29 51.10
C ASP C 67 -40.71 -28.53 51.95
N ASP C 68 -40.00 -29.57 51.58
CA ASP C 68 -39.95 -30.77 52.38
C ASP C 68 -38.71 -31.56 52.04
N GLU C 69 -38.65 -32.73 52.66
CA GLU C 69 -37.47 -33.57 52.71
C GLU C 69 -37.19 -34.29 51.39
N THR C 70 -38.15 -34.30 50.48
CA THR C 70 -38.04 -35.05 49.23
C THR C 70 -37.89 -34.12 48.05
N HIS C 71 -37.67 -32.82 48.32
CA HIS C 71 -37.46 -31.83 47.28
C HIS C 71 -36.04 -31.20 47.35
N GLY C 72 -35.62 -30.56 46.28
CA GLY C 72 -34.44 -29.70 46.30
C GLY C 72 -34.66 -28.41 45.53
N VAL C 73 -33.98 -27.36 45.95
CA VAL C 73 -33.92 -26.09 45.17
C VAL C 73 -32.65 -26.13 44.36
N PHE C 74 -32.76 -26.64 43.13
CA PHE C 74 -31.64 -26.87 42.24
C PHE C 74 -31.22 -25.52 41.58
N SER C 75 -30.29 -25.57 40.64
CA SER C 75 -29.55 -24.42 40.18
C SER C 75 -30.37 -23.45 39.34
N GLY C 76 -29.89 -22.23 39.25
CA GLY C 76 -30.58 -21.20 38.56
C GLY C 76 -29.84 -19.87 38.57
N SER C 77 -30.53 -18.83 38.12
CA SER C 77 -29.93 -17.53 37.87
C SER C 77 -30.73 -16.44 38.55
N ALA C 78 -30.22 -15.22 38.45
CA ALA C 78 -30.87 -14.06 38.99
C ALA C 78 -30.87 -12.93 37.98
N VAL C 79 -31.90 -12.12 38.07
CA VAL C 79 -32.16 -11.06 37.14
C VAL C 79 -32.71 -9.90 37.99
N GLU C 80 -32.71 -8.70 37.43
CA GLU C 80 -33.31 -7.51 38.04
C GLU C 80 -34.47 -7.09 37.15
N LYS C 81 -35.65 -6.94 37.74
CA LYS C 81 -36.85 -6.49 37.01
C LYS C 81 -37.60 -5.50 37.88
N ASP C 82 -37.89 -4.32 37.36
CA ASP C 82 -38.54 -3.24 38.15
C ASP C 82 -37.83 -2.97 39.48
N GLY C 83 -36.50 -2.95 39.44
CA GLY C 83 -35.70 -2.68 40.63
C GLY C 83 -35.55 -3.86 41.58
N LYS C 84 -36.36 -4.90 41.40
CA LYS C 84 -36.39 -6.04 42.29
C LYS C 84 -35.41 -7.16 41.82
N MET C 85 -35.05 -8.03 42.77
CA MET C 85 -34.25 -9.20 42.45
C MET C 85 -35.18 -10.39 42.20
N PHE C 86 -35.07 -11.04 41.05
CA PHE C 86 -35.77 -12.29 40.83
C PHE C 86 -34.80 -13.44 40.70
N LEU C 87 -35.14 -14.56 41.30
CA LEU C 87 -34.36 -15.77 41.19
C LEU C 87 -35.18 -16.76 40.40
N VAL C 88 -34.57 -17.37 39.39
CA VAL C 88 -35.24 -18.35 38.52
C VAL C 88 -34.48 -19.63 38.70
N TYR C 89 -35.18 -20.68 39.09
CA TYR C 89 -34.50 -21.88 39.53
C TYR C 89 -35.29 -23.14 39.20
N THR C 90 -34.59 -24.24 39.13
CA THR C 90 -35.23 -25.55 38.99
C THR C 90 -35.65 -26.06 40.36
N TYR C 91 -36.91 -26.49 40.47
CA TYR C 91 -37.39 -27.17 41.66
C TYR C 91 -37.52 -28.67 41.36
N TYR C 92 -36.85 -29.46 42.19
CA TYR C 92 -36.69 -30.89 41.96
C TYR C 92 -37.52 -31.69 42.96
N ARG C 93 -38.19 -32.73 42.49
CA ARG C 93 -38.86 -33.72 43.33
C ARG C 93 -38.24 -35.10 43.12
N ASP C 94 -37.83 -35.74 44.23
CA ASP C 94 -37.33 -37.11 44.27
C ASP C 94 -38.32 -38.08 43.61
N PRO C 95 -37.86 -39.18 43.02
CA PRO C 95 -38.82 -40.17 42.52
C PRO C 95 -39.60 -40.77 43.69
N THR C 96 -40.87 -41.10 43.49
CA THR C 96 -41.59 -41.95 44.43
C THR C 96 -41.85 -43.30 43.76
N HIS C 97 -41.99 -44.34 44.57
CA HIS C 97 -41.94 -45.68 44.00
C HIS C 97 -42.71 -45.77 42.69
N ASN C 98 -43.86 -45.10 42.60
CA ASN C 98 -44.71 -45.15 41.40
C ASN C 98 -44.38 -44.12 40.30
N LYS C 99 -43.89 -42.94 40.66
CA LYS C 99 -43.56 -41.93 39.66
C LYS C 99 -42.07 -41.60 39.63
N GLY C 100 -41.60 -41.20 38.46
CA GLY C 100 -40.24 -40.72 38.34
C GLY C 100 -40.10 -39.37 38.99
N GLU C 101 -38.89 -38.83 38.90
CA GLU C 101 -38.61 -37.50 39.39
C GLU C 101 -39.31 -36.45 38.52
N LYS C 102 -39.43 -35.26 39.06
CA LYS C 102 -40.01 -34.13 38.35
C LYS C 102 -39.13 -32.90 38.54
N GLU C 103 -38.88 -32.20 37.45
CA GLU C 103 -38.19 -30.93 37.47
C GLU C 103 -39.10 -29.86 36.85
N THR C 104 -39.31 -28.77 37.58
CA THR C 104 -40.11 -27.66 37.07
C THR C 104 -39.29 -26.38 37.23
N GLN C 105 -39.66 -25.33 36.50
CA GLN C 105 -38.93 -24.08 36.60
C GLN C 105 -39.76 -23.11 37.34
N CYS C 106 -39.15 -22.44 38.33
CA CYS C 106 -39.87 -21.59 39.27
C CYS C 106 -39.18 -20.23 39.48
N VAL C 107 -39.94 -19.30 40.05
CA VAL C 107 -39.49 -17.94 40.28
C VAL C 107 -39.79 -17.48 41.72
N VAL C 108 -38.84 -16.73 42.27
CA VAL C 108 -38.96 -16.06 43.55
C VAL C 108 -38.53 -14.59 43.34
N MET C 109 -39.02 -13.69 44.19
CA MET C 109 -38.77 -12.26 44.09
C MET C 109 -38.35 -11.67 45.43
N SER C 110 -37.51 -10.63 45.41
CA SER C 110 -37.12 -9.93 46.61
C SER C 110 -36.99 -8.45 46.34
N GLU C 111 -37.50 -7.65 47.28
CA GLU C 111 -37.31 -6.18 47.24
C GLU C 111 -36.04 -5.73 47.98
N ASN C 112 -35.52 -6.56 48.88
CA ASN C 112 -34.38 -6.14 49.71
C ASN C 112 -33.12 -6.99 49.62
N GLY C 113 -33.20 -8.11 48.91
CA GLY C 113 -32.06 -9.00 48.74
C GLY C 113 -31.83 -9.95 49.92
N LEU C 114 -32.78 -9.97 50.83
CA LEU C 114 -32.70 -10.76 52.06
C LEU C 114 -33.95 -11.62 52.28
N ASP C 115 -35.13 -11.10 51.91
CA ASP C 115 -36.40 -11.81 52.06
C ASP C 115 -36.95 -12.19 50.66
N PHE C 116 -37.24 -13.48 50.47
CA PHE C 116 -37.66 -14.01 49.17
C PHE C 116 -39.05 -14.65 49.19
N VAL C 117 -39.87 -14.31 48.20
CA VAL C 117 -41.24 -14.83 48.11
C VAL C 117 -41.56 -15.46 46.77
N LYS C 118 -42.19 -16.63 46.85
CA LYS C 118 -42.63 -17.40 45.70
C LYS C 118 -43.59 -16.68 44.80
N TYR C 119 -43.41 -16.84 43.49
CA TYR C 119 -44.42 -16.44 42.52
C TYR C 119 -45.65 -17.34 42.72
N ASP C 120 -46.81 -16.71 42.88
CA ASP C 120 -48.06 -17.42 43.11
C ASP C 120 -48.40 -18.40 41.98
N GLY C 121 -47.95 -18.09 40.77
CA GLY C 121 -48.21 -18.94 39.63
C GLY C 121 -47.16 -20.01 39.32
N ASN C 122 -46.23 -20.27 40.24
CA ASN C 122 -45.23 -21.32 40.02
C ASN C 122 -45.93 -22.67 39.79
N PRO C 123 -45.35 -23.55 38.98
CA PRO C 123 -44.11 -23.30 38.26
C PRO C 123 -44.40 -22.50 36.97
N VAL C 124 -43.40 -21.76 36.58
CA VAL C 124 -43.41 -20.91 35.43
C VAL C 124 -43.24 -21.75 34.11
N ILE C 125 -42.51 -22.85 34.18
CA ILE C 125 -42.47 -23.86 33.12
C ILE C 125 -42.67 -25.20 33.83
N SER C 126 -43.78 -25.87 33.52
CA SER C 126 -44.22 -27.05 34.27
C SER C 126 -43.72 -28.36 33.67
N LYS C 127 -43.38 -28.36 32.39
CA LYS C 127 -42.96 -29.59 31.74
C LYS C 127 -42.00 -29.34 30.59
N PRO C 128 -41.24 -30.37 30.19
CA PRO C 128 -40.34 -30.23 29.05
C PRO C 128 -41.11 -30.13 27.74
N PRO C 129 -40.44 -29.69 26.68
CA PRO C 129 -41.13 -29.40 25.43
C PRO C 129 -41.42 -30.67 24.62
N GLU C 130 -40.63 -31.71 24.81
CA GLU C 130 -40.72 -32.90 24.00
C GLU C 130 -40.59 -34.12 24.91
N GLU C 131 -41.14 -35.24 24.45
CA GLU C 131 -41.02 -36.50 25.18
C GLU C 131 -39.56 -36.99 25.15
N GLY C 132 -39.15 -37.71 26.19
CA GLY C 132 -37.79 -38.21 26.28
C GLY C 132 -36.74 -37.18 26.67
N THR C 133 -37.17 -36.05 27.23
CA THR C 133 -36.22 -35.05 27.70
C THR C 133 -35.99 -35.27 29.18
N HIS C 134 -34.73 -35.32 29.60
CA HIS C 134 -34.48 -35.24 31.03
C HIS C 134 -33.41 -34.19 31.36
N ALA C 135 -32.89 -34.26 32.58
CA ALA C 135 -31.94 -33.26 33.05
C ALA C 135 -32.43 -31.85 32.66
N PHE C 136 -33.72 -31.64 32.85
CA PHE C 136 -34.44 -30.43 32.51
C PHE C 136 -34.21 -29.40 33.58
N ARG C 137 -33.07 -28.70 33.52
CA ARG C 137 -32.66 -27.85 34.63
C ARG C 137 -31.64 -26.77 34.39
N ASP C 138 -31.61 -25.86 35.35
CA ASP C 138 -30.68 -24.74 35.47
C ASP C 138 -31.00 -23.57 34.48
N PRO C 139 -32.10 -22.87 34.74
CA PRO C 139 -32.50 -21.74 33.88
C PRO C 139 -31.60 -20.52 34.06
N LYS C 140 -30.88 -20.17 33.00
CA LYS C 140 -30.05 -19.00 33.02
C LYS C 140 -30.73 -17.93 32.17
N VAL C 141 -31.18 -16.88 32.84
CA VAL C 141 -32.01 -15.84 32.22
C VAL C 141 -31.22 -14.57 32.00
N ASN C 142 -31.30 -14.04 30.79
CA ASN C 142 -30.72 -12.78 30.43
C ASN C 142 -31.72 -11.89 29.67
N ARG C 143 -31.30 -10.66 29.44
CA ARG C 143 -32.11 -9.66 28.74
C ARG C 143 -31.48 -9.46 27.38
N SER C 144 -32.30 -9.56 26.33
CA SER C 144 -31.86 -9.40 24.95
C SER C 144 -33.02 -8.90 24.07
N ASN C 145 -32.73 -7.89 23.25
CA ASN C 145 -33.65 -7.39 22.23
C ASN C 145 -35.04 -7.09 22.79
N GLY C 146 -35.05 -6.45 23.94
CA GLY C 146 -36.28 -6.10 24.64
C GLY C 146 -37.15 -7.23 25.20
N GLU C 147 -36.54 -8.38 25.42
CA GLU C 147 -37.21 -9.60 25.91
C GLU C 147 -36.32 -10.24 26.99
N TRP C 148 -36.93 -11.13 27.76
CA TRP C 148 -36.18 -12.10 28.52
C TRP C 148 -35.95 -13.37 27.71
N ARG C 149 -34.74 -13.89 27.78
CA ARG C 149 -34.42 -15.21 27.26
C ARG C 149 -33.85 -16.11 28.33
N MET C 150 -34.17 -17.38 28.21
CA MET C 150 -33.73 -18.40 29.15
C MET C 150 -33.08 -19.50 28.34
N VAL C 151 -31.87 -19.89 28.75
CA VAL C 151 -31.34 -21.14 28.31
C VAL C 151 -31.38 -22.14 29.47
N LEU C 152 -31.69 -23.39 29.11
CA LEU C 152 -31.92 -24.48 30.03
C LEU C 152 -31.11 -25.70 29.57
N GLY C 153 -30.50 -26.38 30.53
CA GLY C 153 -29.82 -27.63 30.26
C GLY C 153 -30.85 -28.72 29.99
N SER C 154 -30.45 -29.71 29.21
CA SER C 154 -31.28 -30.89 28.97
C SER C 154 -30.46 -31.98 28.34
N GLY C 155 -31.06 -33.15 28.33
CA GLY C 155 -30.65 -34.27 27.50
C GLY C 155 -31.87 -34.85 26.79
N LYS C 156 -31.65 -35.41 25.61
CA LYS C 156 -32.73 -36.01 24.82
C LYS C 156 -32.47 -37.50 24.58
N ASP C 157 -33.43 -38.34 24.96
CA ASP C 157 -33.42 -39.80 24.73
C ASP C 157 -32.20 -40.52 25.31
N GLU C 158 -31.66 -40.03 26.43
CA GLU C 158 -30.42 -40.56 27.02
C GLU C 158 -29.32 -40.73 25.98
N LYS C 159 -29.36 -39.86 24.98
CA LYS C 159 -28.49 -39.97 23.81
C LYS C 159 -27.65 -38.71 23.56
N ILE C 160 -28.28 -37.54 23.62
CA ILE C 160 -27.60 -36.30 23.27
C ILE C 160 -28.02 -35.10 24.13
N GLY C 161 -27.03 -34.28 24.47
CA GLY C 161 -27.25 -33.07 25.24
C GLY C 161 -27.67 -31.90 24.35
N ARG C 162 -28.64 -31.15 24.86
CA ARG C 162 -29.19 -30.00 24.16
C ARG C 162 -29.45 -28.81 25.08
N VAL C 163 -29.23 -27.62 24.53
CA VAL C 163 -29.57 -26.40 25.22
C VAL C 163 -30.89 -25.91 24.65
N LEU C 164 -31.86 -25.74 25.54
CA LEU C 164 -33.16 -25.27 25.18
C LEU C 164 -33.29 -23.76 25.43
N LEU C 165 -34.04 -23.11 24.53
CA LEU C 165 -34.29 -21.68 24.57
C LEU C 165 -35.76 -21.38 24.78
N TYR C 166 -36.02 -20.51 25.74
CA TYR C 166 -37.37 -19.97 25.96
C TYR C 166 -37.29 -18.45 25.99
N THR C 167 -38.37 -17.77 25.61
CA THR C 167 -38.44 -16.31 25.74
C THR C 167 -39.67 -15.91 26.52
N SER C 168 -39.63 -14.69 27.06
CA SER C 168 -40.74 -14.16 27.85
C SER C 168 -40.71 -12.65 27.89
N ASP C 169 -41.89 -12.04 27.93
CA ASP C 169 -42.03 -10.59 28.11
C ASP C 169 -42.08 -10.21 29.57
N ASP C 170 -42.37 -11.16 30.44
CA ASP C 170 -42.65 -10.81 31.84
C ASP C 170 -41.97 -11.67 32.93
N LEU C 171 -41.24 -12.69 32.53
CA LEU C 171 -40.59 -13.68 33.40
C LEU C 171 -41.51 -14.80 33.89
N PHE C 172 -42.81 -14.71 33.64
CA PHE C 172 -43.76 -15.69 34.16
C PHE C 172 -44.34 -16.61 33.08
N HIS C 173 -44.58 -16.09 31.87
CA HIS C 173 -45.13 -16.86 30.74
C HIS C 173 -44.06 -17.04 29.72
N TRP C 174 -43.80 -18.30 29.36
CA TRP C 174 -42.67 -18.65 28.54
C TRP C 174 -43.07 -19.37 27.24
N LYS C 175 -42.36 -19.04 26.17
CA LYS C 175 -42.58 -19.59 24.83
C LYS C 175 -41.31 -20.31 24.44
N TYR C 176 -41.45 -21.60 24.15
CA TYR C 176 -40.38 -22.42 23.63
C TYR C 176 -39.93 -22.02 22.23
N GLU C 177 -38.63 -21.87 22.04
CA GLU C 177 -38.07 -21.50 20.75
C GLU C 177 -37.23 -22.61 20.15
N GLY C 178 -37.18 -23.77 20.80
CA GLY C 178 -36.39 -24.87 20.29
C GLY C 178 -35.02 -25.01 20.93
N ALA C 179 -34.31 -26.05 20.50
CA ALA C 179 -32.97 -26.36 20.93
C ALA C 179 -32.02 -25.54 20.09
N ILE C 180 -31.20 -24.72 20.72
CA ILE C 180 -30.27 -23.88 19.97
C ILE C 180 -28.93 -24.54 19.70
N PHE C 181 -28.65 -25.64 20.38
CA PHE C 181 -27.32 -26.20 20.33
C PHE C 181 -27.37 -27.61 20.91
N GLU C 182 -26.50 -28.48 20.42
CA GLU C 182 -26.38 -29.83 20.92
C GLU C 182 -24.92 -30.27 20.88
N ASP C 183 -24.55 -31.18 21.78
CA ASP C 183 -23.20 -31.69 21.89
C ASP C 183 -23.27 -33.22 21.96
N GLU C 184 -22.81 -33.90 20.91
CA GLU C 184 -22.91 -35.39 20.77
C GLU C 184 -21.99 -36.18 21.71
N THR C 185 -21.07 -35.47 22.33
CA THR C 185 -20.11 -35.97 23.29
C THR C 185 -20.73 -36.34 24.65
N THR C 186 -21.96 -35.85 24.91
CA THR C 186 -22.66 -36.07 26.18
C THR C 186 -24.09 -36.55 26.01
N LYS C 187 -24.63 -37.11 27.10
CA LYS C 187 -26.04 -37.43 27.20
C LYS C 187 -26.85 -36.19 27.65
N GLU C 188 -26.21 -35.25 28.30
CA GLU C 188 -26.90 -34.04 28.73
C GLU C 188 -25.95 -32.86 28.81
N ILE C 189 -26.47 -31.69 28.52
CA ILE C 189 -25.74 -30.46 28.74
C ILE C 189 -26.25 -29.86 30.03
N GLU C 190 -25.31 -29.47 30.88
CA GLU C 190 -25.62 -28.79 32.13
C GLU C 190 -25.25 -27.31 32.16
N CYS C 191 -25.98 -26.55 32.97
CA CYS C 191 -25.63 -25.17 33.35
C CYS C 191 -25.23 -24.31 32.18
N PRO C 192 -26.10 -24.23 31.18
CA PRO C 192 -25.81 -23.37 30.05
C PRO C 192 -25.92 -21.88 30.43
N ASP C 193 -25.15 -21.07 29.73
CA ASP C 193 -25.19 -19.62 29.90
C ASP C 193 -24.87 -18.96 28.56
N LEU C 194 -25.76 -18.11 28.12
CA LEU C 194 -25.65 -17.48 26.80
C LEU C 194 -25.36 -16.00 26.98
N VAL C 195 -24.24 -15.57 26.43
CA VAL C 195 -23.71 -14.26 26.71
C VAL C 195 -23.29 -13.62 25.36
N ARG C 196 -23.18 -12.30 25.32
CA ARG C 196 -22.78 -11.58 24.11
C ARG C 196 -21.57 -10.74 24.45
N ILE C 197 -20.50 -10.90 23.69
CA ILE C 197 -19.32 -10.03 23.85
C ILE C 197 -18.99 -9.49 22.50
N GLY C 198 -19.11 -8.17 22.32
CA GLY C 198 -18.59 -7.49 21.16
C GLY C 198 -18.96 -8.25 19.89
N GLU C 199 -20.25 -8.29 19.63
CA GLU C 199 -20.80 -8.83 18.40
C GLU C 199 -20.83 -10.37 18.27
N LYS C 200 -20.26 -11.09 19.24
CA LYS C 200 -20.29 -12.56 19.26
C LYS C 200 -21.26 -13.13 20.28
N ASP C 201 -22.00 -14.16 19.92
CA ASP C 201 -22.79 -14.92 20.87
C ASP C 201 -21.94 -16.06 21.39
N ILE C 202 -21.86 -16.18 22.72
CA ILE C 202 -21.06 -17.22 23.36
C ILE C 202 -21.94 -18.06 24.28
N LEU C 203 -21.89 -19.37 24.08
CA LEU C 203 -22.61 -20.31 24.91
C LEU C 203 -21.57 -21.00 25.81
N ILE C 204 -21.69 -20.80 27.12
CA ILE C 204 -20.87 -21.55 28.06
C ILE C 204 -21.75 -22.68 28.57
N TYR C 205 -21.14 -23.82 28.85
CA TYR C 205 -21.88 -24.90 29.42
C TYR C 205 -20.95 -25.91 30.02
N SER C 206 -21.54 -26.82 30.80
CA SER C 206 -20.80 -27.85 31.49
C SER C 206 -21.19 -29.27 31.04
N ILE C 207 -20.20 -30.14 31.09
CA ILE C 207 -20.35 -31.55 30.80
C ILE C 207 -19.85 -32.37 31.99
N THR C 208 -20.73 -33.23 32.48
CA THR C 208 -20.49 -33.99 33.70
C THR C 208 -19.38 -35.07 33.61
N SER C 209 -19.42 -35.88 32.56
CA SER C 209 -18.56 -37.05 32.43
C SER C 209 -17.08 -36.67 32.39
N THR C 210 -16.79 -35.46 31.93
CA THR C 210 -15.42 -34.96 31.89
C THR C 210 -15.16 -33.85 32.92
N ASN C 211 -16.19 -33.48 33.66
CA ASN C 211 -16.17 -32.35 34.60
C ASN C 211 -15.54 -31.09 33.99
N SER C 212 -16.08 -30.63 32.90
CA SER C 212 -15.45 -29.51 32.24
C SER C 212 -16.48 -28.48 31.82
N VAL C 213 -15.98 -27.26 31.70
CA VAL C 213 -16.77 -26.15 31.23
C VAL C 213 -16.28 -25.81 29.82
N LEU C 214 -17.18 -25.95 28.86
CA LEU C 214 -16.93 -25.65 27.45
C LEU C 214 -17.54 -24.33 27.04
N PHE C 215 -17.05 -23.77 25.94
CA PHE C 215 -17.73 -22.69 25.29
C PHE C 215 -17.83 -23.00 23.79
N SER C 216 -18.85 -22.42 23.17
CA SER C 216 -19.01 -22.34 21.73
C SER C 216 -19.31 -20.86 21.36
N MET C 217 -18.49 -20.29 20.50
CA MET C 217 -18.60 -18.90 20.14
C MET C 217 -19.00 -18.80 18.67
N GLY C 218 -19.94 -17.91 18.39
CA GLY C 218 -20.32 -17.65 17.00
C GLY C 218 -21.46 -16.66 16.92
N GLU C 219 -22.52 -17.03 16.18
CA GLU C 219 -23.68 -16.17 16.02
C GLU C 219 -24.96 -16.99 16.02
N LEU C 220 -25.91 -16.51 16.82
CA LEU C 220 -27.23 -17.08 16.90
C LEU C 220 -28.01 -16.60 15.71
N LYS C 221 -28.40 -17.51 14.83
CA LYS C 221 -29.27 -17.16 13.72
C LYS C 221 -30.31 -18.21 13.40
N GLU C 222 -31.56 -17.76 13.33
CA GLU C 222 -32.69 -18.63 12.98
C GLU C 222 -32.87 -19.73 13.99
N GLY C 223 -32.77 -19.37 15.28
CA GLY C 223 -32.95 -20.30 16.37
C GLY C 223 -31.85 -21.34 16.56
N LYS C 224 -30.68 -21.13 15.95
CA LYS C 224 -29.57 -22.05 16.11
C LYS C 224 -28.25 -21.30 16.23
N LEU C 225 -27.38 -21.76 17.13
CA LEU C 225 -26.06 -21.15 17.28
C LEU C 225 -25.14 -21.67 16.18
N ASN C 226 -24.73 -20.80 15.26
CA ASN C 226 -23.64 -21.15 14.35
C ASN C 226 -22.27 -20.98 15.00
N VAL C 227 -21.50 -22.06 15.05
CA VAL C 227 -20.26 -22.06 15.83
C VAL C 227 -19.02 -21.83 14.98
N GLU C 228 -18.31 -20.75 15.30
CA GLU C 228 -17.02 -20.43 14.72
C GLU C 228 -15.86 -21.04 15.49
N LYS C 229 -15.94 -21.05 16.82
CA LYS C 229 -14.86 -21.51 17.71
C LYS C 229 -15.43 -22.18 18.96
N ARG C 230 -14.81 -23.29 19.36
CA ARG C 230 -15.21 -24.08 20.52
C ARG C 230 -13.96 -24.27 21.36
N GLY C 231 -14.13 -24.41 22.66
CA GLY C 231 -12.99 -24.74 23.50
C GLY C 231 -13.37 -24.91 24.96
N LEU C 232 -12.35 -24.91 25.80
CA LEU C 232 -12.52 -25.03 27.26
C LEU C 232 -12.38 -23.66 27.89
N LEU C 233 -13.21 -23.35 28.89
CA LEU C 233 -13.05 -22.12 29.66
C LEU C 233 -11.94 -22.26 30.70
N ASP C 234 -11.63 -23.50 31.04
CA ASP C 234 -10.56 -23.75 31.99
C ASP C 234 -10.01 -25.12 31.66
N HIS C 235 -8.69 -25.24 31.74
CA HIS C 235 -7.99 -26.45 31.33
C HIS C 235 -7.53 -27.31 32.50
N GLY C 236 -7.89 -26.94 33.72
CA GLY C 236 -7.50 -27.72 34.89
C GLY C 236 -8.50 -28.82 35.22
N THR C 237 -8.35 -29.42 36.37
CA THR C 237 -9.23 -30.54 36.76
C THR C 237 -10.49 -30.12 37.54
N ASP C 238 -10.52 -28.92 38.12
CA ASP C 238 -11.55 -28.56 39.12
C ASP C 238 -12.17 -27.17 38.83
N PHE C 239 -12.93 -27.12 37.75
CA PHE C 239 -13.65 -25.93 37.33
C PHE C 239 -14.91 -26.45 36.64
N TYR C 240 -16.05 -26.18 37.27
CA TYR C 240 -17.29 -26.78 36.83
C TYR C 240 -18.45 -25.89 37.18
N ALA C 241 -19.55 -26.02 36.42
CA ALA C 241 -20.79 -25.35 36.73
C ALA C 241 -20.62 -23.84 36.73
N ALA C 242 -19.83 -23.36 35.78
CA ALA C 242 -19.60 -21.91 35.64
C ALA C 242 -20.88 -21.17 35.36
N GLN C 243 -21.00 -20.02 35.99
CA GLN C 243 -22.09 -19.08 35.73
C GLN C 243 -21.51 -17.66 35.68
N THR C 244 -22.21 -16.82 34.98
CA THR C 244 -21.81 -15.46 34.72
C THR C 244 -22.81 -14.51 35.46
N PHE C 245 -22.31 -13.35 35.89
CA PHE C 245 -23.11 -12.36 36.61
C PHE C 245 -24.08 -11.64 35.68
N PHE C 246 -25.31 -11.52 36.12
CA PHE C 246 -26.25 -10.58 35.57
C PHE C 246 -25.90 -9.16 36.03
N GLY C 247 -25.97 -8.17 35.13
CA GLY C 247 -25.97 -6.77 35.52
C GLY C 247 -24.65 -6.04 35.53
N THR C 248 -23.60 -6.67 35.07
CA THR C 248 -22.27 -6.08 35.11
C THR C 248 -21.91 -5.63 33.71
N ASP C 249 -20.97 -4.71 33.62
CA ASP C 249 -20.41 -4.27 32.35
C ASP C 249 -19.49 -5.35 31.75
N ARG C 250 -18.64 -5.94 32.57
CA ARG C 250 -17.77 -7.05 32.11
C ARG C 250 -18.56 -8.32 32.14
N VAL C 251 -18.12 -9.32 31.37
CA VAL C 251 -18.65 -10.66 31.59
C VAL C 251 -17.74 -11.21 32.67
N VAL C 252 -18.32 -11.60 33.79
CA VAL C 252 -17.57 -12.13 34.93
C VAL C 252 -18.13 -13.53 35.27
N VAL C 253 -17.24 -14.51 35.35
CA VAL C 253 -17.62 -15.88 35.60
C VAL C 253 -16.99 -16.41 36.88
N ILE C 254 -17.80 -17.18 37.59
CA ILE C 254 -17.35 -17.98 38.74
C ILE C 254 -17.82 -19.39 38.52
N GLY C 255 -16.92 -20.30 38.83
CA GLY C 255 -17.24 -21.71 38.79
C GLY C 255 -16.99 -22.37 40.12
N TRP C 256 -17.52 -23.57 40.22
CA TRP C 256 -17.22 -24.44 41.36
C TRP C 256 -15.82 -24.98 41.21
N LEU C 257 -14.97 -24.76 42.23
CA LEU C 257 -13.56 -25.18 42.24
C LEU C 257 -13.50 -26.59 42.82
N GLN C 258 -14.08 -27.54 42.10
CA GLN C 258 -14.18 -28.94 42.55
C GLN C 258 -14.63 -29.79 41.36
N SER C 259 -14.48 -31.09 41.47
CA SER C 259 -14.87 -32.01 40.45
C SER C 259 -15.76 -33.09 41.07
N TRP C 260 -16.90 -33.40 40.45
CA TRP C 260 -17.68 -34.57 40.85
C TRP C 260 -16.88 -35.87 40.73
N LEU C 261 -15.99 -35.98 39.76
CA LEU C 261 -15.20 -37.20 39.57
C LEU C 261 -14.21 -37.43 40.72
N ARG C 262 -13.69 -36.36 41.32
CA ARG C 262 -12.64 -36.39 42.32
C ARG C 262 -13.13 -36.05 43.77
N THR C 263 -14.39 -35.68 43.93
CA THR C 263 -14.94 -35.25 45.22
C THR C 263 -14.61 -36.24 46.39
N GLY C 264 -14.69 -37.53 46.12
CA GLY C 264 -14.32 -38.55 47.12
C GLY C 264 -12.86 -38.58 47.55
N LEU C 265 -12.00 -37.81 46.91
CA LEU C 265 -10.61 -37.71 47.29
C LEU C 265 -10.24 -36.55 48.20
N TYR C 266 -11.19 -35.63 48.43
CA TYR C 266 -10.86 -34.31 48.95
C TYR C 266 -11.12 -34.25 50.44
N PRO C 267 -10.04 -34.19 51.22
CA PRO C 267 -10.14 -34.46 52.65
C PRO C 267 -10.61 -33.26 53.50
N THR C 268 -11.72 -32.59 53.12
CA THR C 268 -12.23 -31.49 53.95
C THR C 268 -13.36 -31.89 54.87
N LYS C 269 -14.00 -33.06 54.66
CA LYS C 269 -15.13 -33.48 55.47
C LYS C 269 -14.81 -33.55 56.97
N ARG C 270 -13.57 -33.92 57.33
CA ARG C 270 -13.13 -33.89 58.73
C ARG C 270 -13.19 -32.52 59.37
N GLU C 271 -13.17 -31.47 58.53
CA GLU C 271 -13.29 -30.10 59.00
C GLU C 271 -14.75 -29.62 59.04
N GLY C 272 -15.69 -30.43 58.56
CA GLY C 272 -17.10 -30.14 58.61
C GLY C 272 -17.69 -29.40 57.39
N TRP C 273 -16.91 -29.28 56.32
CA TRP C 273 -17.36 -28.55 55.14
C TRP C 273 -16.80 -29.22 53.89
N ASN C 274 -17.42 -28.92 52.76
CA ASN C 274 -17.02 -29.42 51.44
C ASN C 274 -17.44 -28.37 50.38
N GLY C 275 -16.55 -28.04 49.44
CA GLY C 275 -16.85 -27.15 48.33
C GLY C 275 -16.18 -25.77 48.45
N VAL C 276 -15.65 -25.30 47.31
CA VAL C 276 -14.97 -24.03 47.20
C VAL C 276 -15.40 -23.38 45.88
N MET C 277 -15.46 -22.06 45.87
CA MET C 277 -15.71 -21.32 44.62
C MET C 277 -14.39 -20.81 44.00
N SER C 278 -14.30 -20.87 42.67
CA SER C 278 -13.16 -20.30 41.95
C SER C 278 -13.03 -18.82 42.21
N LEU C 279 -11.81 -18.33 41.99
CA LEU C 279 -11.63 -16.90 41.82
C LEU C 279 -12.48 -16.40 40.62
N PRO C 280 -13.02 -15.16 40.65
CA PRO C 280 -13.76 -14.63 39.50
C PRO C 280 -12.82 -14.33 38.33
N ARG C 281 -13.27 -14.69 37.13
CA ARG C 281 -12.58 -14.35 35.93
C ARG C 281 -13.40 -13.46 35.01
N GLU C 282 -12.69 -12.62 34.28
CA GLU C 282 -13.27 -11.82 33.22
C GLU C 282 -13.05 -12.49 31.87
N LEU C 283 -14.14 -12.63 31.14
CA LEU C 283 -14.14 -13.10 29.78
C LEU C 283 -14.15 -11.95 28.80
N TYR C 284 -13.30 -12.01 27.78
CA TYR C 284 -13.31 -10.99 26.74
C TYR C 284 -12.91 -11.57 25.40
N VAL C 285 -13.09 -10.77 24.36
CA VAL C 285 -12.77 -11.20 23.01
C VAL C 285 -11.75 -10.25 22.41
N GLU C 286 -10.66 -10.84 21.93
CA GLU C 286 -9.58 -10.12 21.28
C GLU C 286 -9.12 -10.99 20.11
N ASN C 287 -8.88 -10.34 18.98
CA ASN C 287 -8.43 -11.03 17.76
C ASN C 287 -9.27 -12.28 17.45
N ASN C 288 -10.58 -12.12 17.55
CA ASN C 288 -11.54 -13.21 17.32
C ASN C 288 -11.39 -14.40 18.25
N GLU C 289 -10.81 -14.19 19.43
CA GLU C 289 -10.57 -15.29 20.36
C GLU C 289 -11.18 -14.93 21.73
N LEU C 290 -11.82 -15.91 22.37
CA LEU C 290 -12.32 -15.80 23.75
C LEU C 290 -11.16 -15.96 24.72
N LYS C 291 -10.97 -14.97 25.56
CA LYS C 291 -9.87 -15.00 26.49
C LYS C 291 -10.38 -14.91 27.93
N VAL C 292 -9.58 -15.43 28.87
CA VAL C 292 -9.92 -15.53 30.27
C VAL C 292 -8.81 -14.89 31.09
N LYS C 293 -9.16 -13.92 31.95
CA LYS C 293 -8.20 -13.35 32.89
C LYS C 293 -8.77 -13.18 34.31
N PRO C 294 -7.90 -13.07 35.32
CA PRO C 294 -8.43 -12.79 36.66
C PRO C 294 -9.02 -11.37 36.69
N VAL C 295 -10.09 -11.21 37.43
CA VAL C 295 -10.73 -9.92 37.63
C VAL C 295 -9.70 -8.96 38.32
N ASP C 296 -9.71 -7.68 37.93
CA ASP C 296 -8.76 -6.69 38.48
C ASP C 296 -8.88 -6.51 39.99
N GLU C 297 -10.07 -6.72 40.54
CA GLU C 297 -10.27 -6.50 41.99
C GLU C 297 -9.38 -7.39 42.86
N LEU C 298 -8.91 -8.51 42.30
CA LEU C 298 -8.05 -9.42 43.03
C LEU C 298 -6.73 -8.80 43.49
N LEU C 299 -6.27 -7.75 42.82
CA LEU C 299 -5.08 -7.02 43.28
C LEU C 299 -5.19 -6.49 44.72
N ALA C 300 -6.40 -6.22 45.21
CA ALA C 300 -6.61 -5.81 46.59
C ALA C 300 -6.18 -6.83 47.63
N LEU C 301 -6.06 -8.12 47.24
CA LEU C 301 -5.55 -9.15 48.17
C LEU C 301 -4.06 -9.04 48.51
N ARG C 302 -3.27 -8.35 47.71
CA ARG C 302 -1.82 -8.38 47.91
C ARG C 302 -1.49 -7.54 49.14
N LYS C 303 -0.76 -8.09 50.10
CA LYS C 303 -0.49 -7.36 51.35
C LYS C 303 0.98 -7.04 51.62
N ARG C 304 1.89 -7.77 50.96
CA ARG C 304 3.32 -7.60 51.15
C ARG C 304 4.06 -8.37 50.06
N LYS C 305 5.04 -7.73 49.43
CA LYS C 305 5.92 -8.41 48.50
C LYS C 305 6.95 -9.14 49.32
N VAL C 306 6.90 -10.47 49.28
CA VAL C 306 7.80 -11.19 50.16
C VAL C 306 9.06 -11.64 49.44
N PHE C 307 9.06 -11.59 48.11
CA PHE C 307 10.17 -12.13 47.34
C PHE C 307 10.14 -11.60 45.92
N GLU C 308 11.34 -11.42 45.37
CA GLU C 308 11.50 -11.12 43.97
C GLU C 308 12.86 -11.55 43.47
N THR C 309 12.93 -11.89 42.19
CA THR C 309 14.17 -12.29 41.58
C THR C 309 14.11 -12.00 40.07
N ALA C 310 15.28 -11.64 39.50
CA ALA C 310 15.46 -11.46 38.06
C ALA C 310 16.37 -12.57 37.53
N LYS C 311 16.50 -13.62 38.30
CA LYS C 311 17.43 -14.70 37.98
C LYS C 311 16.83 -16.07 38.27
N SER C 312 17.20 -17.07 37.49
CA SER C 312 16.88 -18.47 37.78
C SER C 312 17.49 -18.94 39.10
N GLY C 313 16.87 -19.91 39.74
CA GLY C 313 17.38 -20.47 40.99
C GLY C 313 16.28 -21.10 41.84
N THR C 314 16.67 -21.45 43.05
CA THR C 314 15.77 -21.99 44.08
C THR C 314 15.91 -21.20 45.34
N PHE C 315 14.77 -20.86 45.93
CA PHE C 315 14.70 -19.90 47.00
C PHE C 315 13.77 -20.33 48.09
N LEU C 316 14.12 -19.92 49.29
CA LEU C 316 13.30 -20.13 50.45
C LEU C 316 12.42 -18.93 50.56
N LEU C 317 11.12 -19.15 50.58
CA LEU C 317 10.18 -18.07 50.71
C LEU C 317 9.86 -17.82 52.17
N ASP C 318 9.81 -16.56 52.53
CA ASP C 318 9.45 -16.15 53.87
C ASP C 318 7.90 -16.05 53.98
N VAL C 319 7.25 -17.21 53.94
CA VAL C 319 5.79 -17.32 54.02
C VAL C 319 5.47 -18.38 55.09
N LYS C 320 4.40 -18.14 55.84
CA LYS C 320 3.92 -19.02 56.91
C LYS C 320 2.68 -19.86 56.56
N GLU C 321 2.17 -19.72 55.35
CA GLU C 321 0.91 -20.38 54.95
C GLU C 321 0.79 -20.35 53.45
N ASN C 322 0.03 -21.29 52.92
CA ASN C 322 -0.25 -21.36 51.50
C ASN C 322 -1.30 -20.36 51.17
N SER C 323 -0.83 -19.13 50.96
CA SER C 323 -1.71 -17.99 50.71
C SER C 323 -0.86 -16.93 50.06
N TYR C 324 -0.53 -17.16 48.78
CA TYR C 324 0.29 -16.18 48.06
C TYR C 324 0.12 -16.23 46.55
N GLU C 325 0.55 -15.14 45.91
CA GLU C 325 0.46 -14.99 44.46
C GLU C 325 1.86 -14.91 43.88
N ILE C 326 2.10 -15.72 42.85
CA ILE C 326 3.31 -15.64 42.05
C ILE C 326 3.02 -14.86 40.77
N VAL C 327 3.80 -13.82 40.50
CA VAL C 327 3.75 -13.11 39.23
C VAL C 327 5.07 -13.26 38.50
N CYS C 328 5.02 -13.85 37.30
CA CYS C 328 6.23 -14.25 36.57
C CYS C 328 6.13 -13.83 35.10
N GLU C 329 7.07 -12.98 34.68
CA GLU C 329 7.28 -12.67 33.26
C GLU C 329 8.54 -13.34 32.73
N PHE C 330 8.50 -13.88 31.54
CA PHE C 330 9.63 -14.59 31.01
C PHE C 330 9.58 -14.65 29.49
N SER C 331 10.71 -14.94 28.87
CA SER C 331 10.69 -15.21 27.43
C SER C 331 11.04 -16.68 27.18
N GLY C 332 10.51 -17.22 26.09
CA GLY C 332 10.82 -18.57 25.71
C GLY C 332 10.15 -19.60 26.60
N GLU C 333 10.96 -20.56 27.07
CA GLU C 333 10.50 -21.67 27.86
C GLU C 333 10.68 -21.37 29.36
N ILE C 334 9.94 -22.11 30.18
CA ILE C 334 10.11 -22.00 31.63
C ILE C 334 9.75 -23.30 32.32
N GLU C 335 10.37 -23.49 33.45
CA GLU C 335 9.89 -24.43 34.44
C GLU C 335 9.82 -23.72 35.78
N LEU C 336 8.63 -23.71 36.37
CA LEU C 336 8.40 -23.10 37.67
C LEU C 336 7.81 -24.16 38.61
N ARG C 337 8.45 -24.34 39.76
CA ARG C 337 8.04 -25.28 40.80
C ARG C 337 7.77 -24.56 42.10
N MET C 338 6.67 -24.93 42.72
CA MET C 338 6.33 -24.43 44.04
C MET C 338 6.09 -25.62 44.94
N GLY C 339 6.65 -25.60 46.14
CA GLY C 339 6.52 -26.79 46.97
C GLY C 339 7.29 -26.74 48.26
N ASN C 340 7.58 -27.91 48.79
CA ASN C 340 8.42 -28.01 49.99
C ASN C 340 9.31 -29.23 49.82
N GLU C 341 9.76 -29.84 50.90
CA GLU C 341 10.67 -30.97 50.77
C GLU C 341 10.02 -32.24 50.21
N SER C 342 8.69 -32.39 50.35
CA SER C 342 7.95 -33.57 49.91
C SER C 342 6.88 -33.38 48.84
N GLU C 343 6.45 -32.14 48.59
CA GLU C 343 5.29 -31.89 47.74
C GLU C 343 5.67 -30.79 46.74
N GLU C 344 5.08 -30.83 45.56
CA GLU C 344 5.28 -29.84 44.51
C GLU C 344 4.09 -29.68 43.63
N VAL C 345 3.97 -28.48 43.05
CA VAL C 345 3.22 -28.29 41.77
C VAL C 345 4.21 -27.70 40.78
N VAL C 346 4.13 -28.19 39.55
CA VAL C 346 5.03 -27.76 38.47
C VAL C 346 4.28 -27.22 37.26
N ILE C 347 4.70 -26.06 36.78
CA ILE C 347 4.21 -25.53 35.52
C ILE C 347 5.37 -25.36 34.55
N THR C 348 5.24 -25.95 33.38
CA THR C 348 6.29 -25.86 32.34
C THR C 348 5.71 -25.31 31.05
N LYS C 349 6.38 -24.34 30.46
CA LYS C 349 6.11 -24.01 29.06
C LYS C 349 7.23 -24.63 28.23
N SER C 350 6.88 -25.63 27.44
CA SER C 350 7.84 -26.31 26.57
C SER C 350 7.39 -26.25 25.14
N ARG C 351 8.24 -25.66 24.32
CA ARG C 351 7.93 -25.25 22.94
C ARG C 351 6.52 -24.68 22.80
N ASP C 352 5.57 -25.53 22.44
CA ASP C 352 4.26 -25.06 22.00
C ASP C 352 3.21 -25.26 23.10
N GLU C 353 3.63 -25.83 24.23
CA GLU C 353 2.71 -26.36 25.22
C GLU C 353 2.94 -25.76 26.61
N LEU C 354 1.83 -25.49 27.29
CA LEU C 354 1.83 -25.19 28.71
C LEU C 354 1.33 -26.42 29.44
N ILE C 355 2.08 -26.86 30.43
CA ILE C 355 1.73 -28.09 31.11
C ILE C 355 1.75 -27.89 32.64
N VAL C 356 0.66 -28.25 33.31
CA VAL C 356 0.62 -28.23 34.78
C VAL C 356 0.52 -29.63 35.34
N ASP C 357 1.34 -29.92 36.36
CA ASP C 357 1.42 -31.20 37.02
C ASP C 357 1.20 -31.03 38.53
N THR C 358 0.05 -31.49 39.02
CA THR C 358 -0.27 -31.52 40.45
C THR C 358 -0.20 -32.91 41.08
N THR C 359 0.35 -33.91 40.39
CA THR C 359 0.38 -35.31 40.91
C THR C 359 1.09 -35.48 42.24
N ARG C 360 2.04 -34.59 42.54
CA ARG C 360 2.85 -34.65 43.76
C ARG C 360 2.50 -33.48 44.71
N SER C 361 1.27 -32.95 44.60
CA SER C 361 0.86 -31.74 45.32
C SER C 361 0.54 -31.90 46.81
N GLY C 362 0.11 -33.08 47.20
CA GLY C 362 -0.33 -33.34 48.55
C GLY C 362 -1.13 -34.61 48.63
N VAL C 363 -1.97 -34.69 49.66
CA VAL C 363 -2.55 -35.95 50.06
C VAL C 363 -3.63 -36.47 49.10
N SER C 364 -4.20 -35.59 48.27
CA SER C 364 -5.17 -36.00 47.26
C SER C 364 -4.52 -36.22 45.91
N GLY C 365 -3.20 -36.14 45.87
CA GLY C 365 -2.51 -36.26 44.61
C GLY C 365 -2.97 -35.23 43.57
N GLY C 366 -3.03 -35.63 42.32
CA GLY C 366 -3.45 -34.73 41.26
C GLY C 366 -3.32 -35.36 39.88
N GLU C 367 -3.14 -34.50 38.91
CA GLU C 367 -3.13 -34.89 37.50
C GLU C 367 -2.18 -34.02 36.70
N VAL C 368 -1.99 -34.40 35.44
CA VAL C 368 -1.23 -33.63 34.47
C VAL C 368 -2.19 -33.11 33.43
N ARG C 369 -2.21 -31.81 33.21
CA ARG C 369 -3.03 -31.22 32.16
C ARG C 369 -2.22 -30.32 31.26
N LYS C 370 -2.59 -30.27 29.99
CA LYS C 370 -1.80 -29.61 28.96
C LYS C 370 -2.67 -28.83 28.02
N SER C 371 -2.12 -27.74 27.49
CA SER C 371 -2.75 -27.02 26.38
C SER C 371 -1.72 -26.44 25.43
N THR C 372 -2.05 -26.43 24.16
CA THR C 372 -1.18 -25.74 23.21
C THR C 372 -1.43 -24.25 23.42
N VAL C 373 -0.39 -23.46 23.32
CA VAL C 373 -0.51 -22.01 23.56
C VAL C 373 0.28 -21.24 22.49
N GLU C 374 -0.09 -19.98 22.28
CA GLU C 374 0.65 -19.09 21.39
C GLU C 374 1.75 -18.39 22.17
N ASP C 375 2.97 -18.44 21.64
CA ASP C 375 4.10 -17.71 22.21
C ASP C 375 3.96 -16.20 22.01
N GLU C 376 4.29 -15.44 23.05
CA GLU C 376 4.45 -14.00 22.95
C GLU C 376 5.93 -13.73 23.27
N ALA C 377 6.51 -12.63 22.81
CA ALA C 377 7.94 -12.41 23.05
C ALA C 377 8.25 -12.31 24.55
N THR C 378 7.29 -11.77 25.31
CA THR C 378 7.28 -11.87 26.77
C THR C 378 5.98 -12.56 27.26
N ASN C 379 6.16 -13.60 28.05
CA ASN C 379 5.05 -14.34 28.58
C ASN C 379 4.89 -14.04 30.06
N ARG C 380 3.68 -14.26 30.56
CA ARG C 380 3.32 -13.98 31.95
C ARG C 380 2.51 -15.15 32.51
N ILE C 381 2.99 -15.70 33.62
CA ILE C 381 2.23 -16.59 34.49
C ILE C 381 1.89 -15.86 35.80
N ARG C 382 0.62 -15.98 36.18
CA ARG C 382 0.11 -15.57 37.49
C ARG C 382 -0.48 -16.80 38.12
N ALA C 383 -0.03 -17.07 39.33
CA ALA C 383 -0.46 -18.25 40.05
C ALA C 383 -0.98 -17.83 41.42
N PHE C 384 -2.17 -18.33 41.77
CA PHE C 384 -2.79 -18.07 43.07
C PHE C 384 -2.85 -19.35 43.84
N LEU C 385 -2.07 -19.39 44.91
CA LEU C 385 -2.00 -20.53 45.81
C LEU C 385 -2.79 -20.20 47.10
N ASP C 386 -3.72 -21.08 47.44
CA ASP C 386 -4.53 -20.96 48.67
C ASP C 386 -4.47 -22.33 49.36
N SER C 387 -5.19 -22.45 50.48
CA SER C 387 -5.01 -23.60 51.38
C SER C 387 -5.22 -24.95 50.69
N CYS C 388 -6.15 -25.01 49.73
CA CYS C 388 -6.49 -26.24 49.05
C CYS C 388 -6.72 -26.07 47.52
N SER C 389 -6.01 -25.13 46.92
CA SER C 389 -6.15 -24.87 45.47
C SER C 389 -4.98 -24.10 44.90
N VAL C 390 -4.81 -24.25 43.60
CA VAL C 390 -3.89 -23.43 42.85
C VAL C 390 -4.57 -23.16 41.49
N GLU C 391 -4.62 -21.88 41.12
CA GLU C 391 -5.14 -21.45 39.84
C GLU C 391 -4.02 -20.68 39.13
N PHE C 392 -3.74 -21.11 37.90
CA PHE C 392 -2.75 -20.49 37.00
C PHE C 392 -3.42 -19.73 35.83
N PHE C 393 -2.91 -18.55 35.52
CA PHE C 393 -3.39 -17.72 34.43
C PHE C 393 -2.23 -17.38 33.50
N PHE C 394 -2.35 -17.67 32.22
CA PHE C 394 -1.22 -17.49 31.29
C PHE C 394 -1.61 -16.48 30.21
N ASN C 395 -0.78 -15.46 30.04
CA ASN C 395 -0.93 -14.41 29.04
C ASN C 395 -2.32 -13.75 29.00
N ASP C 396 -2.92 -13.60 30.17
CA ASP C 396 -4.27 -13.06 30.32
C ASP C 396 -5.23 -13.65 29.33
N SER C 397 -5.06 -14.93 29.09
CA SER C 397 -5.78 -15.58 28.01
C SER C 397 -6.37 -16.95 28.38
N ILE C 398 -5.63 -17.77 29.13
CA ILE C 398 -6.00 -19.14 29.47
C ILE C 398 -5.79 -19.40 30.97
N ALA C 399 -6.60 -20.26 31.54
CA ALA C 399 -6.57 -20.55 32.96
C ALA C 399 -6.59 -22.05 33.21
N PHE C 400 -5.93 -22.47 34.27
CA PHE C 400 -5.89 -23.88 34.68
C PHE C 400 -6.13 -23.95 36.20
N SER C 401 -7.20 -24.60 36.62
CA SER C 401 -7.61 -24.61 38.02
C SER C 401 -7.58 -26.00 38.62
N PHE C 402 -6.95 -26.12 39.79
CA PHE C 402 -6.81 -27.40 40.47
C PHE C 402 -7.09 -27.31 41.97
N ARG C 403 -7.65 -28.37 42.51
CA ARG C 403 -7.69 -28.55 43.94
C ARG C 403 -6.46 -29.39 44.32
N ILE C 404 -5.79 -28.95 45.37
CA ILE C 404 -4.62 -29.64 45.93
C ILE C 404 -4.84 -29.63 47.44
N HIS C 405 -4.21 -30.59 48.13
CA HIS C 405 -4.36 -30.70 49.59
C HIS C 405 -3.00 -30.98 50.21
N PRO C 406 -2.15 -29.96 50.28
CA PRO C 406 -0.81 -30.12 50.82
C PRO C 406 -0.86 -30.31 52.32
N GLU C 407 0.07 -31.11 52.84
CA GLU C 407 0.21 -31.33 54.26
C GLU C 407 1.07 -30.27 54.91
N ASN C 408 1.90 -29.61 54.10
CA ASN C 408 2.72 -28.53 54.59
C ASN C 408 2.75 -27.33 53.66
N VAL C 409 3.19 -26.21 54.21
CA VAL C 409 3.34 -24.96 53.47
C VAL C 409 4.35 -25.15 52.33
N TYR C 410 4.06 -24.49 51.23
CA TYR C 410 4.92 -24.42 50.06
C TYR C 410 5.87 -23.24 50.22
N ASN C 411 6.95 -23.45 50.98
CA ASN C 411 7.91 -22.39 51.25
C ASN C 411 9.16 -22.43 50.39
N ILE C 412 9.13 -23.27 49.35
CA ILE C 412 10.22 -23.32 48.38
C ILE C 412 9.71 -23.04 46.97
N LEU C 413 10.42 -22.15 46.28
CA LEU C 413 10.12 -21.78 44.91
C LEU C 413 11.36 -22.03 44.01
N SER C 414 11.20 -22.75 42.91
CA SER C 414 12.25 -22.85 41.89
C SER C 414 11.79 -22.32 40.52
N VAL C 415 12.63 -21.50 39.87
CA VAL C 415 12.38 -20.99 38.51
C VAL C 415 13.57 -21.27 37.61
N LYS C 416 13.29 -21.65 36.35
CA LYS C 416 14.34 -21.86 35.34
C LYS C 416 13.86 -21.30 33.99
N SER C 417 14.49 -20.21 33.57
CA SER C 417 14.24 -19.55 32.26
C SER C 417 15.32 -18.49 32.01
N ASN C 418 15.36 -18.00 30.77
CA ASN C 418 15.98 -16.70 30.48
C ASN C 418 14.99 -15.52 30.68
N GLN C 419 15.58 -14.34 30.77
CA GLN C 419 14.83 -13.10 30.97
C GLN C 419 13.64 -13.22 31.96
N VAL C 420 13.83 -14.02 33.03
CA VAL C 420 12.80 -14.11 34.09
C VAL C 420 12.78 -12.89 34.96
N LYS C 421 11.56 -12.40 35.26
CA LYS C 421 11.32 -11.54 36.41
C LYS C 421 10.15 -12.19 37.18
N LEU C 422 10.36 -12.44 38.47
CA LEU C 422 9.34 -13.12 39.29
C LEU C 422 9.22 -12.43 40.65
N GLU C 423 7.98 -12.25 41.08
CA GLU C 423 7.71 -11.75 42.40
C GLU C 423 6.62 -12.58 43.07
N VAL C 424 6.60 -12.56 44.40
CA VAL C 424 5.60 -13.28 45.19
C VAL C 424 4.97 -12.30 46.16
N PHE C 425 3.64 -12.23 46.15
CA PHE C 425 2.87 -11.41 47.07
C PHE C 425 2.16 -12.31 48.09
N GLU C 426 2.31 -11.99 49.37
CA GLU C 426 1.43 -12.57 50.37
C GLU C 426 0.03 -12.06 50.13
N LEU C 427 -0.95 -12.97 50.18
CA LEU C 427 -2.35 -12.59 49.99
C LEU C 427 -3.11 -12.65 51.32
N GLU C 428 -3.96 -11.64 51.50
CA GLU C 428 -4.84 -11.46 52.65
C GLU C 428 -5.81 -12.63 52.89
N ASN C 429 -6.05 -12.93 54.17
CA ASN C 429 -7.18 -13.74 54.57
C ASN C 429 -8.38 -12.81 54.62
N ILE C 430 -9.44 -13.12 53.87
CA ILE C 430 -10.62 -12.27 53.79
C ILE C 430 -11.60 -12.44 54.98
N TRP C 431 -11.40 -13.44 55.82
CA TRP C 431 -12.31 -13.79 56.91
C TRP C 431 -11.95 -13.04 58.22
N LEU C 432 -10.67 -12.98 58.53
CA LEU C 432 -10.21 -12.32 59.74
C LEU C 432 -8.90 -11.60 59.53
N LEU D 1 34.23 5.36 -17.46
CA LEU D 1 34.41 4.14 -18.30
C LEU D 1 34.25 2.87 -17.46
N PHE D 2 34.51 3.00 -16.16
CA PHE D 2 34.56 1.82 -15.32
C PHE D 2 33.24 1.37 -14.67
N LYS D 3 32.19 2.18 -14.78
CA LYS D 3 30.83 1.80 -14.32
C LYS D 3 30.38 0.51 -14.98
N PRO D 4 30.11 -0.52 -14.18
CA PRO D 4 29.54 -1.75 -14.72
C PRO D 4 28.26 -1.56 -15.54
N ASN D 5 28.10 -2.41 -16.55
CA ASN D 5 26.88 -2.47 -17.32
C ASN D 5 25.80 -3.32 -16.63
N TYR D 6 26.22 -4.41 -15.99
CA TYR D 6 25.25 -5.32 -15.46
C TYR D 6 25.60 -5.86 -14.05
N HIS D 7 26.54 -5.21 -13.36
CA HIS D 7 26.76 -5.46 -11.92
C HIS D 7 26.23 -4.36 -11.06
N PHE D 8 25.88 -4.68 -9.82
CA PHE D 8 25.44 -3.71 -8.87
C PHE D 8 26.62 -2.92 -8.28
N PHE D 9 26.43 -1.61 -8.19
CA PHE D 9 27.40 -0.67 -7.66
C PHE D 9 26.63 0.58 -7.23
N PRO D 10 27.16 1.36 -6.31
CA PRO D 10 26.42 2.48 -5.76
C PRO D 10 26.38 3.65 -6.73
N ILE D 11 25.40 4.52 -6.49
CA ILE D 11 25.22 5.69 -7.33
C ILE D 11 26.31 6.71 -7.06
N THR D 12 26.91 6.60 -5.88
CA THR D 12 28.01 7.45 -5.44
C THR D 12 28.55 6.88 -4.13
N GLY D 13 29.82 7.13 -3.84
CA GLY D 13 30.39 6.81 -2.56
C GLY D 13 30.94 5.39 -2.54
N TRP D 14 31.08 4.85 -1.34
CA TRP D 14 31.79 3.62 -1.07
C TRP D 14 30.81 2.51 -0.70
N MET D 15 30.99 1.33 -1.30
CA MET D 15 30.23 0.15 -0.94
C MET D 15 31.15 -1.00 -0.58
N ASN D 16 30.95 -1.63 0.56
CA ASN D 16 31.50 -2.97 0.79
C ASN D 16 30.40 -4.05 0.94
N ASP D 17 30.37 -4.78 2.05
CA ASP D 17 29.74 -6.09 2.17
C ASP D 17 28.25 -6.10 1.79
N PRO D 18 27.79 -7.11 1.08
CA PRO D 18 26.34 -7.26 0.92
C PRO D 18 25.71 -7.66 2.24
N ASN D 19 24.54 -7.10 2.51
CA ASN D 19 23.88 -7.27 3.79
C ASN D 19 22.39 -7.59 3.57
N GLY D 20 21.77 -8.30 4.52
CA GLY D 20 20.33 -8.44 4.54
C GLY D 20 19.72 -9.07 3.31
N LEU D 21 20.42 -10.03 2.71
CA LEU D 21 19.93 -10.68 1.50
C LEU D 21 18.70 -11.49 1.81
N ILE D 22 17.60 -11.17 1.15
CA ILE D 22 16.35 -11.94 1.38
C ILE D 22 15.39 -11.83 0.19
N PHE D 23 14.70 -12.94 -0.08
CA PHE D 23 13.59 -12.99 -1.01
C PHE D 23 12.33 -12.79 -0.17
N TRP D 24 11.63 -11.69 -0.37
CA TRP D 24 10.56 -11.25 0.49
C TRP D 24 9.48 -10.60 -0.39
N LYS D 25 8.26 -11.09 -0.21
CA LYS D 25 7.10 -10.68 -0.97
C LYS D 25 7.37 -10.58 -2.48
N GLY D 26 7.91 -11.65 -3.02
CA GLY D 26 8.10 -11.79 -4.47
C GLY D 26 9.31 -11.05 -5.05
N LYS D 27 10.16 -10.44 -4.23
CA LYS D 27 11.34 -9.70 -4.70
C LYS D 27 12.61 -10.01 -3.92
N TYR D 28 13.76 -9.93 -4.62
CA TYR D 28 15.08 -10.09 -4.03
C TYR D 28 15.58 -8.75 -3.53
N HIS D 29 15.77 -8.69 -2.21
CA HIS D 29 16.30 -7.49 -1.57
C HIS D 29 17.79 -7.67 -1.28
N MET D 30 18.60 -6.65 -1.55
CA MET D 30 20.01 -6.63 -1.19
C MET D 30 20.30 -5.31 -0.52
N PHE D 31 20.85 -5.39 0.67
CA PHE D 31 21.34 -4.21 1.35
C PHE D 31 22.87 -4.20 1.25
N TYR D 32 23.53 -3.14 1.66
CA TYR D 32 25.00 -3.10 1.62
C TYR D 32 25.62 -2.05 2.52
N GLN D 33 26.82 -2.39 3.03
CA GLN D 33 27.63 -1.44 3.78
C GLN D 33 27.93 -0.27 2.87
N TYR D 34 27.60 0.94 3.31
CA TYR D 34 27.55 2.10 2.44
C TYR D 34 28.02 3.38 3.12
N ASN D 35 28.91 4.09 2.44
CA ASN D 35 29.23 5.48 2.77
C ASN D 35 28.96 6.38 1.57
N PRO D 36 27.82 7.06 1.56
CA PRO D 36 27.48 7.98 0.46
C PRO D 36 28.37 9.25 0.40
N ARG D 37 29.13 9.53 1.44
CA ARG D 37 29.85 10.82 1.58
C ARG D 37 31.08 10.95 0.66
N LYS D 38 31.72 9.84 0.36
CA LYS D 38 32.97 9.84 -0.40
C LYS D 38 33.30 8.38 -0.80
N PRO D 39 34.14 8.17 -1.81
CA PRO D 39 34.48 6.81 -2.21
C PRO D 39 35.53 6.16 -1.29
N GLU D 40 35.37 6.26 0.03
CA GLU D 40 36.22 5.55 1.01
C GLU D 40 35.35 5.16 2.17
N TRP D 41 35.79 4.14 2.90
CA TRP D 41 35.05 3.60 4.02
C TRP D 41 34.95 4.58 5.20
N GLY D 42 33.77 4.64 5.82
CA GLY D 42 33.49 5.48 6.97
C GLY D 42 31.99 5.73 7.17
N ASN D 43 31.62 6.09 8.41
CA ASN D 43 30.26 6.56 8.70
C ASN D 43 29.16 5.65 8.08
N ILE D 44 29.28 4.37 8.39
CA ILE D 44 28.60 3.34 7.63
C ILE D 44 27.09 3.24 7.92
N CYS D 45 26.35 3.14 6.81
CA CYS D 45 24.89 2.97 6.74
C CYS D 45 24.59 1.69 5.96
N TRP D 46 23.35 1.22 5.95
CA TRP D 46 22.93 0.17 5.02
C TRP D 46 22.22 0.82 3.81
N GLY D 47 22.83 0.73 2.63
CA GLY D 47 22.12 0.93 1.38
C GLY D 47 21.14 -0.20 1.05
N HIS D 48 20.29 0.03 0.05
CA HIS D 48 19.21 -0.91 -0.27
C HIS D 48 18.93 -0.92 -1.79
N ALA D 49 18.86 -2.10 -2.36
CA ALA D 49 18.42 -2.27 -3.74
C ALA D 49 17.48 -3.46 -3.81
N VAL D 50 16.73 -3.53 -4.91
CA VAL D 50 15.74 -4.56 -5.12
C VAL D 50 15.75 -5.05 -6.57
N SER D 51 15.45 -6.33 -6.77
CA SER D 51 15.16 -6.83 -8.13
C SER D 51 14.07 -7.91 -8.14
N ASP D 52 13.46 -8.11 -9.29
CA ASP D 52 12.48 -9.19 -9.44
C ASP D 52 13.15 -10.50 -9.77
N ASP D 53 14.41 -10.47 -10.15
CA ASP D 53 15.01 -11.60 -10.86
C ASP D 53 16.53 -11.77 -10.63
N LEU D 54 17.04 -11.22 -9.55
CA LEU D 54 18.46 -11.26 -9.18
C LEU D 54 19.41 -10.54 -10.14
N VAL D 55 18.86 -9.83 -11.12
CA VAL D 55 19.64 -9.25 -12.20
C VAL D 55 19.38 -7.76 -12.44
N HIS D 56 18.11 -7.37 -12.57
CA HIS D 56 17.73 -6.00 -12.84
C HIS D 56 17.46 -5.18 -11.58
N TRP D 57 18.55 -4.76 -10.94
CA TRP D 57 18.50 -4.05 -9.66
C TRP D 57 18.02 -2.62 -9.88
N ARG D 58 17.22 -2.14 -8.92
CA ARG D 58 16.78 -0.77 -8.75
C ARG D 58 17.21 -0.33 -7.37
N HIS D 59 17.79 0.85 -7.32
CA HIS D 59 18.14 1.51 -6.07
C HIS D 59 16.92 1.95 -5.26
N LEU D 60 17.01 1.81 -3.94
CA LEU D 60 15.92 2.28 -3.07
C LEU D 60 16.58 3.24 -2.07
N PRO D 61 15.79 3.94 -1.26
CA PRO D 61 16.35 4.77 -0.18
C PRO D 61 17.29 4.00 0.75
N VAL D 62 18.30 4.72 1.23
CA VAL D 62 19.15 4.18 2.27
C VAL D 62 18.24 3.77 3.46
N ALA D 63 18.48 2.57 3.95
CA ALA D 63 17.61 1.95 4.90
C ALA D 63 17.94 2.20 6.36
N LEU D 64 19.21 2.08 6.74
CA LEU D 64 19.65 2.18 8.13
C LEU D 64 20.83 3.12 8.27
N TYR D 65 20.76 4.03 9.26
CA TYR D 65 21.75 5.05 9.50
C TYR D 65 22.33 4.94 10.92
N PRO D 66 23.58 5.30 11.11
CA PRO D 66 24.04 5.45 12.47
C PRO D 66 23.42 6.69 13.14
N ASP D 67 23.25 6.62 14.45
CA ASP D 67 22.62 7.72 15.19
C ASP D 67 23.49 8.94 15.28
N ASP D 68 24.79 8.79 15.08
CA ASP D 68 25.69 9.93 15.12
C ASP D 68 27.04 9.60 14.44
N GLU D 69 27.94 10.55 14.56
CA GLU D 69 29.20 10.60 13.84
C GLU D 69 30.23 9.55 14.30
N THR D 70 30.05 9.05 15.51
CA THR D 70 31.00 8.09 16.10
C THR D 70 30.55 6.61 16.05
N HIS D 71 29.45 6.30 15.37
CA HIS D 71 28.96 4.93 15.28
C HIS D 71 28.88 4.42 13.82
N GLY D 72 28.68 3.12 13.62
CA GLY D 72 28.42 2.58 12.29
C GLY D 72 27.38 1.50 12.35
N VAL D 73 26.62 1.35 11.27
CA VAL D 73 25.74 0.20 11.12
C VAL D 73 26.47 -0.88 10.33
N PHE D 74 27.15 -1.77 11.07
CA PHE D 74 27.98 -2.79 10.45
C PHE D 74 27.13 -3.96 9.89
N SER D 75 27.76 -5.01 9.40
CA SER D 75 27.09 -6.00 8.59
C SER D 75 26.10 -6.85 9.36
N GLY D 76 25.24 -7.52 8.61
CA GLY D 76 24.19 -8.33 9.18
C GLY D 76 23.32 -8.95 8.11
N SER D 77 22.20 -9.55 8.55
CA SER D 77 21.37 -10.40 7.72
C SER D 77 19.92 -10.00 7.87
N ALA D 78 19.06 -10.67 7.10
CA ALA D 78 17.63 -10.42 7.10
C ALA D 78 16.88 -11.75 7.15
N VAL D 79 15.71 -11.66 7.76
CA VAL D 79 14.85 -12.80 8.04
C VAL D 79 13.38 -12.34 7.89
N GLU D 80 12.46 -13.29 7.74
CA GLU D 80 11.03 -12.98 7.66
C GLU D 80 10.35 -13.63 8.87
N LYS D 81 9.59 -12.85 9.62
CA LYS D 81 8.86 -13.35 10.80
C LYS D 81 7.48 -12.70 10.81
N ASP D 82 6.45 -13.51 10.91
CA ASP D 82 5.05 -13.03 10.92
C ASP D 82 4.78 -12.08 9.74
N GLY D 83 5.31 -12.46 8.57
CA GLY D 83 5.11 -11.67 7.36
C GLY D 83 5.99 -10.43 7.24
N LYS D 84 6.71 -10.07 8.31
CA LYS D 84 7.50 -8.85 8.34
C LYS D 84 8.96 -9.12 8.01
N MET D 85 9.69 -8.11 7.57
CA MET D 85 11.13 -8.25 7.36
C MET D 85 11.87 -7.77 8.60
N PHE D 86 12.76 -8.62 9.12
CA PHE D 86 13.61 -8.25 10.25
C PHE D 86 15.07 -8.17 9.78
N LEU D 87 15.75 -7.08 10.09
CA LEU D 87 17.18 -6.97 9.87
C LEU D 87 17.88 -7.08 11.23
N VAL D 88 18.96 -7.85 11.23
CA VAL D 88 19.74 -8.14 12.42
C VAL D 88 21.18 -7.78 12.07
N TYR D 89 21.78 -6.86 12.84
CA TYR D 89 23.05 -6.24 12.47
C TYR D 89 23.92 -5.89 13.67
N THR D 90 25.18 -5.68 13.38
CA THR D 90 26.11 -5.16 14.37
C THR D 90 26.08 -3.65 14.37
N TYR D 91 25.93 -3.06 15.58
CA TYR D 91 26.04 -1.63 15.77
C TYR D 91 27.39 -1.31 16.42
N TYR D 92 28.16 -0.40 15.79
CA TYR D 92 29.52 -0.12 16.17
C TYR D 92 29.68 1.26 16.75
N ARG D 93 30.43 1.34 17.83
CA ARG D 93 30.86 2.62 18.40
C ARG D 93 32.39 2.76 18.33
N ASP D 94 32.88 3.90 17.82
CA ASP D 94 34.30 4.25 17.77
C ASP D 94 34.90 4.30 19.17
N PRO D 95 36.22 4.16 19.31
CA PRO D 95 36.85 4.58 20.58
C PRO D 95 36.77 6.11 20.68
N THR D 96 36.39 6.70 21.81
CA THR D 96 36.30 8.16 21.92
C THR D 96 36.84 8.69 23.25
N HIS D 97 36.79 10.03 23.40
CA HIS D 97 37.40 10.67 24.56
C HIS D 97 37.65 9.63 25.66
N ASN D 98 38.50 8.66 25.32
CA ASN D 98 38.96 7.71 26.32
C ASN D 98 37.89 6.69 26.74
N LYS D 99 36.73 6.78 26.08
CA LYS D 99 35.74 5.71 26.06
C LYS D 99 36.07 4.77 24.88
N GLY D 100 36.01 3.46 25.10
CA GLY D 100 36.56 2.49 24.15
C GLY D 100 35.60 1.94 23.09
N GLU D 101 36.13 1.14 22.17
CA GLU D 101 35.34 0.65 21.03
C GLU D 101 34.30 -0.34 21.57
N LYS D 102 33.13 -0.40 20.93
CA LYS D 102 32.09 -1.35 21.33
C LYS D 102 31.25 -1.85 20.15
N GLU D 103 30.90 -3.12 20.19
CA GLU D 103 30.03 -3.74 19.19
C GLU D 103 28.90 -4.47 19.87
N THR D 104 27.67 -4.18 19.45
CA THR D 104 26.46 -4.84 19.97
C THR D 104 25.65 -5.36 18.78
N GLN D 105 24.76 -6.32 19.01
CA GLN D 105 23.86 -6.85 17.99
C GLN D 105 22.46 -6.31 18.17
N CYS D 106 21.87 -5.82 17.09
CA CYS D 106 20.60 -5.11 17.12
C CYS D 106 19.64 -5.61 16.05
N VAL D 107 18.36 -5.26 16.24
CA VAL D 107 17.29 -5.68 15.38
C VAL D 107 16.46 -4.47 14.97
N VAL D 108 16.02 -4.50 13.72
CA VAL D 108 15.12 -3.52 13.12
C VAL D 108 14.01 -4.33 12.39
N MET D 109 12.82 -3.76 12.25
CA MET D 109 11.69 -4.42 11.56
C MET D 109 11.01 -3.53 10.51
N SER D 110 10.43 -4.17 9.50
CA SER D 110 9.67 -3.47 8.46
C SER D 110 8.46 -4.25 8.00
N GLU D 111 7.34 -3.56 7.87
CA GLU D 111 6.16 -4.17 7.27
C GLU D 111 6.09 -4.01 5.77
N ASN D 112 6.77 -3.03 5.22
CA ASN D 112 6.64 -2.79 3.79
C ASN D 112 7.93 -2.90 2.96
N GLY D 113 9.07 -3.10 3.62
CA GLY D 113 10.36 -3.21 2.92
C GLY D 113 11.00 -1.87 2.58
N LEU D 114 10.41 -0.78 3.08
CA LEU D 114 10.86 0.57 2.78
C LEU D 114 11.11 1.34 4.09
N ASP D 115 10.31 1.06 5.12
CA ASP D 115 10.33 1.76 6.41
C ASP D 115 10.82 0.77 7.47
N PHE D 116 11.90 1.14 8.17
CA PHE D 116 12.54 0.28 9.17
C PHE D 116 12.52 0.89 10.59
N VAL D 117 12.04 0.10 11.55
CA VAL D 117 11.84 0.56 12.94
C VAL D 117 12.63 -0.27 13.91
N LYS D 118 13.34 0.40 14.80
CA LYS D 118 14.19 -0.25 15.79
C LYS D 118 13.33 -0.98 16.82
N TYR D 119 13.79 -2.16 17.20
CA TYR D 119 13.31 -2.84 18.38
C TYR D 119 13.63 -2.01 19.64
N ASP D 120 12.59 -1.76 20.44
CA ASP D 120 12.73 -0.94 21.66
C ASP D 120 13.74 -1.55 22.66
N GLY D 121 13.94 -2.85 22.61
CA GLY D 121 14.83 -3.52 23.52
C GLY D 121 16.28 -3.68 23.07
N ASN D 122 16.69 -2.97 21.99
CA ASN D 122 18.07 -3.03 21.49
C ASN D 122 19.03 -2.57 22.57
N PRO D 123 20.23 -3.15 22.65
CA PRO D 123 20.66 -4.25 21.80
C PRO D 123 20.12 -5.60 22.28
N VAL D 124 19.99 -6.48 21.32
CA VAL D 124 19.51 -7.83 21.47
C VAL D 124 20.62 -8.76 22.05
N ILE D 125 21.88 -8.46 21.74
CA ILE D 125 23.06 -9.03 22.40
C ILE D 125 23.97 -7.85 22.76
N SER D 126 24.18 -7.63 24.05
CA SER D 126 24.85 -6.43 24.51
C SER D 126 26.35 -6.61 24.71
N LYS D 127 26.82 -7.84 24.85
CA LYS D 127 28.24 -8.06 25.05
C LYS D 127 28.65 -9.44 24.60
N PRO D 128 29.96 -9.62 24.37
CA PRO D 128 30.50 -10.92 23.97
C PRO D 128 30.41 -11.91 25.11
N PRO D 129 30.52 -13.19 24.80
CA PRO D 129 30.31 -14.26 25.78
C PRO D 129 31.48 -14.48 26.73
N GLU D 130 32.68 -14.17 26.28
CA GLU D 130 33.91 -14.49 27.00
C GLU D 130 34.85 -13.28 26.91
N GLU D 131 35.75 -13.15 27.88
CA GLU D 131 36.72 -12.04 27.84
C GLU D 131 37.72 -12.28 26.73
N GLY D 132 38.32 -11.20 26.22
CA GLY D 132 39.29 -11.29 25.14
C GLY D 132 38.68 -11.53 23.75
N THR D 133 37.38 -11.34 23.60
CA THR D 133 36.74 -11.53 22.30
C THR D 133 36.67 -10.19 21.62
N HIS D 134 37.12 -10.07 20.38
CA HIS D 134 36.79 -8.86 19.64
C HIS D 134 36.36 -9.18 18.22
N ALA D 135 36.30 -8.21 17.34
CA ALA D 135 35.68 -8.40 16.02
C ALA D 135 34.31 -9.06 16.20
N PHE D 136 33.57 -8.62 17.20
CA PHE D 136 32.31 -9.25 17.59
C PHE D 136 31.20 -8.81 16.66
N ARG D 137 31.04 -9.44 15.47
CA ARG D 137 30.18 -8.88 14.44
C ARG D 137 29.65 -9.76 13.27
N ASP D 138 28.65 -9.20 12.61
CA ASP D 138 28.04 -9.72 11.39
C ASP D 138 27.14 -10.93 11.73
N PRO D 139 25.99 -10.69 12.41
CA PRO D 139 25.04 -11.77 12.70
C PRO D 139 24.31 -12.28 11.47
N LYS D 140 24.46 -13.57 11.19
CA LYS D 140 23.70 -14.24 10.14
C LYS D 140 22.66 -15.16 10.74
N VAL D 141 21.39 -14.81 10.53
CA VAL D 141 20.29 -15.50 11.18
C VAL D 141 19.53 -16.41 10.22
N ASN D 142 19.32 -17.64 10.63
CA ASN D 142 18.50 -18.52 9.85
C ASN D 142 17.58 -19.36 10.75
N ARG D 143 16.73 -20.13 10.10
CA ARG D 143 15.72 -20.93 10.75
C ARG D 143 16.23 -22.37 10.76
N SER D 144 16.23 -22.98 11.93
CA SER D 144 16.66 -24.36 12.06
C SER D 144 15.90 -25.04 13.19
N ASN D 145 15.33 -26.22 12.91
CA ASN D 145 14.73 -27.07 13.97
C ASN D 145 13.74 -26.33 14.86
N GLY D 146 12.87 -25.53 14.25
CA GLY D 146 11.87 -24.79 14.97
C GLY D 146 12.32 -23.60 15.81
N GLU D 147 13.56 -23.13 15.57
CA GLU D 147 14.18 -22.03 16.34
C GLU D 147 14.93 -21.14 15.34
N TRP D 148 15.28 -19.94 15.82
CA TRP D 148 16.22 -19.08 15.13
C TRP D 148 17.60 -19.39 15.63
N ARG D 149 18.55 -19.41 14.71
CA ARG D 149 19.92 -19.63 15.05
C ARG D 149 20.79 -18.54 14.37
N MET D 150 21.73 -17.99 15.12
CA MET D 150 22.61 -16.89 14.69
C MET D 150 24.05 -17.32 14.71
N VAL D 151 24.78 -17.16 13.59
CA VAL D 151 26.23 -17.25 13.61
C VAL D 151 26.82 -15.88 13.55
N LEU D 152 27.90 -15.69 14.30
CA LEU D 152 28.59 -14.39 14.44
C LEU D 152 30.06 -14.60 14.28
N GLY D 153 30.69 -13.63 13.63
CA GLY D 153 32.13 -13.60 13.50
C GLY D 153 32.77 -13.10 14.79
N SER D 154 33.98 -13.57 15.05
CA SER D 154 34.78 -13.10 16.19
C SER D 154 36.23 -13.49 16.05
N GLY D 155 37.01 -12.96 16.98
CA GLY D 155 38.36 -13.43 17.23
C GLY D 155 38.58 -13.51 18.73
N LYS D 156 39.38 -14.49 19.17
CA LYS D 156 39.69 -14.71 20.58
C LYS D 156 41.17 -14.41 20.85
N ASP D 157 41.43 -13.51 21.79
CA ASP D 157 42.78 -13.20 22.31
C ASP D 157 43.78 -12.72 21.27
N GLU D 158 43.30 -12.04 20.22
CA GLU D 158 44.14 -11.65 19.08
C GLU D 158 44.94 -12.85 18.52
N LYS D 159 44.43 -14.07 18.71
CA LYS D 159 45.15 -15.30 18.42
C LYS D 159 44.40 -16.19 17.39
N ILE D 160 43.09 -16.40 17.56
CA ILE D 160 42.32 -17.31 16.72
C ILE D 160 40.89 -16.80 16.40
N GLY D 161 40.50 -16.86 15.14
CA GLY D 161 39.14 -16.54 14.74
C GLY D 161 38.18 -17.67 15.10
N ARG D 162 36.98 -17.31 15.54
CA ARG D 162 35.94 -18.26 15.90
C ARG D 162 34.59 -17.81 15.37
N VAL D 163 33.72 -18.78 15.07
CA VAL D 163 32.31 -18.54 14.80
C VAL D 163 31.52 -18.87 16.05
N LEU D 164 30.76 -17.91 16.53
CA LEU D 164 29.90 -18.06 17.69
C LEU D 164 28.46 -18.37 17.28
N LEU D 165 27.81 -19.22 18.08
CA LEU D 165 26.43 -19.63 17.84
C LEU D 165 25.50 -19.16 18.96
N TYR D 166 24.38 -18.55 18.58
CA TYR D 166 23.32 -18.18 19.49
C TYR D 166 21.99 -18.69 18.94
N THR D 167 21.04 -18.97 19.83
CA THR D 167 19.69 -19.34 19.41
C THR D 167 18.65 -18.47 20.07
N SER D 168 17.46 -18.48 19.49
CA SER D 168 16.38 -17.69 20.01
C SER D 168 15.06 -18.23 19.50
N ASP D 169 14.03 -18.12 20.34
CA ASP D 169 12.67 -18.49 19.92
C ASP D 169 11.95 -17.28 19.35
N ASP D 170 12.47 -16.09 19.55
CA ASP D 170 11.72 -14.89 19.18
C ASP D 170 12.46 -13.78 18.42
N LEU D 171 13.77 -13.92 18.23
CA LEU D 171 14.63 -12.93 17.58
C LEU D 171 15.12 -11.80 18.50
N PHE D 172 14.62 -11.71 19.75
CA PHE D 172 14.95 -10.62 20.67
C PHE D 172 15.76 -11.06 21.86
N HIS D 173 15.47 -12.24 22.36
CA HIS D 173 16.19 -12.74 23.51
C HIS D 173 17.01 -13.94 23.02
N TRP D 174 18.32 -13.83 23.21
CA TRP D 174 19.24 -14.75 22.60
C TRP D 174 19.96 -15.51 23.68
N LYS D 175 20.27 -16.77 23.42
CA LYS D 175 21.04 -17.62 24.34
C LYS D 175 22.37 -18.01 23.68
N TYR D 176 23.50 -17.76 24.35
CA TYR D 176 24.81 -18.14 23.82
C TYR D 176 25.00 -19.64 23.94
N GLU D 177 25.38 -20.29 22.83
CA GLU D 177 25.52 -21.76 22.76
C GLU D 177 26.96 -22.28 22.66
N GLY D 178 27.93 -21.40 22.40
CA GLY D 178 29.33 -21.78 22.21
C GLY D 178 29.90 -21.44 20.83
N ALA D 179 31.19 -21.70 20.65
CA ALA D 179 31.86 -21.55 19.37
C ALA D 179 31.68 -22.86 18.64
N ILE D 180 31.20 -22.82 17.39
CA ILE D 180 31.03 -24.03 16.59
C ILE D 180 32.23 -24.34 15.67
N PHE D 181 33.17 -23.42 15.56
CA PHE D 181 34.23 -23.54 14.56
C PHE D 181 35.32 -22.54 14.85
N GLU D 182 36.54 -22.93 14.52
CA GLU D 182 37.67 -22.02 14.56
C GLU D 182 38.65 -22.28 13.43
N ASP D 183 39.42 -21.26 13.09
CA ASP D 183 40.40 -21.35 12.03
C ASP D 183 41.70 -20.71 12.52
N GLU D 184 42.74 -21.53 12.70
CA GLU D 184 44.02 -21.09 13.28
C GLU D 184 44.84 -20.19 12.35
N THR D 185 44.44 -20.18 11.08
CA THR D 185 45.07 -19.37 10.04
C THR D 185 44.79 -17.85 10.18
N THR D 186 43.81 -17.48 11.01
CA THR D 186 43.42 -16.07 11.22
C THR D 186 43.35 -15.66 12.67
N LYS D 187 43.34 -14.36 12.88
CA LYS D 187 43.01 -13.78 14.18
C LYS D 187 41.50 -13.59 14.34
N GLU D 188 40.78 -13.54 13.22
CA GLU D 188 39.33 -13.39 13.25
C GLU D 188 38.62 -13.89 11.99
N ILE D 189 37.43 -14.38 12.21
CA ILE D 189 36.54 -14.80 11.15
C ILE D 189 35.47 -13.75 11.01
N GLU D 190 35.20 -13.37 9.76
CA GLU D 190 34.19 -12.41 9.41
C GLU D 190 33.10 -13.04 8.57
N CYS D 191 31.94 -12.38 8.58
CA CYS D 191 30.81 -12.77 7.74
C CYS D 191 30.54 -14.28 7.66
N PRO D 192 30.36 -14.96 8.80
CA PRO D 192 30.00 -16.39 8.71
C PRO D 192 28.57 -16.52 8.22
N ASP D 193 28.27 -17.65 7.59
CA ASP D 193 26.95 -17.99 7.14
C ASP D 193 26.83 -19.51 7.15
N LEU D 194 25.85 -20.01 7.88
CA LEU D 194 25.65 -21.45 8.07
C LEU D 194 24.40 -21.90 7.35
N VAL D 195 24.57 -22.84 6.43
CA VAL D 195 23.56 -23.22 5.48
C VAL D 195 23.49 -24.76 5.41
N ARG D 196 22.36 -25.30 4.99
CA ARG D 196 22.16 -26.75 4.86
C ARG D 196 21.81 -27.03 3.41
N ILE D 197 22.56 -27.93 2.77
CA ILE D 197 22.24 -28.36 1.43
C ILE D 197 22.29 -29.86 1.46
N GLY D 198 21.12 -30.49 1.29
CA GLY D 198 21.03 -31.91 1.05
C GLY D 198 21.80 -32.69 2.09
N GLU D 199 21.34 -32.56 3.33
CA GLU D 199 21.86 -33.34 4.44
C GLU D 199 23.28 -32.93 4.92
N LYS D 200 23.88 -31.89 4.33
CA LYS D 200 25.17 -31.35 4.79
C LYS D 200 25.06 -29.95 5.39
N ASP D 201 25.78 -29.71 6.49
CA ASP D 201 25.94 -28.38 7.05
C ASP D 201 27.17 -27.71 6.43
N ILE D 202 27.01 -26.50 5.90
CA ILE D 202 28.09 -25.78 5.22
C ILE D 202 28.24 -24.40 5.84
N LEU D 203 29.42 -24.12 6.39
CA LEU D 203 29.81 -22.82 6.95
C LEU D 203 30.67 -22.08 5.92
N ILE D 204 30.13 -20.99 5.43
CA ILE D 204 30.85 -20.08 4.56
C ILE D 204 31.35 -18.99 5.49
N TYR D 205 32.56 -18.54 5.28
CA TYR D 205 33.10 -17.43 6.05
C TYR D 205 34.25 -16.77 5.32
N SER D 206 34.59 -15.60 5.80
CA SER D 206 35.59 -14.76 5.17
C SER D 206 36.80 -14.57 6.08
N ILE D 207 37.99 -14.53 5.47
CA ILE D 207 39.22 -14.25 6.18
C ILE D 207 39.92 -13.05 5.59
N THR D 208 40.23 -12.08 6.44
CA THR D 208 40.71 -10.74 6.04
C THR D 208 42.13 -10.69 5.40
N SER D 209 43.07 -11.32 6.08
CA SER D 209 44.49 -11.28 5.71
C SER D 209 44.78 -11.82 4.32
N THR D 210 43.94 -12.74 3.85
CA THR D 210 44.07 -13.31 2.50
C THR D 210 42.96 -12.82 1.57
N ASN D 211 42.01 -12.07 2.13
CA ASN D 211 40.80 -11.63 1.44
C ASN D 211 40.10 -12.75 0.70
N SER D 212 39.80 -13.82 1.43
CA SER D 212 39.26 -15.02 0.86
C SER D 212 37.93 -15.36 1.50
N VAL D 213 37.05 -15.99 0.71
CA VAL D 213 35.85 -16.63 1.22
C VAL D 213 36.05 -18.15 1.18
N LEU D 214 35.97 -18.76 2.36
CA LEU D 214 36.18 -20.19 2.58
C LEU D 214 34.84 -20.89 2.86
N PHE D 215 34.81 -22.20 2.70
CA PHE D 215 33.74 -23.03 3.22
C PHE D 215 34.33 -24.24 3.93
N SER D 216 33.57 -24.70 4.92
CA SER D 216 33.79 -26.00 5.57
C SER D 216 32.45 -26.72 5.55
N MET D 217 32.47 -27.92 5.04
CA MET D 217 31.27 -28.71 4.85
C MET D 217 31.36 -29.98 5.71
N GLY D 218 30.27 -30.31 6.40
CA GLY D 218 30.19 -31.56 7.15
C GLY D 218 28.90 -31.64 7.91
N GLU D 219 29.01 -31.89 9.21
CA GLU D 219 27.84 -32.06 10.06
C GLU D 219 28.04 -31.35 11.38
N LEU D 220 27.03 -30.58 11.76
CA LEU D 220 27.01 -29.91 13.06
C LEU D 220 26.51 -30.93 14.09
N LYS D 221 27.37 -31.36 14.99
CA LYS D 221 27.01 -32.33 16.02
C LYS D 221 27.59 -31.90 17.35
N GLU D 222 26.76 -31.88 18.38
CA GLU D 222 27.24 -31.62 19.74
C GLU D 222 27.89 -30.24 19.83
N GLY D 223 27.28 -29.25 19.20
CA GLY D 223 27.76 -27.89 19.23
C GLY D 223 29.05 -27.59 18.49
N LYS D 224 29.47 -28.50 17.62
CA LYS D 224 30.70 -28.34 16.85
C LYS D 224 30.57 -28.78 15.38
N LEU D 225 31.21 -28.03 14.48
CA LEU D 225 31.26 -28.41 13.07
C LEU D 225 32.36 -29.43 12.81
N ASN D 226 31.93 -30.67 12.57
CA ASN D 226 32.78 -31.74 12.09
C ASN D 226 32.98 -31.60 10.57
N VAL D 227 34.19 -31.24 10.17
CA VAL D 227 34.48 -30.83 8.80
C VAL D 227 34.92 -32.04 7.96
N GLU D 228 34.13 -32.41 6.97
CA GLU D 228 34.47 -33.45 5.98
C GLU D 228 35.26 -32.90 4.78
N LYS D 229 34.98 -31.65 4.39
CA LYS D 229 35.61 -30.97 3.24
C LYS D 229 35.72 -29.47 3.48
N ARG D 230 36.83 -28.89 3.05
CA ARG D 230 37.12 -27.48 3.22
C ARG D 230 37.57 -26.96 1.86
N GLY D 231 37.33 -25.68 1.55
CA GLY D 231 37.84 -25.10 0.34
C GLY D 231 37.57 -23.62 0.20
N LEU D 232 37.81 -23.10 -1.00
CA LEU D 232 37.50 -21.69 -1.31
C LEU D 232 36.20 -21.64 -2.11
N LEU D 233 35.37 -20.63 -1.86
CA LEU D 233 34.14 -20.44 -2.63
C LEU D 233 34.43 -19.74 -3.96
N ASP D 234 35.55 -19.05 -4.01
CA ASP D 234 36.01 -18.42 -5.24
C ASP D 234 37.53 -18.41 -5.19
N HIS D 235 38.14 -18.58 -6.34
CA HIS D 235 39.59 -18.70 -6.43
C HIS D 235 40.29 -17.50 -7.01
N GLY D 236 39.53 -16.44 -7.30
CA GLY D 236 40.10 -15.22 -7.85
C GLY D 236 40.63 -14.25 -6.80
N THR D 237 40.96 -13.05 -7.22
CA THR D 237 41.48 -12.07 -6.27
C THR D 237 40.46 -11.13 -5.63
N ASP D 238 39.22 -11.10 -6.16
CA ASP D 238 38.22 -10.13 -5.72
C ASP D 238 36.84 -10.78 -5.47
N PHE D 239 36.77 -11.47 -4.36
CA PHE D 239 35.55 -12.07 -3.84
C PHE D 239 35.66 -12.14 -2.31
N TYR D 240 34.90 -11.31 -1.61
CA TYR D 240 34.97 -11.20 -0.15
C TYR D 240 33.58 -10.95 0.49
N ALA D 241 33.45 -11.33 1.77
CA ALA D 241 32.27 -11.05 2.54
C ALA D 241 31.02 -11.60 1.90
N ALA D 242 31.06 -12.83 1.39
CA ALA D 242 29.89 -13.45 0.77
C ALA D 242 28.77 -13.66 1.77
N GLN D 243 27.55 -13.61 1.27
CA GLN D 243 26.39 -13.89 2.08
C GLN D 243 25.35 -14.57 1.22
N THR D 244 24.51 -15.32 1.89
CA THR D 244 23.48 -16.11 1.26
C THR D 244 22.07 -15.49 1.51
N PHE D 245 21.15 -15.67 0.56
CA PHE D 245 19.78 -15.15 0.66
C PHE D 245 18.96 -15.98 1.62
N PHE D 246 18.31 -15.32 2.58
CA PHE D 246 17.19 -15.93 3.28
C PHE D 246 15.93 -16.09 2.36
N GLY D 247 15.24 -17.21 2.50
CA GLY D 247 13.90 -17.37 1.94
C GLY D 247 13.78 -17.94 0.52
N THR D 248 14.85 -18.44 -0.06
CA THR D 248 14.78 -19.00 -1.43
C THR D 248 14.85 -20.50 -1.40
N ASP D 249 14.47 -21.17 -2.51
CA ASP D 249 14.64 -22.63 -2.61
C ASP D 249 16.13 -22.91 -2.69
N ARG D 250 16.71 -22.31 -3.72
CA ARG D 250 18.13 -22.39 -3.98
C ARG D 250 18.92 -21.71 -2.90
N VAL D 251 20.16 -22.14 -2.75
CA VAL D 251 21.13 -21.36 -2.00
C VAL D 251 21.79 -20.40 -2.99
N VAL D 252 21.58 -19.12 -2.79
CA VAL D 252 22.14 -18.12 -3.69
C VAL D 252 23.07 -17.19 -2.91
N VAL D 253 24.28 -17.06 -3.43
CA VAL D 253 25.29 -16.22 -2.82
C VAL D 253 25.67 -15.02 -3.66
N ILE D 254 25.94 -13.94 -2.95
CA ILE D 254 26.57 -12.76 -3.55
C ILE D 254 27.69 -12.34 -2.65
N GLY D 255 28.79 -11.93 -3.28
CA GLY D 255 29.92 -11.38 -2.55
C GLY D 255 30.30 -10.00 -3.02
N TRP D 256 31.14 -9.35 -2.23
CA TRP D 256 31.78 -8.08 -2.61
C TRP D 256 32.87 -8.40 -3.65
N LEU D 257 32.77 -7.75 -4.81
CA LEU D 257 33.69 -8.01 -5.95
C LEU D 257 34.83 -7.02 -5.84
N GLN D 258 35.60 -7.18 -4.77
CA GLN D 258 36.69 -6.28 -4.42
C GLN D 258 37.54 -6.91 -3.33
N SER D 259 38.74 -6.41 -3.16
CA SER D 259 39.62 -6.85 -2.09
C SER D 259 40.03 -5.67 -1.22
N TRP D 260 40.05 -5.83 0.10
CA TRP D 260 40.64 -4.80 0.98
C TRP D 260 42.10 -4.63 0.69
N LEU D 261 42.77 -5.75 0.45
CA LEU D 261 44.19 -5.77 0.12
C LEU D 261 44.51 -5.01 -1.17
N ARG D 262 43.60 -5.03 -2.15
CA ARG D 262 43.81 -4.43 -3.47
C ARG D 262 43.03 -3.13 -3.65
N THR D 263 42.17 -2.78 -2.69
CA THR D 263 41.33 -1.58 -2.82
C THR D 263 42.11 -0.32 -3.20
N GLY D 264 43.22 -0.06 -2.53
CA GLY D 264 44.07 1.09 -2.83
C GLY D 264 44.62 1.09 -4.23
N LEU D 265 44.50 -0.03 -4.98
CA LEU D 265 45.06 -0.20 -6.32
C LEU D 265 44.11 0.23 -7.42
N TYR D 266 42.84 0.39 -7.08
CA TYR D 266 41.80 0.57 -8.10
C TYR D 266 41.45 2.01 -8.39
N PRO D 267 41.10 2.29 -9.66
CA PRO D 267 40.90 3.68 -10.11
C PRO D 267 39.46 4.23 -10.19
N THR D 268 38.46 3.62 -9.59
CA THR D 268 37.09 4.08 -9.74
C THR D 268 36.80 5.30 -8.87
N LYS D 269 37.64 5.53 -7.86
CA LYS D 269 37.42 6.63 -6.92
C LYS D 269 37.50 7.98 -7.62
N ARG D 270 38.26 8.06 -8.70
CA ARG D 270 38.24 9.29 -9.50
C ARG D 270 36.88 9.55 -10.13
N GLU D 271 36.07 8.51 -10.35
CA GLU D 271 34.71 8.70 -10.80
C GLU D 271 33.68 8.98 -9.67
N GLY D 272 34.10 8.95 -8.41
CA GLY D 272 33.22 9.27 -7.29
C GLY D 272 32.65 8.06 -6.56
N TRP D 273 33.00 6.85 -6.98
CA TRP D 273 32.43 5.64 -6.40
C TRP D 273 33.51 4.56 -6.22
N ASN D 274 33.23 3.62 -5.34
CA ASN D 274 34.08 2.48 -5.08
C ASN D 274 33.20 1.29 -4.67
N GLY D 275 33.55 0.11 -5.14
CA GLY D 275 32.83 -1.11 -4.82
C GLY D 275 31.83 -1.61 -5.83
N VAL D 276 31.84 -2.93 -6.05
CA VAL D 276 30.93 -3.60 -6.97
C VAL D 276 30.48 -4.90 -6.32
N MET D 277 29.29 -5.42 -6.61
CA MET D 277 28.92 -6.74 -6.11
C MET D 277 29.11 -7.81 -7.17
N SER D 278 29.35 -9.04 -6.73
CA SER D 278 29.51 -10.11 -7.68
C SER D 278 28.16 -10.44 -8.29
N LEU D 279 28.20 -11.08 -9.44
CA LEU D 279 27.09 -11.80 -9.99
C LEU D 279 26.64 -12.86 -8.95
N PRO D 280 25.34 -13.16 -8.88
CA PRO D 280 24.85 -14.19 -7.97
C PRO D 280 25.21 -15.56 -8.50
N ARG D 281 25.54 -16.42 -7.55
CA ARG D 281 25.89 -17.80 -7.83
C ARG D 281 24.97 -18.72 -7.07
N GLU D 282 24.58 -19.84 -7.69
CA GLU D 282 23.91 -20.90 -6.96
C GLU D 282 24.93 -21.89 -6.39
N LEU D 283 24.76 -22.22 -5.11
CA LEU D 283 25.53 -23.26 -4.44
C LEU D 283 24.73 -24.55 -4.41
N TYR D 284 25.37 -25.68 -4.72
CA TYR D 284 24.70 -26.98 -4.70
C TYR D 284 25.72 -28.09 -4.42
N VAL D 285 25.22 -29.27 -4.06
CA VAL D 285 26.06 -30.41 -3.73
C VAL D 285 25.80 -31.53 -4.73
N GLU D 286 26.87 -32.09 -5.24
CA GLU D 286 26.83 -33.19 -6.20
C GLU D 286 28.04 -34.04 -5.94
N ASN D 287 27.83 -35.35 -5.86
CA ASN D 287 28.90 -36.31 -5.60
C ASN D 287 29.72 -35.88 -4.37
N ASN D 288 29.01 -35.52 -3.31
CA ASN D 288 29.62 -35.14 -2.03
C ASN D 288 30.53 -33.91 -2.09
N GLU D 289 30.34 -33.09 -3.12
CA GLU D 289 31.18 -31.91 -3.37
C GLU D 289 30.32 -30.66 -3.50
N LEU D 290 30.75 -29.58 -2.85
CA LEU D 290 30.11 -28.27 -2.97
C LEU D 290 30.51 -27.63 -4.31
N LYS D 291 29.51 -27.27 -5.11
CA LYS D 291 29.69 -26.67 -6.41
C LYS D 291 29.06 -25.28 -6.47
N VAL D 292 29.63 -24.48 -7.35
CA VAL D 292 29.27 -23.07 -7.53
C VAL D 292 29.00 -22.90 -9.01
N LYS D 293 27.83 -22.38 -9.34
CA LYS D 293 27.52 -21.97 -10.72
C LYS D 293 26.77 -20.64 -10.81
N PRO D 294 26.77 -19.99 -11.97
CA PRO D 294 25.98 -18.75 -12.09
C PRO D 294 24.49 -19.04 -12.06
N VAL D 295 23.73 -18.19 -11.39
CA VAL D 295 22.29 -18.40 -11.34
C VAL D 295 21.70 -18.37 -12.76
N ASP D 296 20.63 -19.13 -12.96
CA ASP D 296 19.97 -19.25 -14.26
C ASP D 296 19.42 -17.93 -14.78
N GLU D 297 19.00 -17.05 -13.88
CA GLU D 297 18.44 -15.77 -14.30
C GLU D 297 19.37 -14.93 -15.16
N LEU D 298 20.68 -15.16 -15.05
CA LEU D 298 21.68 -14.41 -15.81
C LEU D 298 21.55 -14.54 -17.34
N LEU D 299 20.93 -15.63 -17.83
CA LEU D 299 20.59 -15.79 -19.25
C LEU D 299 19.81 -14.61 -19.83
N ALA D 300 18.97 -14.01 -19.02
CA ALA D 300 18.19 -12.83 -19.41
C ALA D 300 19.03 -11.63 -19.91
N LEU D 301 20.32 -11.53 -19.51
CA LEU D 301 21.18 -10.45 -19.97
C LEU D 301 21.60 -10.56 -21.47
N ARG D 302 21.53 -11.77 -22.03
CA ARG D 302 21.98 -12.02 -23.41
C ARG D 302 21.09 -11.28 -24.44
N LYS D 303 21.66 -10.34 -25.18
CA LYS D 303 20.89 -9.64 -26.17
C LYS D 303 21.07 -10.07 -27.62
N ARG D 304 22.25 -10.58 -27.95
CA ARG D 304 22.63 -10.89 -29.32
C ARG D 304 23.90 -11.75 -29.37
N LYS D 305 23.90 -12.81 -30.19
CA LYS D 305 25.11 -13.59 -30.41
C LYS D 305 26.01 -12.85 -31.38
N VAL D 306 27.16 -12.38 -30.94
CA VAL D 306 27.94 -11.55 -31.81
C VAL D 306 29.01 -12.32 -32.54
N PHE D 307 29.33 -13.51 -32.03
CA PHE D 307 30.40 -14.32 -32.57
C PHE D 307 30.22 -15.78 -32.20
N GLU D 308 30.60 -16.68 -33.11
CA GLU D 308 30.75 -18.08 -32.79
C GLU D 308 31.79 -18.75 -33.69
N THR D 309 32.44 -19.77 -33.15
CA THR D 309 33.37 -20.55 -33.91
C THR D 309 33.41 -21.98 -33.36
N ALA D 310 33.75 -22.91 -34.25
CA ALA D 310 34.01 -24.28 -33.87
C ALA D 310 35.45 -24.66 -34.23
N LYS D 311 36.31 -23.64 -34.26
CA LYS D 311 37.70 -23.80 -34.66
C LYS D 311 38.61 -22.85 -33.86
N SER D 312 39.85 -23.27 -33.59
CA SER D 312 40.88 -22.43 -32.97
C SER D 312 41.25 -21.31 -33.90
N GLY D 313 41.74 -20.20 -33.32
CA GLY D 313 42.14 -19.04 -34.08
C GLY D 313 42.17 -17.78 -33.22
N THR D 314 42.40 -16.67 -33.92
CA THR D 314 42.38 -15.34 -33.37
C THR D 314 41.37 -14.58 -34.18
N PHE D 315 40.44 -13.92 -33.49
CA PHE D 315 39.27 -13.35 -34.13
C PHE D 315 39.05 -11.93 -33.63
N LEU D 316 38.59 -11.05 -34.51
CA LEU D 316 38.16 -9.71 -34.12
C LEU D 316 36.66 -9.74 -33.80
N LEU D 317 36.28 -9.23 -32.63
CA LEU D 317 34.92 -9.25 -32.16
C LEU D 317 34.25 -7.92 -32.53
N ASP D 318 33.01 -8.02 -32.98
CA ASP D 318 32.16 -6.87 -33.22
C ASP D 318 31.45 -6.46 -31.93
N VAL D 319 32.20 -5.88 -30.99
CA VAL D 319 31.69 -5.40 -29.72
C VAL D 319 32.26 -4.00 -29.49
N LYS D 320 31.45 -3.13 -28.92
CA LYS D 320 31.77 -1.72 -28.69
C LYS D 320 32.08 -1.42 -27.24
N GLU D 321 31.92 -2.44 -26.38
CA GLU D 321 32.19 -2.26 -24.95
C GLU D 321 32.55 -3.55 -24.29
N ASN D 322 33.16 -3.44 -23.13
CA ASN D 322 33.45 -4.64 -22.33
C ASN D 322 32.20 -5.06 -21.53
N SER D 323 31.29 -5.77 -22.20
CA SER D 323 30.01 -6.22 -21.63
C SER D 323 29.55 -7.41 -22.46
N TYR D 324 30.21 -8.53 -22.27
CA TYR D 324 29.86 -9.72 -23.02
C TYR D 324 30.17 -10.97 -22.25
N GLU D 325 29.60 -12.07 -22.73
CA GLU D 325 29.72 -13.38 -22.09
C GLU D 325 30.36 -14.31 -23.10
N ILE D 326 31.41 -15.04 -22.69
CA ILE D 326 31.99 -16.10 -23.50
C ILE D 326 31.52 -17.41 -22.94
N VAL D 327 30.97 -18.25 -23.82
CA VAL D 327 30.62 -19.62 -23.51
C VAL D 327 31.45 -20.51 -24.42
N CYS D 328 32.27 -21.35 -23.81
CA CYS D 328 33.26 -22.12 -24.53
C CYS D 328 33.29 -23.56 -24.03
N GLU D 329 32.89 -24.51 -24.88
CA GLU D 329 33.01 -25.95 -24.58
C GLU D 329 34.21 -26.52 -25.32
N PHE D 330 34.94 -27.43 -24.69
CA PHE D 330 36.19 -27.92 -25.24
C PHE D 330 36.62 -29.23 -24.62
N SER D 331 37.47 -29.98 -25.32
CA SER D 331 38.05 -31.17 -24.70
C SER D 331 39.47 -30.88 -24.36
N GLY D 332 39.96 -31.54 -23.31
CA GLY D 332 41.38 -31.52 -23.00
C GLY D 332 41.82 -30.16 -22.53
N GLU D 333 42.93 -29.69 -23.09
CA GLU D 333 43.55 -28.44 -22.67
C GLU D 333 43.01 -27.27 -23.47
N ILE D 334 43.20 -26.07 -22.95
CA ILE D 334 42.84 -24.85 -23.67
C ILE D 334 43.72 -23.66 -23.26
N GLU D 335 43.87 -22.74 -24.18
CA GLU D 335 44.31 -21.40 -23.87
C GLU D 335 43.32 -20.44 -24.52
N LEU D 336 42.71 -19.60 -23.70
CA LEU D 336 41.75 -18.62 -24.15
C LEU D 336 42.27 -17.27 -23.70
N ARG D 337 42.41 -16.34 -24.67
CA ARG D 337 42.84 -14.97 -24.40
C ARG D 337 41.79 -14.00 -24.88
N MET D 338 41.52 -12.99 -24.07
CA MET D 338 40.63 -11.89 -24.43
C MET D 338 41.39 -10.60 -24.18
N GLY D 339 41.28 -9.66 -25.09
CA GLY D 339 42.06 -8.46 -24.92
C GLY D 339 42.03 -7.56 -26.13
N ASN D 340 43.06 -6.72 -26.19
CA ASN D 340 43.21 -5.80 -27.31
C ASN D 340 44.70 -5.76 -27.63
N GLU D 341 45.16 -4.68 -28.26
CA GLU D 341 46.56 -4.59 -28.64
C GLU D 341 47.55 -4.43 -27.46
N SER D 342 47.07 -3.88 -26.35
CA SER D 342 47.92 -3.64 -25.18
C SER D 342 47.62 -4.45 -23.92
N GLU D 343 46.43 -5.02 -23.84
CA GLU D 343 45.94 -5.62 -22.62
C GLU D 343 45.45 -7.02 -22.90
N GLU D 344 45.50 -7.90 -21.90
CA GLU D 344 44.88 -9.20 -22.03
C GLU D 344 44.59 -9.84 -20.69
N VAL D 345 43.59 -10.70 -20.70
CA VAL D 345 43.39 -11.74 -19.69
C VAL D 345 43.52 -13.08 -20.37
N VAL D 346 44.20 -14.00 -19.69
CA VAL D 346 44.50 -15.31 -20.23
C VAL D 346 44.01 -16.40 -19.29
N ILE D 347 43.25 -17.35 -19.83
CA ILE D 347 42.84 -18.50 -19.05
C ILE D 347 43.32 -19.76 -19.75
N THR D 348 43.99 -20.60 -18.97
CA THR D 348 44.56 -21.82 -19.51
C THR D 348 44.18 -23.01 -18.64
N LYS D 349 43.77 -24.10 -19.29
CA LYS D 349 43.68 -25.38 -18.63
C LYS D 349 44.87 -26.21 -19.14
N SER D 350 45.79 -26.48 -18.24
CA SER D 350 46.98 -27.25 -18.56
C SER D 350 47.06 -28.43 -17.62
N ARG D 351 47.06 -29.61 -18.22
CA ARG D 351 46.90 -30.92 -17.55
C ARG D 351 45.84 -30.87 -16.46
N ASP D 352 46.28 -30.64 -15.23
CA ASP D 352 45.43 -30.82 -14.07
C ASP D 352 44.92 -29.48 -13.52
N GLU D 353 45.33 -28.39 -14.15
CA GLU D 353 45.35 -27.09 -13.52
C GLU D 353 44.62 -26.07 -14.39
N LEU D 354 43.75 -25.27 -13.77
CA LEU D 354 43.12 -24.11 -14.40
C LEU D 354 43.85 -22.91 -13.87
N ILE D 355 44.35 -22.05 -14.76
CA ILE D 355 45.06 -20.88 -14.30
C ILE D 355 44.56 -19.61 -15.00
N VAL D 356 44.36 -18.54 -14.24
CA VAL D 356 43.89 -17.25 -14.73
C VAL D 356 44.92 -16.17 -14.42
N ASP D 357 45.29 -15.42 -15.48
CA ASP D 357 46.30 -14.37 -15.42
C ASP D 357 45.68 -13.04 -15.83
N THR D 358 45.55 -12.12 -14.87
CA THR D 358 45.10 -10.75 -15.14
C THR D 358 46.23 -9.70 -15.01
N THR D 359 47.47 -10.15 -14.93
CA THR D 359 48.57 -9.21 -14.71
C THR D 359 48.70 -8.13 -15.78
N ARG D 360 48.26 -8.41 -17.00
CA ARG D 360 48.31 -7.45 -18.11
C ARG D 360 46.93 -6.93 -18.53
N SER D 361 45.98 -6.91 -17.59
CA SER D 361 44.58 -6.65 -17.88
C SER D 361 44.23 -5.21 -18.13
N GLY D 362 44.98 -4.30 -17.52
CA GLY D 362 44.69 -2.88 -17.58
C GLY D 362 45.43 -2.08 -16.52
N VAL D 363 44.87 -0.94 -16.13
CA VAL D 363 45.61 0.09 -15.38
C VAL D 363 45.85 -0.21 -13.90
N SER D 364 45.17 -1.24 -13.38
CA SER D 364 45.44 -1.75 -12.01
C SER D 364 46.27 -3.02 -12.02
N GLY D 365 46.71 -3.46 -13.20
CA GLY D 365 47.41 -4.72 -13.33
C GLY D 365 46.55 -5.86 -12.83
N GLY D 366 47.17 -6.86 -12.21
CA GLY D 366 46.47 -8.05 -11.78
C GLY D 366 47.39 -9.05 -11.14
N GLU D 367 46.95 -10.31 -11.15
CA GLU D 367 47.62 -11.41 -10.50
C GLU D 367 47.37 -12.74 -11.25
N VAL D 368 48.10 -13.76 -10.85
CA VAL D 368 47.91 -15.09 -11.34
C VAL D 368 47.27 -15.90 -10.24
N ARG D 369 46.18 -16.60 -10.55
CA ARG D 369 45.59 -17.60 -9.64
C ARG D 369 45.38 -18.93 -10.35
N LYS D 370 45.46 -20.00 -9.55
CA LYS D 370 45.46 -21.39 -10.04
C LYS D 370 44.60 -22.22 -9.15
N SER D 371 44.00 -23.25 -9.73
CA SER D 371 43.36 -24.31 -8.95
C SER D 371 43.45 -25.64 -9.72
N THR D 372 43.67 -26.72 -8.99
CA THR D 372 43.61 -28.05 -9.59
C THR D 372 42.12 -28.30 -9.86
N VAL D 373 41.85 -28.99 -10.96
CA VAL D 373 40.50 -29.20 -11.41
C VAL D 373 40.38 -30.66 -11.95
N GLU D 374 39.17 -31.20 -11.92
CA GLU D 374 38.89 -32.51 -12.46
C GLU D 374 38.49 -32.38 -13.93
N ASP D 375 39.14 -33.15 -14.79
CA ASP D 375 38.76 -33.21 -16.20
C ASP D 375 37.41 -33.86 -16.41
N GLU D 376 36.64 -33.29 -17.33
CA GLU D 376 35.42 -33.91 -17.87
C GLU D 376 35.58 -34.08 -19.40
N ALA D 377 34.68 -34.81 -20.07
CA ALA D 377 34.83 -35.12 -21.51
C ALA D 377 34.58 -33.91 -22.37
N THR D 378 33.51 -33.18 -22.03
CA THR D 378 33.36 -31.81 -22.46
C THR D 378 33.60 -30.89 -21.24
N ASN D 379 34.60 -30.03 -21.35
CA ASN D 379 34.79 -28.98 -20.36
C ASN D 379 34.04 -27.74 -20.87
N ARG D 380 33.75 -26.82 -19.98
CA ARG D 380 32.95 -25.65 -20.28
C ARG D 380 33.47 -24.48 -19.46
N ILE D 381 33.78 -23.37 -20.14
CA ILE D 381 34.16 -22.10 -19.50
C ILE D 381 33.13 -21.05 -19.93
N ARG D 382 32.56 -20.40 -18.92
CA ARG D 382 31.67 -19.31 -19.09
C ARG D 382 32.34 -18.09 -18.46
N ALA D 383 32.55 -17.04 -19.22
CA ALA D 383 33.23 -15.86 -18.67
C ALA D 383 32.35 -14.65 -18.88
N PHE D 384 32.19 -13.88 -17.81
CA PHE D 384 31.42 -12.66 -17.82
C PHE D 384 32.38 -11.47 -17.71
N LEU D 385 32.44 -10.69 -18.77
CA LEU D 385 33.30 -9.50 -18.83
C LEU D 385 32.39 -8.27 -18.74
N ASP D 386 32.70 -7.40 -17.78
CA ASP D 386 32.01 -6.14 -17.59
C ASP D 386 33.10 -5.05 -17.49
N SER D 387 32.69 -3.81 -17.25
CA SER D 387 33.58 -2.66 -17.35
C SER D 387 34.82 -2.72 -16.50
N CYS D 388 34.73 -3.32 -15.32
CA CYS D 388 35.86 -3.39 -14.42
C CYS D 388 35.95 -4.75 -13.71
N SER D 389 35.53 -5.78 -14.40
CA SER D 389 35.60 -7.12 -13.80
C SER D 389 35.56 -8.24 -14.83
N VAL D 390 36.09 -9.40 -14.45
CA VAL D 390 35.87 -10.61 -15.21
C VAL D 390 35.66 -11.74 -14.22
N GLU D 391 34.61 -12.52 -14.45
CA GLU D 391 34.27 -13.65 -13.62
C GLU D 391 34.20 -14.90 -14.48
N PHE D 392 35.01 -15.90 -14.08
CA PHE D 392 35.09 -17.16 -14.81
C PHE D 392 34.42 -18.29 -14.02
N PHE D 393 33.68 -19.14 -14.75
CA PHE D 393 33.01 -20.30 -14.22
C PHE D 393 33.41 -21.54 -14.99
N PHE D 394 33.85 -22.59 -14.28
CA PHE D 394 34.36 -23.77 -14.94
C PHE D 394 33.55 -25.00 -14.52
N ASN D 395 33.01 -25.69 -15.52
CA ASN D 395 32.24 -26.94 -15.35
C ASN D 395 31.14 -26.81 -14.31
N ASP D 396 30.51 -25.64 -14.24
CA ASP D 396 29.46 -25.35 -13.26
C ASP D 396 29.85 -25.82 -11.86
N SER D 397 31.13 -25.68 -11.53
CA SER D 397 31.65 -26.21 -10.29
C SER D 397 32.56 -25.23 -9.55
N ILE D 398 33.41 -24.49 -10.26
CA ILE D 398 34.41 -23.60 -9.65
C ILE D 398 34.35 -22.22 -10.31
N ALA D 399 34.70 -21.19 -9.55
CA ALA D 399 34.62 -19.80 -10.00
C ALA D 399 35.88 -19.00 -9.62
N PHE D 400 36.34 -18.14 -10.53
CA PHE D 400 37.44 -17.20 -10.30
C PHE D 400 36.96 -15.79 -10.63
N SER D 401 37.01 -14.90 -9.65
CA SER D 401 36.56 -13.54 -9.78
C SER D 401 37.70 -12.52 -9.69
N PHE D 402 37.76 -11.59 -10.65
CA PHE D 402 38.81 -10.58 -10.68
C PHE D 402 38.28 -9.19 -11.02
N ARG D 403 38.84 -8.20 -10.35
CA ARG D 403 38.66 -6.84 -10.80
C ARG D 403 39.79 -6.50 -11.75
N ILE D 404 39.42 -5.89 -12.88
CA ILE D 404 40.35 -5.45 -13.89
C ILE D 404 39.90 -4.10 -14.35
N HIS D 405 40.82 -3.28 -14.84
CA HIS D 405 40.50 -1.92 -15.24
C HIS D 405 41.10 -1.58 -16.64
N PRO D 406 40.54 -2.23 -17.66
CA PRO D 406 41.05 -1.97 -19.01
C PRO D 406 40.86 -0.55 -19.50
N GLU D 407 41.87 -0.07 -20.24
CA GLU D 407 41.81 1.27 -20.82
C GLU D 407 41.02 1.26 -22.14
N ASN D 408 40.86 0.07 -22.73
CA ASN D 408 40.16 -0.16 -24.01
C ASN D 408 39.34 -1.46 -24.05
N VAL D 409 38.43 -1.51 -25.01
CA VAL D 409 37.60 -2.68 -25.26
C VAL D 409 38.43 -3.89 -25.62
N TYR D 410 38.10 -5.02 -25.01
CA TYR D 410 38.69 -6.29 -25.36
C TYR D 410 37.96 -6.86 -26.60
N ASN D 411 38.40 -6.43 -27.79
CA ASN D 411 37.78 -6.90 -29.05
C ASN D 411 38.55 -7.96 -29.83
N ILE D 412 39.56 -8.55 -29.21
CA ILE D 412 40.29 -9.66 -29.83
C ILE D 412 40.17 -10.85 -28.93
N LEU D 413 39.86 -11.99 -29.52
CA LEU D 413 39.64 -13.21 -28.81
C LEU D 413 40.51 -14.27 -29.54
N SER D 414 41.27 -15.02 -28.78
CA SER D 414 42.01 -16.10 -29.39
C SER D 414 41.76 -17.35 -28.56
N VAL D 415 41.50 -18.48 -29.23
CA VAL D 415 41.32 -19.76 -28.55
C VAL D 415 42.12 -20.82 -29.22
N LYS D 416 42.64 -21.69 -28.39
CA LYS D 416 43.46 -22.78 -28.87
C LYS D 416 43.06 -24.02 -28.07
N SER D 417 42.42 -24.96 -28.77
CA SER D 417 42.04 -26.28 -28.25
C SER D 417 41.55 -27.14 -29.39
N ASN D 418 41.52 -28.45 -29.16
CA ASN D 418 40.67 -29.31 -29.98
C ASN D 418 39.20 -29.27 -29.55
N GLN D 419 38.35 -29.76 -30.42
CA GLN D 419 36.91 -29.84 -30.20
C GLN D 419 36.30 -28.57 -29.55
N VAL D 420 36.77 -27.42 -29.98
CA VAL D 420 36.27 -26.15 -29.47
C VAL D 420 34.90 -25.78 -30.06
N LYS D 421 34.00 -25.36 -29.19
CA LYS D 421 32.80 -24.65 -29.57
C LYS D 421 32.70 -23.40 -28.71
N LEU D 422 32.80 -22.23 -29.31
CA LEU D 422 32.86 -20.98 -28.56
C LEU D 422 31.85 -20.00 -29.14
N GLU D 423 31.09 -19.33 -28.26
CA GLU D 423 30.21 -18.24 -28.65
C GLU D 423 30.35 -17.04 -27.68
N VAL D 424 30.04 -15.86 -28.20
CA VAL D 424 30.06 -14.62 -27.43
C VAL D 424 28.70 -13.96 -27.54
N PHE D 425 28.10 -13.63 -26.39
CA PHE D 425 26.84 -12.90 -26.34
C PHE D 425 27.13 -11.48 -25.80
N GLU D 426 26.66 -10.47 -26.51
CA GLU D 426 26.56 -9.15 -25.93
C GLU D 426 25.59 -9.16 -24.75
N LEU D 427 25.98 -8.53 -23.64
CA LEU D 427 25.15 -8.45 -22.46
C LEU D 427 24.58 -7.03 -22.27
N GLU D 428 23.31 -7.03 -21.89
CA GLU D 428 22.52 -5.86 -21.62
C GLU D 428 23.14 -4.95 -20.55
N ASN D 429 23.00 -3.64 -20.73
CA ASN D 429 23.17 -2.67 -19.66
C ASN D 429 21.86 -2.66 -18.86
N ILE D 430 21.89 -2.91 -17.56
CA ILE D 430 20.67 -2.96 -16.74
C ILE D 430 20.16 -1.58 -16.26
N TRP D 431 20.96 -0.54 -16.48
CA TRP D 431 20.63 0.81 -15.98
C TRP D 431 19.85 1.59 -16.97
N LEU D 432 20.24 1.54 -18.24
CA LEU D 432 19.55 2.31 -19.27
C LEU D 432 19.49 1.59 -20.60
N LEU E 1 7.24 8.33 9.12
CA LEU E 1 7.17 7.71 7.73
C LEU E 1 6.99 8.79 6.64
N PHE E 2 7.98 9.64 6.44
CA PHE E 2 7.80 10.78 5.53
C PHE E 2 8.26 10.57 4.08
N LYS E 3 8.79 9.36 3.79
CA LYS E 3 9.25 9.08 2.44
C LYS E 3 8.04 9.02 1.52
N PRO E 4 8.05 9.82 0.46
CA PRO E 4 6.98 9.78 -0.54
C PRO E 4 6.75 8.41 -1.19
N ASN E 5 5.49 8.10 -1.43
CA ASN E 5 5.06 6.91 -2.16
C ASN E 5 5.26 7.11 -3.65
N TYR E 6 4.97 8.32 -4.17
CA TYR E 6 5.03 8.53 -5.60
C TYR E 6 5.61 9.84 -6.09
N HIS E 7 6.41 10.56 -5.29
CA HIS E 7 7.19 11.71 -5.69
C HIS E 7 8.65 11.28 -5.70
N PHE E 8 9.46 11.94 -6.54
CA PHE E 8 10.86 11.71 -6.55
C PHE E 8 11.54 12.38 -5.32
N PHE E 9 12.47 11.67 -4.72
CA PHE E 9 13.29 12.17 -3.59
C PHE E 9 14.57 11.32 -3.53
N PRO E 10 15.67 11.84 -2.98
CA PRO E 10 16.95 11.10 -3.09
C PRO E 10 17.04 9.96 -2.09
N ILE E 11 17.90 8.99 -2.39
CA ILE E 11 18.05 7.82 -1.53
C ILE E 11 18.69 8.16 -0.19
N THR E 12 19.41 9.27 -0.16
CA THR E 12 20.08 9.80 1.02
C THR E 12 20.58 11.21 0.68
N GLY E 13 20.71 12.04 1.71
CA GLY E 13 21.24 13.36 1.57
C GLY E 13 20.26 14.39 1.13
N TRP E 14 20.80 15.49 0.58
CA TRP E 14 20.08 16.69 0.31
C TRP E 14 19.87 16.87 -1.19
N MET E 15 18.66 17.27 -1.58
CA MET E 15 18.29 17.54 -2.97
C MET E 15 17.58 18.89 -3.04
N ASN E 16 18.04 19.74 -3.94
CA ASN E 16 17.25 20.89 -4.39
C ASN E 16 16.87 20.87 -5.87
N ASP E 17 17.20 21.91 -6.60
CA ASP E 17 16.61 22.20 -7.88
C ASP E 17 16.63 21.02 -8.86
N PRO E 18 15.54 20.81 -9.60
CA PRO E 18 15.62 19.94 -10.77
C PRO E 18 16.51 20.55 -11.86
N ASN E 19 17.30 19.70 -12.49
CA ASN E 19 18.25 20.12 -13.52
C ASN E 19 18.18 19.19 -14.76
N GLY E 20 18.54 19.72 -15.91
CA GLY E 20 18.81 18.91 -17.07
C GLY E 20 17.61 18.09 -17.50
N LEU E 21 16.41 18.64 -17.34
CA LEU E 21 15.19 17.96 -17.76
C LEU E 21 15.11 17.83 -19.26
N ILE E 22 15.05 16.57 -19.73
CA ILE E 22 15.04 16.29 -21.17
C ILE E 22 14.40 14.95 -21.48
N PHE E 23 13.65 14.92 -22.56
CA PHE E 23 13.17 13.71 -23.17
C PHE E 23 14.15 13.34 -24.27
N TRP E 24 14.84 12.23 -24.07
CA TRP E 24 15.98 11.84 -24.91
C TRP E 24 15.98 10.33 -25.08
N LYS E 25 16.04 9.90 -26.35
CA LYS E 25 16.00 8.50 -26.73
C LYS E 25 14.89 7.71 -26.07
N GLY E 26 13.70 8.27 -26.08
CA GLY E 26 12.50 7.61 -25.61
C GLY E 26 12.29 7.61 -24.10
N LYS E 27 13.13 8.32 -23.32
CA LYS E 27 12.95 8.41 -21.87
C LYS E 27 13.04 9.85 -21.37
N TYR E 28 12.35 10.10 -20.25
CA TYR E 28 12.47 11.34 -19.50
C TYR E 28 13.62 11.26 -18.43
N HIS E 29 14.62 12.10 -18.65
CA HIS E 29 15.76 12.30 -17.75
C HIS E 29 15.53 13.52 -16.84
N MET E 30 15.83 13.33 -15.56
CA MET E 30 15.80 14.39 -14.57
C MET E 30 17.09 14.34 -13.79
N PHE E 31 17.80 15.46 -13.79
CA PHE E 31 18.96 15.62 -12.92
C PHE E 31 18.55 16.49 -11.76
N TYR E 32 19.41 16.61 -10.73
CA TYR E 32 19.10 17.44 -9.56
C TYR E 32 20.33 17.87 -8.75
N GLN E 33 20.21 19.04 -8.14
CA GLN E 33 21.21 19.54 -7.20
C GLN E 33 21.26 18.61 -5.99
N TYR E 34 22.42 18.05 -5.72
CA TYR E 34 22.55 16.93 -4.78
C TYR E 34 23.79 17.01 -3.90
N ASN E 35 23.56 16.78 -2.60
CA ASN E 35 24.63 16.46 -1.66
C ASN E 35 24.38 15.13 -1.01
N PRO E 36 25.02 14.05 -1.47
CA PRO E 36 24.84 12.72 -0.87
C PRO E 36 25.40 12.61 0.61
N ARG E 37 26.20 13.58 1.01
CA ARG E 37 26.96 13.45 2.29
C ARG E 37 26.14 13.58 3.55
N LYS E 38 25.09 14.38 3.48
CA LYS E 38 24.26 14.74 4.64
C LYS E 38 22.99 15.45 4.14
N PRO E 39 21.93 15.51 4.95
CA PRO E 39 20.69 16.11 4.50
C PRO E 39 20.72 17.64 4.67
N GLU E 40 21.82 18.29 4.28
CA GLU E 40 21.96 19.74 4.20
C GLU E 40 22.77 20.13 2.97
N TRP E 41 22.52 21.34 2.46
CA TRP E 41 23.15 21.86 1.26
C TRP E 41 24.66 21.99 1.36
N GLY E 42 25.35 21.62 0.28
CA GLY E 42 26.81 21.63 0.25
C GLY E 42 27.42 20.71 -0.76
N ASN E 43 28.62 21.05 -1.23
CA ASN E 43 29.46 20.16 -2.04
C ASN E 43 28.60 19.55 -3.18
N ILE E 44 28.04 20.43 -3.99
CA ILE E 44 26.93 20.10 -4.89
C ILE E 44 27.35 19.35 -6.14
N CYS E 45 26.66 18.24 -6.35
CA CYS E 45 26.73 17.38 -7.53
C CYS E 45 25.43 17.45 -8.32
N TRP E 46 25.40 16.91 -9.55
CA TRP E 46 24.13 16.53 -10.20
C TRP E 46 23.82 15.06 -10.01
N GLY E 47 22.80 14.76 -9.21
CA GLY E 47 22.16 13.45 -9.22
C GLY E 47 21.38 13.23 -10.52
N HIS E 48 21.00 11.97 -10.76
CA HIS E 48 20.42 11.55 -12.05
C HIS E 48 19.30 10.49 -11.84
N ALA E 49 18.12 10.69 -12.43
CA ALA E 49 17.05 9.70 -12.48
C ALA E 49 16.39 9.60 -13.86
N VAL E 50 15.65 8.56 -14.12
CA VAL E 50 15.05 8.36 -15.42
C VAL E 50 13.68 7.71 -15.30
N SER E 51 12.77 8.02 -16.22
CA SER E 51 11.46 7.34 -16.29
C SER E 51 10.99 7.20 -17.73
N ASP E 52 10.14 6.21 -18.01
CA ASP E 52 9.55 6.04 -19.33
C ASP E 52 8.30 6.91 -19.51
N ASP E 53 7.76 7.43 -18.39
CA ASP E 53 6.40 7.97 -18.41
C ASP E 53 6.15 9.17 -17.50
N LEU E 54 7.23 9.86 -17.10
CA LEU E 54 7.18 10.98 -16.15
C LEU E 54 6.71 10.63 -14.73
N VAL E 55 6.53 9.35 -14.43
CA VAL E 55 5.95 8.91 -13.16
C VAL E 55 6.81 7.87 -12.44
N HIS E 56 7.22 6.83 -13.16
CA HIS E 56 7.95 5.71 -12.54
C HIS E 56 9.49 5.87 -12.59
N TRP E 57 10.00 6.67 -11.68
CA TRP E 57 11.40 7.09 -11.65
C TRP E 57 12.32 6.00 -11.14
N ARG E 58 13.50 5.92 -11.74
CA ARG E 58 14.58 5.01 -11.35
C ARG E 58 15.84 5.83 -11.17
N HIS E 59 16.50 5.60 -10.05
CA HIS E 59 17.78 6.22 -9.73
C HIS E 59 18.93 5.70 -10.60
N LEU E 60 19.78 6.61 -11.04
CA LEU E 60 20.96 6.28 -11.86
C LEU E 60 22.18 6.80 -11.08
N PRO E 61 23.39 6.45 -11.49
CA PRO E 61 24.58 7.00 -10.84
C PRO E 61 24.62 8.52 -10.87
N VAL E 62 25.19 9.09 -9.85
CA VAL E 62 25.43 10.52 -9.85
C VAL E 62 26.20 10.88 -11.13
N ALA E 63 25.76 11.94 -11.82
CA ALA E 63 26.25 12.28 -13.17
C ALA E 63 27.45 13.21 -13.17
N LEU E 64 27.36 14.30 -12.43
CA LEU E 64 28.39 15.34 -12.42
C LEU E 64 28.87 15.70 -11.00
N TYR E 65 30.20 15.76 -10.83
CA TYR E 65 30.82 16.00 -9.55
C TYR E 65 31.65 17.25 -9.64
N PRO E 66 31.76 18.01 -8.57
CA PRO E 66 32.76 19.08 -8.55
C PRO E 66 34.16 18.47 -8.47
N ASP E 67 35.15 19.20 -8.95
CA ASP E 67 36.53 18.70 -9.03
C ASP E 67 37.21 18.69 -7.68
N ASP E 68 36.68 19.46 -6.75
CA ASP E 68 37.24 19.53 -5.40
C ASP E 68 36.26 20.08 -4.39
N GLU E 69 36.76 20.36 -3.19
CA GLU E 69 35.99 20.61 -2.00
C GLU E 69 35.49 22.04 -1.96
N THR E 70 36.11 22.91 -2.75
CA THR E 70 35.75 24.31 -2.77
C THR E 70 34.94 24.73 -3.99
N HIS E 71 34.41 23.78 -4.78
CA HIS E 71 33.55 24.07 -5.93
C HIS E 71 32.19 23.37 -5.78
N GLY E 72 31.23 23.76 -6.60
CA GLY E 72 29.95 23.07 -6.76
C GLY E 72 29.45 23.10 -8.21
N VAL E 73 28.75 22.04 -8.61
CA VAL E 73 28.11 21.98 -9.92
C VAL E 73 26.68 22.49 -9.72
N PHE E 74 26.50 23.79 -9.99
CA PHE E 74 25.22 24.43 -9.75
C PHE E 74 24.23 24.09 -10.89
N SER E 75 23.07 24.74 -10.89
CA SER E 75 21.93 24.33 -11.72
C SER E 75 22.16 24.62 -13.22
N GLY E 76 21.36 23.94 -14.03
CA GLY E 76 21.48 24.06 -15.47
C GLY E 76 20.50 23.18 -16.19
N SER E 77 20.65 23.08 -17.50
CA SER E 77 19.64 22.47 -18.38
C SER E 77 20.28 21.43 -19.30
N ALA E 78 19.44 20.78 -20.11
CA ALA E 78 19.91 19.77 -21.04
C ALA E 78 19.29 20.01 -22.40
N VAL E 79 20.09 19.63 -23.40
CA VAL E 79 19.73 19.81 -24.78
C VAL E 79 20.17 18.55 -25.57
N GLU E 80 19.61 18.35 -26.77
CA GLU E 80 20.03 17.30 -27.70
C GLU E 80 20.65 17.95 -28.94
N LYS E 81 21.86 17.54 -29.28
CA LYS E 81 22.54 18.00 -30.47
C LYS E 81 23.24 16.81 -31.09
N ASP E 82 23.06 16.65 -32.39
CA ASP E 82 23.73 15.58 -33.12
C ASP E 82 23.41 14.21 -32.51
N GLY E 83 22.23 14.05 -31.95
CA GLY E 83 21.86 12.80 -31.29
C GLY E 83 22.40 12.64 -29.86
N LYS E 84 23.32 13.50 -29.42
CA LYS E 84 23.91 13.41 -28.09
C LYS E 84 23.19 14.30 -27.07
N MET E 85 23.34 13.96 -25.80
CA MET E 85 22.83 14.78 -24.68
C MET E 85 23.94 15.73 -24.25
N PHE E 86 23.64 17.03 -24.19
CA PHE E 86 24.55 18.02 -23.62
C PHE E 86 23.85 18.64 -22.40
N LEU E 87 24.61 18.75 -21.32
CA LEU E 87 24.22 19.43 -20.08
C LEU E 87 24.98 20.74 -20.00
N VAL E 88 24.29 21.83 -19.73
CA VAL E 88 24.90 23.19 -19.67
C VAL E 88 24.61 23.70 -18.26
N TYR E 89 25.63 24.01 -17.49
CA TYR E 89 25.48 24.27 -16.08
C TYR E 89 26.41 25.37 -15.58
N THR E 90 26.09 25.87 -14.41
CA THR E 90 26.99 26.79 -13.71
C THR E 90 27.97 26.01 -12.86
N TYR E 91 29.26 26.34 -13.00
CA TYR E 91 30.29 25.81 -12.13
C TYR E 91 30.70 26.88 -11.14
N TYR E 92 30.65 26.53 -9.85
CA TYR E 92 30.79 27.49 -8.78
C TYR E 92 32.09 27.24 -8.03
N ARG E 93 32.80 28.34 -7.69
CA ARG E 93 33.99 28.31 -6.84
C ARG E 93 33.76 29.17 -5.58
N ASP E 94 34.00 28.59 -4.38
CA ASP E 94 33.91 29.28 -3.09
C ASP E 94 34.82 30.51 -3.00
N PRO E 95 34.54 31.48 -2.14
CA PRO E 95 35.56 32.53 -1.84
C PRO E 95 36.62 31.94 -0.90
N THR E 96 37.88 31.80 -1.32
CA THR E 96 38.88 31.09 -0.50
C THR E 96 40.17 31.86 -0.22
N HIS E 97 40.93 31.34 0.75
CA HIS E 97 42.29 31.78 1.05
C HIS E 97 42.64 33.04 0.23
N ASN E 98 41.86 34.10 0.44
CA ASN E 98 42.14 35.41 -0.14
C ASN E 98 41.76 35.56 -1.63
N LYS E 99 40.91 34.67 -2.13
CA LYS E 99 40.47 34.78 -3.53
C LYS E 99 38.95 34.58 -3.68
N GLY E 100 38.33 35.45 -4.46
CA GLY E 100 36.88 35.61 -4.47
C GLY E 100 36.05 34.52 -5.12
N GLU E 101 34.73 34.70 -5.00
CA GLU E 101 33.72 33.80 -5.56
C GLU E 101 33.61 33.97 -7.08
N LYS E 102 33.40 32.84 -7.77
CA LYS E 102 33.39 32.78 -9.22
C LYS E 102 32.31 31.81 -9.73
N GLU E 103 31.55 32.27 -10.72
CA GLU E 103 30.57 31.45 -11.41
C GLU E 103 30.86 31.53 -12.90
N THR E 104 31.06 30.39 -13.51
CA THR E 104 31.20 30.29 -14.95
C THR E 104 30.16 29.30 -15.50
N GLN E 105 29.92 29.37 -16.80
CA GLN E 105 29.03 28.44 -17.48
C GLN E 105 29.84 27.45 -18.32
N CYS E 106 29.49 26.15 -18.12
CA CYS E 106 30.21 25.04 -18.69
C CYS E 106 29.28 24.05 -19.38
N VAL E 107 29.89 23.19 -20.18
CA VAL E 107 29.20 22.17 -20.95
C VAL E 107 29.82 20.78 -20.75
N VAL E 108 28.95 19.79 -20.71
CA VAL E 108 29.32 18.37 -20.70
C VAL E 108 28.48 17.68 -21.77
N MET E 109 28.99 16.56 -22.29
CA MET E 109 28.33 15.76 -23.33
C MET E 109 28.25 14.28 -22.96
N SER E 110 27.22 13.62 -23.45
CA SER E 110 27.06 12.18 -23.32
C SER E 110 26.45 11.52 -24.55
N GLU E 111 27.03 10.40 -24.97
CA GLU E 111 26.46 9.63 -26.07
C GLU E 111 25.45 8.61 -25.60
N ASN E 112 25.53 8.22 -24.34
CA ASN E 112 24.65 7.16 -23.87
C ASN E 112 23.73 7.51 -22.70
N GLY E 113 23.84 8.71 -22.14
CA GLY E 113 23.00 9.10 -21.02
C GLY E 113 23.48 8.63 -19.63
N LEU E 114 24.69 8.05 -19.61
CA LEU E 114 25.28 7.48 -18.42
C LEU E 114 26.73 8.00 -18.17
N ASP E 115 27.51 8.21 -19.22
CA ASP E 115 28.89 8.66 -19.12
C ASP E 115 28.97 10.08 -19.68
N PHE E 116 29.51 10.98 -18.85
CA PHE E 116 29.53 12.41 -19.12
C PHE E 116 30.95 12.95 -19.22
N VAL E 117 31.26 13.56 -20.38
CA VAL E 117 32.60 14.09 -20.60
C VAL E 117 32.57 15.60 -20.74
N LYS E 118 33.56 16.24 -20.15
CA LYS E 118 33.74 17.69 -20.22
C LYS E 118 34.11 18.15 -21.61
N TYR E 119 33.49 19.26 -22.02
CA TYR E 119 33.97 19.97 -23.17
C TYR E 119 35.34 20.59 -22.83
N ASP E 120 36.34 20.38 -23.69
CA ASP E 120 37.72 20.85 -23.50
C ASP E 120 37.87 22.34 -23.39
N GLY E 121 36.97 23.09 -24.02
CA GLY E 121 37.04 24.55 -24.02
C GLY E 121 36.32 25.22 -22.87
N ASN E 122 35.86 24.45 -21.87
CA ASN E 122 35.20 25.06 -20.70
C ASN E 122 36.10 26.06 -20.02
N PRO E 123 35.56 27.13 -19.42
CA PRO E 123 34.13 27.47 -19.51
C PRO E 123 33.73 28.09 -20.86
N VAL E 124 32.47 27.87 -21.19
CA VAL E 124 31.83 28.32 -22.42
C VAL E 124 31.46 29.83 -22.28
N ILE E 125 31.16 30.28 -21.07
CA ILE E 125 31.02 31.70 -20.72
C ILE E 125 31.81 31.91 -19.43
N SER E 126 32.87 32.71 -19.51
CA SER E 126 33.85 32.82 -18.41
C SER E 126 33.58 33.94 -17.46
N LYS E 127 32.81 34.92 -17.86
CA LYS E 127 32.55 36.08 -17.02
C LYS E 127 31.21 36.75 -17.36
N PRO E 128 30.66 37.50 -16.40
CA PRO E 128 29.41 38.21 -16.65
C PRO E 128 29.62 39.40 -17.62
N PRO E 129 28.54 39.94 -18.15
CA PRO E 129 28.63 40.93 -19.22
C PRO E 129 29.00 42.33 -18.74
N GLU E 130 28.63 42.64 -17.51
CA GLU E 130 28.75 43.99 -16.96
C GLU E 130 29.31 43.87 -15.55
N GLU E 131 29.88 44.97 -15.06
CA GLU E 131 30.35 44.97 -13.67
C GLU E 131 29.18 45.02 -12.70
N GLY E 132 29.41 44.55 -11.48
CA GLY E 132 28.36 44.50 -10.47
C GLY E 132 27.25 43.49 -10.71
N THR E 133 27.52 42.49 -11.54
CA THR E 133 26.58 41.39 -11.76
C THR E 133 26.96 40.28 -10.80
N HIS E 134 26.04 39.78 -9.98
CA HIS E 134 26.31 38.53 -9.30
C HIS E 134 25.13 37.55 -9.47
N ALA E 135 25.13 36.41 -8.79
CA ALA E 135 24.11 35.39 -9.02
C ALA E 135 24.05 34.92 -10.49
N PHE E 136 25.23 34.86 -11.10
CA PHE E 136 25.40 34.59 -12.51
C PHE E 136 25.23 33.10 -12.78
N ARG E 137 23.98 32.64 -12.78
CA ARG E 137 23.80 31.21 -12.77
C ARG E 137 22.52 30.66 -13.36
N ASP E 138 22.60 29.38 -13.66
CA ASP E 138 21.46 28.55 -14.04
C ASP E 138 21.13 28.72 -15.53
N PRO E 139 22.00 28.28 -16.45
CA PRO E 139 21.73 28.47 -17.88
C PRO E 139 20.65 27.52 -18.38
N LYS E 140 19.55 28.08 -18.88
CA LYS E 140 18.51 27.29 -19.51
C LYS E 140 18.55 27.49 -21.03
N VAL E 141 18.87 26.43 -21.76
CA VAL E 141 19.14 26.49 -23.20
C VAL E 141 18.03 25.87 -24.01
N ASN E 142 17.56 26.60 -25.00
CA ASN E 142 16.57 26.04 -25.92
C ASN E 142 16.95 26.35 -27.37
N ARG E 143 16.16 25.84 -28.27
CA ARG E 143 16.36 26.00 -29.69
C ARG E 143 15.30 26.97 -30.17
N SER E 144 15.70 28.01 -30.87
CA SER E 144 14.77 28.97 -31.43
C SER E 144 15.38 29.67 -32.64
N ASN E 145 14.56 29.85 -33.67
CA ASN E 145 14.96 30.56 -34.88
C ASN E 145 16.25 30.09 -35.51
N GLY E 146 16.47 28.78 -35.56
CA GLY E 146 17.70 28.24 -36.12
C GLY E 146 18.99 28.50 -35.35
N GLU E 147 18.86 28.78 -34.06
CA GLU E 147 20.00 29.01 -33.17
C GLU E 147 19.71 28.46 -31.75
N TRP E 148 20.75 28.40 -30.93
CA TRP E 148 20.59 28.10 -29.51
C TRP E 148 20.48 29.38 -28.74
N ARG E 149 19.62 29.33 -27.74
CA ARG E 149 19.28 30.48 -26.95
C ARG E 149 19.37 30.12 -25.47
N MET E 150 20.03 30.94 -24.69
CA MET E 150 20.25 30.67 -23.28
C MET E 150 19.75 31.85 -22.49
N VAL E 151 18.94 31.56 -21.47
CA VAL E 151 18.63 32.52 -20.44
C VAL E 151 19.37 32.14 -19.16
N LEU E 152 19.86 33.16 -18.46
CA LEU E 152 20.62 33.01 -17.21
C LEU E 152 20.04 33.94 -16.18
N GLY E 153 20.03 33.47 -14.95
CA GLY E 153 19.69 34.28 -13.81
C GLY E 153 20.84 35.24 -13.47
N SER E 154 20.47 36.34 -12.86
CA SER E 154 21.45 37.30 -12.34
C SER E 154 20.79 38.32 -11.44
N GLY E 155 21.65 39.08 -10.77
CA GLY E 155 21.29 40.31 -10.11
C GLY E 155 22.32 41.38 -10.45
N LYS E 156 21.86 42.63 -10.54
CA LYS E 156 22.72 43.77 -10.83
C LYS E 156 22.78 44.70 -9.60
N ASP E 157 24.00 44.99 -9.16
CA ASP E 157 24.31 46.00 -8.15
C ASP E 157 23.65 45.77 -6.79
N GLU E 158 23.39 44.49 -6.48
CA GLU E 158 22.64 44.13 -5.29
C GLU E 158 21.32 44.93 -5.18
N LYS E 159 20.77 45.31 -6.32
CA LYS E 159 19.58 46.16 -6.41
C LYS E 159 18.41 45.53 -7.18
N ILE E 160 18.70 44.95 -8.36
CA ILE E 160 17.63 44.44 -9.22
C ILE E 160 18.01 43.13 -9.91
N GLY E 161 17.05 42.22 -9.99
CA GLY E 161 17.29 40.93 -10.62
C GLY E 161 17.00 41.00 -12.10
N ARG E 162 17.88 40.40 -12.89
CA ARG E 162 17.70 40.39 -14.33
C ARG E 162 17.89 39.02 -14.97
N VAL E 163 17.23 38.81 -16.10
CA VAL E 163 17.42 37.61 -16.92
C VAL E 163 18.23 38.02 -18.15
N LEU E 164 19.39 37.38 -18.28
CA LEU E 164 20.31 37.61 -19.37
C LEU E 164 20.08 36.63 -20.50
N LEU E 165 20.26 37.11 -21.73
CA LEU E 165 20.16 36.28 -22.93
C LEU E 165 21.47 36.17 -23.69
N TYR E 166 21.83 34.94 -24.04
CA TYR E 166 22.95 34.66 -24.89
C TYR E 166 22.46 33.77 -26.05
N THR E 167 23.10 33.87 -27.21
CA THR E 167 22.83 32.99 -28.34
C THR E 167 24.10 32.30 -28.81
N SER E 168 23.91 31.19 -29.51
CA SER E 168 25.03 30.45 -30.04
C SER E 168 24.60 29.66 -31.23
N ASP E 169 25.51 29.50 -32.17
CA ASP E 169 25.27 28.65 -33.33
C ASP E 169 25.78 27.23 -33.08
N ASP E 170 26.54 27.01 -32.02
CA ASP E 170 27.19 25.72 -31.82
C ASP E 170 27.19 25.16 -30.39
N LEU E 171 26.69 25.93 -29.40
CA LEU E 171 26.65 25.55 -27.99
C LEU E 171 27.94 25.86 -27.22
N PHE E 172 29.01 26.26 -27.92
CA PHE E 172 30.32 26.46 -27.28
C PHE E 172 30.76 27.90 -27.25
N HIS E 173 30.47 28.62 -28.33
CA HIS E 173 30.73 30.04 -28.43
C HIS E 173 29.41 30.83 -28.36
N TRP E 174 29.36 31.74 -27.39
CA TRP E 174 28.15 32.46 -27.03
C TRP E 174 28.30 33.97 -27.20
N LYS E 175 27.22 34.61 -27.59
CA LYS E 175 27.20 36.03 -27.86
C LYS E 175 26.18 36.59 -26.93
N TYR E 176 26.59 37.60 -26.17
CA TYR E 176 25.69 38.25 -25.22
C TYR E 176 24.71 39.10 -25.97
N GLU E 177 23.44 38.98 -25.59
CA GLU E 177 22.37 39.68 -26.31
C GLU E 177 21.60 40.68 -25.44
N GLY E 178 22.02 40.89 -24.18
CA GLY E 178 21.37 41.83 -23.28
C GLY E 178 20.48 41.19 -22.22
N ALA E 179 19.99 42.04 -21.31
CA ALA E 179 19.01 41.65 -20.33
C ALA E 179 17.65 41.81 -20.97
N ILE E 180 16.88 40.72 -21.00
CA ILE E 180 15.55 40.74 -21.62
C ILE E 180 14.42 41.04 -20.64
N PHE E 181 14.72 41.06 -19.35
CA PHE E 181 13.68 41.20 -18.36
C PHE E 181 14.30 41.54 -17.04
N GLU E 182 13.58 42.31 -16.24
CA GLU E 182 13.99 42.58 -14.87
C GLU E 182 12.78 42.65 -13.96
N ASP E 183 13.01 42.40 -12.67
CA ASP E 183 11.97 42.40 -11.66
C ASP E 183 12.47 43.18 -10.43
N GLU E 184 11.88 44.37 -10.20
CA GLU E 184 12.29 45.30 -9.12
C GLU E 184 12.06 44.77 -7.71
N THR E 185 11.21 43.77 -7.62
CA THR E 185 10.82 43.10 -6.39
C THR E 185 11.94 42.31 -5.73
N THR E 186 13.01 42.00 -6.49
CA THR E 186 14.14 41.21 -6.04
C THR E 186 15.50 41.82 -6.30
N LYS E 187 16.50 41.32 -5.58
CA LYS E 187 17.90 41.59 -5.88
C LYS E 187 18.46 40.64 -6.97
N GLU E 188 17.80 39.52 -7.19
CA GLU E 188 18.23 38.57 -8.20
C GLU E 188 17.10 37.66 -8.63
N ILE E 189 17.15 37.28 -9.89
CA ILE E 189 16.23 36.31 -10.43
C ILE E 189 16.97 34.98 -10.54
N GLU E 190 16.33 33.89 -10.15
CA GLU E 190 16.94 32.55 -10.26
C GLU E 190 16.19 31.68 -11.26
N CYS E 191 16.87 30.70 -11.85
CA CYS E 191 16.22 29.61 -12.62
C CYS E 191 15.24 30.07 -13.68
N PRO E 192 15.66 31.02 -14.51
CA PRO E 192 14.82 31.45 -15.61
C PRO E 192 14.64 30.35 -16.67
N ASP E 193 13.46 30.30 -17.31
CA ASP E 193 13.22 29.41 -18.44
C ASP E 193 12.26 30.10 -19.43
N LEU E 194 12.68 30.16 -20.68
CA LEU E 194 11.94 30.88 -21.71
C LEU E 194 11.37 29.88 -22.70
N VAL E 195 10.05 29.89 -22.80
CA VAL E 195 9.29 28.90 -23.54
C VAL E 195 8.32 29.64 -24.48
N ARG E 196 7.86 28.94 -25.52
CA ARG E 196 6.86 29.45 -26.44
C ARG E 196 5.67 28.52 -26.42
N ILE E 197 4.48 29.06 -26.22
CA ILE E 197 3.27 28.29 -26.32
C ILE E 197 2.31 29.03 -27.22
N GLY E 198 2.04 28.47 -28.38
CA GLY E 198 1.01 28.98 -29.27
C GLY E 198 1.09 30.48 -29.43
N GLU E 199 2.18 30.93 -30.04
CA GLU E 199 2.38 32.34 -30.37
C GLU E 199 2.76 33.29 -29.21
N LYS E 200 2.79 32.79 -27.96
CA LYS E 200 3.20 33.60 -26.79
C LYS E 200 4.55 33.18 -26.24
N ASP E 201 5.37 34.16 -25.89
CA ASP E 201 6.62 33.92 -25.18
C ASP E 201 6.34 33.99 -23.69
N ILE E 202 6.71 32.92 -22.99
CA ILE E 202 6.51 32.81 -21.54
C ILE E 202 7.87 32.64 -20.82
N LEU E 203 8.17 33.57 -19.93
CA LEU E 203 9.31 33.50 -19.05
C LEU E 203 8.86 33.01 -17.69
N ILE E 204 9.41 31.87 -17.29
CA ILE E 204 9.22 31.33 -15.95
C ILE E 204 10.46 31.69 -15.18
N TYR E 205 10.31 32.04 -13.91
CA TYR E 205 11.48 32.28 -13.08
C TYR E 205 11.18 32.22 -11.61
N SER E 206 12.24 32.16 -10.81
CA SER E 206 12.10 32.03 -9.38
C SER E 206 12.61 33.24 -8.60
N ILE E 207 11.96 33.55 -7.50
CA ILE E 207 12.42 34.60 -6.60
C ILE E 207 12.62 34.06 -5.19
N THR E 208 13.82 34.22 -4.64
CA THR E 208 14.14 33.52 -3.39
C THR E 208 13.45 34.09 -2.12
N SER E 209 13.37 35.41 -1.99
CA SER E 209 12.85 36.04 -0.74
C SER E 209 11.41 35.65 -0.42
N THR E 210 10.66 35.31 -1.48
CA THR E 210 9.26 34.87 -1.37
C THR E 210 9.12 33.39 -1.63
N ASN E 211 10.21 32.76 -2.08
CA ASN E 211 10.21 31.38 -2.52
C ASN E 211 9.07 31.09 -3.50
N SER E 212 9.01 31.87 -4.57
CA SER E 212 7.91 31.77 -5.51
C SER E 212 8.40 31.51 -6.93
N VAL E 213 7.59 30.79 -7.68
CA VAL E 213 7.82 30.63 -9.11
C VAL E 213 6.79 31.50 -9.79
N LEU E 214 7.29 32.48 -10.52
CA LEU E 214 6.50 33.46 -11.27
C LEU E 214 6.56 33.16 -12.75
N PHE E 215 5.63 33.78 -13.49
CA PHE E 215 5.69 33.81 -14.94
C PHE E 215 5.34 35.22 -15.47
N SER E 216 5.92 35.57 -16.61
CA SER E 216 5.56 36.73 -17.42
C SER E 216 5.34 36.26 -18.85
N MET E 217 4.14 36.54 -19.36
CA MET E 217 3.73 36.09 -20.67
C MET E 217 3.57 37.30 -21.60
N GLY E 218 4.12 37.21 -22.81
CA GLY E 218 3.96 38.26 -23.79
C GLY E 218 4.67 37.94 -25.09
N GLU E 219 5.45 38.91 -25.57
CA GLU E 219 6.23 38.75 -26.80
C GLU E 219 7.61 39.33 -26.65
N LEU E 220 8.59 38.54 -27.06
CA LEU E 220 9.99 38.95 -27.10
C LEU E 220 10.22 39.77 -28.36
N LYS E 221 10.45 41.07 -28.22
CA LYS E 221 10.66 41.93 -29.38
C LYS E 221 11.79 42.91 -29.10
N GLU E 222 12.75 42.96 -30.03
CA GLU E 222 13.87 43.90 -29.97
C GLU E 222 14.71 43.69 -28.71
N GLY E 223 14.95 42.43 -28.38
CA GLY E 223 15.75 42.06 -27.21
C GLY E 223 15.11 42.32 -25.84
N LYS E 224 13.79 42.55 -25.82
CA LYS E 224 13.08 42.81 -24.57
C LYS E 224 11.78 42.02 -24.53
N LEU E 225 11.49 41.39 -23.40
CA LEU E 225 10.19 40.74 -23.21
C LEU E 225 9.16 41.82 -22.89
N ASN E 226 8.16 41.94 -23.74
CA ASN E 226 7.08 42.89 -23.58
C ASN E 226 5.96 42.12 -22.91
N VAL E 227 5.68 42.47 -21.66
CA VAL E 227 4.82 41.66 -20.79
C VAL E 227 3.34 42.02 -20.90
N GLU E 228 2.50 41.04 -21.21
CA GLU E 228 1.04 41.17 -21.27
C GLU E 228 0.32 40.60 -20.04
N LYS E 229 0.92 39.61 -19.39
CA LYS E 229 0.33 38.97 -18.21
C LYS E 229 1.44 38.44 -17.33
N ARG E 230 1.26 38.60 -16.03
CA ARG E 230 2.22 38.19 -15.02
C ARG E 230 1.44 37.39 -14.00
N GLY E 231 2.07 36.40 -13.38
CA GLY E 231 1.42 35.67 -12.31
C GLY E 231 2.32 34.66 -11.64
N LEU E 232 1.72 33.82 -10.82
CA LEU E 232 2.42 32.73 -10.12
C LEU E 232 2.14 31.42 -10.82
N LEU E 233 3.13 30.54 -10.96
CA LEU E 233 2.91 29.19 -11.52
C LEU E 233 2.30 28.26 -10.49
N ASP E 234 2.48 28.59 -9.22
CA ASP E 234 1.92 27.82 -8.12
C ASP E 234 1.67 28.76 -6.95
N HIS E 235 0.57 28.52 -6.26
CA HIS E 235 0.09 29.41 -5.22
C HIS E 235 0.27 28.87 -3.82
N GLY E 236 0.93 27.72 -3.70
CA GLY E 236 1.22 27.16 -2.40
C GLY E 236 2.51 27.62 -1.76
N THR E 237 2.92 26.97 -0.66
CA THR E 237 4.13 27.35 0.09
C THR E 237 5.43 26.70 -0.41
N ASP E 238 5.34 25.60 -1.16
CA ASP E 238 6.52 24.74 -1.44
C ASP E 238 6.63 24.36 -2.92
N PHE E 239 6.93 25.35 -3.74
CA PHE E 239 7.12 25.16 -5.17
C PHE E 239 8.11 26.20 -5.64
N TYR E 240 9.27 25.72 -6.04
CA TYR E 240 10.44 26.55 -6.27
C TYR E 240 11.37 25.96 -7.36
N ALA E 241 12.03 26.84 -8.10
CA ALA E 241 13.07 26.43 -9.07
C ALA E 241 12.52 25.53 -10.16
N ALA E 242 11.35 25.90 -10.69
CA ALA E 242 10.72 25.14 -11.74
C ALA E 242 11.60 25.16 -12.96
N GLN E 243 11.67 24.01 -13.64
CA GLN E 243 12.25 23.93 -14.96
C GLN E 243 11.33 23.13 -15.86
N THR E 244 11.49 23.36 -17.15
CA THR E 244 10.72 22.79 -18.20
C THR E 244 11.61 21.75 -18.97
N PHE E 245 11.02 20.66 -19.47
CA PHE E 245 11.73 19.66 -20.28
C PHE E 245 12.09 20.16 -21.67
N PHE E 246 13.31 19.88 -22.09
CA PHE E 246 13.70 19.98 -23.48
C PHE E 246 13.19 18.75 -24.25
N GLY E 247 12.70 18.97 -25.46
CA GLY E 247 12.43 17.88 -26.40
C GLY E 247 11.07 17.23 -26.34
N THR E 248 10.11 17.83 -25.64
CA THR E 248 8.78 17.27 -25.61
C THR E 248 7.86 18.13 -26.47
N ASP E 249 6.74 17.51 -26.84
CA ASP E 249 5.62 18.10 -27.56
C ASP E 249 4.88 19.11 -26.71
N ARG E 250 4.49 18.68 -25.51
CA ARG E 250 3.88 19.54 -24.52
C ARG E 250 4.95 20.33 -23.79
N VAL E 251 4.52 21.39 -23.12
CA VAL E 251 5.39 22.02 -22.14
C VAL E 251 5.16 21.38 -20.79
N VAL E 252 6.21 20.77 -20.22
CA VAL E 252 6.08 20.04 -18.96
C VAL E 252 7.06 20.60 -17.94
N VAL E 253 6.54 20.95 -16.77
CA VAL E 253 7.36 21.56 -15.73
C VAL E 253 7.42 20.71 -14.50
N ILE E 254 8.57 20.72 -13.86
CA ILE E 254 8.71 20.14 -12.53
C ILE E 254 9.42 21.17 -11.66
N GLY E 255 8.98 21.33 -10.42
CA GLY E 255 9.73 22.16 -9.48
C GLY E 255 10.17 21.41 -8.24
N TRP E 256 10.98 22.07 -7.43
CA TRP E 256 11.35 21.58 -6.11
C TRP E 256 10.18 21.76 -5.15
N LEU E 257 9.74 20.67 -4.52
CA LEU E 257 8.58 20.69 -3.63
C LEU E 257 9.06 20.97 -2.23
N GLN E 258 9.58 22.18 -2.03
CA GLN E 258 10.19 22.58 -0.76
C GLN E 258 10.38 24.10 -0.80
N SER E 259 10.61 24.70 0.35
CA SER E 259 10.91 26.14 0.44
C SER E 259 12.20 26.36 1.22
N TRP E 260 13.09 27.22 0.75
CA TRP E 260 14.25 27.60 1.52
C TRP E 260 13.83 28.24 2.84
N LEU E 261 12.72 28.98 2.84
CA LEU E 261 12.23 29.67 4.03
C LEU E 261 11.74 28.72 5.15
N ARG E 262 11.22 27.55 4.79
CA ARG E 262 10.67 26.61 5.75
C ARG E 262 11.56 25.39 5.99
N THR E 263 12.68 25.28 5.30
CA THR E 263 13.50 24.07 5.34
C THR E 263 13.85 23.65 6.75
N GLY E 264 14.26 24.62 7.60
CA GLY E 264 14.57 24.32 8.99
C GLY E 264 13.40 23.83 9.87
N LEU E 265 12.18 23.85 9.34
CA LEU E 265 11.00 23.46 10.08
C LEU E 265 10.58 22.04 9.78
N TYR E 266 11.26 21.39 8.83
CA TYR E 266 10.79 20.16 8.24
C TYR E 266 11.55 19.01 8.88
N PRO E 267 10.87 17.93 9.21
CA PRO E 267 11.52 16.93 10.06
C PRO E 267 12.08 15.73 9.30
N THR E 268 12.35 15.80 8.01
CA THR E 268 12.89 14.62 7.32
C THR E 268 14.42 14.37 7.56
N LYS E 269 15.16 15.35 8.05
CA LYS E 269 16.60 15.14 8.29
C LYS E 269 16.91 13.98 9.22
N ARG E 270 16.03 13.70 10.17
CA ARG E 270 16.25 12.59 11.08
C ARG E 270 16.12 11.24 10.35
N GLU E 271 15.47 11.22 9.19
CA GLU E 271 15.46 10.04 8.31
C GLU E 271 16.65 10.00 7.31
N GLY E 272 17.50 11.03 7.31
CA GLY E 272 18.69 11.00 6.48
C GLY E 272 18.59 11.67 5.12
N TRP E 273 17.44 12.23 4.79
CA TRP E 273 17.27 12.87 3.50
C TRP E 273 16.51 14.18 3.61
N ASN E 274 16.60 14.97 2.54
CA ASN E 274 15.92 16.25 2.49
C ASN E 274 15.64 16.59 1.04
N GLY E 275 14.40 16.99 0.73
CA GLY E 275 14.07 17.47 -0.58
C GLY E 275 13.14 16.53 -1.37
N VAL E 276 12.16 17.09 -2.08
CA VAL E 276 11.16 16.32 -2.86
C VAL E 276 10.87 17.11 -4.13
N MET E 277 10.67 16.43 -5.25
CA MET E 277 10.21 17.07 -6.49
C MET E 277 8.68 17.04 -6.59
N SER E 278 8.14 18.08 -7.21
CA SER E 278 6.71 18.17 -7.48
C SER E 278 6.29 17.17 -8.53
N LEU E 279 4.98 16.90 -8.57
CA LEU E 279 4.38 16.21 -9.71
C LEU E 279 4.60 17.04 -10.98
N PRO E 280 4.75 16.41 -12.14
CA PRO E 280 4.88 17.19 -13.39
C PRO E 280 3.55 17.78 -13.77
N ARG E 281 3.60 19.00 -14.25
CA ARG E 281 2.41 19.70 -14.69
C ARG E 281 2.60 20.09 -16.16
N GLU E 282 1.50 20.16 -16.88
CA GLU E 282 1.51 20.61 -18.26
C GLU E 282 1.09 22.07 -18.22
N LEU E 283 1.89 22.92 -18.83
CA LEU E 283 1.57 24.32 -19.08
C LEU E 283 0.91 24.41 -20.48
N TYR E 284 -0.23 25.09 -20.53
CA TYR E 284 -0.89 25.36 -21.81
C TYR E 284 -1.60 26.70 -21.78
N VAL E 285 -1.95 27.20 -22.95
CA VAL E 285 -2.61 28.52 -23.07
C VAL E 285 -4.00 28.33 -23.66
N GLU E 286 -4.97 28.94 -23.00
CA GLU E 286 -6.36 28.89 -23.42
C GLU E 286 -7.01 30.21 -23.04
N ASN E 287 -7.75 30.80 -23.98
CA ASN E 287 -8.37 32.11 -23.81
C ASN E 287 -7.36 33.14 -23.30
N ASN E 288 -6.20 33.15 -23.94
CA ASN E 288 -5.12 34.09 -23.62
C ASN E 288 -4.62 34.04 -22.19
N GLU E 289 -4.79 32.88 -21.56
CA GLU E 289 -4.40 32.65 -20.18
C GLU E 289 -3.46 31.45 -20.07
N LEU E 290 -2.39 31.59 -19.31
CA LEU E 290 -1.51 30.47 -18.97
C LEU E 290 -2.18 29.55 -17.94
N LYS E 291 -2.34 28.29 -18.31
CA LYS E 291 -2.97 27.30 -17.45
C LYS E 291 -1.99 26.15 -17.08
N VAL E 292 -2.22 25.62 -15.88
CA VAL E 292 -1.39 24.58 -15.27
C VAL E 292 -2.32 23.41 -14.94
N LYS E 293 -2.01 22.21 -15.44
CA LYS E 293 -2.71 21.00 -15.05
C LYS E 293 -1.76 19.84 -14.81
N PRO E 294 -2.20 18.83 -14.08
CA PRO E 294 -1.37 17.65 -13.90
C PRO E 294 -1.20 16.97 -15.25
N VAL E 295 -0.03 16.42 -15.46
CA VAL E 295 0.28 15.62 -16.64
C VAL E 295 -0.66 14.38 -16.70
N ASP E 296 -1.09 14.01 -17.90
CA ASP E 296 -1.98 12.86 -18.11
C ASP E 296 -1.42 11.55 -17.61
N GLU E 297 -0.11 11.39 -17.69
CA GLU E 297 0.52 10.14 -17.25
C GLU E 297 0.26 9.78 -15.78
N LEU E 298 -0.09 10.77 -14.97
CA LEU E 298 -0.36 10.56 -13.53
C LEU E 298 -1.52 9.62 -13.26
N LEU E 299 -2.42 9.49 -14.23
CA LEU E 299 -3.54 8.52 -14.17
C LEU E 299 -3.09 7.08 -13.95
N ALA E 300 -1.91 6.75 -14.46
CA ALA E 300 -1.37 5.41 -14.31
C ALA E 300 -1.06 5.09 -12.82
N LEU E 301 -0.95 6.10 -11.94
CA LEU E 301 -0.80 5.88 -10.51
C LEU E 301 -2.04 5.40 -9.77
N ARG E 302 -3.21 5.55 -10.38
CA ARG E 302 -4.46 5.06 -9.78
C ARG E 302 -4.47 3.50 -9.66
N LYS E 303 -4.65 3.04 -8.45
CA LYS E 303 -4.60 1.63 -8.13
C LYS E 303 -6.04 1.16 -8.07
N ARG E 304 -6.84 1.85 -7.27
CA ARG E 304 -8.13 1.36 -6.82
C ARG E 304 -9.03 2.53 -6.41
N LYS E 305 -10.31 2.45 -6.76
CA LYS E 305 -11.30 3.41 -6.24
C LYS E 305 -11.78 2.95 -4.87
N VAL E 306 -11.47 3.70 -3.81
CA VAL E 306 -11.77 3.27 -2.44
C VAL E 306 -12.99 3.98 -1.83
N PHE E 307 -13.39 5.09 -2.42
CA PHE E 307 -14.51 5.84 -1.88
C PHE E 307 -15.19 6.69 -2.96
N GLU E 308 -16.50 6.83 -2.86
CA GLU E 308 -17.24 7.76 -3.69
C GLU E 308 -18.51 8.25 -2.98
N THR E 309 -18.90 9.48 -3.29
CA THR E 309 -20.14 10.05 -2.75
C THR E 309 -20.69 11.05 -3.74
N ALA E 310 -22.00 11.15 -3.76
CA ALA E 310 -22.68 12.21 -4.49
C ALA E 310 -23.41 13.12 -3.48
N LYS E 311 -23.01 13.04 -2.23
CA LYS E 311 -23.63 13.73 -1.10
C LYS E 311 -22.59 14.38 -0.17
N SER E 312 -22.92 15.53 0.42
CA SER E 312 -22.13 16.12 1.52
C SER E 312 -22.16 15.22 2.72
N GLY E 313 -21.12 15.31 3.55
CA GLY E 313 -21.02 14.54 4.78
C GLY E 313 -19.60 14.39 5.30
N THR E 314 -19.47 13.64 6.39
CA THR E 314 -18.18 13.33 6.99
C THR E 314 -18.04 11.82 6.96
N PHE E 315 -16.90 11.35 6.46
CA PHE E 315 -16.74 9.95 6.07
C PHE E 315 -15.42 9.41 6.52
N LEU E 316 -15.42 8.15 6.92
CA LEU E 316 -14.20 7.40 7.20
C LEU E 316 -13.70 6.73 5.90
N LEU E 317 -12.43 6.91 5.57
CA LEU E 317 -11.83 6.31 4.36
C LEU E 317 -11.10 5.04 4.73
N ASP E 318 -11.25 4.02 3.89
CA ASP E 318 -10.53 2.77 4.04
C ASP E 318 -9.17 2.90 3.33
N VAL E 319 -8.28 3.68 3.94
CA VAL E 319 -6.93 3.89 3.45
C VAL E 319 -5.94 3.68 4.62
N LYS E 320 -4.83 3.03 4.33
CA LYS E 320 -3.82 2.72 5.34
C LYS E 320 -2.59 3.62 5.26
N GLU E 321 -2.51 4.49 4.25
CA GLU E 321 -1.44 5.48 4.16
C GLU E 321 -1.85 6.75 3.46
N ASN E 322 -1.04 7.80 3.62
CA ASN E 322 -1.25 9.06 2.92
C ASN E 322 -0.71 8.96 1.52
N SER E 323 -1.49 8.29 0.67
CA SER E 323 -1.15 8.01 -0.73
C SER E 323 -2.42 7.89 -1.63
N TYR E 324 -3.06 9.03 -1.91
CA TYR E 324 -4.36 8.99 -2.57
C TYR E 324 -4.68 10.31 -3.27
N GLU E 325 -5.60 10.20 -4.24
CA GLU E 325 -6.05 11.32 -5.04
C GLU E 325 -7.55 11.50 -4.80
N ILE E 326 -7.96 12.70 -4.41
CA ILE E 326 -9.37 13.07 -4.39
C ILE E 326 -9.69 13.73 -5.72
N VAL E 327 -10.77 13.25 -6.35
CA VAL E 327 -11.32 13.90 -7.55
C VAL E 327 -12.73 14.36 -7.18
N CYS E 328 -12.95 15.67 -7.23
CA CYS E 328 -14.18 16.32 -6.74
C CYS E 328 -14.71 17.32 -7.76
N GLU E 329 -15.92 17.06 -8.24
CA GLU E 329 -16.66 17.98 -9.11
C GLU E 329 -17.81 18.58 -8.32
N PHE E 330 -18.04 19.89 -8.47
CA PHE E 330 -19.03 20.56 -7.64
C PHE E 330 -19.47 21.87 -8.27
N SER E 331 -20.62 22.36 -7.82
CA SER E 331 -21.05 23.68 -8.27
C SER E 331 -20.99 24.65 -7.12
N GLY E 332 -20.68 25.90 -7.40
CA GLY E 332 -20.75 26.94 -6.41
C GLY E 332 -19.59 26.91 -5.44
N GLU E 333 -19.91 26.93 -4.15
CA GLU E 333 -18.92 26.90 -3.10
C GLU E 333 -18.64 25.50 -2.60
N ILE E 334 -17.53 25.34 -1.88
CA ILE E 334 -17.22 24.08 -1.25
C ILE E 334 -16.33 24.28 -0.03
N GLU E 335 -16.46 23.38 0.93
CA GLU E 335 -15.43 23.17 1.95
C GLU E 335 -15.11 21.69 1.95
N LEU E 336 -13.83 21.38 1.74
CA LEU E 336 -13.33 20.04 1.73
C LEU E 336 -12.22 19.92 2.79
N ARG E 337 -12.41 18.99 3.74
CA ARG E 337 -11.43 18.72 4.79
C ARG E 337 -10.93 17.30 4.67
N MET E 338 -9.60 17.15 4.77
CA MET E 338 -8.98 15.82 4.82
C MET E 338 -8.10 15.78 6.06
N GLY E 339 -8.17 14.70 6.81
CA GLY E 339 -7.49 14.68 8.09
C GLY E 339 -7.75 13.48 8.94
N ASN E 340 -7.46 13.64 10.22
CA ASN E 340 -7.70 12.59 11.19
C ASN E 340 -8.19 13.29 12.46
N GLU E 341 -8.15 12.63 13.60
CA GLU E 341 -8.66 13.21 14.84
C GLU E 341 -7.87 14.42 15.33
N SER E 342 -6.60 14.54 14.95
CA SER E 342 -5.73 15.64 15.42
C SER E 342 -5.19 16.59 14.36
N GLU E 343 -5.31 16.24 13.08
CA GLU E 343 -4.69 16.98 12.01
C GLU E 343 -5.65 17.15 10.88
N GLU E 344 -5.47 18.21 10.10
CA GLU E 344 -6.24 18.38 8.88
C GLU E 344 -5.64 19.43 7.94
N VAL E 345 -5.97 19.30 6.66
CA VAL E 345 -5.87 20.35 5.65
C VAL E 345 -7.27 20.64 5.17
N VAL E 346 -7.54 21.92 4.92
CA VAL E 346 -8.84 22.39 4.49
C VAL E 346 -8.65 23.20 3.23
N ILE E 347 -9.50 22.95 2.24
CA ILE E 347 -9.59 23.78 1.04
C ILE E 347 -11.03 24.24 0.91
N THR E 348 -11.20 25.54 0.73
CA THR E 348 -12.52 26.15 0.63
C THR E 348 -12.59 27.04 -0.60
N LYS E 349 -13.66 26.90 -1.37
CA LYS E 349 -13.96 27.88 -2.42
C LYS E 349 -15.11 28.73 -1.88
N SER E 350 -14.82 29.99 -1.56
CA SER E 350 -15.79 30.93 -1.00
C SER E 350 -15.87 32.15 -1.87
N ARG E 351 -17.07 32.36 -2.43
CA ARG E 351 -17.36 33.35 -3.43
C ARG E 351 -16.33 33.33 -4.55
N ASP E 352 -15.38 34.24 -4.50
CA ASP E 352 -14.49 34.48 -5.63
C ASP E 352 -13.11 33.85 -5.36
N GLU E 353 -12.94 33.20 -4.23
CA GLU E 353 -11.64 32.84 -3.69
C GLU E 353 -11.48 31.34 -3.40
N LEU E 354 -10.29 30.83 -3.75
CA LEU E 354 -9.86 29.50 -3.33
C LEU E 354 -8.86 29.62 -2.19
N ILE E 355 -9.13 28.96 -1.08
CA ILE E 355 -8.23 29.05 0.06
C ILE E 355 -7.87 27.67 0.68
N VAL E 356 -6.57 27.49 0.96
CA VAL E 356 -6.01 26.28 1.50
C VAL E 356 -5.35 26.63 2.82
N ASP E 357 -5.64 25.84 3.84
CA ASP E 357 -5.10 26.03 5.18
C ASP E 357 -4.42 24.73 5.57
N THR E 358 -3.10 24.74 5.62
CA THR E 358 -2.31 23.61 6.16
C THR E 358 -1.76 23.85 7.59
N THR E 359 -2.23 24.89 8.28
CA THR E 359 -1.68 25.19 9.63
C THR E 359 -1.78 24.08 10.63
N ARG E 360 -2.80 23.24 10.48
CA ARG E 360 -3.04 22.14 11.41
C ARG E 360 -2.73 20.77 10.78
N SER E 361 -1.83 20.73 9.83
CA SER E 361 -1.58 19.51 9.02
C SER E 361 -0.73 18.45 9.66
N GLY E 362 0.17 18.86 10.53
CA GLY E 362 1.09 17.93 11.14
C GLY E 362 2.22 18.63 11.86
N VAL E 363 3.34 17.94 11.97
CA VAL E 363 4.40 18.33 12.92
C VAL E 363 5.27 19.52 12.49
N SER E 364 5.13 19.95 11.23
CA SER E 364 5.74 21.20 10.74
C SER E 364 4.73 22.33 10.59
N GLY E 365 3.50 22.14 11.05
CA GLY E 365 2.48 23.16 10.91
C GLY E 365 2.26 23.46 9.45
N GLY E 366 1.96 24.71 9.13
CA GLY E 366 1.67 25.12 7.76
C GLY E 366 1.26 26.57 7.73
N GLU E 367 0.54 26.93 6.67
CA GLU E 367 0.13 28.30 6.36
C GLU E 367 -1.23 28.31 5.65
N VAL E 368 -1.77 29.49 5.47
CA VAL E 368 -2.96 29.73 4.70
C VAL E 368 -2.51 30.48 3.43
N ARG E 369 -2.93 29.99 2.26
CA ARG E 369 -2.71 30.69 0.99
C ARG E 369 -4.02 30.78 0.23
N LYS E 370 -4.17 31.84 -0.56
CA LYS E 370 -5.43 32.20 -1.23
C LYS E 370 -5.13 32.66 -2.65
N SER E 371 -6.10 32.49 -3.53
CA SER E 371 -6.10 33.06 -4.86
C SER E 371 -7.52 33.36 -5.31
N THR E 372 -7.75 34.48 -6.01
CA THR E 372 -9.04 34.66 -6.65
C THR E 372 -9.06 33.71 -7.82
N VAL E 373 -10.25 33.24 -8.13
CA VAL E 373 -10.46 32.27 -9.15
C VAL E 373 -11.75 32.60 -9.96
N GLU E 374 -11.82 32.13 -11.20
CA GLU E 374 -13.03 32.27 -12.01
C GLU E 374 -13.93 31.07 -11.79
N ASP E 375 -15.20 31.33 -11.50
CA ASP E 375 -16.18 30.26 -11.40
C ASP E 375 -16.48 29.63 -12.76
N GLU E 376 -16.63 28.31 -12.73
CA GLU E 376 -17.17 27.56 -13.86
C GLU E 376 -18.46 26.86 -13.40
N ALA E 377 -19.24 26.35 -14.35
CA ALA E 377 -20.57 25.82 -14.03
C ALA E 377 -20.45 24.54 -13.19
N THR E 378 -19.58 23.62 -13.62
CA THR E 378 -19.08 22.60 -12.70
C THR E 378 -17.56 22.84 -12.45
N ASN E 379 -17.22 23.03 -11.19
CA ASN E 379 -15.82 23.14 -10.77
C ASN E 379 -15.23 21.79 -10.48
N ARG E 380 -13.91 21.73 -10.46
CA ARG E 380 -13.18 20.47 -10.28
C ARG E 380 -11.91 20.70 -9.44
N ILE E 381 -11.78 19.93 -8.37
CA ILE E 381 -10.58 19.89 -7.57
C ILE E 381 -10.02 18.48 -7.68
N ARG E 382 -8.72 18.40 -7.96
CA ARG E 382 -7.92 17.20 -7.85
C ARG E 382 -6.85 17.46 -6.80
N ALA E 383 -6.77 16.59 -5.80
CA ALA E 383 -5.85 16.78 -4.64
C ALA E 383 -4.98 15.52 -4.61
N PHE E 384 -3.66 15.66 -4.68
CA PHE E 384 -2.80 14.49 -4.54
C PHE E 384 -2.15 14.57 -3.17
N LEU E 385 -2.46 13.61 -2.31
CA LEU E 385 -1.86 13.52 -0.98
C LEU E 385 -0.78 12.45 -1.04
N ASP E 386 0.42 12.76 -0.55
CA ASP E 386 1.51 11.79 -0.36
C ASP E 386 2.10 12.00 1.06
N SER E 387 3.14 11.26 1.42
CA SER E 387 3.59 11.13 2.81
C SER E 387 3.94 12.46 3.46
N CYS E 388 4.46 13.39 2.66
CA CYS E 388 4.84 14.69 3.20
C CYS E 388 4.46 15.86 2.30
N SER E 389 3.36 15.72 1.60
CA SER E 389 2.90 16.74 0.67
C SER E 389 1.44 16.61 0.28
N VAL E 390 0.86 17.75 -0.12
CA VAL E 390 -0.42 17.77 -0.77
C VAL E 390 -0.31 18.80 -1.87
N GLU E 391 -0.76 18.43 -3.06
CA GLU E 391 -0.87 19.33 -4.21
C GLU E 391 -2.32 19.40 -4.70
N PHE E 392 -2.89 20.61 -4.82
CA PHE E 392 -4.26 20.80 -5.24
C PHE E 392 -4.27 21.42 -6.63
N PHE E 393 -5.13 20.93 -7.50
CA PHE E 393 -5.30 21.45 -8.86
C PHE E 393 -6.77 21.84 -9.05
N PHE E 394 -7.00 23.06 -9.51
CA PHE E 394 -8.34 23.59 -9.61
C PHE E 394 -8.68 23.97 -11.08
N ASN E 395 -9.76 23.39 -11.58
CA ASN E 395 -10.25 23.60 -12.96
C ASN E 395 -9.19 23.48 -14.03
N ASP E 396 -8.27 22.54 -13.86
CA ASP E 396 -7.13 22.36 -14.77
C ASP E 396 -6.46 23.66 -15.13
N SER E 397 -6.36 24.56 -14.16
CA SER E 397 -5.92 25.90 -14.49
C SER E 397 -4.94 26.46 -13.45
N ILE E 398 -5.14 26.16 -12.16
CA ILE E 398 -4.25 26.67 -11.09
C ILE E 398 -3.86 25.55 -10.13
N ALA E 399 -2.70 25.71 -9.48
CA ALA E 399 -2.11 24.73 -8.58
C ALA E 399 -1.69 25.38 -7.29
N PHE E 400 -1.88 24.64 -6.17
CA PHE E 400 -1.34 25.02 -4.85
C PHE E 400 -0.59 23.80 -4.31
N SER E 401 0.70 23.96 -4.04
CA SER E 401 1.53 22.89 -3.52
C SER E 401 2.09 23.20 -2.12
N PHE E 402 1.98 22.22 -1.23
CA PHE E 402 2.42 22.35 0.18
C PHE E 402 3.16 21.10 0.68
N ARG E 403 4.17 21.34 1.48
CA ARG E 403 4.76 20.30 2.26
C ARG E 403 4.06 20.27 3.61
N ILE E 404 3.65 19.08 4.02
CA ILE E 404 3.01 18.81 5.30
C ILE E 404 3.64 17.55 5.87
N HIS E 405 3.61 17.40 7.19
CA HIS E 405 4.28 16.28 7.85
C HIS E 405 3.36 15.66 8.90
N PRO E 406 2.31 14.98 8.43
CA PRO E 406 1.34 14.41 9.36
C PRO E 406 1.94 13.28 10.18
N GLU E 407 1.52 13.17 11.43
CA GLU E 407 1.91 12.05 12.29
C GLU E 407 1.09 10.77 12.02
N ASN E 408 -0.07 10.92 11.39
CA ASN E 408 -0.96 9.80 11.11
C ASN E 408 -1.64 9.95 9.75
N VAL E 409 -2.19 8.84 9.27
CA VAL E 409 -2.97 8.80 8.05
C VAL E 409 -4.22 9.72 8.12
N TYR E 410 -4.47 10.46 7.04
CA TYR E 410 -5.67 11.24 6.84
C TYR E 410 -6.79 10.30 6.34
N ASN E 411 -7.48 9.69 7.30
CA ASN E 411 -8.57 8.77 7.00
C ASN E 411 -9.98 9.27 7.24
N ILE E 412 -10.11 10.58 7.41
CA ILE E 412 -11.40 11.25 7.52
C ILE E 412 -11.49 12.31 6.44
N LEU E 413 -12.60 12.36 5.73
CA LEU E 413 -12.85 13.35 4.70
C LEU E 413 -14.22 13.96 5.02
N SER E 414 -14.29 15.27 5.04
CA SER E 414 -15.57 15.92 5.11
C SER E 414 -15.71 16.81 3.87
N VAL E 415 -16.90 16.83 3.28
CA VAL E 415 -17.20 17.62 2.09
C VAL E 415 -18.52 18.30 2.27
N LYS E 416 -18.60 19.56 1.87
CA LYS E 416 -19.83 20.34 1.98
C LYS E 416 -19.98 21.21 0.75
N SER E 417 -21.00 20.87 -0.06
CA SER E 417 -21.39 21.60 -1.25
C SER E 417 -22.71 21.05 -1.79
N ASN E 418 -23.35 21.82 -2.67
CA ASN E 418 -24.35 21.26 -3.57
C ASN E 418 -23.71 20.57 -4.79
N GLN E 419 -24.50 19.74 -5.45
CA GLN E 419 -24.07 19.04 -6.65
C GLN E 419 -22.64 18.44 -6.54
N VAL E 420 -22.28 17.92 -5.38
CA VAL E 420 -20.98 17.24 -5.25
C VAL E 420 -20.99 15.88 -5.91
N LYS E 421 -19.90 15.59 -6.61
CA LYS E 421 -19.52 14.23 -6.95
C LYS E 421 -18.04 14.10 -6.53
N LEU E 422 -17.72 13.19 -5.62
CA LEU E 422 -16.35 13.05 -5.11
C LEU E 422 -15.96 11.58 -5.16
N GLU E 423 -14.75 11.31 -5.60
CA GLU E 423 -14.16 9.99 -5.53
C GLU E 423 -12.71 10.07 -4.99
N VAL E 424 -12.25 8.97 -4.40
CA VAL E 424 -10.88 8.84 -3.91
C VAL E 424 -10.26 7.58 -4.52
N PHE E 425 -9.07 7.76 -5.10
CA PHE E 425 -8.29 6.66 -5.64
C PHE E 425 -7.08 6.48 -4.75
N GLU E 426 -6.84 5.25 -4.31
CA GLU E 426 -5.52 4.90 -3.78
C GLU E 426 -4.50 5.03 -4.87
N LEU E 427 -3.34 5.61 -4.54
CA LEU E 427 -2.24 5.74 -5.48
C LEU E 427 -1.05 4.83 -5.12
N GLU E 428 -0.45 4.26 -6.15
CA GLU E 428 0.64 3.32 -6.11
C GLU E 428 1.90 3.90 -5.46
N ASN E 429 2.63 3.06 -4.75
CA ASN E 429 4.01 3.34 -4.40
C ASN E 429 4.89 2.97 -5.60
N ILE E 430 5.65 3.94 -6.14
CA ILE E 430 6.45 3.69 -7.34
C ILE E 430 7.78 2.94 -7.04
N TRP E 431 8.15 2.77 -5.76
CA TRP E 431 9.46 2.21 -5.38
C TRP E 431 9.42 0.72 -5.22
N LEU E 432 8.36 0.22 -4.60
CA LEU E 432 8.25 -1.22 -4.37
C LEU E 432 6.78 -1.64 -4.55
N LEU F 1 7.57 3.62 -67.77
CA LEU F 1 8.70 2.78 -67.27
C LEU F 1 9.86 3.56 -66.62
N PHE F 2 9.98 4.85 -66.91
CA PHE F 2 11.03 5.67 -66.34
C PHE F 2 10.70 6.29 -64.95
N LYS F 3 9.48 6.11 -64.44
CA LYS F 3 9.17 6.62 -63.10
C LYS F 3 10.05 6.01 -62.01
N PRO F 4 10.75 6.86 -61.26
CA PRO F 4 11.56 6.38 -60.13
C PRO F 4 10.79 5.58 -59.10
N ASN F 5 11.44 4.58 -58.54
CA ASN F 5 10.93 3.77 -57.45
C ASN F 5 11.14 4.46 -56.12
N TYR F 6 12.26 5.17 -55.96
CA TYR F 6 12.58 5.76 -54.68
C TYR F 6 13.19 7.13 -54.71
N HIS F 7 13.14 7.82 -55.86
CA HIS F 7 13.43 9.25 -55.91
C HIS F 7 12.12 10.00 -56.04
N PHE F 8 12.20 11.25 -55.63
CA PHE F 8 11.06 12.15 -55.65
C PHE F 8 10.96 12.72 -57.07
N PHE F 9 9.72 12.81 -57.56
CA PHE F 9 9.39 13.34 -58.89
C PHE F 9 7.89 13.71 -58.83
N PRO F 10 7.46 14.64 -59.68
CA PRO F 10 6.08 15.14 -59.64
C PRO F 10 5.08 14.12 -60.10
N ILE F 11 3.87 14.19 -59.55
CA ILE F 11 2.76 13.35 -60.00
C ILE F 11 2.39 13.60 -61.46
N THR F 12 2.70 14.81 -61.96
CA THR F 12 2.49 15.18 -63.35
C THR F 12 3.19 16.53 -63.53
N GLY F 13 3.65 16.76 -64.77
CA GLY F 13 4.17 18.05 -65.17
C GLY F 13 5.65 18.15 -65.00
N TRP F 14 6.13 19.39 -64.92
CA TRP F 14 7.56 19.71 -64.89
C TRP F 14 8.08 20.13 -63.48
N MET F 15 9.21 19.58 -63.07
CA MET F 15 9.86 20.00 -61.81
C MET F 15 11.34 20.36 -62.02
N ASN F 16 11.80 21.50 -61.43
CA ASN F 16 13.25 21.80 -61.34
C ASN F 16 13.72 21.99 -59.86
N ASP F 17 14.37 23.11 -59.52
CA ASP F 17 15.19 23.27 -58.33
C ASP F 17 14.48 22.86 -57.04
N PRO F 18 15.16 22.18 -56.10
CA PRO F 18 14.61 22.05 -54.74
C PRO F 18 14.59 23.42 -54.06
N ASN F 19 13.48 23.71 -53.37
CA ASN F 19 13.27 24.96 -52.67
C ASN F 19 12.81 24.73 -51.22
N GLY F 20 13.05 25.72 -50.36
CA GLY F 20 12.46 25.78 -49.03
C GLY F 20 12.75 24.57 -48.18
N LEU F 21 13.92 23.98 -48.34
CA LEU F 21 14.30 22.80 -47.57
C LEU F 21 14.40 23.12 -46.09
N ILE F 22 13.61 22.42 -45.28
CA ILE F 22 13.57 22.70 -43.84
C ILE F 22 13.04 21.53 -43.06
N PHE F 23 13.67 21.30 -41.91
CA PHE F 23 13.20 20.40 -40.88
C PHE F 23 12.40 21.24 -39.86
N TRP F 24 11.10 20.99 -39.85
CA TRP F 24 10.13 21.81 -39.13
C TRP F 24 9.05 20.94 -38.49
N LYS F 25 8.89 21.13 -37.18
CA LYS F 25 7.92 20.36 -36.40
C LYS F 25 8.02 18.87 -36.63
N GLY F 26 9.24 18.36 -36.59
CA GLY F 26 9.47 16.93 -36.66
C GLY F 26 9.49 16.30 -38.04
N LYS F 27 9.33 17.09 -39.12
CA LYS F 27 9.31 16.55 -40.49
C LYS F 27 10.20 17.35 -41.42
N TYR F 28 10.69 16.67 -42.46
CA TYR F 28 11.46 17.24 -43.54
C TYR F 28 10.53 17.69 -44.68
N HIS F 29 10.51 19.02 -44.88
CA HIS F 29 9.76 19.68 -45.97
C HIS F 29 10.68 19.96 -47.16
N MET F 30 10.19 19.61 -48.33
CA MET F 30 10.85 19.93 -49.58
C MET F 30 9.82 20.58 -50.50
N PHE F 31 10.14 21.77 -50.95
CA PHE F 31 9.37 22.48 -51.97
C PHE F 31 10.15 22.38 -53.29
N TYR F 32 9.54 22.74 -54.43
CA TYR F 32 10.22 22.63 -55.71
C TYR F 32 9.63 23.49 -56.78
N GLN F 33 10.46 23.98 -57.68
CA GLN F 33 10.01 24.71 -58.85
C GLN F 33 9.12 23.77 -59.68
N TYR F 34 7.89 24.19 -59.96
CA TYR F 34 6.87 23.31 -60.49
C TYR F 34 5.93 23.91 -61.54
N ASN F 35 5.78 23.21 -62.65
CA ASN F 35 4.70 23.51 -63.61
C ASN F 35 3.79 22.32 -63.79
N PRO F 36 2.64 22.29 -63.15
CA PRO F 36 1.74 21.14 -63.32
C PRO F 36 1.09 21.03 -64.68
N ARG F 37 1.23 22.04 -65.54
CA ARG F 37 0.45 22.07 -66.76
C ARG F 37 0.93 21.12 -67.86
N LYS F 38 2.23 20.89 -67.87
CA LYS F 38 2.94 20.36 -69.03
C LYS F 38 4.27 19.86 -68.50
N PRO F 39 4.89 18.84 -69.10
CA PRO F 39 6.26 18.47 -68.74
C PRO F 39 7.32 19.36 -69.41
N GLU F 40 7.04 20.66 -69.42
CA GLU F 40 8.04 21.69 -69.75
C GLU F 40 7.93 22.85 -68.78
N TRP F 41 9.04 23.59 -68.67
CA TRP F 41 9.13 24.76 -67.80
C TRP F 41 8.14 25.85 -68.18
N GLY F 42 7.49 26.47 -67.19
CA GLY F 42 6.59 27.59 -67.42
C GLY F 42 5.67 27.78 -66.22
N ASN F 43 5.11 28.98 -66.09
CA ASN F 43 4.06 29.30 -65.10
C ASN F 43 4.33 28.75 -63.72
N ILE F 44 5.50 29.10 -63.21
CA ILE F 44 6.11 28.38 -62.10
C ILE F 44 5.47 28.64 -60.75
N CYS F 45 5.14 27.51 -60.08
CA CYS F 45 4.66 27.42 -58.70
C CYS F 45 5.70 26.70 -57.84
N TRP F 46 5.50 26.76 -56.52
CA TRP F 46 6.18 25.84 -55.57
C TRP F 46 5.28 24.64 -55.23
N GLY F 47 5.66 23.48 -55.71
CA GLY F 47 5.10 22.21 -55.23
C GLY F 47 5.69 21.94 -53.87
N HIS F 48 5.11 20.95 -53.18
CA HIS F 48 5.40 20.72 -51.77
C HIS F 48 5.32 19.24 -51.52
N ALA F 49 6.32 18.70 -50.85
CA ALA F 49 6.34 17.34 -50.36
C ALA F 49 6.90 17.27 -48.96
N VAL F 50 6.65 16.16 -48.29
CA VAL F 50 7.07 16.01 -46.89
C VAL F 50 7.45 14.57 -46.61
N SER F 51 8.40 14.39 -45.69
CA SER F 51 8.82 13.08 -45.23
C SER F 51 9.20 13.14 -43.75
N ASP F 52 9.05 12.01 -43.08
CA ASP F 52 9.52 11.87 -41.69
C ASP F 52 11.01 11.57 -41.60
N ASP F 53 11.61 11.14 -42.71
CA ASP F 53 12.93 10.48 -42.68
C ASP F 53 13.85 10.77 -43.88
N LEU F 54 13.56 11.84 -44.62
CA LEU F 54 14.31 12.21 -45.81
C LEU F 54 14.18 11.19 -46.97
N VAL F 55 13.30 10.21 -46.86
CA VAL F 55 13.22 9.12 -47.83
C VAL F 55 11.81 8.84 -48.33
N HIS F 56 10.86 8.68 -47.40
CA HIS F 56 9.45 8.33 -47.76
C HIS F 56 8.60 9.56 -47.92
N TRP F 57 8.77 10.18 -49.09
CA TRP F 57 8.12 11.44 -49.40
C TRP F 57 6.60 11.25 -49.62
N ARG F 58 5.81 12.24 -49.20
CA ARG F 58 4.38 12.36 -49.49
C ARG F 58 4.12 13.67 -50.18
N HIS F 59 3.38 13.65 -51.28
CA HIS F 59 2.92 14.85 -51.93
C HIS F 59 1.91 15.65 -51.07
N LEU F 60 2.07 16.95 -51.09
CA LEU F 60 1.17 17.86 -50.39
C LEU F 60 0.59 18.82 -51.45
N PRO F 61 -0.48 19.56 -51.16
CA PRO F 61 -0.98 20.57 -52.07
C PRO F 61 0.09 21.57 -52.50
N VAL F 62 0.01 22.06 -53.72
CA VAL F 62 0.90 23.09 -54.20
C VAL F 62 0.86 24.24 -53.19
N ALA F 63 2.02 24.79 -52.88
CA ALA F 63 2.12 25.78 -51.84
C ALA F 63 1.99 27.25 -52.30
N LEU F 64 2.71 27.63 -53.35
CA LEU F 64 2.80 29.01 -53.80
C LEU F 64 2.49 29.04 -55.28
N TYR F 65 1.61 29.96 -55.70
CA TYR F 65 1.25 30.17 -57.10
C TYR F 65 1.61 31.64 -57.45
N PRO F 66 1.98 31.88 -58.70
CA PRO F 66 2.17 33.27 -59.17
C PRO F 66 0.76 33.89 -59.28
N ASP F 67 0.68 35.19 -59.15
CA ASP F 67 -0.59 35.90 -59.13
C ASP F 67 -1.22 35.96 -60.51
N ASP F 68 -0.44 35.80 -61.55
CA ASP F 68 -0.98 35.84 -62.90
C ASP F 68 -0.08 35.04 -63.84
N GLU F 69 -0.48 35.05 -65.11
CA GLU F 69 0.11 34.24 -66.16
C GLU F 69 1.48 34.74 -66.64
N THR F 70 1.90 35.92 -66.19
CA THR F 70 3.18 36.51 -66.60
C THR F 70 4.15 36.60 -65.41
N HIS F 71 3.85 35.86 -64.36
CA HIS F 71 4.76 35.79 -63.22
C HIS F 71 5.18 34.34 -62.93
N GLY F 72 6.24 34.20 -62.13
CA GLY F 72 6.70 32.94 -61.61
C GLY F 72 7.20 33.07 -60.19
N VAL F 73 6.96 32.01 -59.38
CA VAL F 73 7.52 31.92 -58.05
C VAL F 73 8.81 31.12 -58.16
N PHE F 74 9.93 31.82 -58.32
CA PHE F 74 11.25 31.25 -58.53
C PHE F 74 11.88 30.80 -57.20
N SER F 75 13.13 30.41 -57.24
CA SER F 75 13.71 29.66 -56.14
C SER F 75 13.95 30.46 -54.87
N GLY F 76 14.10 29.72 -53.77
CA GLY F 76 14.28 30.32 -52.48
C GLY F 76 14.37 29.29 -51.37
N SER F 77 14.33 29.78 -50.15
CA SER F 77 14.69 29.00 -48.99
C SER F 77 13.62 29.09 -47.90
N ALA F 78 13.80 28.33 -46.83
CA ALA F 78 12.85 28.27 -45.74
C ALA F 78 13.60 28.44 -44.42
N VAL F 79 12.93 29.09 -43.49
CA VAL F 79 13.47 29.38 -42.19
C VAL F 79 12.33 29.19 -41.14
N GLU F 80 12.71 29.02 -39.87
CA GLU F 80 11.80 28.95 -38.74
C GLU F 80 12.02 30.19 -37.87
N LYS F 81 10.95 30.93 -37.60
CA LYS F 81 11.00 32.12 -36.75
C LYS F 81 9.75 32.18 -35.90
N ASP F 82 9.92 32.24 -34.58
CA ASP F 82 8.83 32.20 -33.61
C ASP F 82 7.89 31.03 -33.81
N GLY F 83 8.49 29.88 -34.11
CA GLY F 83 7.75 28.65 -34.32
C GLY F 83 7.10 28.52 -35.69
N LYS F 84 7.05 29.60 -36.47
CA LYS F 84 6.38 29.60 -37.79
C LYS F 84 7.39 29.30 -38.91
N MET F 85 6.88 28.81 -40.04
CA MET F 85 7.70 28.56 -41.22
C MET F 85 7.62 29.78 -42.16
N PHE F 86 8.76 30.37 -42.50
CA PHE F 86 8.83 31.44 -43.45
C PHE F 86 9.51 30.93 -44.73
N LEU F 87 8.93 31.22 -45.90
CA LEU F 87 9.54 30.97 -47.22
C LEU F 87 10.01 32.33 -47.77
N VAL F 88 11.24 32.36 -48.25
CA VAL F 88 11.84 33.54 -48.79
C VAL F 88 12.22 33.22 -50.23
N TYR F 89 11.71 34.00 -51.18
CA TYR F 89 11.78 33.57 -52.56
C TYR F 89 11.88 34.76 -53.53
N THR F 90 12.38 34.47 -54.72
CA THR F 90 12.39 35.44 -55.78
C THR F 90 11.06 35.39 -56.52
N TYR F 91 10.43 36.56 -56.68
CA TYR F 91 9.24 36.71 -57.51
C TYR F 91 9.64 37.37 -58.82
N TYR F 92 9.27 36.73 -59.92
CA TYR F 92 9.72 37.05 -61.26
C TYR F 92 8.56 37.59 -62.12
N ARG F 93 8.83 38.69 -62.80
CA ARG F 93 7.93 39.23 -63.82
C ARG F 93 8.60 39.12 -65.19
N ASP F 94 7.84 38.60 -66.17
CA ASP F 94 8.24 38.46 -67.57
C ASP F 94 8.53 39.81 -68.21
N PRO F 95 9.29 39.78 -69.31
CA PRO F 95 9.35 40.92 -70.23
C PRO F 95 7.99 41.16 -70.87
N THR F 96 7.41 42.34 -70.63
CA THR F 96 6.29 42.83 -71.45
C THR F 96 6.91 43.67 -72.54
N HIS F 97 6.51 43.42 -73.79
CA HIS F 97 7.20 43.99 -74.96
C HIS F 97 7.64 45.45 -74.76
N ASN F 98 7.38 46.02 -73.59
CA ASN F 98 7.84 47.36 -73.26
C ASN F 98 8.86 47.43 -72.12
N LYS F 99 8.70 46.55 -71.12
CA LYS F 99 9.67 46.49 -70.02
C LYS F 99 10.33 45.13 -70.02
N GLY F 100 11.59 45.08 -69.62
CA GLY F 100 12.27 43.84 -69.42
C GLY F 100 11.77 43.14 -68.17
N GLU F 101 12.45 42.06 -67.82
CA GLU F 101 12.05 41.25 -66.69
C GLU F 101 12.34 41.94 -65.36
N LYS F 102 11.64 41.53 -64.32
CA LYS F 102 11.89 42.07 -62.98
C LYS F 102 11.96 40.92 -61.97
N GLU F 103 12.95 40.98 -61.09
CA GLU F 103 13.11 40.03 -59.97
C GLU F 103 13.18 40.73 -58.61
N THR F 104 12.25 40.41 -57.70
CA THR F 104 12.30 40.89 -56.33
C THR F 104 12.34 39.75 -55.35
N GLN F 105 12.74 40.04 -54.11
CA GLN F 105 12.76 39.04 -53.04
C GLN F 105 11.58 39.29 -52.07
N CYS F 106 10.80 38.23 -51.82
CA CYS F 106 9.56 38.28 -51.07
C CYS F 106 9.52 37.20 -49.99
N VAL F 107 8.61 37.37 -49.05
CA VAL F 107 8.41 36.49 -47.91
C VAL F 107 6.93 36.10 -47.80
N VAL F 108 6.76 34.86 -47.35
CA VAL F 108 5.49 34.27 -47.06
C VAL F 108 5.69 33.55 -45.72
N MET F 109 4.61 33.38 -44.96
CA MET F 109 4.68 32.69 -43.66
C MET F 109 3.52 31.71 -43.46
N SER F 110 3.75 30.70 -42.64
CA SER F 110 2.75 29.69 -42.33
C SER F 110 2.88 29.23 -40.89
N GLU F 111 1.72 29.07 -40.25
CA GLU F 111 1.66 28.48 -38.92
C GLU F 111 1.51 26.97 -38.93
N ASN F 112 1.00 26.40 -40.03
CA ASN F 112 0.68 24.98 -40.08
C ASN F 112 1.47 24.15 -41.11
N GLY F 113 2.25 24.81 -41.95
CA GLY F 113 3.03 24.13 -42.99
C GLY F 113 2.22 23.72 -44.21
N LEU F 114 0.98 24.18 -44.28
CA LEU F 114 0.05 23.83 -45.37
C LEU F 114 -0.48 25.06 -46.05
N ASP F 115 -0.74 26.12 -45.35
CA ASP F 115 -1.10 27.28 -46.14
C ASP F 115 -0.30 28.50 -45.76
N PHE F 116 -0.09 29.32 -46.78
CA PHE F 116 0.95 30.35 -46.77
C PHE F 116 0.35 31.68 -47.08
N VAL F 117 0.70 32.68 -46.27
CA VAL F 117 0.22 34.04 -46.42
C VAL F 117 1.38 35.01 -46.66
N LYS F 118 1.15 35.94 -47.57
CA LYS F 118 2.14 36.94 -47.95
C LYS F 118 2.43 37.92 -46.83
N TYR F 119 3.70 38.27 -46.66
CA TYR F 119 4.05 39.44 -45.86
C TYR F 119 3.43 40.68 -46.56
N ASP F 120 2.69 41.49 -45.84
CA ASP F 120 2.04 42.68 -46.38
C ASP F 120 3.03 43.70 -46.92
N GLY F 121 4.26 43.65 -46.43
CA GLY F 121 5.32 44.53 -46.85
C GLY F 121 6.11 44.11 -48.07
N ASN F 122 5.74 43.01 -48.75
CA ASN F 122 6.49 42.56 -49.92
C ASN F 122 6.55 43.65 -51.03
N PRO F 123 7.65 43.71 -51.81
CA PRO F 123 8.82 42.88 -51.58
C PRO F 123 9.75 43.38 -50.47
N VAL F 124 10.46 42.43 -49.90
CA VAL F 124 11.40 42.62 -48.79
C VAL F 124 12.72 43.24 -49.29
N ILE F 125 13.09 42.92 -50.53
CA ILE F 125 14.20 43.57 -51.26
C ILE F 125 13.65 43.87 -52.66
N SER F 126 13.52 45.15 -52.99
CA SER F 126 12.79 45.60 -54.17
C SER F 126 13.70 45.72 -55.38
N LYS F 127 14.97 45.98 -55.16
CA LYS F 127 15.89 46.19 -56.28
C LYS F 127 17.31 45.78 -55.98
N PRO F 128 18.11 45.54 -57.01
CA PRO F 128 19.50 45.16 -56.77
C PRO F 128 20.33 46.34 -56.24
N PRO F 129 21.49 46.05 -55.66
CA PRO F 129 22.27 47.05 -54.93
C PRO F 129 23.07 47.99 -55.84
N GLU F 130 23.36 47.53 -57.06
CA GLU F 130 24.21 48.26 -58.00
C GLU F 130 23.62 48.16 -59.40
N GLU F 131 23.91 49.14 -60.24
CA GLU F 131 23.46 49.09 -61.63
C GLU F 131 24.19 47.96 -62.37
N GLY F 132 23.55 47.42 -63.40
CA GLY F 132 24.14 46.35 -64.19
C GLY F 132 24.09 44.98 -63.53
N THR F 133 23.23 44.82 -62.52
CA THR F 133 23.06 43.54 -61.86
C THR F 133 21.97 42.79 -62.53
N HIS F 134 22.25 41.56 -62.98
CA HIS F 134 21.20 40.64 -63.36
C HIS F 134 21.22 39.28 -62.63
N ALA F 135 20.26 38.43 -62.97
CA ALA F 135 20.07 37.10 -62.40
C ALA F 135 19.96 37.21 -60.88
N PHE F 136 19.14 38.17 -60.45
CA PHE F 136 19.08 38.62 -59.06
C PHE F 136 18.09 37.70 -58.32
N ARG F 137 18.57 36.55 -57.92
CA ARG F 137 17.65 35.53 -57.47
C ARG F 137 18.20 34.44 -56.58
N ASP F 138 17.22 33.79 -55.95
CA ASP F 138 17.41 32.57 -55.14
C ASP F 138 17.97 32.95 -53.78
N PRO F 139 17.18 33.60 -52.95
CA PRO F 139 17.63 33.96 -51.59
C PRO F 139 17.71 32.73 -50.67
N LYS F 140 18.90 32.45 -50.14
CA LYS F 140 19.09 31.41 -49.14
C LYS F 140 19.42 32.06 -47.80
N VAL F 141 18.51 31.89 -46.85
CA VAL F 141 18.55 32.57 -45.57
C VAL F 141 18.94 31.60 -44.48
N ASN F 142 19.92 31.99 -43.66
CA ASN F 142 20.28 31.23 -42.48
C ASN F 142 20.48 32.14 -41.25
N ARG F 143 20.71 31.52 -40.11
CA ARG F 143 20.90 32.22 -38.86
C ARG F 143 22.37 32.19 -38.54
N SER F 144 22.94 33.35 -38.24
CA SER F 144 24.33 33.45 -37.82
C SER F 144 24.60 34.67 -36.93
N ASN F 145 25.34 34.44 -35.85
CA ASN F 145 25.75 35.47 -34.91
C ASN F 145 24.60 36.37 -34.45
N GLY F 146 23.46 35.74 -34.11
CA GLY F 146 22.28 36.44 -33.62
C GLY F 146 21.57 37.33 -34.64
N GLU F 147 21.77 37.04 -35.92
CA GLU F 147 21.17 37.78 -37.02
C GLU F 147 20.76 36.79 -38.13
N TRP F 148 19.88 37.23 -39.03
CA TRP F 148 19.63 36.55 -40.28
C TRP F 148 20.62 37.01 -41.35
N ARG F 149 21.14 36.04 -42.13
CA ARG F 149 21.99 36.35 -43.30
C ARG F 149 21.36 35.75 -44.56
N MET F 150 21.39 36.50 -45.65
CA MET F 150 20.90 36.00 -46.91
C MET F 150 22.03 36.05 -47.94
N VAL F 151 22.23 34.94 -48.63
CA VAL F 151 23.02 34.97 -49.86
C VAL F 151 22.11 34.84 -51.10
N LEU F 152 22.42 35.66 -52.11
CA LEU F 152 21.66 35.78 -53.34
C LEU F 152 22.60 35.58 -54.46
N GLY F 153 22.09 34.92 -55.49
CA GLY F 153 22.77 34.80 -56.75
C GLY F 153 22.66 36.06 -57.56
N SER F 154 23.64 36.26 -58.44
CA SER F 154 23.68 37.41 -59.33
C SER F 154 24.74 37.28 -60.42
N GLY F 155 24.63 38.19 -61.37
CA GLY F 155 25.68 38.49 -62.33
C GLY F 155 25.83 40.00 -62.47
N LYS F 156 27.06 40.46 -62.68
CA LYS F 156 27.38 41.87 -62.85
C LYS F 156 27.83 42.11 -64.29
N ASP F 157 27.23 43.10 -64.95
CA ASP F 157 27.63 43.60 -66.29
C ASP F 157 27.71 42.51 -67.36
N GLU F 158 26.87 41.49 -67.26
CA GLU F 158 26.95 40.34 -68.15
C GLU F 158 28.38 39.79 -68.26
N LYS F 159 29.19 40.03 -67.22
CA LYS F 159 30.63 39.73 -67.25
C LYS F 159 31.03 38.72 -66.17
N ILE F 160 30.58 38.92 -64.93
CA ILE F 160 31.04 38.07 -63.82
C ILE F 160 29.94 37.68 -62.81
N GLY F 161 30.03 36.43 -62.36
CA GLY F 161 29.04 35.84 -61.45
C GLY F 161 29.49 36.11 -60.03
N ARG F 162 28.54 36.47 -59.17
CA ARG F 162 28.83 36.92 -57.82
C ARG F 162 27.72 36.53 -56.85
N VAL F 163 28.09 36.31 -55.59
CA VAL F 163 27.14 36.03 -54.52
C VAL F 163 27.03 37.30 -53.66
N LEU F 164 25.81 37.81 -53.48
CA LEU F 164 25.53 38.99 -52.65
C LEU F 164 25.08 38.60 -51.24
N LEU F 165 25.45 39.41 -50.25
CA LEU F 165 25.12 39.15 -48.85
C LEU F 165 24.29 40.31 -48.27
N TYR F 166 23.16 39.97 -47.65
CA TYR F 166 22.33 40.89 -46.89
C TYR F 166 22.15 40.34 -45.48
N THR F 167 21.90 41.23 -44.51
CA THR F 167 21.61 40.83 -43.13
C THR F 167 20.33 41.49 -42.64
N SER F 168 19.72 40.90 -41.63
CA SER F 168 18.43 41.38 -41.12
C SER F 168 18.27 40.92 -39.67
N ASP F 169 17.63 41.76 -38.88
CA ASP F 169 17.17 41.42 -37.53
C ASP F 169 15.79 40.78 -37.49
N ASP F 170 15.00 40.92 -38.56
CA ASP F 170 13.60 40.51 -38.50
C ASP F 170 13.05 39.73 -39.67
N LEU F 171 13.83 39.58 -40.74
CA LEU F 171 13.47 38.89 -41.98
C LEU F 171 12.76 39.79 -43.01
N PHE F 172 12.40 41.02 -42.61
CA PHE F 172 11.63 41.92 -43.48
C PHE F 172 12.46 43.14 -43.98
N HIS F 173 13.40 43.60 -43.16
CA HIS F 173 14.27 44.75 -43.46
C HIS F 173 15.71 44.28 -43.60
N TRP F 174 16.28 44.44 -44.80
CA TRP F 174 17.58 43.86 -45.14
C TRP F 174 18.66 44.91 -45.44
N LYS F 175 19.88 44.68 -44.96
CA LYS F 175 20.99 45.57 -45.16
C LYS F 175 21.96 44.89 -46.11
N TYR F 176 22.38 45.59 -47.14
CA TYR F 176 23.31 45.05 -48.13
C TYR F 176 24.72 45.08 -47.55
N GLU F 177 25.43 43.96 -47.65
CA GLU F 177 26.76 43.84 -47.04
C GLU F 177 27.83 43.64 -48.09
N GLY F 178 27.42 43.72 -49.34
CA GLY F 178 28.34 43.61 -50.42
C GLY F 178 28.39 42.23 -51.02
N ALA F 179 29.23 42.11 -52.02
CA ALA F 179 29.49 40.85 -52.70
C ALA F 179 30.56 40.10 -51.93
N ILE F 180 30.25 38.90 -51.43
CA ILE F 180 31.22 38.14 -50.65
C ILE F 180 32.12 37.27 -51.49
N PHE F 181 31.79 37.07 -52.76
CA PHE F 181 32.45 36.05 -53.57
C PHE F 181 32.10 36.25 -55.04
N GLU F 182 33.06 36.00 -55.91
CA GLU F 182 32.81 36.04 -57.35
C GLU F 182 33.52 34.88 -58.05
N ASP F 183 33.02 34.53 -59.22
CA ASP F 183 33.59 33.44 -60.01
C ASP F 183 33.69 33.88 -61.49
N GLU F 184 34.92 34.16 -61.94
CA GLU F 184 35.21 34.72 -63.28
C GLU F 184 34.82 33.81 -64.42
N THR F 185 34.63 32.54 -64.07
CA THR F 185 34.31 31.46 -64.98
C THR F 185 32.85 31.49 -65.49
N THR F 186 31.99 32.33 -64.89
CA THR F 186 30.58 32.52 -65.29
C THR F 186 30.20 33.98 -65.39
N LYS F 187 29.08 34.18 -66.06
CA LYS F 187 28.36 35.44 -66.10
C LYS F 187 27.40 35.54 -64.89
N GLU F 188 26.98 34.38 -64.35
CA GLU F 188 26.04 34.27 -63.22
C GLU F 188 26.32 33.11 -62.26
N ILE F 189 26.19 33.39 -60.95
CA ILE F 189 26.08 32.35 -59.95
C ILE F 189 24.60 32.19 -59.59
N GLU F 190 24.14 30.93 -59.55
CA GLU F 190 22.79 30.60 -59.15
C GLU F 190 22.82 29.78 -57.86
N CYS F 191 21.70 29.83 -57.15
CA CYS F 191 21.41 29.01 -55.98
C CYS F 191 22.54 28.96 -54.94
N PRO F 192 22.98 30.12 -54.45
CA PRO F 192 24.03 30.15 -53.43
C PRO F 192 23.52 29.58 -52.11
N ASP F 193 24.40 28.96 -51.33
CA ASP F 193 24.08 28.52 -49.98
C ASP F 193 25.32 28.59 -49.10
N LEU F 194 25.21 29.31 -47.99
CA LEU F 194 26.33 29.59 -47.10
C LEU F 194 26.13 28.89 -45.79
N VAL F 195 27.02 27.97 -45.50
CA VAL F 195 26.88 27.03 -44.45
C VAL F 195 28.19 27.06 -43.60
N ARG F 196 28.11 26.60 -42.36
CA ARG F 196 29.28 26.49 -41.49
C ARG F 196 29.37 25.05 -41.02
N ILE F 197 30.53 24.43 -41.21
CA ILE F 197 30.80 23.12 -40.64
C ILE F 197 32.11 23.16 -39.90
N GLY F 198 32.06 22.94 -38.59
CA GLY F 198 33.26 22.75 -37.81
C GLY F 198 34.33 23.80 -38.12
N GLU F 199 33.99 25.06 -37.79
CA GLU F 199 34.89 26.21 -37.91
C GLU F 199 35.15 26.72 -39.34
N LYS F 200 34.64 26.04 -40.35
CA LYS F 200 34.82 26.48 -41.74
C LYS F 200 33.53 27.07 -42.31
N ASP F 201 33.65 28.17 -43.03
CA ASP F 201 32.57 28.69 -43.81
C ASP F 201 32.64 28.06 -45.19
N ILE F 202 31.53 27.44 -45.59
CA ILE F 202 31.40 26.79 -46.91
C ILE F 202 30.26 27.40 -47.71
N LEU F 203 30.61 27.89 -48.89
CA LEU F 203 29.70 28.45 -49.87
C LEU F 203 29.50 27.42 -50.99
N ILE F 204 28.25 26.98 -51.18
CA ILE F 204 27.85 26.08 -52.25
C ILE F 204 27.16 26.96 -53.25
N TYR F 205 27.34 26.67 -54.54
CA TYR F 205 26.66 27.42 -55.55
C TYR F 205 26.64 26.67 -56.88
N SER F 206 25.82 27.16 -57.80
CA SER F 206 25.62 26.52 -59.09
C SER F 206 26.06 27.43 -60.21
N ILE F 207 26.57 26.80 -61.26
CA ILE F 207 26.96 27.50 -62.50
C ILE F 207 26.25 26.89 -63.73
N THR F 208 25.55 27.71 -64.47
CA THR F 208 24.67 27.26 -65.56
C THR F 208 25.39 26.63 -66.78
N SER F 209 26.39 27.33 -67.26
CA SER F 209 27.11 26.98 -68.49
C SER F 209 27.75 25.58 -68.47
N THR F 210 28.09 25.12 -67.28
CA THR F 210 28.62 23.78 -67.12
C THR F 210 27.65 22.85 -66.36
N ASN F 211 26.51 23.41 -65.95
CA ASN F 211 25.53 22.73 -65.10
C ASN F 211 26.20 21.99 -63.93
N SER F 212 26.95 22.74 -63.13
CA SER F 212 27.76 22.16 -62.04
C SER F 212 27.42 22.84 -60.72
N VAL F 213 27.49 22.07 -59.63
CA VAL F 213 27.39 22.63 -58.27
C VAL F 213 28.80 22.63 -57.64
N LEU F 214 29.28 23.81 -57.27
CA LEU F 214 30.64 23.97 -56.74
C LEU F 214 30.60 24.31 -55.25
N PHE F 215 31.73 24.15 -54.57
CA PHE F 215 31.91 24.71 -53.23
C PHE F 215 33.26 25.44 -53.12
N SER F 216 33.24 26.48 -52.30
CA SER F 216 34.42 27.19 -51.84
C SER F 216 34.39 27.20 -50.32
N MET F 217 35.42 26.63 -49.73
CA MET F 217 35.54 26.50 -48.31
C MET F 217 36.68 27.38 -47.78
N GLY F 218 36.42 28.04 -46.64
CA GLY F 218 37.43 28.80 -45.94
C GLY F 218 36.87 29.61 -44.77
N GLU F 219 37.12 30.92 -44.78
CA GLU F 219 36.63 31.76 -43.70
C GLU F 219 36.12 33.09 -44.23
N LEU F 220 34.93 33.44 -43.79
CA LEU F 220 34.28 34.69 -44.13
C LEU F 220 34.84 35.79 -43.20
N LYS F 221 35.62 36.72 -43.75
CA LYS F 221 36.21 37.78 -42.93
C LYS F 221 36.16 39.11 -43.65
N GLU F 222 35.67 40.12 -42.95
CA GLU F 222 35.61 41.49 -43.47
C GLU F 222 34.77 41.56 -44.75
N GLY F 223 33.62 40.88 -44.71
CA GLY F 223 32.70 40.86 -45.83
C GLY F 223 33.16 40.14 -47.09
N LYS F 224 34.18 39.30 -46.98
CA LYS F 224 34.73 38.57 -48.13
C LYS F 224 35.06 37.16 -47.72
N LEU F 225 34.72 36.19 -48.59
CA LEU F 225 35.07 34.80 -48.35
C LEU F 225 36.54 34.55 -48.74
N ASN F 226 37.36 34.25 -47.75
CA ASN F 226 38.79 33.88 -47.93
C ASN F 226 38.82 32.40 -48.20
N VAL F 227 39.19 32.00 -49.42
CA VAL F 227 39.03 30.61 -49.84
C VAL F 227 40.31 29.79 -49.66
N GLU F 228 40.19 28.71 -48.89
CA GLU F 228 41.25 27.73 -48.70
C GLU F 228 41.15 26.55 -49.69
N LYS F 229 39.93 26.17 -50.12
CA LYS F 229 39.70 25.01 -51.01
C LYS F 229 38.44 25.21 -51.84
N ARG F 230 38.50 24.76 -53.08
CA ARG F 230 37.48 24.96 -54.07
C ARG F 230 37.29 23.63 -54.76
N GLY F 231 36.06 23.22 -55.06
CA GLY F 231 35.83 21.94 -55.72
C GLY F 231 34.39 21.74 -56.14
N LEU F 232 34.09 20.56 -56.65
CA LEU F 232 32.75 20.19 -57.12
C LEU F 232 32.09 19.42 -56.00
N LEU F 233 30.79 19.62 -55.81
CA LEU F 233 30.01 18.81 -54.85
C LEU F 233 29.59 17.50 -55.44
N ASP F 234 29.53 17.45 -56.76
CA ASP F 234 29.21 16.24 -57.49
C ASP F 234 29.96 16.29 -58.83
N HIS F 235 30.44 15.15 -59.27
CA HIS F 235 31.30 15.05 -60.45
C HIS F 235 30.59 14.39 -61.64
N GLY F 236 29.28 14.09 -61.53
CA GLY F 236 28.49 13.52 -62.61
C GLY F 236 27.91 14.55 -63.57
N THR F 237 27.02 14.11 -64.46
CA THR F 237 26.37 14.99 -65.44
C THR F 237 25.07 15.67 -64.98
N ASP F 238 24.47 15.17 -63.91
CA ASP F 238 23.10 15.58 -63.50
C ASP F 238 22.95 15.85 -62.01
N PHE F 239 23.55 16.95 -61.59
CA PHE F 239 23.38 17.44 -60.23
C PHE F 239 23.49 18.91 -60.29
N TYR F 240 22.41 19.58 -59.96
CA TYR F 240 22.30 21.00 -60.20
C TYR F 240 21.35 21.68 -59.21
N ALA F 241 21.59 22.96 -58.94
CA ALA F 241 20.71 23.73 -58.05
C ALA F 241 20.56 23.13 -56.65
N ALA F 242 21.65 22.63 -56.09
CA ALA F 242 21.62 22.06 -54.79
C ALA F 242 21.32 23.07 -53.73
N GLN F 243 20.56 22.63 -52.73
CA GLN F 243 20.24 23.40 -51.56
C GLN F 243 20.38 22.52 -50.31
N THR F 244 20.58 23.20 -49.19
CA THR F 244 20.82 22.60 -47.91
C THR F 244 19.58 22.87 -47.00
N PHE F 245 19.27 21.93 -46.11
CA PHE F 245 18.14 22.05 -45.16
C PHE F 245 18.43 23.03 -44.07
N PHE F 246 17.48 23.89 -43.80
CA PHE F 246 17.47 24.69 -42.57
C PHE F 246 16.99 23.83 -41.39
N GLY F 247 17.62 23.99 -40.24
CA GLY F 247 17.14 23.44 -38.98
C GLY F 247 17.61 22.05 -38.59
N THR F 248 18.53 21.44 -39.33
CA THR F 248 19.05 20.11 -39.02
C THR F 248 20.38 20.28 -38.33
N ASP F 249 20.79 19.28 -37.59
CA ASP F 249 22.13 19.26 -36.98
C ASP F 249 23.18 18.96 -38.04
N ARG F 250 22.89 17.99 -38.90
CA ARG F 250 23.76 17.71 -40.06
C ARG F 250 23.59 18.80 -41.11
N VAL F 251 24.55 18.92 -42.00
CA VAL F 251 24.31 19.59 -43.25
C VAL F 251 23.87 18.51 -44.28
N VAL F 252 22.66 18.68 -44.78
CA VAL F 252 22.02 17.76 -45.72
C VAL F 252 21.68 18.52 -46.98
N VAL F 253 22.09 17.99 -48.13
CA VAL F 253 21.88 18.68 -49.41
C VAL F 253 21.04 17.80 -50.31
N ILE F 254 20.13 18.40 -51.07
CA ILE F 254 19.45 17.75 -52.19
C ILE F 254 19.62 18.64 -53.41
N GLY F 255 19.90 18.02 -54.55
CA GLY F 255 20.00 18.74 -55.82
C GLY F 255 19.01 18.24 -56.85
N TRP F 256 18.82 19.02 -57.90
CA TRP F 256 18.05 18.56 -59.06
C TRP F 256 18.84 17.53 -59.85
N LEU F 257 18.28 16.36 -60.06
CA LEU F 257 18.96 15.25 -60.72
C LEU F 257 18.67 15.33 -62.22
N GLN F 258 19.15 16.39 -62.84
CA GLN F 258 18.90 16.69 -64.23
C GLN F 258 19.86 17.83 -64.61
N SER F 259 20.00 18.08 -65.88
CA SER F 259 20.81 19.16 -66.39
C SER F 259 19.99 19.97 -67.35
N TRP F 260 20.13 21.30 -67.31
CA TRP F 260 19.57 22.15 -68.37
C TRP F 260 20.22 21.86 -69.71
N LEU F 261 21.51 21.59 -69.69
CA LEU F 261 22.23 21.22 -70.90
C LEU F 261 21.68 19.94 -71.54
N ARG F 262 21.13 19.05 -70.74
CA ARG F 262 20.66 17.75 -71.23
C ARG F 262 19.15 17.50 -71.24
N THR F 263 18.34 18.45 -70.74
CA THR F 263 16.90 18.25 -70.56
C THR F 263 16.22 17.83 -71.85
N GLY F 264 16.67 18.39 -72.98
CA GLY F 264 16.19 18.00 -74.28
C GLY F 264 16.45 16.58 -74.70
N LEU F 265 17.21 15.78 -73.92
CA LEU F 265 17.60 14.44 -74.30
C LEU F 265 16.73 13.39 -73.64
N TYR F 266 16.00 13.80 -72.60
CA TYR F 266 15.39 12.88 -71.66
C TYR F 266 13.91 12.56 -71.89
N PRO F 267 13.68 11.33 -72.27
CA PRO F 267 12.40 10.90 -72.86
C PRO F 267 11.30 10.58 -71.83
N THR F 268 11.07 11.41 -70.82
CA THR F 268 10.00 11.13 -69.88
C THR F 268 8.72 11.88 -70.24
N LYS F 269 8.81 12.86 -71.15
CA LYS F 269 7.66 13.70 -71.44
C LYS F 269 6.46 12.93 -71.96
N ARG F 270 6.69 11.82 -72.67
CA ARG F 270 5.58 11.01 -73.16
C ARG F 270 4.84 10.33 -72.04
N GLU F 271 5.45 10.25 -70.86
CA GLU F 271 4.73 9.76 -69.66
C GLU F 271 4.04 10.84 -68.83
N GLY F 272 4.15 12.10 -69.26
CA GLY F 272 3.44 13.17 -68.61
C GLY F 272 4.22 13.99 -67.59
N TRP F 273 5.51 13.67 -67.36
CA TRP F 273 6.29 14.27 -66.27
C TRP F 273 7.77 14.49 -66.70
N ASN F 274 8.45 15.38 -65.97
CA ASN F 274 9.83 15.78 -66.25
C ASN F 274 10.48 16.26 -64.96
N GLY F 275 11.64 15.73 -64.65
CA GLY F 275 12.42 16.19 -63.51
C GLY F 275 12.40 15.22 -62.37
N VAL F 276 13.56 15.08 -61.72
CA VAL F 276 13.79 14.16 -60.61
C VAL F 276 14.70 14.85 -59.55
N MET F 277 14.53 14.56 -58.26
CA MET F 277 15.46 15.05 -57.22
C MET F 277 16.53 13.97 -56.88
N SER F 278 17.72 14.43 -56.54
CA SER F 278 18.80 13.55 -56.12
C SER F 278 18.45 12.92 -54.76
N LEU F 279 19.13 11.83 -54.41
CA LEU F 279 19.07 11.37 -53.01
C LEU F 279 19.71 12.42 -52.10
N PRO F 280 19.26 12.56 -50.84
CA PRO F 280 19.90 13.50 -49.91
C PRO F 280 21.29 13.03 -49.49
N ARG F 281 22.23 13.96 -49.36
CA ARG F 281 23.60 13.67 -48.99
C ARG F 281 23.97 14.46 -47.75
N GLU F 282 24.86 13.89 -46.93
CA GLU F 282 25.39 14.61 -45.79
C GLU F 282 26.74 15.19 -46.16
N LEU F 283 26.89 16.48 -45.95
CA LEU F 283 28.18 17.14 -46.09
C LEU F 283 28.83 17.21 -44.72
N TYR F 284 30.11 16.84 -44.63
CA TYR F 284 30.87 16.93 -43.39
C TYR F 284 32.35 17.20 -43.70
N VAL F 285 33.13 17.52 -42.67
CA VAL F 285 34.54 17.92 -42.83
C VAL F 285 35.42 16.97 -42.03
N GLU F 286 36.42 16.41 -42.72
CA GLU F 286 37.37 15.51 -42.08
C GLU F 286 38.72 15.74 -42.73
N ASN F 287 39.75 15.91 -41.90
CA ASN F 287 41.12 16.20 -42.35
C ASN F 287 41.19 17.42 -43.24
N ASN F 288 40.45 18.46 -42.83
CA ASN F 288 40.31 19.73 -43.56
C ASN F 288 39.78 19.64 -44.98
N GLU F 289 39.01 18.58 -45.22
CA GLU F 289 38.45 18.25 -46.52
C GLU F 289 36.92 18.17 -46.42
N LEU F 290 36.21 18.82 -47.33
CA LEU F 290 34.77 18.68 -47.43
C LEU F 290 34.47 17.30 -48.03
N LYS F 291 33.68 16.51 -47.31
CA LYS F 291 33.25 15.18 -47.76
C LYS F 291 31.72 15.09 -47.95
N VAL F 292 31.31 14.17 -48.82
CA VAL F 292 29.94 13.95 -49.24
C VAL F 292 29.63 12.45 -49.14
N LYS F 293 28.60 12.12 -48.38
CA LYS F 293 28.11 10.77 -48.28
C LYS F 293 26.59 10.69 -48.39
N PRO F 294 26.03 9.52 -48.69
CA PRO F 294 24.57 9.37 -48.62
C PRO F 294 24.10 9.45 -47.17
N VAL F 295 22.95 10.07 -46.99
CA VAL F 295 22.32 10.16 -45.68
C VAL F 295 22.05 8.73 -45.12
N ASP F 296 22.24 8.55 -43.80
CA ASP F 296 22.05 7.24 -43.14
C ASP F 296 20.63 6.68 -43.30
N GLU F 297 19.65 7.54 -43.43
CA GLU F 297 18.25 7.10 -43.54
C GLU F 297 17.99 6.26 -44.78
N LEU F 298 18.86 6.37 -45.78
CA LEU F 298 18.69 5.62 -47.01
C LEU F 298 18.78 4.08 -46.81
N LEU F 299 19.39 3.64 -45.70
CA LEU F 299 19.48 2.22 -45.39
C LEU F 299 18.13 1.56 -45.25
N ALA F 300 17.15 2.36 -44.88
CA ALA F 300 15.77 1.88 -44.76
C ALA F 300 15.15 1.44 -46.09
N LEU F 301 15.69 1.85 -47.23
CA LEU F 301 15.19 1.39 -48.53
C LEU F 301 15.54 -0.06 -48.86
N ARG F 302 16.48 -0.64 -48.12
CA ARG F 302 16.97 -1.99 -48.42
C ARG F 302 15.95 -3.01 -47.98
N LYS F 303 15.49 -3.82 -48.93
CA LYS F 303 14.42 -4.77 -48.63
C LYS F 303 14.73 -6.22 -48.89
N ARG F 304 15.93 -6.54 -49.39
CA ARG F 304 16.34 -7.92 -49.68
C ARG F 304 17.74 -7.96 -50.31
N LYS F 305 18.65 -8.75 -49.75
CA LYS F 305 19.93 -9.02 -50.37
C LYS F 305 19.69 -10.01 -51.50
N VAL F 306 19.92 -9.61 -52.72
CA VAL F 306 19.64 -10.51 -53.81
C VAL F 306 20.90 -11.14 -54.39
N PHE F 307 22.08 -10.61 -54.04
CA PHE F 307 23.34 -11.11 -54.58
C PHE F 307 24.50 -10.73 -53.68
N GLU F 308 25.48 -11.64 -53.54
CA GLU F 308 26.78 -11.29 -52.95
C GLU F 308 27.90 -12.16 -53.56
N THR F 309 29.11 -11.62 -53.55
CA THR F 309 30.29 -12.32 -54.07
C THR F 309 31.55 -11.83 -53.38
N ALA F 310 32.51 -12.72 -53.19
CA ALA F 310 33.83 -12.31 -52.70
C ALA F 310 34.85 -12.56 -53.80
N LYS F 311 34.37 -12.75 -55.03
CA LYS F 311 35.19 -13.10 -56.19
C LYS F 311 34.82 -12.24 -57.39
N SER F 312 35.82 -11.97 -58.24
CA SER F 312 35.56 -11.38 -59.56
C SER F 312 34.78 -12.32 -60.46
N GLY F 313 34.08 -11.75 -61.44
CA GLY F 313 33.29 -12.53 -62.38
C GLY F 313 32.16 -11.74 -63.04
N THR F 314 31.41 -12.38 -63.92
CA THR F 314 30.28 -11.75 -64.61
C THR F 314 29.02 -12.52 -64.21
N PHE F 315 27.99 -11.83 -63.67
CA PHE F 315 26.81 -12.48 -63.06
C PHE F 315 25.45 -11.99 -63.54
N LEU F 316 24.48 -12.91 -63.56
CA LEU F 316 23.07 -12.60 -63.75
C LEU F 316 22.46 -12.40 -62.38
N LEU F 317 21.79 -11.25 -62.20
CA LEU F 317 21.13 -10.83 -60.97
C LEU F 317 19.67 -11.19 -61.03
N ASP F 318 19.13 -11.64 -59.91
CA ASP F 318 17.72 -11.95 -59.75
C ASP F 318 16.93 -10.68 -59.40
N VAL F 319 16.87 -9.76 -60.33
CA VAL F 319 16.12 -8.50 -60.17
C VAL F 319 15.20 -8.34 -61.36
N LYS F 320 14.04 -7.78 -61.10
CA LYS F 320 13.01 -7.57 -62.09
C LYS F 320 12.86 -6.09 -62.51
N GLU F 321 13.55 -5.17 -61.84
CA GLU F 321 13.54 -3.75 -62.20
C GLU F 321 14.85 -3.07 -61.82
N ASN F 322 15.04 -1.89 -62.37
CA ASN F 322 16.21 -1.09 -62.07
C ASN F 322 15.94 -0.33 -60.79
N SER F 323 16.05 -1.04 -59.67
CA SER F 323 15.78 -0.46 -58.35
C SER F 323 16.61 -1.25 -57.33
N TYR F 324 17.87 -0.90 -57.24
CA TYR F 324 18.78 -1.64 -56.40
C TYR F 324 20.03 -0.86 -56.08
N GLU F 325 20.73 -1.32 -55.04
CA GLU F 325 21.92 -0.70 -54.52
C GLU F 325 23.05 -1.70 -54.57
N ILE F 326 24.19 -1.29 -55.14
CA ILE F 326 25.44 -2.02 -55.05
C ILE F 326 26.31 -1.47 -53.94
N VAL F 327 26.79 -2.34 -53.06
CA VAL F 327 27.78 -1.99 -52.05
C VAL F 327 29.04 -2.85 -52.39
N CYS F 328 30.17 -2.21 -52.63
CA CYS F 328 31.39 -2.88 -53.09
C CYS F 328 32.60 -2.38 -52.29
N GLU F 329 33.27 -3.27 -51.57
CA GLU F 329 34.56 -3.01 -50.92
C GLU F 329 35.67 -3.72 -51.69
N PHE F 330 36.81 -3.05 -51.89
CA PHE F 330 37.88 -3.56 -52.73
C PHE F 330 39.22 -2.89 -52.42
N SER F 331 40.31 -3.54 -52.80
CA SER F 331 41.61 -2.88 -52.73
C SER F 331 42.11 -2.59 -54.13
N GLY F 332 42.90 -1.53 -54.23
CA GLY F 332 43.58 -1.21 -55.47
C GLY F 332 42.62 -0.80 -56.56
N GLU F 333 42.71 -1.45 -57.72
CA GLU F 333 41.92 -1.06 -58.87
C GLU F 333 40.65 -1.87 -58.98
N ILE F 334 39.69 -1.35 -59.74
CA ILE F 334 38.47 -2.08 -60.01
C ILE F 334 37.90 -1.66 -61.35
N GLU F 335 37.19 -2.60 -61.97
CA GLU F 335 36.22 -2.27 -63.00
C GLU F 335 34.92 -2.97 -62.62
N LEU F 336 33.85 -2.17 -62.51
CA LEU F 336 32.51 -2.67 -62.22
C LEU F 336 31.61 -2.25 -63.37
N ARG F 337 30.92 -3.24 -63.95
CA ARG F 337 29.94 -2.98 -65.01
C ARG F 337 28.57 -3.45 -64.56
N MET F 338 27.56 -2.64 -64.82
CA MET F 338 26.17 -3.02 -64.61
C MET F 338 25.39 -2.78 -65.91
N GLY F 339 24.57 -3.72 -66.32
CA GLY F 339 23.89 -3.59 -67.60
C GLY F 339 23.12 -4.83 -68.03
N ASN F 340 22.90 -4.91 -69.33
CA ASN F 340 22.19 -6.03 -69.94
C ASN F 340 22.90 -6.36 -71.26
N GLU F 341 22.27 -7.09 -72.15
CA GLU F 341 22.94 -7.45 -73.39
C GLU F 341 23.26 -6.24 -74.32
N SER F 342 22.50 -5.15 -74.19
CA SER F 342 22.71 -3.99 -75.06
C SER F 342 23.23 -2.72 -74.40
N GLU F 343 23.12 -2.59 -73.08
CA GLU F 343 23.39 -1.32 -72.40
C GLU F 343 24.30 -1.57 -71.23
N GLU F 344 24.95 -0.50 -70.80
CA GLU F 344 25.99 -0.55 -69.79
C GLU F 344 26.26 0.78 -69.11
N VAL F 345 26.54 0.75 -67.81
CA VAL F 345 27.26 1.79 -67.08
C VAL F 345 28.50 1.19 -66.43
N VAL F 346 29.63 1.91 -66.56
CA VAL F 346 30.91 1.40 -66.12
C VAL F 346 31.56 2.38 -65.18
N ILE F 347 32.03 1.88 -64.04
CA ILE F 347 32.90 2.66 -63.14
C ILE F 347 34.23 1.92 -62.97
N THR F 348 35.31 2.66 -63.17
CA THR F 348 36.65 2.08 -63.10
C THR F 348 37.49 2.92 -62.14
N LYS F 349 38.20 2.26 -61.23
CA LYS F 349 39.25 2.94 -60.49
C LYS F 349 40.57 2.45 -61.10
N SER F 350 41.27 3.36 -61.77
CA SER F 350 42.51 3.04 -62.47
C SER F 350 43.60 3.99 -61.98
N ARG F 351 44.60 3.42 -61.33
CA ARG F 351 45.66 4.14 -60.64
C ARG F 351 45.09 5.21 -59.71
N ASP F 352 45.07 6.43 -60.22
CA ASP F 352 44.84 7.61 -59.43
C ASP F 352 43.42 8.16 -59.67
N GLU F 353 42.69 7.51 -60.58
CA GLU F 353 41.49 8.08 -61.18
C GLU F 353 40.30 7.18 -60.98
N LEU F 354 39.18 7.81 -60.66
CA LEU F 354 37.86 7.20 -60.65
C LEU F 354 37.18 7.69 -61.92
N ILE F 355 36.82 6.78 -62.80
CA ILE F 355 36.13 7.21 -63.98
C ILE F 355 34.76 6.49 -64.17
N VAL F 356 33.72 7.29 -64.45
CA VAL F 356 32.36 6.75 -64.72
C VAL F 356 31.94 7.02 -66.17
N ASP F 357 31.46 5.99 -66.86
CA ASP F 357 31.06 6.04 -68.30
C ASP F 357 29.60 5.57 -68.40
N THR F 358 28.69 6.49 -68.72
CA THR F 358 27.28 6.20 -69.02
C THR F 358 26.95 6.35 -70.53
N THR F 359 27.96 6.40 -71.41
CA THR F 359 27.70 6.63 -72.85
C THR F 359 26.86 5.56 -73.54
N ARG F 360 26.88 4.34 -73.03
CA ARG F 360 26.12 3.19 -73.54
C ARG F 360 24.98 2.74 -72.59
N SER F 361 24.45 3.67 -71.79
CA SER F 361 23.50 3.35 -70.71
C SER F 361 22.04 3.09 -71.14
N GLY F 362 21.62 3.69 -72.25
CA GLY F 362 20.25 3.64 -72.70
C GLY F 362 19.96 4.70 -73.75
N VAL F 363 18.69 4.99 -73.91
CA VAL F 363 18.19 5.70 -75.08
C VAL F 363 18.56 7.21 -75.10
N SER F 364 19.05 7.74 -73.99
CA SER F 364 19.56 9.10 -73.96
C SER F 364 21.09 9.16 -74.01
N GLY F 365 21.75 8.01 -74.16
CA GLY F 365 23.19 7.98 -74.15
C GLY F 365 23.75 8.45 -72.82
N GLY F 366 24.92 9.08 -72.88
CA GLY F 366 25.55 9.61 -71.69
C GLY F 366 26.89 10.25 -71.94
N GLU F 367 27.73 10.22 -70.92
CA GLU F 367 29.04 10.86 -70.96
C GLU F 367 30.08 10.10 -70.11
N VAL F 368 31.34 10.49 -70.25
CA VAL F 368 32.41 10.01 -69.39
C VAL F 368 32.81 11.12 -68.45
N ARG F 369 32.87 10.81 -67.17
CA ARG F 369 33.35 11.77 -66.16
C ARG F 369 34.41 11.14 -65.26
N LYS F 370 35.40 11.95 -64.86
CA LYS F 370 36.50 11.45 -64.06
C LYS F 370 36.94 12.41 -62.97
N SER F 371 37.52 11.82 -61.95
CA SER F 371 38.16 12.62 -60.92
C SER F 371 39.33 11.89 -60.29
N THR F 372 40.35 12.66 -59.95
CA THR F 372 41.47 12.10 -59.23
C THR F 372 40.95 11.80 -57.81
N VAL F 373 41.41 10.72 -57.24
CA VAL F 373 40.95 10.28 -55.95
C VAL F 373 42.15 9.81 -55.10
N GLU F 374 42.01 9.85 -53.78
CA GLU F 374 43.03 9.29 -52.89
C GLU F 374 42.73 7.83 -52.58
N ASP F 375 43.72 6.98 -52.77
CA ASP F 375 43.59 5.55 -52.44
C ASP F 375 43.51 5.37 -50.93
N GLU F 376 42.65 4.45 -50.53
CA GLU F 376 42.56 3.95 -49.17
C GLU F 376 42.94 2.49 -49.23
N ALA F 377 43.37 1.93 -48.10
CA ALA F 377 43.73 0.52 -48.09
C ALA F 377 42.49 -0.24 -48.53
N THR F 378 41.35 0.05 -47.87
CA THR F 378 40.06 -0.45 -48.31
C THR F 378 39.22 0.72 -48.86
N ASN F 379 38.81 0.56 -50.11
CA ASN F 379 37.94 1.50 -50.80
C ASN F 379 36.52 0.98 -50.81
N ARG F 380 35.54 1.89 -50.93
CA ARG F 380 34.13 1.50 -50.98
C ARG F 380 33.39 2.26 -52.10
N ILE F 381 32.64 1.55 -52.90
CA ILE F 381 31.73 2.16 -53.86
C ILE F 381 30.33 1.78 -53.43
N ARG F 382 29.46 2.78 -53.39
CA ARG F 382 28.03 2.57 -53.17
C ARG F 382 27.33 3.15 -54.38
N ALA F 383 26.60 2.33 -55.12
CA ALA F 383 25.88 2.72 -56.31
C ALA F 383 24.36 2.55 -56.10
N PHE F 384 23.59 3.58 -56.43
CA PHE F 384 22.12 3.54 -56.39
C PHE F 384 21.56 3.61 -57.80
N LEU F 385 20.93 2.54 -58.24
CA LEU F 385 20.30 2.45 -59.54
C LEU F 385 18.80 2.59 -59.35
N ASP F 386 18.19 3.52 -60.07
CA ASP F 386 16.74 3.66 -60.10
C ASP F 386 16.34 3.72 -61.58
N SER F 387 15.06 3.91 -61.85
CA SER F 387 14.49 3.75 -63.17
C SER F 387 15.14 4.62 -64.24
N CYS F 388 15.58 5.81 -63.86
CA CYS F 388 16.20 6.71 -64.81
C CYS F 388 17.41 7.46 -64.25
N SER F 389 18.15 6.80 -63.37
CA SER F 389 19.32 7.42 -62.73
C SER F 389 20.27 6.41 -62.11
N VAL F 390 21.52 6.82 -61.99
CA VAL F 390 22.51 6.10 -61.22
C VAL F 390 23.35 7.12 -60.47
N GLU F 391 23.50 6.91 -59.16
CA GLU F 391 24.30 7.79 -58.29
C GLU F 391 25.39 6.96 -57.58
N PHE F 392 26.65 7.41 -57.72
CA PHE F 392 27.84 6.69 -57.22
C PHE F 392 28.47 7.51 -56.09
N PHE F 393 28.83 6.80 -55.03
CA PHE F 393 29.50 7.34 -53.85
C PHE F 393 30.76 6.55 -53.56
N PHE F 394 31.90 7.25 -53.49
CA PHE F 394 33.20 6.60 -53.30
C PHE F 394 33.87 7.08 -52.03
N ASN F 395 34.24 6.11 -51.18
CA ASN F 395 34.91 6.35 -49.89
C ASN F 395 34.20 7.33 -48.96
N ASP F 396 32.87 7.34 -49.03
CA ASP F 396 32.03 8.28 -48.28
C ASP F 396 32.56 9.67 -48.38
N SER F 397 33.06 10.03 -49.56
CA SER F 397 33.77 11.27 -49.75
C SER F 397 33.35 12.03 -51.01
N ILE F 398 33.18 11.33 -52.13
CA ILE F 398 32.90 11.94 -53.45
C ILE F 398 31.73 11.25 -54.12
N ALA F 399 31.00 12.01 -54.93
CA ALA F 399 29.77 11.54 -55.54
C ALA F 399 29.73 11.93 -57.03
N PHE F 400 29.18 11.00 -57.82
CA PHE F 400 28.93 11.14 -59.26
C PHE F 400 27.47 10.76 -59.54
N SER F 401 26.67 11.69 -60.06
CA SER F 401 25.25 11.48 -60.33
C SER F 401 24.94 11.68 -61.82
N PHE F 402 24.19 10.74 -62.38
CA PHE F 402 23.87 10.69 -63.80
C PHE F 402 22.40 10.29 -64.01
N ARG F 403 21.77 10.91 -64.99
CA ARG F 403 20.50 10.39 -65.50
C ARG F 403 20.80 9.48 -66.67
N ILE F 404 20.09 8.33 -66.67
CA ILE F 404 20.20 7.31 -67.71
C ILE F 404 18.80 6.82 -68.00
N HIS F 405 18.58 6.31 -69.21
CA HIS F 405 17.26 5.88 -69.64
C HIS F 405 17.32 4.51 -70.34
N PRO F 406 17.53 3.48 -69.54
CA PRO F 406 17.68 2.13 -70.08
C PRO F 406 16.37 1.65 -70.69
N GLU F 407 16.49 0.91 -71.77
CA GLU F 407 15.31 0.28 -72.39
C GLU F 407 14.98 -1.04 -71.72
N ASN F 408 15.94 -1.63 -71.03
CA ASN F 408 15.73 -2.84 -70.28
C ASN F 408 16.37 -2.84 -68.90
N VAL F 409 16.00 -3.83 -68.10
CA VAL F 409 16.57 -3.96 -66.78
C VAL F 409 18.04 -4.30 -66.90
N TYR F 410 18.84 -3.67 -66.04
CA TYR F 410 20.23 -4.03 -65.86
C TYR F 410 20.33 -5.29 -64.98
N ASN F 411 20.21 -6.45 -65.57
CA ASN F 411 20.28 -7.71 -64.83
C ASN F 411 21.65 -8.41 -64.96
N ILE F 412 22.65 -7.71 -65.49
CA ILE F 412 24.02 -8.24 -65.63
C ILE F 412 25.00 -7.33 -64.90
N LEU F 413 25.82 -7.93 -64.04
CA LEU F 413 26.83 -7.21 -63.25
C LEU F 413 28.18 -7.92 -63.48
N SER F 414 29.22 -7.17 -63.82
CA SER F 414 30.57 -7.73 -63.83
C SER F 414 31.53 -6.94 -62.93
N VAL F 415 32.33 -7.65 -62.13
CA VAL F 415 33.33 -7.01 -61.27
C VAL F 415 34.69 -7.61 -61.59
N LYS F 416 35.72 -6.78 -61.52
CA LYS F 416 37.11 -7.23 -61.65
C LYS F 416 37.99 -6.48 -60.67
N SER F 417 38.50 -7.19 -59.67
CA SER F 417 39.47 -6.65 -58.71
C SER F 417 40.00 -7.80 -57.85
N ASN F 418 41.08 -7.54 -57.13
CA ASN F 418 41.43 -8.39 -55.98
C ASN F 418 40.69 -7.93 -54.71
N GLN F 419 40.66 -8.79 -53.72
CA GLN F 419 40.01 -8.51 -52.46
C GLN F 419 38.63 -7.84 -52.59
N VAL F 420 37.84 -8.24 -53.58
CA VAL F 420 36.46 -7.71 -53.69
C VAL F 420 35.53 -8.39 -52.74
N LYS F 421 34.67 -7.59 -52.12
CA LYS F 421 33.44 -8.09 -51.50
C LYS F 421 32.32 -7.16 -52.02
N LEU F 422 31.33 -7.76 -52.66
CA LEU F 422 30.26 -6.99 -53.31
C LEU F 422 28.88 -7.61 -53.00
N GLU F 423 27.93 -6.76 -52.64
CA GLU F 423 26.56 -7.18 -52.42
C GLU F 423 25.58 -6.23 -53.15
N VAL F 424 24.39 -6.75 -53.44
CA VAL F 424 23.33 -5.99 -54.11
C VAL F 424 22.05 -6.12 -53.28
N PHE F 425 21.48 -4.99 -52.93
CA PHE F 425 20.22 -4.94 -52.23
C PHE F 425 19.13 -4.45 -53.14
N GLU F 426 18.04 -5.19 -53.19
CA GLU F 426 16.83 -4.64 -53.79
C GLU F 426 16.33 -3.46 -52.94
N LEU F 427 15.96 -2.38 -53.62
CA LEU F 427 15.45 -1.17 -52.98
C LEU F 427 13.94 -0.99 -53.17
N GLU F 428 13.27 -0.63 -52.10
CA GLU F 428 11.84 -0.39 -52.01
C GLU F 428 11.36 0.71 -52.97
N ASN F 429 10.16 0.51 -53.52
CA ASN F 429 9.37 1.55 -54.14
C ASN F 429 8.69 2.34 -53.03
N ILE F 430 8.94 3.64 -52.94
CA ILE F 430 8.37 4.40 -51.86
C ILE F 430 6.90 4.81 -52.07
N TRP F 431 6.36 4.59 -53.27
CA TRP F 431 5.05 5.09 -53.63
C TRP F 431 3.97 4.05 -53.33
N LEU F 432 4.24 2.79 -53.66
CA LEU F 432 3.26 1.72 -53.43
C LEU F 432 3.99 0.48 -52.93
#